data_3TCX
#
_entry.id   3TCX
#
_cell.length_a   104.041
_cell.length_b   166.334
_cell.length_c   299.372
_cell.angle_alpha   90.00
_cell.angle_beta   90.00
_cell.angle_gamma   90.00
#
_symmetry.space_group_name_H-M   'P 21 21 21'
#
loop_
_entity.id
_entity.type
_entity.pdbx_description
1 polymer 'Intercellular adhesion molecule 1'
2 polymer 'Integrin alpha-L'
3 non-polymer 'MAGNESIUM ION'
#
loop_
_entity_poly.entity_id
_entity_poly.type
_entity_poly.pdbx_seq_one_letter_code
_entity_poly.pdbx_strand_id
1 'polypeptide(L)'
;MVSVSPSKVTLPRGGSVLVTCSASCDQPKLLGIETPLVKKELLLPGNNRKVYELSNVQEDSQVMCYANCPDGQSTAKAFL
TVYWT
;
A,C,E,G,I,K,M,O,Q,S,U,W,Y,a
2 'polypeptide(L)'
;MNVDLVFLFDGSMSLQPDEFQKILDFMKDVMKKLSNTSYQFAAVQFSTSYKTEFDFSDYVKWKDPDALLKHVKHMLLLTN
TFGAINYVATEVFREELGARPDATKVLIIITDGEATDSGNIDAAKDIIRYIIGIGKHSQTKESQETLHKFASKPASEFVK
ILDTFEKLKDLFTELQKKIY
;
B,D,F,H,J,L,N,P,R,T,V,X,Z,b
#
loop_
_chem_comp.id
_chem_comp.type
_chem_comp.name
_chem_comp.formula
MG non-polymer 'MAGNESIUM ION' 'Mg 2'
#
# COMPACT_ATOMS: atom_id res chain seq x y z
N MET A 1 -9.72 -36.13 10.20
CA MET A 1 -9.57 -36.24 8.70
C MET A 1 -10.84 -36.58 7.93
N VAL A 2 -11.26 -35.73 6.98
CA VAL A 2 -12.39 -36.08 6.11
C VAL A 2 -12.07 -36.05 4.69
N SER A 3 -13.00 -36.60 3.93
CA SER A 3 -12.88 -36.79 2.51
C SER A 3 -14.30 -36.67 1.96
N VAL A 4 -14.45 -35.98 0.83
CA VAL A 4 -15.79 -35.83 0.23
C VAL A 4 -15.78 -36.31 -1.20
N SER A 5 -16.83 -37.01 -1.60
CA SER A 5 -16.96 -37.39 -3.00
C SER A 5 -18.37 -37.48 -3.49
N PRO A 6 -18.57 -37.13 -4.74
CA PRO A 6 -17.58 -36.63 -5.67
C PRO A 6 -17.06 -35.24 -5.26
N SER A 7 -15.85 -34.92 -5.70
CA SER A 7 -15.20 -33.69 -5.31
C SER A 7 -15.80 -32.55 -6.06
N LYS A 8 -16.17 -32.80 -7.30
CA LYS A 8 -16.85 -31.80 -8.09
C LYS A 8 -17.89 -32.44 -9.02
N VAL A 9 -19.15 -31.99 -8.98
CA VAL A 9 -20.11 -32.44 -10.02
C VAL A 9 -20.65 -31.32 -10.89
N THR A 10 -21.00 -31.66 -12.13
CA THR A 10 -21.83 -30.80 -12.95
C THR A 10 -23.21 -31.41 -13.06
N LEU A 11 -24.25 -30.63 -12.92
CA LEU A 11 -25.57 -31.17 -13.06
C LEU A 11 -26.57 -30.08 -13.49
N PRO A 12 -27.62 -30.49 -14.25
CA PRO A 12 -28.61 -29.57 -14.78
C PRO A 12 -29.46 -28.93 -13.69
N ARG A 13 -29.66 -27.63 -13.81
CA ARG A 13 -30.49 -26.86 -12.88
C ARG A 13 -31.70 -27.62 -12.41
N GLY A 14 -31.79 -27.79 -11.10
CA GLY A 14 -32.92 -28.48 -10.49
C GLY A 14 -32.69 -29.98 -10.34
N GLY A 15 -31.42 -30.38 -10.51
CA GLY A 15 -31.05 -31.80 -10.41
C GLY A 15 -30.78 -32.18 -8.97
N SER A 16 -30.10 -33.30 -8.77
CA SER A 16 -29.74 -33.75 -7.43
C SER A 16 -28.45 -34.57 -7.37
N VAL A 17 -27.73 -34.43 -6.28
CA VAL A 17 -26.54 -35.23 -6.14
C VAL A 17 -26.44 -35.75 -4.74
N LEU A 18 -25.95 -36.98 -4.60
CA LEU A 18 -25.62 -37.46 -3.29
C LEU A 18 -24.14 -37.24 -3.15
N VAL A 19 -23.71 -36.80 -1.98
CA VAL A 19 -22.31 -36.69 -1.64
C VAL A 19 -22.09 -37.53 -0.42
N THR A 20 -20.85 -37.95 -0.20
CA THR A 20 -20.50 -38.88 0.88
C THR A 20 -19.38 -38.28 1.71
N CYS A 21 -19.68 -37.88 2.94
CA CYS A 21 -18.64 -37.39 3.84
C CYS A 21 -18.10 -38.59 4.50
N SER A 22 -16.80 -38.82 4.42
CA SER A 22 -16.17 -40.00 5.04
C SER A 22 -15.07 -39.51 5.99
N ALA A 23 -15.00 -40.09 7.18
CA ALA A 23 -13.97 -39.70 8.11
C ALA A 23 -12.97 -40.86 8.27
N SER A 24 -11.76 -40.51 8.70
CA SER A 24 -10.68 -41.47 8.89
C SER A 24 -10.80 -42.11 10.23
N CYS A 25 -10.96 -41.32 11.29
CA CYS A 25 -11.18 -41.84 12.63
C CYS A 25 -12.44 -42.67 12.58
N ASP A 26 -12.43 -43.86 13.16
CA ASP A 26 -13.50 -44.80 12.79
C ASP A 26 -14.75 -44.74 13.68
N GLN A 27 -14.69 -43.83 14.65
CA GLN A 27 -15.88 -43.50 15.39
C GLN A 27 -15.82 -42.05 15.69
N PRO A 28 -16.21 -41.22 14.74
CA PRO A 28 -15.92 -39.81 14.82
C PRO A 28 -16.79 -39.18 15.87
N LYS A 29 -16.23 -38.31 16.72
CA LYS A 29 -16.99 -37.62 17.76
C LYS A 29 -18.20 -36.84 17.16
N LEU A 30 -18.11 -36.56 15.86
CA LEU A 30 -19.12 -35.79 15.19
C LEU A 30 -18.74 -35.74 13.71
N LEU A 31 -19.71 -35.97 12.85
CA LEU A 31 -19.45 -35.98 11.42
C LEU A 31 -20.69 -35.54 10.64
N GLY A 32 -20.53 -34.48 9.87
CA GLY A 32 -21.62 -34.01 9.06
C GLY A 32 -21.25 -33.13 7.89
N ILE A 33 -22.28 -32.47 7.34
CA ILE A 33 -22.08 -31.54 6.22
C ILE A 33 -22.55 -30.11 6.55
N GLU A 34 -21.84 -29.12 6.00
CA GLU A 34 -22.22 -27.75 6.22
C GLU A 34 -22.51 -27.19 4.86
N THR A 35 -23.77 -26.85 4.62
CA THR A 35 -24.17 -26.26 3.34
C THR A 35 -25.45 -25.48 3.54
N PRO A 36 -25.72 -24.50 2.67
CA PRO A 36 -26.99 -23.80 2.73
C PRO A 36 -28.02 -24.38 1.77
N LEU A 37 -27.68 -25.47 1.04
CA LEU A 37 -28.61 -26.21 0.18
C LEU A 37 -29.57 -27.03 1.03
N VAL A 38 -30.66 -27.54 0.47
CA VAL A 38 -31.51 -28.46 1.24
C VAL A 38 -30.93 -29.88 1.21
N LYS A 39 -30.88 -30.53 2.38
CA LYS A 39 -30.18 -31.81 2.48
C LYS A 39 -31.01 -32.84 3.24
N LYS A 40 -30.80 -34.12 2.90
CA LYS A 40 -31.39 -35.28 3.59
C LYS A 40 -30.39 -36.45 3.65
N GLU A 41 -30.06 -36.93 4.86
CA GLU A 41 -29.06 -37.98 4.94
C GLU A 41 -29.74 -39.33 4.82
N LEU A 42 -28.97 -40.42 4.77
CA LEU A 42 -29.54 -41.73 4.47
C LEU A 42 -29.50 -42.91 5.53
N LEU A 43 -29.45 -44.14 5.03
CA LEU A 43 -29.24 -45.33 5.85
C LEU A 43 -27.78 -45.37 6.23
N LEU A 44 -27.57 -45.46 7.52
CA LEU A 44 -26.25 -45.25 8.10
C LEU A 44 -25.35 -46.49 8.21
N PRO A 45 -25.93 -47.71 8.14
CA PRO A 45 -25.28 -48.79 8.87
C PRO A 45 -23.77 -48.50 8.99
N GLY A 46 -23.36 -47.92 10.13
CA GLY A 46 -21.95 -47.54 10.38
C GLY A 46 -21.75 -46.05 10.40
N ASN A 47 -20.77 -45.59 11.17
CA ASN A 47 -20.56 -44.15 11.39
C ASN A 47 -19.27 -43.57 10.85
N ASN A 48 -18.61 -44.29 9.97
CA ASN A 48 -17.49 -43.75 9.27
C ASN A 48 -17.90 -42.76 8.21
N ARG A 49 -19.05 -42.97 7.61
CA ARG A 49 -19.54 -42.07 6.59
C ARG A 49 -21.04 -41.84 6.66
N LYS A 50 -21.44 -40.60 6.38
CA LYS A 50 -22.83 -40.27 6.10
C LYS A 50 -22.91 -39.96 4.62
N VAL A 51 -24.10 -40.12 4.05
CA VAL A 51 -24.38 -39.85 2.63
C VAL A 51 -25.52 -38.86 2.59
N TYR A 52 -25.28 -37.63 2.15
CA TYR A 52 -26.35 -36.61 2.07
C TYR A 52 -26.85 -36.41 0.66
N GLU A 53 -28.17 -36.35 0.47
CA GLU A 53 -28.73 -36.06 -0.83
C GLU A 53 -29.11 -34.61 -0.93
N LEU A 54 -28.44 -33.90 -1.81
CA LEU A 54 -28.77 -32.53 -2.06
C LEU A 54 -29.69 -32.51 -3.26
N SER A 55 -30.96 -32.21 -3.00
CA SER A 55 -31.98 -32.25 -4.04
C SER A 55 -32.29 -30.90 -4.60
N ASN A 56 -32.89 -30.88 -5.81
CA ASN A 56 -33.28 -29.68 -6.56
C ASN A 56 -32.33 -28.51 -6.41
N VAL A 57 -31.06 -28.71 -6.74
CA VAL A 57 -30.07 -27.65 -6.57
C VAL A 57 -30.26 -26.67 -7.72
N GLN A 58 -30.34 -25.38 -7.38
CA GLN A 58 -30.84 -24.37 -8.33
C GLN A 58 -29.76 -23.50 -8.97
N GLU A 59 -28.72 -23.17 -8.20
CA GLU A 59 -27.63 -22.31 -8.66
C GLU A 59 -26.33 -23.00 -8.26
N ASP A 60 -25.23 -22.56 -8.85
CA ASP A 60 -23.90 -23.06 -8.50
C ASP A 60 -23.70 -23.04 -7.03
N SER A 61 -23.25 -24.14 -6.48
CA SER A 61 -23.17 -24.24 -5.05
C SER A 61 -21.97 -24.93 -4.47
N GLN A 62 -21.75 -24.76 -3.17
CA GLN A 62 -20.72 -25.51 -2.48
C GLN A 62 -21.25 -26.27 -1.32
N VAL A 63 -20.52 -27.31 -0.94
CA VAL A 63 -20.88 -28.15 0.17
C VAL A 63 -19.58 -28.55 0.90
N MET A 64 -19.61 -28.62 2.23
CA MET A 64 -18.40 -28.83 2.99
C MET A 64 -18.60 -29.89 4.07
N CYS A 65 -17.86 -31.01 3.97
CA CYS A 65 -17.91 -32.11 4.94
C CYS A 65 -17.01 -31.77 6.07
N TYR A 66 -17.41 -32.10 7.29
CA TYR A 66 -16.51 -31.99 8.45
C TYR A 66 -16.50 -33.25 9.28
N ALA A 67 -15.42 -33.50 9.98
CA ALA A 67 -15.41 -34.58 10.91
C ALA A 67 -14.49 -34.25 12.06
N ASN A 68 -15.07 -34.31 13.24
CA ASN A 68 -14.34 -34.04 14.43
C ASN A 68 -13.83 -35.34 14.89
N CYS A 69 -12.52 -35.49 14.82
CA CYS A 69 -11.82 -36.71 15.15
C CYS A 69 -10.97 -36.54 16.40
N PRO A 70 -10.40 -37.65 16.90
CA PRO A 70 -9.35 -37.61 17.88
C PRO A 70 -8.28 -36.62 17.48
N ASP A 71 -7.83 -36.74 16.23
CA ASP A 71 -6.72 -35.94 15.71
C ASP A 71 -7.03 -34.42 15.57
N GLY A 72 -8.30 -34.07 15.34
CA GLY A 72 -8.72 -32.67 15.15
C GLY A 72 -10.03 -32.58 14.43
N GLN A 73 -10.38 -31.39 13.97
CA GLN A 73 -11.56 -31.22 13.08
C GLN A 73 -11.13 -31.06 11.62
N SER A 74 -11.68 -31.86 10.72
CA SER A 74 -11.27 -31.64 9.35
C SER A 74 -12.36 -31.15 8.39
N THR A 75 -11.96 -30.42 7.36
CA THR A 75 -12.94 -29.94 6.39
C THR A 75 -12.67 -30.49 4.99
N ALA A 76 -13.71 -30.66 4.18
CA ALA A 76 -13.50 -30.91 2.75
C ALA A 76 -14.68 -30.42 1.90
N LYS A 77 -14.42 -29.55 0.91
CA LYS A 77 -15.46 -28.92 0.06
C LYS A 77 -15.71 -29.67 -1.20
N ALA A 78 -16.93 -29.63 -1.67
CA ALA A 78 -17.28 -30.22 -2.97
C ALA A 78 -18.04 -29.19 -3.78
N PHE A 79 -17.68 -29.00 -5.04
CA PHE A 79 -18.30 -27.95 -5.84
C PHE A 79 -19.41 -28.45 -6.77
N LEU A 80 -20.62 -27.91 -6.60
CA LEU A 80 -21.72 -28.28 -7.45
C LEU A 80 -21.89 -27.24 -8.53
N THR A 81 -21.85 -27.64 -9.78
CA THR A 81 -21.95 -26.72 -10.88
C THR A 81 -23.21 -27.05 -11.58
N VAL A 82 -23.99 -26.03 -11.83
CA VAL A 82 -25.31 -26.19 -12.38
C VAL A 82 -25.40 -25.44 -13.67
N TYR A 83 -26.04 -26.04 -14.67
CA TYR A 83 -26.30 -25.35 -15.95
C TYR A 83 -27.76 -25.30 -16.29
N TRP A 84 -28.15 -24.27 -17.05
CA TRP A 84 -29.55 -23.98 -17.30
C TRP A 84 -30.12 -24.81 -18.44
N THR A 85 -31.44 -24.92 -18.50
CA THR A 85 -32.12 -25.66 -19.55
C THR A 85 -33.14 -24.76 -20.30
N MET B 1 -30.33 -0.24 36.45
CA MET B 1 -29.43 -1.41 36.29
C MET B 1 -28.85 -1.50 34.89
N ASN B 2 -27.52 -1.50 34.82
CA ASN B 2 -26.83 -1.61 33.55
C ASN B 2 -26.87 -3.04 33.02
N VAL B 3 -26.85 -3.17 31.70
CA VAL B 3 -26.91 -4.47 31.05
C VAL B 3 -25.83 -4.49 30.00
N ASP B 4 -25.03 -5.55 30.04
CA ASP B 4 -24.04 -5.83 29.00
C ASP B 4 -24.62 -6.92 28.09
N LEU B 5 -24.98 -6.58 26.87
CA LEU B 5 -25.58 -7.56 25.98
C LEU B 5 -24.66 -7.82 24.82
N VAL B 6 -24.44 -9.10 24.52
CA VAL B 6 -23.55 -9.52 23.42
C VAL B 6 -24.34 -10.26 22.36
N PHE B 7 -24.18 -9.82 21.11
CA PHE B 7 -24.69 -10.57 19.96
C PHE B 7 -23.66 -11.59 19.50
N LEU B 8 -24.00 -12.87 19.65
CA LEU B 8 -23.24 -13.96 19.05
C LEU B 8 -24.00 -14.40 17.82
N PHE B 9 -23.45 -14.10 16.65
CA PHE B 9 -24.16 -14.39 15.42
C PHE B 9 -23.47 -15.37 14.45
N ASP B 10 -24.29 -16.27 13.90
CA ASP B 10 -23.86 -17.39 13.06
C ASP B 10 -23.49 -16.92 11.65
N GLY B 11 -22.21 -16.96 11.37
CA GLY B 11 -21.77 -16.65 10.04
C GLY B 11 -21.24 -17.89 9.38
N SER B 12 -21.78 -19.04 9.74
CA SER B 12 -21.36 -20.32 9.13
C SER B 12 -21.92 -20.36 7.70
N MET B 13 -21.40 -21.28 6.90
CA MET B 13 -21.83 -21.47 5.52
C MET B 13 -23.30 -21.90 5.36
N SER B 14 -23.82 -22.62 6.36
CA SER B 14 -25.18 -23.17 6.38
C SER B 14 -26.29 -22.13 6.29
N LEU B 15 -25.96 -20.87 6.52
CA LEU B 15 -26.89 -19.77 6.36
C LEU B 15 -26.68 -19.07 5.06
N GLN B 16 -27.76 -18.79 4.37
CA GLN B 16 -27.68 -18.16 3.06
C GLN B 16 -27.09 -16.76 3.26
N PRO B 17 -26.54 -16.15 2.19
CA PRO B 17 -25.97 -14.82 2.43
C PRO B 17 -27.06 -13.77 2.66
N ASP B 18 -28.23 -13.97 2.07
CA ASP B 18 -29.33 -13.07 2.36
C ASP B 18 -29.84 -13.28 3.76
N GLU B 19 -29.75 -14.51 4.25
CA GLU B 19 -30.11 -14.80 5.64
C GLU B 19 -29.16 -14.11 6.60
N PHE B 20 -27.89 -14.04 6.22
CA PHE B 20 -26.86 -13.42 7.05
C PHE B 20 -27.16 -11.95 7.12
N GLN B 21 -27.43 -11.35 5.99
CA GLN B 21 -27.76 -9.94 5.95
C GLN B 21 -28.92 -9.64 6.89
N LYS B 22 -29.91 -10.53 6.91
CA LYS B 22 -31.06 -10.38 7.81
C LYS B 22 -30.62 -10.35 9.27
N ILE B 23 -29.52 -11.03 9.60
CA ILE B 23 -29.06 -11.09 10.97
C ILE B 23 -28.35 -9.81 11.34
N LEU B 24 -27.60 -9.25 10.41
CA LEU B 24 -27.00 -7.94 10.64
C LEU B 24 -28.09 -6.87 10.84
N ASP B 25 -28.99 -6.79 9.86
CA ASP B 25 -30.10 -5.87 9.89
C ASP B 25 -30.93 -6.03 11.15
N PHE B 26 -30.85 -7.21 11.78
CA PHE B 26 -31.55 -7.46 13.04
C PHE B 26 -30.81 -6.82 14.20
N MET B 27 -29.51 -7.08 14.30
CA MET B 27 -28.71 -6.50 15.37
C MET B 27 -28.74 -4.98 15.36
N LYS B 28 -28.67 -4.39 14.16
CA LYS B 28 -28.78 -2.95 13.99
C LYS B 28 -30.14 -2.43 14.46
N ASP B 29 -31.20 -3.21 14.24
CA ASP B 29 -32.55 -2.84 14.64
C ASP B 29 -32.71 -2.83 16.15
N VAL B 30 -31.99 -3.73 16.80
CA VAL B 30 -32.05 -3.84 18.25
C VAL B 30 -31.27 -2.70 18.88
N MET B 31 -30.06 -2.47 18.40
CA MET B 31 -29.23 -1.41 18.92
C MET B 31 -29.81 0.00 18.72
N LYS B 32 -30.41 0.22 17.55
CA LYS B 32 -31.03 1.49 17.23
C LYS B 32 -32.11 1.72 18.26
N LYS B 33 -32.93 0.68 18.46
CA LYS B 33 -34.06 0.75 19.37
C LYS B 33 -33.68 0.46 20.81
N LEU B 34 -32.46 0.83 21.19
CA LEU B 34 -32.01 0.77 22.58
C LEU B 34 -30.90 1.78 22.88
N SER B 35 -30.87 2.85 22.11
CA SER B 35 -29.85 3.89 22.28
C SER B 35 -30.08 4.74 23.56
N ASN B 36 -30.19 4.01 24.67
CA ASN B 36 -30.05 4.58 26.00
C ASN B 36 -28.80 3.95 26.63
N THR B 37 -28.26 4.61 27.66
CA THR B 37 -27.01 4.20 28.32
C THR B 37 -27.07 2.79 28.90
N SER B 38 -28.17 2.49 29.59
CA SER B 38 -28.36 1.23 30.30
C SER B 38 -27.75 0.05 29.55
N TYR B 39 -28.16 -0.12 28.29
CA TYR B 39 -27.59 -1.19 27.45
C TYR B 39 -26.26 -0.76 26.85
N GLN B 40 -25.24 -1.59 27.05
CA GLN B 40 -23.94 -1.44 26.40
C GLN B 40 -23.75 -2.72 25.56
N PHE B 41 -23.36 -2.57 24.31
CA PHE B 41 -23.33 -3.73 23.38
C PHE B 41 -21.95 -4.19 22.95
N ALA B 42 -21.95 -5.37 22.35
CA ALA B 42 -20.78 -5.97 21.70
C ALA B 42 -21.21 -7.18 20.86
N ALA B 43 -20.59 -7.35 19.69
CA ALA B 43 -21.00 -8.40 18.77
C ALA B 43 -19.83 -9.23 18.38
N VAL B 44 -20.01 -10.54 18.42
CA VAL B 44 -19.01 -11.48 17.93
C VAL B 44 -19.60 -12.47 16.88
N GLN B 45 -18.95 -12.56 15.73
CA GLN B 45 -19.32 -13.53 14.71
C GLN B 45 -18.56 -14.80 14.97
N PHE B 46 -19.28 -15.92 14.85
CA PHE B 46 -18.70 -17.25 15.00
C PHE B 46 -19.03 -18.09 13.79
N SER B 47 -18.04 -18.86 13.37
CA SER B 47 -18.21 -19.87 12.36
C SER B 47 -17.30 -21.07 12.71
N THR B 48 -16.16 -21.20 12.01
CA THR B 48 -15.22 -22.22 12.45
C THR B 48 -14.55 -21.67 13.67
N SER B 49 -14.11 -20.41 13.57
CA SER B 49 -13.55 -19.71 14.74
C SER B 49 -14.39 -18.50 15.09
N TYR B 50 -13.82 -17.59 15.90
CA TYR B 50 -14.63 -16.50 16.44
C TYR B 50 -13.87 -15.22 16.24
N LYS B 51 -14.58 -14.15 15.95
CA LYS B 51 -13.97 -12.81 16.02
C LYS B 51 -14.96 -11.78 16.57
N THR B 52 -14.51 -11.01 17.56
CA THR B 52 -15.40 -9.98 18.06
C THR B 52 -15.38 -8.83 17.06
N GLU B 53 -16.55 -8.45 16.57
CA GLU B 53 -16.66 -7.43 15.55
C GLU B 53 -16.60 -6.07 16.16
N PHE B 54 -17.07 -5.95 17.42
CA PHE B 54 -16.79 -4.75 18.24
C PHE B 54 -16.91 -5.00 19.75
N ASP B 55 -16.10 -4.26 20.52
CA ASP B 55 -16.06 -4.34 21.98
C ASP B 55 -17.18 -3.54 22.56
N PHE B 56 -17.40 -3.70 23.86
CA PHE B 56 -18.17 -2.71 24.59
C PHE B 56 -17.47 -1.36 24.49
N SER B 57 -16.15 -1.36 24.72
CA SER B 57 -15.31 -0.17 24.55
C SER B 57 -15.61 0.59 23.25
N ASP B 58 -15.93 -0.18 22.22
CA ASP B 58 -16.15 0.33 20.86
C ASP B 58 -17.52 0.93 20.75
N TYR B 59 -18.54 0.26 21.30
CA TYR B 59 -19.88 0.80 21.34
C TYR B 59 -19.92 2.09 22.18
N VAL B 60 -19.28 2.04 23.35
CA VAL B 60 -19.18 3.18 24.24
C VAL B 60 -18.52 4.35 23.54
N LYS B 61 -17.59 4.06 22.62
CA LYS B 61 -16.88 5.13 21.86
C LYS B 61 -17.59 5.66 20.62
N TRP B 62 -17.58 4.85 19.55
CA TRP B 62 -18.18 5.18 18.26
C TRP B 62 -19.71 5.39 18.40
N LYS B 63 -20.40 4.47 19.09
CA LYS B 63 -21.87 4.50 19.31
C LYS B 63 -22.80 4.46 18.09
N ASP B 64 -22.22 4.38 16.90
CA ASP B 64 -22.99 4.29 15.65
C ASP B 64 -23.09 2.84 15.21
N PRO B 65 -24.24 2.18 15.46
CA PRO B 65 -24.37 0.75 15.20
C PRO B 65 -24.31 0.42 13.72
N ASP B 66 -24.70 1.36 12.87
CA ASP B 66 -24.60 1.17 11.42
C ASP B 66 -23.15 1.06 11.00
N ALA B 67 -22.33 2.02 11.42
CA ALA B 67 -20.91 2.04 11.07
C ALA B 67 -20.05 1.11 11.95
N LEU B 68 -20.65 0.56 13.01
CA LEU B 68 -19.96 -0.41 13.88
C LEU B 68 -19.85 -1.81 13.29
N LEU B 69 -20.91 -2.23 12.60
CA LEU B 69 -20.94 -3.54 11.95
C LEU B 69 -20.72 -3.41 10.44
N LYS B 70 -20.31 -2.23 9.98
CA LYS B 70 -20.25 -1.99 8.55
C LYS B 70 -19.17 -2.82 7.84
N HIS B 71 -18.24 -3.36 8.62
CA HIS B 71 -17.11 -4.06 8.01
C HIS B 71 -17.03 -5.57 8.24
N VAL B 72 -18.18 -6.17 8.50
CA VAL B 72 -18.31 -7.61 8.75
C VAL B 72 -18.09 -8.36 7.44
N LYS B 73 -17.34 -9.47 7.48
CA LYS B 73 -17.27 -10.40 6.32
C LYS B 73 -17.90 -11.67 6.75
N HIS B 74 -18.77 -12.19 5.89
CA HIS B 74 -19.44 -13.45 6.16
C HIS B 74 -18.37 -14.58 6.12
N MET B 75 -18.14 -15.19 7.28
CA MET B 75 -17.05 -16.11 7.46
C MET B 75 -17.16 -17.36 6.60
N LEU B 76 -18.35 -17.98 6.60
CA LEU B 76 -18.75 -19.04 5.66
C LEU B 76 -17.95 -20.31 5.78
N LEU B 77 -17.83 -20.80 7.01
CA LEU B 77 -17.16 -22.08 7.29
C LEU B 77 -17.97 -22.78 8.37
N LEU B 78 -17.44 -23.80 9.03
CA LEU B 78 -18.24 -24.60 9.98
C LEU B 78 -18.97 -23.82 11.08
N THR B 79 -19.85 -24.51 11.80
CA THR B 79 -20.69 -23.88 12.81
C THR B 79 -20.34 -24.36 14.21
N ASN B 80 -19.32 -23.75 14.81
CA ASN B 80 -18.77 -24.24 16.09
C ASN B 80 -19.35 -23.57 17.34
N THR B 81 -20.68 -23.61 17.43
CA THR B 81 -21.40 -22.82 18.40
C THR B 81 -20.92 -23.04 19.83
N PHE B 82 -20.64 -24.28 20.23
CA PHE B 82 -20.30 -24.54 21.62
C PHE B 82 -19.09 -23.75 22.12
N GLY B 83 -18.02 -23.81 21.36
CA GLY B 83 -16.84 -23.02 21.73
C GLY B 83 -17.04 -21.51 21.53
N ALA B 84 -18.00 -21.17 20.67
CA ALA B 84 -18.40 -19.79 20.47
C ALA B 84 -18.94 -19.17 21.76
N ILE B 85 -19.85 -19.87 22.42
CA ILE B 85 -20.36 -19.40 23.70
C ILE B 85 -19.20 -19.25 24.66
N ASN B 86 -18.39 -20.30 24.81
CA ASN B 86 -17.25 -20.23 25.73
C ASN B 86 -16.35 -19.04 25.48
N TYR B 87 -16.15 -18.72 24.21
CA TYR B 87 -15.37 -17.57 23.84
C TYR B 87 -16.02 -16.29 24.38
N VAL B 88 -17.32 -16.11 24.17
CA VAL B 88 -17.99 -14.91 24.64
C VAL B 88 -17.76 -14.81 26.15
N ALA B 89 -18.00 -15.90 26.86
CA ALA B 89 -17.91 -15.93 28.31
C ALA B 89 -16.57 -15.47 28.80
N THR B 90 -15.52 -16.08 28.25
CA THR B 90 -14.17 -15.82 28.76
C THR B 90 -13.42 -14.66 28.10
N GLU B 91 -13.82 -14.28 26.88
CA GLU B 91 -13.06 -13.33 26.08
C GLU B 91 -13.74 -11.98 25.75
N VAL B 92 -15.07 -11.90 25.90
CA VAL B 92 -15.80 -10.67 25.58
C VAL B 92 -16.23 -9.92 26.82
N PHE B 93 -16.86 -10.61 27.80
CA PHE B 93 -17.21 -10.00 29.08
C PHE B 93 -15.95 -9.81 29.91
N ARG B 94 -15.32 -8.65 29.76
CA ARG B 94 -14.07 -8.36 30.43
C ARG B 94 -13.94 -6.91 30.88
N GLU B 95 -13.33 -6.71 32.05
CA GLU B 95 -13.02 -5.39 32.55
C GLU B 95 -12.33 -4.59 31.45
N GLU B 96 -11.29 -5.18 30.87
CA GLU B 96 -10.44 -4.49 29.90
C GLU B 96 -11.16 -4.14 28.62
N LEU B 97 -12.13 -4.95 28.24
CA LEU B 97 -12.82 -4.74 26.98
C LEU B 97 -14.09 -3.93 27.13
N GLY B 98 -14.25 -3.27 28.27
CA GLY B 98 -15.29 -2.27 28.45
C GLY B 98 -16.58 -2.77 29.10
N ALA B 99 -16.57 -4.00 29.59
CA ALA B 99 -17.71 -4.54 30.32
C ALA B 99 -17.87 -3.86 31.69
N ARG B 100 -19.09 -3.48 32.02
CA ARG B 100 -19.40 -3.00 33.36
C ARG B 100 -19.52 -4.20 34.32
N PRO B 101 -18.78 -4.19 35.45
CA PRO B 101 -18.74 -5.33 36.38
C PRO B 101 -20.08 -5.60 37.05
N ASP B 102 -20.77 -4.53 37.44
CA ASP B 102 -22.06 -4.62 38.12
C ASP B 102 -23.19 -5.04 37.19
N ALA B 103 -23.00 -4.85 35.90
CA ALA B 103 -24.04 -5.10 34.91
C ALA B 103 -24.41 -6.57 34.78
N THR B 104 -25.72 -6.81 34.72
CA THR B 104 -26.27 -8.16 34.56
C THR B 104 -26.13 -8.57 33.10
N LYS B 105 -25.41 -9.65 32.85
CA LYS B 105 -24.94 -9.93 31.49
C LYS B 105 -25.83 -10.82 30.63
N VAL B 106 -26.22 -10.30 29.46
CA VAL B 106 -27.14 -10.97 28.54
C VAL B 106 -26.42 -11.39 27.25
N LEU B 107 -26.96 -12.43 26.60
CA LEU B 107 -26.40 -12.93 25.37
C LEU B 107 -27.52 -13.25 24.39
N ILE B 108 -27.44 -12.71 23.17
CA ILE B 108 -28.39 -13.06 22.11
C ILE B 108 -27.69 -13.91 21.04
N ILE B 109 -28.03 -15.19 21.02
CA ILE B 109 -27.43 -16.08 20.04
C ILE B 109 -28.39 -16.22 18.85
N ILE B 110 -27.90 -15.89 17.65
CA ILE B 110 -28.66 -16.09 16.42
C ILE B 110 -27.98 -17.13 15.54
N THR B 111 -28.61 -18.31 15.38
CA THR B 111 -28.02 -19.44 14.67
C THR B 111 -29.14 -20.34 14.19
N ASP B 112 -28.81 -21.37 13.43
CA ASP B 112 -29.78 -22.42 13.13
C ASP B 112 -29.53 -23.64 14.01
N GLY B 113 -28.51 -23.58 14.86
CA GLY B 113 -28.23 -24.63 15.83
C GLY B 113 -27.79 -25.94 15.21
N GLU B 114 -27.52 -25.90 13.90
CA GLU B 114 -26.84 -26.99 13.23
C GLU B 114 -25.37 -26.78 13.58
N ALA B 115 -25.00 -27.22 14.79
CA ALA B 115 -23.70 -26.93 15.33
C ALA B 115 -22.75 -28.08 15.07
N THR B 116 -21.51 -27.73 14.79
CA THR B 116 -20.54 -28.68 14.31
C THR B 116 -19.52 -29.02 15.34
N ASP B 117 -19.76 -28.59 16.58
CA ASP B 117 -18.95 -29.02 17.73
C ASP B 117 -19.76 -29.41 18.97
N SER B 118 -19.08 -29.87 19.99
CA SER B 118 -19.76 -30.39 21.19
C SER B 118 -18.99 -29.98 22.43
N GLY B 119 -19.65 -29.94 23.56
CA GLY B 119 -18.99 -29.50 24.78
C GLY B 119 -19.98 -29.13 25.84
N ASN B 120 -19.61 -28.16 26.68
CA ASN B 120 -20.53 -27.63 27.70
C ASN B 120 -20.43 -26.13 27.84
N ILE B 121 -21.51 -25.50 28.26
CA ILE B 121 -21.48 -24.05 28.33
C ILE B 121 -21.44 -23.62 29.79
N ASP B 122 -20.86 -24.46 30.66
CA ASP B 122 -20.85 -24.19 32.13
C ASP B 122 -20.26 -22.85 32.38
N ALA B 123 -19.31 -22.49 31.53
CA ALA B 123 -18.61 -21.21 31.64
C ALA B 123 -19.47 -19.95 31.41
N ALA B 124 -20.71 -20.14 30.97
CA ALA B 124 -21.57 -19.02 30.67
C ALA B 124 -22.94 -19.18 31.33
N LYS B 125 -22.97 -19.91 32.44
CA LYS B 125 -24.22 -20.18 33.17
C LYS B 125 -24.86 -18.87 33.58
N ASP B 126 -24.11 -18.05 34.31
CA ASP B 126 -24.61 -16.80 34.87
C ASP B 126 -25.01 -15.76 33.78
N ILE B 127 -24.54 -15.95 32.55
CA ILE B 127 -25.01 -15.14 31.42
C ILE B 127 -26.38 -15.62 30.95
N ILE B 128 -27.38 -14.77 31.12
CA ILE B 128 -28.74 -15.08 30.70
C ILE B 128 -28.78 -14.98 29.18
N ARG B 129 -29.09 -16.10 28.54
CA ARG B 129 -29.01 -16.19 27.07
C ARG B 129 -30.31 -16.55 26.32
N TYR B 130 -30.92 -15.53 25.69
CA TYR B 130 -31.98 -15.72 24.67
C TYR B 130 -31.32 -16.19 23.38
N ILE B 131 -31.79 -17.29 22.82
CA ILE B 131 -31.29 -17.76 21.53
C ILE B 131 -32.41 -17.77 20.48
N ILE B 132 -32.14 -17.25 19.29
CA ILE B 132 -33.18 -17.10 18.27
C ILE B 132 -32.88 -17.79 16.94
N GLY B 133 -33.80 -18.63 16.52
CA GLY B 133 -33.52 -19.60 15.47
C GLY B 133 -33.93 -19.27 14.06
N ILE B 134 -32.94 -18.94 13.23
CA ILE B 134 -33.17 -18.72 11.81
C ILE B 134 -32.54 -19.84 11.04
N GLY B 135 -33.09 -20.18 9.87
CA GLY B 135 -32.35 -21.07 8.93
C GLY B 135 -33.04 -22.35 8.52
N LYS B 136 -32.90 -22.74 7.26
CA LYS B 136 -33.64 -23.89 6.78
C LYS B 136 -33.19 -25.11 7.55
N HIS B 137 -32.03 -25.01 8.17
CA HIS B 137 -31.44 -26.16 8.81
C HIS B 137 -31.79 -26.26 10.27
N SER B 138 -32.59 -25.35 10.78
CA SER B 138 -32.98 -25.39 12.17
C SER B 138 -34.25 -26.20 12.33
N GLN B 139 -34.56 -26.99 11.33
CA GLN B 139 -35.80 -27.72 11.30
C GLN B 139 -35.68 -29.19 11.65
N THR B 140 -34.67 -29.56 12.42
CA THR B 140 -34.47 -30.97 12.75
C THR B 140 -34.40 -31.27 14.23
N LYS B 141 -34.78 -32.49 14.58
CA LYS B 141 -34.68 -32.98 15.94
C LYS B 141 -33.40 -32.48 16.59
N GLU B 142 -32.24 -32.72 15.95
CA GLU B 142 -30.93 -32.38 16.54
C GLU B 142 -30.86 -30.88 16.74
N SER B 143 -31.06 -30.13 15.65
CA SER B 143 -30.94 -28.69 15.70
C SER B 143 -31.78 -28.08 16.79
N GLN B 144 -33.05 -28.48 16.84
CA GLN B 144 -33.93 -27.98 17.87
C GLN B 144 -33.39 -28.25 19.27
N GLU B 145 -33.06 -29.49 19.56
CA GLU B 145 -32.46 -29.82 20.85
C GLU B 145 -31.22 -28.99 21.13
N THR B 146 -30.40 -28.78 20.10
CA THR B 146 -29.19 -27.99 20.22
C THR B 146 -29.53 -26.57 20.59
N LEU B 147 -30.61 -26.05 20.02
CA LEU B 147 -31.03 -24.68 20.34
C LEU B 147 -31.43 -24.57 21.78
N HIS B 148 -32.19 -25.55 22.27
CA HIS B 148 -32.65 -25.52 23.65
C HIS B 148 -31.51 -25.74 24.64
N LYS B 149 -30.47 -26.42 24.19
CA LYS B 149 -29.30 -26.62 25.02
C LYS B 149 -28.60 -25.32 25.35
N PHE B 150 -28.56 -24.39 24.40
CA PHE B 150 -27.93 -23.09 24.59
C PHE B 150 -28.78 -22.13 25.42
N ALA B 151 -30.08 -22.36 25.46
CA ALA B 151 -30.97 -21.43 26.11
C ALA B 151 -30.87 -21.42 27.63
N SER B 152 -31.26 -20.30 28.21
CA SER B 152 -31.58 -20.25 29.63
C SER B 152 -32.85 -21.10 29.89
N LYS B 153 -33.11 -21.41 31.17
CA LYS B 153 -34.23 -22.26 31.52
C LYS B 153 -35.32 -21.43 32.21
N PRO B 154 -36.60 -21.84 32.06
CA PRO B 154 -37.11 -22.95 31.26
C PRO B 154 -37.06 -22.61 29.78
N ALA B 155 -36.60 -23.57 28.99
CA ALA B 155 -36.17 -23.35 27.61
C ALA B 155 -37.15 -22.55 26.76
N SER B 156 -38.41 -22.96 26.74
CA SER B 156 -39.41 -22.34 25.89
C SER B 156 -39.88 -20.99 26.45
N GLU B 157 -38.92 -20.11 26.65
CA GLU B 157 -39.17 -18.75 27.07
C GLU B 157 -38.00 -17.90 26.58
N PHE B 158 -36.96 -18.58 26.12
CA PHE B 158 -35.71 -17.95 25.67
C PHE B 158 -35.30 -18.39 24.26
N VAL B 159 -36.20 -19.11 23.59
CA VAL B 159 -36.02 -19.58 22.21
C VAL B 159 -37.19 -19.09 21.36
N LYS B 160 -36.89 -18.35 20.29
CA LYS B 160 -37.93 -18.09 19.28
C LYS B 160 -37.37 -18.16 17.85
N ILE B 161 -38.26 -18.32 16.86
CA ILE B 161 -37.89 -18.23 15.43
C ILE B 161 -38.02 -16.76 14.93
N LEU B 162 -36.99 -16.31 14.18
CA LEU B 162 -36.74 -14.86 13.85
C LEU B 162 -37.92 -14.07 13.21
N ASP B 163 -38.73 -14.79 12.42
CA ASP B 163 -39.84 -14.21 11.62
C ASP B 163 -39.34 -13.15 10.62
N THR B 164 -40.21 -12.20 10.32
CA THR B 164 -39.77 -10.96 9.67
C THR B 164 -39.62 -9.88 10.77
N PHE B 165 -39.01 -10.29 11.90
CA PHE B 165 -38.87 -9.49 13.14
C PHE B 165 -40.24 -9.05 13.77
N GLU B 166 -40.96 -10.02 14.35
CA GLU B 166 -42.20 -9.73 15.12
C GLU B 166 -41.88 -9.47 16.60
N LYS B 167 -40.76 -10.04 17.04
CA LYS B 167 -40.21 -9.91 18.39
C LYS B 167 -39.88 -8.48 18.80
N LEU B 168 -39.71 -7.62 17.79
CA LEU B 168 -39.42 -6.21 18.02
C LEU B 168 -40.58 -5.46 18.73
N LYS B 169 -41.63 -6.20 19.09
CA LYS B 169 -42.61 -5.80 20.11
C LYS B 169 -42.62 -6.82 21.27
N ASP B 170 -42.30 -8.07 20.96
CA ASP B 170 -42.37 -9.17 21.92
C ASP B 170 -41.18 -9.17 22.88
N LEU B 171 -40.05 -9.66 22.39
CA LEU B 171 -38.77 -9.69 23.10
C LEU B 171 -38.40 -8.34 23.72
N PHE B 172 -38.79 -7.27 23.02
CA PHE B 172 -38.43 -5.91 23.40
C PHE B 172 -39.09 -5.46 24.69
N THR B 173 -40.38 -5.75 24.84
CA THR B 173 -41.10 -5.40 26.09
C THR B 173 -40.68 -6.35 27.23
N GLU B 174 -39.90 -7.38 26.88
CA GLU B 174 -39.27 -8.25 27.88
C GLU B 174 -37.78 -7.91 28.06
N LEU B 175 -37.22 -7.17 27.10
CA LEU B 175 -35.88 -6.59 27.23
C LEU B 175 -35.92 -5.20 27.90
N GLN B 176 -37.14 -4.67 28.03
CA GLN B 176 -37.37 -3.46 28.83
C GLN B 176 -37.56 -3.81 30.32
N LYS B 177 -37.51 -5.10 30.64
CA LYS B 177 -37.46 -5.59 32.01
C LYS B 177 -36.08 -5.27 32.60
N LYS B 178 -35.04 -5.72 31.90
CA LYS B 178 -33.65 -5.69 32.37
C LYS B 178 -33.15 -4.30 32.81
N ILE B 179 -33.60 -3.25 32.13
CA ILE B 179 -33.16 -1.89 32.45
C ILE B 179 -33.65 -1.50 33.84
N TYR B 180 -34.73 -2.15 34.28
CA TYR B 180 -35.51 -1.75 35.47
C TYR B 180 -35.89 -0.26 35.36
N MET C 1 -9.99 -27.75 -9.02
CA MET C 1 -10.01 -28.90 -8.06
C MET C 1 -8.63 -29.39 -7.71
N VAL C 2 -8.27 -29.43 -6.42
CA VAL C 2 -6.98 -30.04 -6.00
C VAL C 2 -7.16 -31.16 -5.04
N SER C 3 -6.05 -31.84 -4.79
CA SER C 3 -5.99 -33.01 -3.94
C SER C 3 -4.59 -33.01 -3.39
N VAL C 4 -4.41 -33.32 -2.11
CA VAL C 4 -3.04 -33.37 -1.57
C VAL C 4 -2.74 -34.69 -0.93
N SER C 5 -1.56 -35.23 -1.14
CA SER C 5 -1.20 -36.43 -0.38
C SER C 5 0.26 -36.53 0.04
N PRO C 6 0.51 -37.12 1.20
CA PRO C 6 -0.45 -37.70 2.13
C PRO C 6 -1.33 -36.59 2.69
N SER C 7 -2.55 -36.95 3.09
CA SER C 7 -3.43 -35.98 3.74
C SER C 7 -2.97 -35.64 5.15
N LYS C 8 -2.44 -36.60 5.89
CA LYS C 8 -1.89 -36.35 7.20
C LYS C 8 -0.65 -37.23 7.49
N VAL C 9 0.49 -36.62 7.88
CA VAL C 9 1.67 -37.45 8.32
C VAL C 9 2.06 -37.19 9.74
N THR C 10 2.62 -38.23 10.37
CA THR C 10 3.34 -38.07 11.61
C THR C 10 4.80 -38.27 11.29
N LEU C 11 5.65 -37.39 11.78
CA LEU C 11 7.10 -37.59 11.62
C LEU C 11 7.93 -36.94 12.75
N PRO C 12 9.11 -37.51 13.01
CA PRO C 12 9.92 -37.09 14.12
C PRO C 12 10.50 -35.71 13.91
N ARG C 13 10.51 -34.91 14.97
CA ARG C 13 11.00 -33.53 14.96
C ARG C 13 12.29 -33.42 14.19
N GLY C 14 12.30 -32.54 13.20
CA GLY C 14 13.49 -32.38 12.35
C GLY C 14 13.55 -33.27 11.12
N GLY C 15 12.45 -34.01 10.85
CA GLY C 15 12.33 -34.94 9.71
C GLY C 15 11.95 -34.24 8.44
N SER C 16 11.42 -34.98 7.47
CA SER C 16 11.00 -34.35 6.20
C SER C 16 9.94 -35.18 5.49
N VAL C 17 9.08 -34.51 4.74
CA VAL C 17 8.06 -35.22 3.98
C VAL C 17 7.89 -34.60 2.67
N LEU C 18 7.67 -35.42 1.66
CA LEU C 18 7.26 -34.81 0.43
C LEU C 18 5.74 -34.87 0.35
N VAL C 19 5.11 -33.80 -0.14
CA VAL C 19 3.71 -33.78 -0.45
C VAL C 19 3.50 -33.49 -1.93
N THR C 20 2.37 -33.95 -2.45
CA THR C 20 2.05 -33.85 -3.87
C THR C 20 0.75 -33.13 -4.00
N CYS C 21 0.81 -31.91 -4.57
CA CYS C 21 -0.38 -31.17 -4.98
C CYS C 21 -0.73 -31.61 -6.35
N SER C 22 -1.93 -32.14 -6.52
CA SER C 22 -2.38 -32.61 -7.83
C SER C 22 -3.68 -31.90 -8.19
N ALA C 23 -3.76 -31.41 -9.43
CA ALA C 23 -4.93 -30.67 -9.88
C ALA C 23 -5.69 -31.49 -10.88
N SER C 24 -6.97 -31.21 -10.99
CA SER C 24 -7.83 -31.97 -11.86
C SER C 24 -7.79 -31.44 -13.27
N CYS C 25 -7.85 -30.11 -13.42
CA CYS C 25 -7.73 -29.44 -14.72
C CYS C 25 -6.33 -29.73 -15.19
N ASP C 26 -6.16 -30.19 -16.44
CA ASP C 26 -4.88 -30.82 -16.79
C ASP C 26 -3.79 -29.86 -17.27
N GLN C 27 -4.10 -28.58 -17.28
CA GLN C 27 -3.11 -27.56 -17.49
C GLN C 27 -3.52 -26.39 -16.64
N PRO C 28 -3.14 -26.40 -15.37
CA PRO C 28 -3.70 -25.46 -14.41
C PRO C 28 -3.10 -24.09 -14.59
N LYS C 29 -3.94 -23.04 -14.58
CA LYS C 29 -3.48 -21.66 -14.76
C LYS C 29 -2.41 -21.32 -13.74
N LEU C 30 -2.39 -22.09 -12.66
CA LEU C 30 -1.51 -21.84 -11.54
C LEU C 30 -1.74 -22.93 -10.50
N LEU C 31 -0.65 -23.50 -10.00
CA LEU C 31 -0.70 -24.62 -9.01
C LEU C 31 0.51 -24.67 -8.11
N GLY C 32 0.26 -24.61 -6.82
CA GLY C 32 1.32 -24.57 -5.88
C GLY C 32 0.86 -24.91 -4.48
N ILE C 33 1.74 -24.59 -3.52
CA ILE C 33 1.46 -24.85 -2.10
C ILE C 33 1.62 -23.57 -1.29
N GLU C 34 0.87 -23.49 -0.20
CA GLU C 34 0.91 -22.33 0.67
C GLU C 34 1.25 -22.83 2.04
N THR C 35 2.45 -22.50 2.50
CA THR C 35 2.87 -22.90 3.83
C THR C 35 3.91 -21.96 4.37
N PRO C 36 4.09 -21.94 5.68
CA PRO C 36 5.15 -21.17 6.26
C PRO C 36 6.36 -22.05 6.56
N LEU C 37 6.31 -23.34 6.22
CA LEU C 37 7.49 -24.19 6.29
C LEU C 37 8.48 -23.91 5.14
N VAL C 38 9.71 -24.39 5.25
CA VAL C 38 10.65 -24.23 4.13
C VAL C 38 10.37 -25.32 3.10
N LYS C 39 10.30 -24.94 1.82
CA LYS C 39 9.91 -25.88 0.81
C LYS C 39 10.84 -25.90 -0.38
N LYS C 40 10.88 -27.02 -1.10
CA LYS C 40 11.64 -27.12 -2.35
C LYS C 40 10.91 -28.04 -3.33
N GLU C 41 10.57 -27.59 -4.53
CA GLU C 41 9.77 -28.46 -5.42
C GLU C 41 10.68 -29.31 -6.25
N LEU C 42 10.14 -30.24 -7.05
CA LEU C 42 11.00 -31.21 -7.73
C LEU C 42 11.06 -31.24 -9.30
N LEU C 43 11.31 -32.43 -9.85
CA LEU C 43 11.30 -32.64 -11.30
C LEU C 43 9.84 -32.70 -11.72
N LEU C 44 9.50 -31.87 -12.69
CA LEU C 44 8.09 -31.60 -13.02
C LEU C 44 7.42 -32.56 -14.02
N PRO C 45 8.23 -33.29 -14.86
CA PRO C 45 7.72 -33.65 -16.18
C PRO C 45 6.20 -33.71 -16.20
N GLY C 46 5.56 -32.60 -16.58
CA GLY C 46 4.11 -32.47 -16.57
C GLY C 46 3.62 -31.51 -15.49
N ASN C 47 2.49 -30.86 -15.75
CA ASN C 47 1.99 -29.79 -14.87
C ASN C 47 0.70 -30.09 -14.13
N ASN C 48 0.31 -31.36 -14.12
CA ASN C 48 -0.82 -31.79 -13.32
C ASN C 48 -0.52 -31.76 -11.84
N ARG C 49 0.72 -32.09 -11.49
CA ARG C 49 1.12 -32.12 -10.10
C ARG C 49 2.54 -31.59 -9.89
N LYS C 50 2.73 -30.89 -8.78
CA LYS C 50 4.06 -30.54 -8.27
C LYS C 50 4.23 -31.31 -7.01
N VAL C 51 5.49 -31.59 -6.66
CA VAL C 51 5.84 -32.37 -5.46
C VAL C 51 6.78 -31.52 -4.64
N TYR C 52 6.34 -31.08 -3.48
CA TYR C 52 7.18 -30.24 -2.64
C TYR C 52 7.77 -31.04 -1.50
N GLU C 53 9.05 -30.83 -1.20
CA GLU C 53 9.71 -31.44 -0.06
C GLU C 53 9.84 -30.44 1.07
N LEU C 54 9.14 -30.71 2.15
CA LEU C 54 9.21 -29.92 3.33
C LEU C 54 10.23 -30.54 4.27
N SER C 55 11.39 -29.91 4.32
CA SER C 55 12.50 -30.46 5.09
C SER C 55 12.56 -29.87 6.48
N ASN C 56 13.29 -30.57 7.34
CA ASN C 56 13.52 -30.21 8.75
C ASN C 56 12.33 -29.53 9.44
N VAL C 57 11.16 -30.19 9.45
CA VAL C 57 9.96 -29.63 10.07
C VAL C 57 10.08 -29.77 11.57
N GLN C 58 9.85 -28.68 12.28
CA GLN C 58 10.27 -28.56 13.68
C GLN C 58 9.14 -28.63 14.68
N GLU C 59 7.98 -28.11 14.30
CA GLU C 59 6.83 -28.16 15.17
C GLU C 59 5.66 -28.61 14.33
N ASP C 60 4.58 -29.03 14.98
CA ASP C 60 3.33 -29.37 14.30
C ASP C 60 2.97 -28.35 13.26
N SER C 61 2.65 -28.79 12.07
CA SER C 61 2.41 -27.85 11.00
C SER C 61 1.32 -28.22 10.00
N GLN C 62 0.91 -27.22 9.23
CA GLN C 62 -0.01 -27.42 8.11
C GLN C 62 0.57 -27.00 6.78
N VAL C 63 -0.01 -27.54 5.73
CA VAL C 63 0.42 -27.18 4.41
C VAL C 63 -0.85 -27.20 3.59
N MET C 64 -0.96 -26.29 2.62
CA MET C 64 -2.21 -26.09 1.82
C MET C 64 -1.95 -26.04 0.27
N CYS C 65 -2.51 -27.01 -0.47
CA CYS C 65 -2.32 -27.05 -1.91
C CYS C 65 -3.35 -26.17 -2.50
N TYR C 66 -3.02 -25.48 -3.59
CA TYR C 66 -4.04 -24.75 -4.35
C TYR C 66 -3.89 -25.01 -5.83
N ALA C 67 -4.98 -24.95 -6.55
CA ALA C 67 -4.91 -24.98 -8.00
C ALA C 67 -6.02 -24.14 -8.63
N ASN C 68 -5.56 -23.17 -9.41
CA ASN C 68 -6.42 -22.27 -10.13
C ASN C 68 -6.72 -22.93 -11.44
N CYS C 69 -7.97 -23.35 -11.60
CA CYS C 69 -8.42 -24.08 -12.76
C CYS C 69 -9.41 -23.26 -13.51
N PRO C 70 -9.81 -23.75 -14.68
CA PRO C 70 -10.97 -23.28 -15.37
C PRO C 70 -12.16 -23.20 -14.41
N ASP C 71 -12.41 -24.27 -13.66
CA ASP C 71 -13.60 -24.33 -12.83
C ASP C 71 -13.58 -23.36 -11.65
N GLY C 72 -12.40 -22.93 -11.20
CA GLY C 72 -12.27 -22.07 -10.01
C GLY C 72 -10.93 -22.27 -9.31
N GLN C 73 -10.78 -21.76 -8.10
CA GLN C 73 -9.57 -22.01 -7.29
C GLN C 73 -9.86 -23.08 -6.24
N SER C 74 -9.07 -24.13 -6.16
CA SER C 74 -9.32 -25.05 -5.09
C SER C 74 -8.22 -25.20 -4.01
N THR C 75 -8.64 -25.48 -2.78
CA THR C 75 -7.68 -25.65 -1.72
C THR C 75 -7.66 -27.11 -1.19
N ALA C 76 -6.52 -27.56 -0.66
CA ALA C 76 -6.51 -28.78 0.14
C ALA C 76 -5.36 -28.77 1.17
N LYS C 77 -5.70 -29.01 2.46
CA LYS C 77 -4.75 -28.97 3.57
C LYS C 77 -4.22 -30.32 3.92
N ALA C 78 -2.95 -30.37 4.30
CA ALA C 78 -2.33 -31.61 4.81
C ALA C 78 -1.74 -31.31 6.18
N PHE C 79 -2.04 -32.15 7.18
CA PHE C 79 -1.52 -31.89 8.51
C PHE C 79 -0.22 -32.66 8.85
N LEU C 80 0.79 -31.88 9.23
CA LEU C 80 2.04 -32.46 9.63
C LEU C 80 2.08 -32.55 11.15
N THR C 81 2.26 -33.75 11.67
CA THR C 81 2.37 -33.94 13.09
C THR C 81 3.77 -34.38 13.40
N VAL C 82 4.36 -33.72 14.39
CA VAL C 82 5.74 -33.91 14.76
C VAL C 82 5.80 -34.29 16.22
N TYR C 83 6.71 -35.23 16.52
CA TYR C 83 6.99 -35.67 17.90
C TYR C 83 8.44 -35.63 18.28
N TRP C 84 8.69 -35.34 19.54
CA TRP C 84 10.02 -35.01 20.00
C TRP C 84 10.84 -36.25 20.23
N THR C 85 12.16 -36.08 20.26
CA THR C 85 13.10 -37.18 20.52
C THR C 85 13.99 -36.90 21.76
N MET D 1 -0.29 19.40 0.81
CA MET D 1 -0.88 18.27 0.01
C MET D 1 -1.30 17.06 0.85
N ASN D 2 -2.57 16.73 0.79
CA ASN D 2 -3.10 15.59 1.51
C ASN D 2 -2.69 14.27 0.86
N VAL D 3 -2.57 13.24 1.67
CA VAL D 3 -2.16 11.93 1.16
C VAL D 3 -3.06 10.89 1.75
N ASP D 4 -3.64 10.06 0.88
CA ASP D 4 -4.44 8.91 1.27
C ASP D 4 -3.56 7.68 1.13
N LEU D 5 -3.17 7.08 2.25
CA LEU D 5 -2.28 5.92 2.24
C LEU D 5 -3.01 4.73 2.77
N VAL D 6 -2.90 3.62 2.04
CA VAL D 6 -3.54 2.35 2.39
C VAL D 6 -2.50 1.26 2.61
N PHE D 7 -2.59 0.61 3.77
CA PHE D 7 -1.80 -0.59 4.02
C PHE D 7 -2.53 -1.79 3.45
N LEU D 8 -1.92 -2.43 2.47
CA LEU D 8 -2.40 -3.73 2.03
C LEU D 8 -1.46 -4.79 2.58
N PHE D 9 -1.95 -5.57 3.54
CA PHE D 9 -1.08 -6.48 4.30
C PHE D 9 -1.42 -7.98 4.17
N ASP D 10 -0.37 -8.79 4.00
CA ASP D 10 -0.47 -10.20 3.65
C ASP D 10 -0.79 -11.04 4.88
N GLY D 11 -2.02 -11.52 4.92
CA GLY D 11 -2.43 -12.37 6.03
C GLY D 11 -2.55 -13.81 5.60
N SER D 12 -1.79 -14.17 4.57
CA SER D 12 -1.85 -15.52 4.03
C SER D 12 -1.14 -16.42 5.00
N MET D 13 -1.36 -17.72 4.83
CA MET D 13 -0.80 -18.77 5.68
C MET D 13 0.75 -18.85 5.60
N SER D 14 1.29 -18.46 4.43
CA SER D 14 2.73 -18.52 4.12
C SER D 14 3.59 -17.65 5.02
N LEU D 15 2.95 -16.73 5.76
CA LEU D 15 3.61 -15.95 6.79
C LEU D 15 3.42 -16.57 8.17
N GLN D 16 4.49 -16.60 8.95
CA GLN D 16 4.41 -17.10 10.32
C GLN D 16 3.54 -16.17 11.16
N PRO D 17 2.96 -16.67 12.25
CA PRO D 17 2.06 -15.78 12.96
C PRO D 17 2.85 -14.68 13.66
N ASP D 18 4.07 -14.97 14.08
CA ASP D 18 4.93 -13.94 14.67
C ASP D 18 5.35 -12.92 13.61
N GLU D 19 5.50 -13.39 12.37
CA GLU D 19 5.78 -12.50 11.24
C GLU D 19 4.61 -11.57 10.97
N PHE D 20 3.39 -12.08 11.16
CA PHE D 20 2.16 -11.32 10.97
C PHE D 20 2.11 -10.23 12.01
N GLN D 21 2.36 -10.58 13.25
CA GLN D 21 2.37 -9.61 14.32
C GLN D 21 3.31 -8.47 14.01
N LYS D 22 4.47 -8.82 13.44
CA LYS D 22 5.48 -7.83 13.04
C LYS D 22 4.90 -6.83 12.04
N ILE D 23 3.96 -7.30 11.21
CA ILE D 23 3.34 -6.46 10.19
C ILE D 23 2.34 -5.49 10.82
N LEU D 24 1.58 -5.99 11.78
CA LEU D 24 0.70 -5.12 12.53
C LEU D 24 1.52 -4.07 13.27
N ASP D 25 2.50 -4.53 14.02
CA ASP D 25 3.36 -3.63 14.80
C ASP D 25 4.07 -2.60 13.93
N PHE D 26 4.23 -2.93 12.65
CA PHE D 26 4.84 -2.03 11.68
C PHE D 26 3.86 -0.95 11.29
N MET D 27 2.64 -1.34 10.92
CA MET D 27 1.64 -0.37 10.52
C MET D 27 1.35 0.65 11.65
N LYS D 28 1.28 0.14 12.87
CA LYS D 28 1.03 0.98 14.03
C LYS D 28 2.16 1.97 14.27
N ASP D 29 3.39 1.56 13.93
CA ASP D 29 4.61 2.40 14.04
C ASP D 29 4.62 3.54 13.03
N VAL D 30 4.10 3.27 11.84
CA VAL D 30 4.02 4.25 10.79
C VAL D 30 2.92 5.25 11.12
N MET D 31 1.75 4.77 11.53
CA MET D 31 0.64 5.67 11.85
C MET D 31 0.89 6.57 13.05
N LYS D 32 1.53 6.00 14.08
CA LYS D 32 1.90 6.75 15.27
C LYS D 32 2.81 7.90 14.85
N LYS D 33 3.83 7.56 14.05
CA LYS D 33 4.82 8.51 13.59
C LYS D 33 4.37 9.24 12.35
N LEU D 34 3.07 9.48 12.23
CA LEU D 34 2.51 10.34 11.19
C LEU D 34 1.18 10.95 11.61
N SER D 35 0.98 11.10 12.92
CA SER D 35 -0.24 11.69 13.47
C SER D 35 -0.34 13.21 13.22
N ASN D 36 -0.17 13.56 11.96
CA ASN D 36 -0.56 14.87 11.44
C ASN D 36 -1.72 14.65 10.43
N THR D 37 -2.47 15.71 10.15
CA THR D 37 -3.66 15.65 9.28
C THR D 37 -3.35 15.14 7.86
N SER D 38 -2.28 15.68 7.28
CA SER D 38 -1.88 15.41 5.89
C SER D 38 -2.15 13.96 5.48
N TYR D 39 -1.59 13.02 6.25
CA TYR D 39 -1.84 11.60 6.03
C TYR D 39 -3.16 11.16 6.64
N GLN D 40 -4.00 10.57 5.79
CA GLN D 40 -5.22 9.89 6.21
C GLN D 40 -5.06 8.40 5.83
N PHE D 41 -5.35 7.49 6.76
CA PHE D 41 -5.03 6.07 6.57
C PHE D 41 -6.22 5.14 6.38
N ALA D 42 -5.93 3.94 5.87
CA ALA D 42 -6.88 2.84 5.76
C ALA D 42 -6.11 1.54 5.55
N ALA D 43 -6.55 0.47 6.17
CA ALA D 43 -5.84 -0.79 6.06
C ALA D 43 -6.77 -1.91 5.60
N VAL D 44 -6.28 -2.72 4.66
CA VAL D 44 -7.00 -3.92 4.23
C VAL D 44 -6.10 -5.17 4.29
N GLN D 45 -6.59 -6.22 4.95
CA GLN D 45 -5.91 -7.52 4.95
C GLN D 45 -6.36 -8.36 3.77
N PHE D 46 -5.41 -8.95 3.05
CA PHE D 46 -5.74 -9.85 1.97
C PHE D 46 -5.13 -11.20 2.21
N SER D 47 -5.87 -12.22 1.86
CA SER D 47 -5.35 -13.58 1.85
C SER D 47 -5.97 -14.33 0.68
N THR D 48 -6.97 -15.18 0.93
CA THR D 48 -7.72 -15.72 -0.20
C THR D 48 -8.62 -14.62 -0.71
N SER D 49 -9.31 -13.98 0.23
CA SER D 49 -10.09 -12.81 -0.09
C SER D 49 -9.58 -11.54 0.63
N TYR D 50 -10.41 -10.50 0.68
CA TYR D 50 -9.97 -9.19 1.14
C TYR D 50 -10.95 -8.69 2.12
N LYS D 51 -10.48 -8.04 3.18
CA LYS D 51 -11.37 -7.27 4.04
C LYS D 51 -10.67 -5.99 4.47
N THR D 52 -11.37 -4.87 4.37
CA THR D 52 -10.80 -3.62 4.88
C THR D 52 -10.98 -3.61 6.40
N GLU D 53 -9.86 -3.50 7.11
CA GLU D 53 -9.89 -3.52 8.56
C GLU D 53 -10.31 -2.16 9.15
N PHE D 54 -10.03 -1.06 8.43
CA PHE D 54 -10.65 0.25 8.71
C PHE D 54 -10.61 1.21 7.54
N ASP D 55 -11.65 2.04 7.44
CA ASP D 55 -11.81 3.05 6.38
C ASP D 55 -10.94 4.24 6.66
N PHE D 56 -10.88 5.14 5.69
CA PHE D 56 -10.38 6.48 5.97
C PHE D 56 -11.34 7.12 6.97
N SER D 57 -12.65 7.02 6.67
CA SER D 57 -13.72 7.46 7.56
C SER D 57 -13.45 7.07 9.00
N ASP D 58 -12.85 5.89 9.18
CA ASP D 58 -12.63 5.31 10.49
C ASP D 58 -11.42 5.92 11.16
N TYR D 59 -10.36 6.14 10.37
CA TYR D 59 -9.18 6.79 10.89
C TYR D 59 -9.48 8.23 11.26
N VAL D 60 -10.20 8.92 10.37
CA VAL D 60 -10.65 10.30 10.59
C VAL D 60 -11.50 10.43 11.87
N LYS D 61 -12.24 9.36 12.21
CA LYS D 61 -13.09 9.35 13.41
C LYS D 61 -12.37 8.92 14.70
N TRP D 62 -12.15 7.62 14.87
CA TRP D 62 -11.49 7.05 16.05
C TRP D 62 -10.06 7.62 16.26
N LYS D 63 -9.27 7.66 15.19
CA LYS D 63 -7.86 8.16 15.19
C LYS D 63 -6.85 7.45 16.08
N ASP D 64 -7.27 6.38 16.76
CA ASP D 64 -6.38 5.56 17.60
C ASP D 64 -5.91 4.32 16.83
N PRO D 65 -4.67 4.34 16.32
CA PRO D 65 -4.21 3.26 15.45
C PRO D 65 -4.05 1.98 16.20
N ASP D 66 -3.78 2.06 17.51
CA ASP D 66 -3.69 0.88 18.36
C ASP D 66 -5.03 0.14 18.45
N ALA D 67 -6.10 0.90 18.72
CA ALA D 67 -7.45 0.36 18.86
C ALA D 67 -8.16 0.22 17.51
N LEU D 68 -7.57 0.78 16.45
CA LEU D 68 -8.09 0.60 15.09
C LEU D 68 -7.84 -0.78 14.52
N LEU D 69 -6.63 -1.31 14.75
CA LEU D 69 -6.25 -2.61 14.25
C LEU D 69 -6.36 -3.67 15.33
N LYS D 70 -6.98 -3.33 16.46
CA LYS D 70 -6.92 -4.24 17.60
C LYS D 70 -7.73 -5.51 17.40
N HIS D 71 -8.61 -5.54 16.41
CA HIS D 71 -9.49 -6.70 16.19
C HIS D 71 -9.22 -7.55 14.94
N VAL D 72 -8.00 -7.46 14.40
CA VAL D 72 -7.62 -8.19 13.19
C VAL D 72 -7.54 -9.68 13.52
N LYS D 73 -8.01 -10.53 12.61
CA LYS D 73 -7.76 -11.97 12.71
C LYS D 73 -6.92 -12.42 11.55
N HIS D 74 -5.84 -13.15 11.85
CA HIS D 74 -4.95 -13.62 10.82
C HIS D 74 -5.75 -14.57 9.96
N MET D 75 -5.95 -14.20 8.70
CA MET D 75 -6.81 -14.95 7.79
C MET D 75 -6.30 -16.35 7.49
N LEU D 76 -5.01 -16.47 7.16
CA LEU D 76 -4.31 -17.75 7.06
C LEU D 76 -4.79 -18.68 5.95
N LEU D 77 -4.98 -18.11 4.76
CA LEU D 77 -5.37 -18.87 3.59
C LEU D 77 -4.50 -18.39 2.44
N LEU D 78 -4.80 -18.76 1.20
CA LEU D 78 -3.94 -18.43 0.04
C LEU D 78 -3.58 -16.94 -0.08
N THR D 79 -2.63 -16.66 -0.98
CA THR D 79 -2.09 -15.31 -1.16
C THR D 79 -2.47 -14.71 -2.50
N ASN D 80 -3.68 -14.12 -2.60
CA ASN D 80 -4.22 -13.64 -3.88
C ASN D 80 -3.93 -12.20 -4.22
N THR D 81 -2.65 -11.84 -4.13
CA THR D 81 -2.22 -10.47 -4.14
C THR D 81 -2.76 -9.66 -5.31
N PHE D 82 -2.77 -10.20 -6.52
CA PHE D 82 -3.19 -9.41 -7.69
C PHE D 82 -4.57 -8.82 -7.55
N GLY D 83 -5.52 -9.66 -7.16
CA GLY D 83 -6.88 -9.19 -6.94
C GLY D 83 -6.98 -8.27 -5.75
N ALA D 84 -6.10 -8.49 -4.79
CA ALA D 84 -5.98 -7.64 -3.62
C ALA D 84 -5.72 -6.18 -3.98
N ILE D 85 -4.77 -5.95 -4.88
CA ILE D 85 -4.48 -4.64 -5.37
C ILE D 85 -5.78 -4.07 -6.02
N ASN D 86 -6.37 -4.85 -6.93
CA ASN D 86 -7.54 -4.37 -7.65
C ASN D 86 -8.64 -3.95 -6.72
N TYR D 87 -8.80 -4.70 -5.65
CA TYR D 87 -9.76 -4.37 -4.61
C TYR D 87 -9.46 -3.02 -3.99
N VAL D 88 -8.21 -2.76 -3.62
CA VAL D 88 -7.88 -1.49 -3.00
C VAL D 88 -8.26 -0.38 -3.97
N ALA D 89 -7.83 -0.54 -5.22
CA ALA D 89 -8.05 0.49 -6.23
C ALA D 89 -9.53 0.83 -6.33
N THR D 90 -10.38 -0.17 -6.51
CA THR D 90 -11.79 0.04 -6.79
C THR D 90 -12.68 0.14 -5.55
N GLU D 91 -12.25 -0.40 -4.42
CA GLU D 91 -13.15 -0.52 -3.26
C GLU D 91 -12.74 0.25 -2.01
N VAL D 92 -11.50 0.74 -1.95
CA VAL D 92 -11.00 1.46 -0.78
C VAL D 92 -10.88 2.99 -1.02
N PHE D 93 -10.22 3.37 -2.12
CA PHE D 93 -10.15 4.78 -2.52
C PHE D 93 -11.50 5.25 -3.06
N ARG D 94 -12.36 5.70 -2.15
CA ARG D 94 -13.70 6.12 -2.53
C ARG D 94 -14.17 7.36 -1.79
N GLU D 95 -14.92 8.19 -2.50
CA GLU D 95 -15.56 9.35 -1.90
C GLU D 95 -16.30 8.93 -0.63
N GLU D 96 -17.08 7.86 -0.75
CA GLU D 96 -17.98 7.41 0.33
C GLU D 96 -17.23 6.88 1.53
N LEU D 97 -16.06 6.31 1.28
CA LEU D 97 -15.33 5.66 2.34
C LEU D 97 -14.31 6.58 3.00
N GLY D 98 -14.42 7.87 2.69
CA GLY D 98 -13.63 8.93 3.36
C GLY D 98 -12.36 9.40 2.65
N ALA D 99 -12.14 8.94 1.43
CA ALA D 99 -10.96 9.34 0.68
C ALA D 99 -11.10 10.78 0.27
N ARG D 100 -10.02 11.54 0.41
CA ARG D 100 -9.97 12.88 -0.13
C ARG D 100 -9.68 12.83 -1.63
N PRO D 101 -10.53 13.47 -2.45
CA PRO D 101 -10.41 13.42 -3.92
C PRO D 101 -9.11 14.04 -4.45
N ASP D 102 -8.73 15.19 -3.90
CA ASP D 102 -7.52 15.92 -4.27
C ASP D 102 -6.22 15.22 -3.85
N ALA D 103 -6.34 14.33 -2.85
CA ALA D 103 -5.18 13.67 -2.24
C ALA D 103 -4.48 12.70 -3.18
N THR D 104 -3.14 12.79 -3.21
CA THR D 104 -2.30 11.93 -4.04
C THR D 104 -2.19 10.60 -3.32
N LYS D 105 -2.67 9.53 -3.96
CA LYS D 105 -2.92 8.24 -3.30
C LYS D 105 -1.76 7.24 -3.29
N VAL D 106 -1.36 6.84 -2.08
CA VAL D 106 -0.24 5.94 -1.86
C VAL D 106 -0.72 4.59 -1.31
N LEU D 107 0.10 3.56 -1.56
CA LEU D 107 -0.21 2.19 -1.17
C LEU D 107 1.04 1.49 -0.65
N ILE D 108 0.98 0.98 0.59
CA ILE D 108 2.09 0.19 1.12
C ILE D 108 1.69 -1.27 1.15
N ILE D 109 2.30 -2.06 0.29
CA ILE D 109 2.02 -3.50 0.24
C ILE D 109 3.08 -4.29 1.03
N ILE D 110 2.63 -5.03 2.03
CA ILE D 110 3.53 -5.87 2.82
C ILE D 110 3.22 -7.37 2.59
N THR D 111 4.12 -8.07 1.90
CA THR D 111 3.89 -9.42 1.46
C THR D 111 5.23 -10.12 1.23
N ASP D 112 5.20 -11.42 0.98
CA ASP D 112 6.38 -12.13 0.51
C ASP D 112 6.34 -12.34 -0.99
N GLY D 113 5.24 -11.91 -1.60
CA GLY D 113 5.07 -11.98 -3.04
C GLY D 113 4.95 -13.39 -3.60
N GLU D 114 4.87 -14.36 -2.71
CA GLU D 114 4.56 -15.70 -3.14
C GLU D 114 3.07 -15.63 -3.37
N ALA D 115 2.68 -15.04 -4.52
CA ALA D 115 1.26 -14.76 -4.82
C ALA D 115 0.58 -15.91 -5.54
N THR D 116 -0.66 -16.19 -5.20
CA THR D 116 -1.36 -17.37 -5.65
C THR D 116 -2.43 -17.08 -6.71
N ASP D 117 -2.40 -15.87 -7.28
CA ASP D 117 -3.21 -15.54 -8.47
C ASP D 117 -2.44 -14.73 -9.49
N SER D 118 -3.08 -14.43 -10.61
CA SER D 118 -2.41 -13.70 -11.68
C SER D 118 -3.36 -12.73 -12.29
N GLY D 119 -2.83 -11.73 -12.97
CA GLY D 119 -3.66 -10.70 -13.62
C GLY D 119 -2.88 -9.45 -13.98
N ASN D 120 -3.52 -8.29 -13.87
CA ASN D 120 -2.84 -7.01 -14.06
C ASN D 120 -3.27 -6.00 -13.00
N ILE D 121 -2.43 -5.00 -12.77
CA ILE D 121 -2.75 -3.98 -11.81
C ILE D 121 -3.03 -2.64 -12.51
N ASP D 122 -3.45 -2.70 -13.77
CA ASP D 122 -3.71 -1.48 -14.52
C ASP D 122 -4.66 -0.55 -13.78
N ALA D 123 -5.58 -1.15 -13.03
CA ALA D 123 -6.57 -0.40 -12.29
C ALA D 123 -5.98 0.44 -11.15
N ALA D 124 -4.69 0.25 -10.87
CA ALA D 124 -4.04 0.94 -9.76
C ALA D 124 -2.74 1.63 -10.17
N LYS D 125 -2.63 1.93 -11.45
CA LYS D 125 -1.44 2.61 -11.98
C LYS D 125 -1.18 3.92 -11.24
N ASP D 126 -2.20 4.79 -11.20
CA ASP D 126 -2.06 6.13 -10.63
C ASP D 126 -1.77 6.11 -9.12
N ILE D 127 -2.05 5.00 -8.47
CA ILE D 127 -1.67 4.81 -7.06
C ILE D 127 -0.18 4.49 -6.99
N ILE D 128 0.57 5.40 -6.38
CA ILE D 128 1.99 5.18 -6.17
C ILE D 128 2.15 4.15 -5.06
N ARG D 129 2.79 3.02 -5.39
CA ARG D 129 2.88 1.90 -4.46
C ARG D 129 4.28 1.39 -4.11
N TYR D 130 4.69 1.68 -2.87
CA TYR D 130 5.86 1.07 -2.23
C TYR D 130 5.45 -0.31 -1.73
N ILE D 131 6.23 -1.31 -2.09
CA ILE D 131 5.95 -2.66 -1.59
C ILE D 131 7.15 -3.16 -0.80
N ILE D 132 6.89 -3.77 0.35
CA ILE D 132 7.99 -4.17 1.24
C ILE D 132 7.93 -5.66 1.59
N GLY D 133 9.08 -6.32 1.41
CA GLY D 133 9.16 -7.78 1.36
C GLY D 133 9.64 -8.45 2.61
N ILE D 134 8.70 -9.07 3.31
CA ILE D 134 8.97 -9.90 4.48
C ILE D 134 8.70 -11.34 4.12
N GLY D 135 9.47 -12.28 4.71
CA GLY D 135 9.04 -13.69 4.69
C GLY D 135 10.00 -14.67 4.07
N LYS D 136 10.12 -15.86 4.65
CA LYS D 136 11.12 -16.83 4.18
C LYS D 136 10.86 -17.19 2.72
N HIS D 137 9.65 -16.89 2.23
CA HIS D 137 9.23 -17.28 0.89
C HIS D 137 9.38 -16.19 -0.15
N SER D 138 9.90 -15.05 0.25
CA SER D 138 10.19 -13.99 -0.69
C SER D 138 11.60 -14.14 -1.26
N GLN D 139 12.19 -15.32 -1.11
CA GLN D 139 13.58 -15.53 -1.47
C GLN D 139 13.75 -16.28 -2.79
N THR D 140 12.76 -16.20 -3.68
CA THR D 140 12.82 -16.94 -4.95
C THR D 140 12.70 -16.05 -6.19
N LYS D 141 13.29 -16.53 -7.29
CA LYS D 141 13.16 -15.89 -8.58
C LYS D 141 11.73 -15.35 -8.78
N GLU D 142 10.74 -16.22 -8.65
CA GLU D 142 9.31 -15.87 -8.88
C GLU D 142 8.90 -14.76 -7.95
N SER D 143 9.00 -15.03 -6.64
CA SER D 143 8.61 -14.08 -5.62
C SER D 143 9.18 -12.70 -5.85
N GLN D 144 10.49 -12.63 -6.09
CA GLN D 144 11.14 -11.35 -6.29
C GLN D 144 10.54 -10.62 -7.49
N GLU D 145 10.42 -11.32 -8.61
CA GLU D 145 9.83 -10.74 -9.82
C GLU D 145 8.43 -10.26 -9.55
N THR D 146 7.66 -11.08 -8.82
CA THR D 146 6.30 -10.72 -8.45
C THR D 146 6.27 -9.45 -7.61
N LEU D 147 7.24 -9.32 -6.71
CA LEU D 147 7.35 -8.12 -5.90
C LEU D 147 7.58 -6.89 -6.79
N HIS D 148 8.53 -7.01 -7.71
CA HIS D 148 8.83 -5.91 -8.60
C HIS D 148 7.65 -5.55 -9.53
N LYS D 149 6.83 -6.54 -9.84
CA LYS D 149 5.65 -6.30 -10.65
C LYS D 149 4.65 -5.35 -9.99
N PHE D 150 4.51 -5.47 -8.66
CA PHE D 150 3.57 -4.65 -7.92
C PHE D 150 4.07 -3.24 -7.69
N ALA D 151 5.39 -3.07 -7.73
CA ALA D 151 6.00 -1.78 -7.41
C ALA D 151 5.78 -0.69 -8.47
N SER D 152 5.87 0.56 -8.03
CA SER D 152 6.02 1.70 -8.94
C SER D 152 7.40 1.62 -9.59
N LYS D 153 7.58 2.36 -10.69
CA LYS D 153 8.84 2.31 -11.44
C LYS D 153 9.66 3.58 -11.21
N PRO D 154 11.01 3.49 -11.28
CA PRO D 154 11.82 2.30 -11.48
C PRO D 154 11.83 1.46 -10.22
N ALA D 155 11.64 0.16 -10.42
CA ALA D 155 11.33 -0.80 -9.35
C ALA D 155 12.18 -0.72 -8.09
N SER D 156 13.51 -0.70 -8.26
CA SER D 156 14.44 -0.69 -7.14
C SER D 156 14.53 0.71 -6.52
N GLU D 157 13.39 1.21 -6.07
CA GLU D 157 13.29 2.46 -5.35
C GLU D 157 12.04 2.41 -4.52
N PHE D 158 11.22 1.40 -4.79
CA PHE D 158 9.90 1.19 -4.16
C PHE D 158 9.75 -0.22 -3.55
N VAL D 159 10.84 -0.97 -3.53
CA VAL D 159 10.89 -2.30 -2.96
C VAL D 159 12.00 -2.37 -1.93
N LYS D 160 11.66 -2.74 -0.70
CA LYS D 160 12.71 -3.08 0.29
C LYS D 160 12.32 -4.25 1.18
N ILE D 161 13.32 -4.89 1.80
CA ILE D 161 13.11 -5.93 2.83
C ILE D 161 12.95 -5.30 4.24
N LEU D 162 11.90 -5.74 4.97
CA LEU D 162 11.37 -5.11 6.22
C LEU D 162 12.41 -4.81 7.33
N ASP D 163 13.43 -5.66 7.42
CA ASP D 163 14.46 -5.62 8.50
C ASP D 163 13.84 -5.77 9.89
N THR D 164 14.51 -5.17 10.88
CA THR D 164 13.90 -4.92 12.18
C THR D 164 13.40 -3.46 12.20
N PHE D 165 12.79 -3.04 11.10
CA PHE D 165 12.35 -1.67 10.83
C PHE D 165 13.50 -0.63 10.84
N GLU D 166 14.37 -0.67 9.82
CA GLU D 166 15.42 0.35 9.62
C GLU D 166 14.90 1.52 8.77
N LYS D 167 13.90 1.21 7.94
CA LYS D 167 13.20 2.16 7.06
C LYS D 167 12.54 3.32 7.81
N LEU D 168 12.31 3.13 9.10
CA LEU D 168 11.69 4.14 9.95
C LEU D 168 12.57 5.42 10.10
N LYS D 169 13.71 5.43 9.42
CA LYS D 169 14.47 6.65 9.13
C LYS D 169 14.58 6.84 7.60
N ASP D 170 14.59 5.72 6.88
CA ASP D 170 14.79 5.70 5.42
C ASP D 170 13.54 6.13 4.65
N LEU D 171 12.60 5.19 4.52
CA LEU D 171 11.29 5.39 3.89
C LEU D 171 10.59 6.65 4.42
N PHE D 172 10.81 6.94 5.70
CA PHE D 172 10.13 8.01 6.40
C PHE D 172 10.52 9.39 5.92
N THR D 173 11.83 9.60 5.72
CA THR D 173 12.33 10.88 5.18
C THR D 173 12.01 11.02 3.69
N GLU D 174 11.53 9.93 3.09
CA GLU D 174 11.00 9.95 1.72
C GLU D 174 9.45 9.97 1.72
N LEU D 175 8.85 9.59 2.84
CA LEU D 175 7.40 9.77 3.04
C LEU D 175 7.08 11.14 3.60
N GLN D 176 8.13 11.86 4.01
CA GLN D 176 8.02 13.29 4.37
C GLN D 176 8.14 14.17 3.12
N LYS D 177 8.30 13.53 1.96
CA LYS D 177 8.23 14.19 0.65
C LYS D 177 6.78 14.53 0.35
N LYS D 178 5.93 13.51 0.41
CA LYS D 178 4.53 13.57 -0.01
C LYS D 178 3.68 14.66 0.65
N ILE D 179 3.96 14.98 1.91
CA ILE D 179 3.22 16.03 2.63
C ILE D 179 3.48 17.40 2.02
N TYR D 180 4.63 17.54 1.34
CA TYR D 180 5.17 18.83 0.90
C TYR D 180 5.22 19.80 2.08
N MET E 1 -43.54 46.61 8.66
CA MET E 1 -42.28 47.14 8.08
C MET E 1 -41.15 47.37 9.06
N VAL E 2 -40.01 46.67 8.86
CA VAL E 2 -38.80 46.95 9.65
C VAL E 2 -37.61 47.40 8.84
N SER E 3 -36.61 47.80 9.60
CA SER E 3 -35.40 48.42 9.10
C SER E 3 -34.36 48.08 10.16
N VAL E 4 -33.16 47.69 9.74
CA VAL E 4 -32.07 47.42 10.69
C VAL E 4 -30.84 48.22 10.30
N SER E 5 -30.13 48.69 11.32
CA SER E 5 -28.87 49.41 11.10
C SER E 5 -27.89 49.29 12.25
N PRO E 6 -26.60 49.19 11.92
CA PRO E 6 -26.07 49.19 10.55
C PRO E 6 -26.55 47.98 9.75
N SER E 7 -26.61 48.10 8.42
CA SER E 7 -27.01 46.97 7.58
C SER E 7 -25.91 45.92 7.51
N LYS E 8 -24.67 46.39 7.53
CA LYS E 8 -23.52 45.50 7.54
C LYS E 8 -22.35 46.09 8.33
N VAL E 9 -21.80 45.34 9.29
CA VAL E 9 -20.58 45.78 9.96
C VAL E 9 -19.41 44.82 9.80
N THR E 10 -18.21 45.39 9.81
CA THR E 10 -17.01 44.62 10.02
C THR E 10 -16.49 44.92 11.42
N LEU E 11 -16.12 43.88 12.16
CA LEU E 11 -15.50 44.09 13.44
C LEU E 11 -14.60 42.96 13.86
N PRO E 12 -13.59 43.27 14.68
CA PRO E 12 -12.55 42.31 15.07
C PRO E 12 -13.09 41.20 15.98
N ARG E 13 -12.61 39.98 15.75
CA ARG E 13 -13.08 38.79 16.46
C ARG E 13 -13.17 39.10 17.93
N GLY E 14 -14.33 38.84 18.51
CA GLY E 14 -14.54 39.11 19.92
C GLY E 14 -15.05 40.51 20.23
N GLY E 15 -15.34 41.29 19.20
CA GLY E 15 -15.84 42.66 19.35
C GLY E 15 -17.30 42.72 19.75
N SER E 16 -17.92 43.87 19.53
CA SER E 16 -19.34 44.02 19.83
C SER E 16 -19.98 45.11 18.99
N VAL E 17 -21.25 44.91 18.64
CA VAL E 17 -21.98 45.92 17.90
C VAL E 17 -23.36 46.08 18.46
N LEU E 18 -23.82 47.31 18.44
CA LEU E 18 -25.22 47.51 18.66
C LEU E 18 -25.94 47.61 17.30
N VAL E 19 -27.10 46.98 17.22
CA VAL E 19 -27.96 47.12 16.08
C VAL E 19 -29.29 47.68 16.56
N THR E 20 -29.99 48.33 15.64
CA THR E 20 -31.26 48.97 15.95
C THR E 20 -32.32 48.39 15.05
N CYS E 21 -33.28 47.71 15.65
CA CYS E 21 -34.43 47.27 14.88
C CYS E 21 -35.44 48.37 14.98
N SER E 22 -35.88 48.92 13.85
CA SER E 22 -36.87 50.01 13.86
C SER E 22 -38.07 49.55 13.08
N ALA E 23 -39.27 49.82 13.58
CA ALA E 23 -40.50 49.45 12.90
C ALA E 23 -41.20 50.68 12.43
N SER E 24 -42.00 50.54 11.37
CA SER E 24 -42.72 51.66 10.79
C SER E 24 -44.02 51.94 11.52
N CYS E 25 -44.78 50.89 11.79
CA CYS E 25 -45.98 50.97 12.61
C CYS E 25 -45.54 51.48 13.99
N ASP E 26 -46.20 52.52 14.50
CA ASP E 26 -45.61 53.25 15.66
C ASP E 26 -45.93 52.67 17.04
N GLN E 27 -46.66 51.56 17.03
CA GLN E 27 -46.88 50.75 18.18
C GLN E 27 -46.99 49.30 17.69
N PRO E 28 -45.84 48.66 17.49
CA PRO E 28 -45.83 47.37 16.85
C PRO E 28 -46.32 46.30 17.81
N LYS E 29 -47.16 45.40 17.31
CA LYS E 29 -47.77 44.35 18.13
C LYS E 29 -46.64 43.52 18.78
N LEU E 30 -45.46 43.56 18.16
CA LEU E 30 -44.35 42.74 18.56
C LEU E 30 -43.18 43.13 17.70
N LEU E 31 -42.03 43.37 18.34
CA LEU E 31 -40.81 43.79 17.65
C LEU E 31 -39.55 43.33 18.37
N GLY E 32 -38.74 42.54 17.66
CA GLY E 32 -37.49 42.09 18.22
C GLY E 32 -36.45 41.65 17.21
N ILE E 33 -35.49 40.89 17.70
CA ILE E 33 -34.45 40.36 16.82
C ILE E 33 -34.37 38.86 16.93
N GLU E 34 -33.95 38.22 15.84
CA GLU E 34 -33.78 36.79 15.79
C GLU E 34 -32.34 36.52 15.42
N THR E 35 -31.60 35.95 16.36
CA THR E 35 -30.20 35.61 16.14
C THR E 35 -29.77 34.51 17.09
N PRO E 36 -28.70 33.77 16.73
CA PRO E 36 -28.15 32.78 17.63
C PRO E 36 -26.99 33.36 18.45
N LEU E 37 -26.68 34.64 18.24
CA LEU E 37 -25.65 35.34 19.02
C LEU E 37 -26.21 35.68 20.39
N VAL E 38 -25.34 36.00 21.34
CA VAL E 38 -25.78 36.49 22.66
C VAL E 38 -26.15 37.96 22.58
N LYS E 39 -27.33 38.29 23.09
CA LYS E 39 -27.89 39.63 22.92
C LYS E 39 -28.38 40.23 24.22
N LYS E 40 -28.34 41.56 24.30
CA LYS E 40 -28.90 42.31 25.43
C LYS E 40 -29.50 43.62 24.90
N GLU E 41 -30.80 43.85 25.17
CA GLU E 41 -31.44 45.08 24.69
C GLU E 41 -31.28 46.19 25.71
N LEU E 42 -31.69 47.42 25.36
CA LEU E 42 -31.34 48.59 26.15
C LEU E 42 -32.48 49.43 26.79
N LEU E 43 -32.22 50.72 26.99
CA LEU E 43 -33.23 51.66 27.47
C LEU E 43 -34.18 51.94 26.30
N LEU E 44 -35.47 51.76 26.58
CA LEU E 44 -36.50 51.74 25.52
C LEU E 44 -37.13 53.07 25.15
N PRO E 45 -37.04 54.10 26.03
CA PRO E 45 -38.10 55.11 26.00
C PRO E 45 -38.77 55.21 24.62
N GLY E 46 -39.86 54.45 24.44
CA GLY E 46 -40.56 54.37 23.15
C GLY E 46 -40.44 52.99 22.53
N ASN E 47 -41.46 52.59 21.77
CA ASN E 47 -41.51 51.23 21.23
C ASN E 47 -41.40 51.10 19.71
N ASN E 48 -40.98 52.16 19.05
CA ASN E 48 -40.73 52.12 17.63
C ASN E 48 -39.48 51.33 17.30
N ARG E 49 -38.55 51.36 18.24
CA ARG E 49 -37.25 50.72 18.07
C ARG E 49 -36.69 50.13 19.37
N LYS E 50 -36.10 48.96 19.23
CA LYS E 50 -35.25 48.37 20.26
C LYS E 50 -33.83 48.40 19.72
N VAL E 51 -32.86 48.43 20.63
CA VAL E 51 -31.42 48.47 20.32
C VAL E 51 -30.78 47.32 21.02
N TYR E 52 -30.30 46.35 20.26
CA TYR E 52 -29.69 45.18 20.88
C TYR E 52 -28.17 45.21 20.77
N GLU E 53 -27.50 44.91 21.87
CA GLU E 53 -26.05 44.84 21.86
C GLU E 53 -25.62 43.40 21.71
N LEU E 54 -24.92 43.12 20.62
CA LEU E 54 -24.36 41.79 20.36
C LEU E 54 -22.91 41.79 20.73
N SER E 55 -22.61 41.15 21.84
CA SER E 55 -21.30 41.25 22.43
C SER E 55 -20.48 40.04 22.09
N ASN E 56 -19.16 40.20 22.23
CA ASN E 56 -18.19 39.15 21.95
C ASN E 56 -18.57 38.22 20.80
N VAL E 57 -18.78 38.79 19.62
CA VAL E 57 -19.11 38.01 18.43
C VAL E 57 -17.86 37.34 17.88
N GLN E 58 -17.95 36.03 17.68
CA GLN E 58 -16.73 35.21 17.48
C GLN E 58 -16.46 34.81 16.05
N GLU E 59 -17.51 34.53 15.30
CA GLU E 59 -17.37 34.14 13.91
C GLU E 59 -18.35 34.96 13.08
N ASP E 60 -18.16 35.00 11.77
CA ASP E 60 -19.06 35.70 10.87
C ASP E 60 -20.49 35.35 11.19
N SER E 61 -21.34 36.37 11.32
CA SER E 61 -22.70 36.15 11.77
C SER E 61 -23.78 36.99 11.13
N GLN E 62 -25.01 36.54 11.29
CA GLN E 62 -26.17 37.29 10.83
C GLN E 62 -27.11 37.58 11.97
N VAL E 63 -27.96 38.57 11.75
CA VAL E 63 -28.93 38.95 12.73
C VAL E 63 -30.13 39.42 11.92
N MET E 64 -31.30 39.20 12.48
CA MET E 64 -32.53 39.47 11.74
C MET E 64 -33.60 40.24 12.56
N CYS E 65 -33.90 41.47 12.18
CA CYS E 65 -34.93 42.21 12.86
C CYS E 65 -36.30 41.77 12.35
N TYR E 66 -37.27 41.71 13.26
CA TYR E 66 -38.66 41.54 12.86
C TYR E 66 -39.60 42.54 13.53
N ALA E 67 -40.68 42.88 12.84
CA ALA E 67 -41.73 43.63 13.46
C ALA E 67 -43.06 43.22 12.91
N ASN E 68 -43.93 42.82 13.82
CA ASN E 68 -45.28 42.47 13.50
C ASN E 68 -46.10 43.73 13.60
N CYS E 69 -46.58 44.19 12.46
CA CYS E 69 -47.33 45.42 12.39
C CYS E 69 -48.76 45.16 11.99
N PRO E 70 -49.59 46.20 12.04
CA PRO E 70 -50.89 46.17 11.38
C PRO E 70 -50.78 45.60 9.96
N ASP E 71 -49.83 46.13 9.18
CA ASP E 71 -49.68 45.74 7.76
C ASP E 71 -49.18 44.29 7.52
N GLY E 72 -48.53 43.69 8.51
CA GLY E 72 -47.96 42.36 8.37
C GLY E 72 -46.71 42.19 9.21
N GLN E 73 -46.01 41.07 9.02
CA GLN E 73 -44.73 40.84 9.71
C GLN E 73 -43.56 41.17 8.80
N SER E 74 -42.61 41.98 9.25
CA SER E 74 -41.52 42.28 8.35
C SER E 74 -40.16 41.83 8.88
N THR E 75 -39.26 41.47 7.97
CA THR E 75 -37.92 41.03 8.35
C THR E 75 -36.84 41.97 7.82
N ALA E 76 -35.72 42.06 8.53
CA ALA E 76 -34.54 42.75 7.98
C ALA E 76 -33.21 42.23 8.57
N LYS E 77 -32.33 41.71 7.70
CA LYS E 77 -31.03 41.09 8.13
C LYS E 77 -29.89 42.10 8.19
N ALA E 78 -28.97 41.91 9.12
CA ALA E 78 -27.72 42.68 9.15
C ALA E 78 -26.55 41.73 9.18
N PHE E 79 -25.53 41.98 8.38
CA PHE E 79 -24.42 41.02 8.33
C PHE E 79 -23.23 41.47 9.19
N LEU E 80 -22.84 40.64 10.15
CA LEU E 80 -21.68 40.91 10.98
C LEU E 80 -20.48 40.17 10.42
N THR E 81 -19.45 40.91 10.03
CA THR E 81 -18.26 40.31 9.48
C THR E 81 -17.18 40.46 10.51
N VAL E 82 -16.50 39.36 10.79
CA VAL E 82 -15.49 39.30 11.81
C VAL E 82 -14.17 38.94 11.18
N TYR E 83 -13.11 39.59 11.63
CA TYR E 83 -11.75 39.20 11.24
C TYR E 83 -10.85 38.87 12.44
N TRP E 84 -9.87 38.01 12.19
CA TRP E 84 -9.02 37.48 13.24
C TRP E 84 -7.84 38.40 13.62
N THR E 85 -7.30 38.19 14.80
CA THR E 85 -6.19 39.00 15.29
C THR E 85 -5.02 38.12 15.69
N MET F 1 -55.15 1.58 23.53
CA MET F 1 -55.51 2.95 23.09
C MET F 1 -54.45 3.53 22.15
N ASN F 2 -54.89 3.91 20.94
CA ASN F 2 -54.00 4.49 19.95
C ASN F 2 -53.67 5.92 20.33
N VAL F 3 -52.47 6.35 19.92
CA VAL F 3 -52.01 7.71 20.18
C VAL F 3 -51.45 8.32 18.90
N ASP F 4 -51.95 9.49 18.55
CA ASP F 4 -51.41 10.30 17.46
C ASP F 4 -50.50 11.38 18.04
N LEU F 5 -49.20 11.24 17.85
CA LEU F 5 -48.24 12.18 18.42
C LEU F 5 -47.55 12.94 17.31
N VAL F 6 -47.53 14.26 17.47
CA VAL F 6 -46.90 15.16 16.50
C VAL F 6 -45.75 15.94 17.11
N PHE F 7 -44.60 15.85 16.46
CA PHE F 7 -43.45 16.67 16.82
C PHE F 7 -43.57 18.02 16.12
N LEU F 8 -43.70 19.07 16.90
CA LEU F 8 -43.59 20.43 16.39
C LEU F 8 -42.23 20.94 16.81
N PHE F 9 -41.31 21.08 15.85
CA PHE F 9 -39.92 21.43 16.16
C PHE F 9 -39.41 22.76 15.59
N ASP F 10 -38.67 23.50 16.44
CA ASP F 10 -38.26 24.88 16.19
C ASP F 10 -37.06 24.93 15.26
N GLY F 11 -37.31 25.36 14.03
CA GLY F 11 -36.24 25.52 13.07
C GLY F 11 -35.98 26.98 12.79
N SER F 12 -36.19 27.80 13.81
CA SER F 12 -35.95 29.22 13.70
C SER F 12 -34.47 29.47 13.78
N MET F 13 -34.06 30.68 13.40
CA MET F 13 -32.66 31.04 13.38
C MET F 13 -32.01 31.05 14.77
N SER F 14 -32.82 31.33 15.79
CA SER F 14 -32.36 31.53 17.16
C SER F 14 -31.72 30.30 17.75
N LEU F 15 -31.92 29.17 17.09
CA LEU F 15 -31.27 27.92 17.48
C LEU F 15 -30.06 27.67 16.62
N GLN F 16 -28.97 27.28 17.27
CA GLN F 16 -27.73 27.00 16.57
C GLN F 16 -27.97 25.76 15.69
N PRO F 17 -27.17 25.60 14.63
CA PRO F 17 -27.41 24.46 13.75
C PRO F 17 -27.09 23.12 14.43
N ASP F 18 -26.09 23.10 15.32
CA ASP F 18 -25.85 21.91 16.10
C ASP F 18 -26.96 21.61 17.08
N GLU F 19 -27.58 22.65 17.61
CA GLU F 19 -28.76 22.48 18.46
C GLU F 19 -29.93 21.88 17.67
N PHE F 20 -30.07 22.32 16.42
CA PHE F 20 -31.12 21.82 15.54
C PHE F 20 -30.92 20.32 15.34
N GLN F 21 -29.69 19.95 15.01
CA GLN F 21 -29.35 18.55 14.82
C GLN F 21 -29.75 17.72 16.03
N LYS F 22 -29.50 18.28 17.22
CA LYS F 22 -29.87 17.63 18.47
C LYS F 22 -31.38 17.37 18.54
N ILE F 23 -32.17 18.26 17.94
CA ILE F 23 -33.63 18.10 17.93
C ILE F 23 -34.08 17.00 16.95
N LEU F 24 -33.42 16.89 15.82
CA LEU F 24 -33.69 15.79 14.91
C LEU F 24 -33.32 14.46 15.58
N ASP F 25 -32.09 14.39 16.07
CA ASP F 25 -31.60 13.21 16.75
C ASP F 25 -32.46 12.82 17.94
N PHE F 26 -33.19 13.79 18.49
CA PHE F 26 -34.11 13.53 19.60
C PHE F 26 -35.36 12.84 19.10
N MET F 27 -35.94 13.37 18.03
CA MET F 27 -37.17 12.84 17.47
C MET F 27 -36.97 11.42 16.98
N LYS F 28 -35.83 11.17 16.34
CA LYS F 28 -35.47 9.83 15.88
C LYS F 28 -35.30 8.82 17.04
N ASP F 29 -34.79 9.31 18.18
CA ASP F 29 -34.62 8.50 19.38
C ASP F 29 -35.96 8.12 20.01
N VAL F 30 -36.93 9.02 19.94
CA VAL F 30 -38.28 8.78 20.47
C VAL F 30 -39.02 7.76 19.59
N MET F 31 -38.98 7.97 18.28
CA MET F 31 -39.67 7.09 17.33
C MET F 31 -39.07 5.68 17.29
N LYS F 32 -37.75 5.60 17.36
CA LYS F 32 -37.07 4.30 17.40
C LYS F 32 -37.56 3.53 18.61
N LYS F 33 -37.55 4.21 19.75
CA LYS F 33 -37.95 3.63 21.04
C LYS F 33 -39.48 3.72 21.24
N LEU F 34 -40.24 3.63 20.16
CA LEU F 34 -41.69 3.48 20.22
C LEU F 34 -42.25 2.82 18.98
N SER F 35 -41.43 2.00 18.32
CA SER F 35 -41.83 1.21 17.16
C SER F 35 -42.81 0.05 17.51
N ASN F 36 -43.89 0.43 18.19
CA ASN F 36 -45.10 -0.38 18.32
C ASN F 36 -46.23 0.39 17.60
N THR F 37 -47.30 -0.33 17.25
CA THR F 37 -48.43 0.25 16.48
C THR F 37 -49.10 1.43 17.20
N SER F 38 -49.34 1.25 18.50
CA SER F 38 -50.08 2.21 19.34
C SER F 38 -49.78 3.65 18.95
N TYR F 39 -48.49 4.00 18.97
CA TYR F 39 -48.08 5.33 18.55
C TYR F 39 -47.96 5.42 17.03
N GLN F 40 -48.64 6.43 16.47
CA GLN F 40 -48.51 6.80 15.06
C GLN F 40 -47.97 8.22 15.06
N PHE F 41 -46.95 8.50 14.25
CA PHE F 41 -46.23 9.80 14.31
C PHE F 41 -46.44 10.73 13.12
N ALA F 42 -46.09 12.01 13.33
CA ALA F 42 -46.03 13.03 12.28
C ALA F 42 -45.20 14.21 12.80
N ALA F 43 -44.37 14.78 11.94
CA ALA F 43 -43.52 15.89 12.37
C ALA F 43 -43.69 17.10 11.47
N VAL F 44 -43.78 18.27 12.11
CA VAL F 44 -43.84 19.56 11.39
C VAL F 44 -42.81 20.57 11.93
N GLN F 45 -41.99 21.07 11.02
CA GLN F 45 -41.05 22.11 11.37
C GLN F 45 -41.73 23.46 11.23
N PHE F 46 -41.51 24.32 12.22
CA PHE F 46 -42.02 25.68 12.16
C PHE F 46 -40.87 26.66 12.30
N SER F 47 -40.99 27.77 11.58
CA SER F 47 -40.10 28.90 11.75
C SER F 47 -40.90 30.15 11.47
N THR F 48 -40.72 30.77 10.31
CA THR F 48 -41.59 31.87 9.95
C THR F 48 -42.88 31.22 9.56
N SER F 49 -42.81 30.23 8.70
CA SER F 49 -43.99 29.46 8.36
C SER F 49 -43.85 28.00 8.82
N TYR F 50 -44.70 27.12 8.28
CA TYR F 50 -44.79 25.76 8.76
C TYR F 50 -44.74 24.81 7.59
N LYS F 51 -44.06 23.70 7.77
CA LYS F 51 -44.17 22.60 6.82
C LYS F 51 -44.18 21.26 7.55
N THR F 52 -45.14 20.41 7.20
CA THR F 52 -45.14 19.07 7.76
C THR F 52 -44.11 18.24 7.01
N GLU F 53 -43.14 17.72 7.75
CA GLU F 53 -42.04 16.96 7.17
C GLU F 53 -42.46 15.53 6.85
N PHE F 54 -43.45 15.01 7.60
CA PHE F 54 -44.14 13.76 7.23
C PHE F 54 -45.52 13.60 7.90
N ASP F 55 -46.44 12.99 7.17
CA ASP F 55 -47.79 12.69 7.63
C ASP F 55 -47.80 11.52 8.58
N PHE F 56 -48.95 11.27 9.19
CA PHE F 56 -49.22 9.98 9.80
C PHE F 56 -49.24 8.94 8.69
N SER F 57 -49.93 9.24 7.59
CA SER F 57 -49.95 8.40 6.38
C SER F 57 -48.55 7.94 5.98
N ASP F 58 -47.57 8.82 6.16
CA ASP F 58 -46.18 8.58 5.76
C ASP F 58 -45.47 7.65 6.75
N TYR F 59 -45.68 7.88 8.04
CA TYR F 59 -45.12 7.02 9.07
C TYR F 59 -45.73 5.63 8.95
N VAL F 60 -47.05 5.58 8.78
CA VAL F 60 -47.77 4.33 8.57
C VAL F 60 -47.23 3.56 7.34
N LYS F 61 -46.79 4.30 6.33
CA LYS F 61 -46.24 3.69 5.11
C LYS F 61 -44.76 3.30 5.21
N TRP F 62 -43.87 4.29 5.10
CA TRP F 62 -42.40 4.10 5.10
C TRP F 62 -41.91 3.46 6.42
N LYS F 63 -42.39 3.98 7.56
CA LYS F 63 -42.05 3.49 8.93
C LYS F 63 -40.58 3.58 9.37
N ASP F 64 -39.71 4.12 8.52
CA ASP F 64 -38.30 4.30 8.84
C ASP F 64 -38.05 5.74 9.27
N PRO F 65 -37.91 5.97 10.60
CA PRO F 65 -37.80 7.34 11.13
C PRO F 65 -36.49 8.02 10.73
N ASP F 66 -35.45 7.24 10.44
CA ASP F 66 -34.19 7.79 9.96
C ASP F 66 -34.36 8.39 8.58
N ALA F 67 -34.95 7.60 7.67
CA ALA F 67 -35.18 8.05 6.30
C ALA F 67 -36.41 8.95 6.15
N LEU F 68 -37.24 9.03 7.19
CA LEU F 68 -38.40 9.92 7.16
C LEU F 68 -38.04 11.40 7.35
N LEU F 69 -37.09 11.66 8.23
CA LEU F 69 -36.63 13.00 8.53
C LEU F 69 -35.33 13.31 7.80
N LYS F 70 -34.92 12.44 6.89
CA LYS F 70 -33.59 12.57 6.31
C LYS F 70 -33.45 13.80 5.41
N HIS F 71 -34.57 14.38 4.98
CA HIS F 71 -34.53 15.49 4.03
C HIS F 71 -34.98 16.83 4.57
N VAL F 72 -34.88 17.01 5.88
CA VAL F 72 -35.20 18.28 6.53
C VAL F 72 -34.16 19.34 6.17
N LYS F 73 -34.61 20.56 5.89
CA LYS F 73 -33.70 21.71 5.81
C LYS F 73 -33.99 22.63 6.97
N HIS F 74 -32.94 23.05 7.67
CA HIS F 74 -33.10 24.04 8.73
C HIS F 74 -33.65 25.37 8.15
N MET F 75 -34.86 25.71 8.53
CA MET F 75 -35.54 26.85 7.96
C MET F 75 -34.84 28.17 8.23
N LEU F 76 -34.43 28.42 9.47
CA LEU F 76 -33.59 29.56 9.84
C LEU F 76 -34.19 30.95 9.59
N LEU F 77 -35.41 31.14 10.07
CA LEU F 77 -36.12 32.43 9.98
C LEU F 77 -36.84 32.63 11.31
N LEU F 78 -37.77 33.57 11.40
CA LEU F 78 -38.46 33.86 12.68
C LEU F 78 -39.08 32.64 13.41
N THR F 79 -39.53 32.86 14.64
CA THR F 79 -40.05 31.79 15.48
C THR F 79 -41.53 32.00 15.79
N ASN F 80 -42.41 31.60 14.87
CA ASN F 80 -43.85 31.93 14.94
C ASN F 80 -44.70 30.88 15.63
N THR F 81 -44.28 30.56 16.84
CA THR F 81 -44.80 29.40 17.54
C THR F 81 -46.34 29.36 17.64
N PHE F 82 -46.95 30.49 17.94
CA PHE F 82 -48.39 30.50 18.17
C PHE F 82 -49.18 29.97 16.98
N GLY F 83 -48.90 30.48 15.80
CA GLY F 83 -49.56 30.04 14.60
C GLY F 83 -49.14 28.63 14.24
N ALA F 84 -47.94 28.24 14.68
CA ALA F 84 -47.44 26.87 14.50
C ALA F 84 -48.35 25.85 15.16
N ILE F 85 -48.69 26.08 16.43
CA ILE F 85 -49.63 25.25 17.15
C ILE F 85 -50.94 25.18 16.37
N ASN F 86 -51.54 26.32 16.06
CA ASN F 86 -52.81 26.34 15.34
C ASN F 86 -52.77 25.56 14.05
N TYR F 87 -51.63 25.62 13.36
CA TYR F 87 -51.41 24.83 12.15
C TYR F 87 -51.52 23.33 12.43
N VAL F 88 -50.80 22.85 13.45
CA VAL F 88 -50.84 21.43 13.80
C VAL F 88 -52.29 21.03 14.04
N ALA F 89 -52.98 21.79 14.90
CA ALA F 89 -54.36 21.51 15.28
C ALA F 89 -55.27 21.34 14.06
N THR F 90 -55.25 22.32 13.16
CA THR F 90 -56.18 22.35 12.05
C THR F 90 -55.68 21.63 10.79
N GLU F 91 -54.37 21.45 10.66
CA GLU F 91 -53.82 20.96 9.40
C GLU F 91 -53.12 19.60 9.43
N VAL F 92 -52.76 19.13 10.63
CA VAL F 92 -52.03 17.88 10.76
C VAL F 92 -52.91 16.73 11.27
N PHE F 93 -53.64 16.97 12.36
CA PHE F 93 -54.61 16.00 12.89
C PHE F 93 -55.83 15.96 11.98
N ARG F 94 -55.78 15.09 10.97
CA ARG F 94 -56.85 15.01 9.98
C ARG F 94 -57.10 13.58 9.52
N GLU F 95 -58.38 13.28 9.27
CA GLU F 95 -58.79 12.00 8.69
C GLU F 95 -57.96 11.68 7.44
N GLU F 96 -57.87 12.66 6.54
CA GLU F 96 -57.22 12.50 5.24
C GLU F 96 -55.72 12.28 5.36
N LEU F 97 -55.10 12.87 6.37
CA LEU F 97 -53.65 12.81 6.54
C LEU F 97 -53.18 11.65 7.41
N GLY F 98 -54.08 10.72 7.70
CA GLY F 98 -53.75 9.46 8.37
C GLY F 98 -53.96 9.40 9.88
N ALA F 99 -54.56 10.44 10.46
CA ALA F 99 -54.84 10.47 11.88
C ALA F 99 -55.97 9.50 12.23
N ARG F 100 -55.77 8.73 13.29
CA ARG F 100 -56.83 7.89 13.82
C ARG F 100 -57.80 8.74 14.64
N PRO F 101 -59.10 8.67 14.33
CA PRO F 101 -60.12 9.50 14.98
C PRO F 101 -60.26 9.22 16.47
N ASP F 102 -60.24 7.95 16.83
CA ASP F 102 -60.38 7.50 18.22
C ASP F 102 -59.16 7.82 19.07
N ALA F 103 -58.01 8.02 18.41
CA ALA F 103 -56.74 8.20 19.09
C ALA F 103 -56.67 9.49 19.89
N THR F 104 -56.17 9.37 21.12
CA THR F 104 -55.96 10.52 22.00
C THR F 104 -54.70 11.27 21.56
N LYS F 105 -54.87 12.52 21.16
CA LYS F 105 -53.83 13.23 20.40
C LYS F 105 -52.83 14.01 21.25
N VAL F 106 -51.54 13.69 21.06
CA VAL F 106 -50.44 14.31 21.81
C VAL F 106 -49.56 15.18 20.91
N LEU F 107 -48.89 16.16 21.53
CA LEU F 107 -48.03 17.09 20.82
C LEU F 107 -46.76 17.36 21.61
N ILE F 108 -45.62 17.15 20.95
CA ILE F 108 -44.32 17.46 21.56
C ILE F 108 -43.73 18.68 20.88
N ILE F 109 -43.71 19.80 21.61
CA ILE F 109 -43.13 21.04 21.11
C ILE F 109 -41.70 21.21 21.62
N ILE F 110 -40.76 21.30 20.70
CA ILE F 110 -39.35 21.56 21.02
C ILE F 110 -38.97 22.95 20.51
N THR F 111 -38.75 23.88 21.44
CA THR F 111 -38.46 25.27 21.09
C THR F 111 -37.69 25.92 22.23
N ASP F 112 -37.27 27.17 22.04
CA ASP F 112 -36.74 28.00 23.14
C ASP F 112 -37.79 28.95 23.66
N GLY F 113 -38.95 28.93 23.02
CA GLY F 113 -40.06 29.81 23.39
C GLY F 113 -39.82 31.29 23.19
N GLU F 114 -38.71 31.64 22.55
CA GLU F 114 -38.48 33.00 22.10
C GLU F 114 -39.33 33.12 20.84
N ALA F 115 -40.63 33.28 21.06
CA ALA F 115 -41.61 33.27 19.99
C ALA F 115 -41.83 34.68 19.44
N THR F 116 -42.00 34.73 18.13
CA THR F 116 -42.06 35.98 17.38
C THR F 116 -43.47 36.33 16.90
N ASP F 117 -44.47 35.61 17.42
CA ASP F 117 -45.87 35.96 17.24
C ASP F 117 -46.73 35.82 18.51
N SER F 118 -48.00 36.17 18.40
CA SER F 118 -48.89 36.21 19.53
C SER F 118 -50.28 35.77 19.08
N GLY F 119 -51.08 35.29 20.03
CA GLY F 119 -52.42 34.80 19.71
C GLY F 119 -52.95 33.92 20.82
N ASN F 120 -53.71 32.88 20.44
CA ASN F 120 -54.20 31.90 21.39
C ASN F 120 -54.12 30.48 20.83
N ILE F 121 -54.07 29.50 21.72
CA ILE F 121 -54.01 28.11 21.28
C ILE F 121 -55.31 27.36 21.60
N ASP F 122 -56.42 28.09 21.68
CA ASP F 122 -57.72 27.50 21.98
C ASP F 122 -58.04 26.36 21.03
N ALA F 123 -57.57 26.49 19.78
CA ALA F 123 -57.82 25.48 18.74
C ALA F 123 -57.11 24.16 19.00
N ALA F 124 -56.22 24.13 20.01
CA ALA F 124 -55.48 22.92 20.34
C ALA F 124 -55.59 22.51 21.81
N LYS F 125 -56.69 22.93 22.46
CA LYS F 125 -56.93 22.61 23.87
C LYS F 125 -56.94 21.12 24.10
N ASP F 126 -57.78 20.40 23.35
CA ASP F 126 -57.93 18.97 23.54
C ASP F 126 -56.66 18.16 23.22
N ILE F 127 -55.72 18.77 22.49
CA ILE F 127 -54.41 18.15 22.27
C ILE F 127 -53.54 18.32 23.53
N ILE F 128 -53.22 17.22 24.17
CA ILE F 128 -52.32 17.22 25.32
C ILE F 128 -50.90 17.48 24.82
N ARG F 129 -50.31 18.59 25.28
CA ARG F 129 -49.02 19.01 24.74
C ARG F 129 -47.89 19.19 25.75
N TYR F 130 -46.94 18.25 25.70
CA TYR F 130 -45.66 18.37 26.40
C TYR F 130 -44.79 19.31 25.58
N ILE F 131 -44.22 20.32 26.21
CA ILE F 131 -43.27 21.18 25.51
C ILE F 131 -41.90 21.12 26.19
N ILE F 132 -40.84 20.98 25.40
CA ILE F 132 -39.50 20.84 25.97
C ILE F 132 -38.53 21.92 25.51
N GLY F 133 -37.84 22.54 26.47
CA GLY F 133 -37.11 23.79 26.25
C GLY F 133 -35.61 23.68 26.07
N ILE F 134 -35.18 23.88 24.82
CA ILE F 134 -33.76 23.91 24.46
C ILE F 134 -33.44 25.32 23.98
N GLY F 135 -32.21 25.79 24.21
CA GLY F 135 -31.74 27.01 23.57
C GLY F 135 -31.27 28.08 24.53
N LYS F 136 -30.19 28.77 24.17
CA LYS F 136 -29.62 29.80 25.03
C LYS F 136 -30.63 30.89 25.28
N HIS F 137 -31.64 30.96 24.42
CA HIS F 137 -32.62 32.02 24.50
C HIS F 137 -33.87 31.67 25.28
N SER F 138 -33.93 30.45 25.80
CA SER F 138 -35.04 30.07 26.63
C SER F 138 -34.82 30.47 28.09
N GLN F 139 -33.85 31.36 28.31
CA GLN F 139 -33.41 31.70 29.65
C GLN F 139 -33.97 33.03 30.17
N THR F 140 -35.11 33.45 29.65
CA THR F 140 -35.65 34.76 30.03
C THR F 140 -37.07 34.69 30.56
N LYS F 141 -37.42 35.68 31.39
CA LYS F 141 -38.76 35.82 31.92
C LYS F 141 -39.80 35.53 30.83
N GLU F 142 -39.65 36.19 29.68
CA GLU F 142 -40.62 36.11 28.60
C GLU F 142 -40.69 34.67 28.11
N SER F 143 -39.55 34.19 27.64
CA SER F 143 -39.44 32.86 27.06
C SER F 143 -40.04 31.79 27.97
N GLN F 144 -39.67 31.81 29.24
CA GLN F 144 -40.19 30.86 30.20
C GLN F 144 -41.71 30.92 30.27
N GLU F 145 -42.26 32.12 30.45
CA GLU F 145 -43.71 32.30 30.47
C GLU F 145 -44.36 31.80 29.18
N THR F 146 -43.73 32.10 28.06
CA THR F 146 -44.21 31.66 26.75
C THR F 146 -44.26 30.16 26.69
N LEU F 147 -43.23 29.52 27.23
CA LEU F 147 -43.16 28.06 27.28
C LEU F 147 -44.33 27.48 28.07
N HIS F 148 -44.59 28.06 29.24
CA HIS F 148 -45.68 27.60 30.09
C HIS F 148 -47.06 27.85 29.48
N LYS F 149 -47.14 28.86 28.62
CA LYS F 149 -48.38 29.16 27.91
C LYS F 149 -48.78 28.06 26.95
N PHE F 150 -47.79 27.44 26.31
CA PHE F 150 -48.04 26.36 25.36
C PHE F 150 -48.37 25.03 26.04
N ALA F 151 -47.92 24.86 27.27
CA ALA F 151 -48.05 23.59 27.98
C ALA F 151 -49.48 23.26 28.40
N SER F 152 -49.75 21.96 28.55
CA SER F 152 -50.93 21.48 29.25
C SER F 152 -50.80 21.85 30.74
N LYS F 153 -51.91 21.82 31.47
CA LYS F 153 -51.92 22.23 32.89
C LYS F 153 -52.03 21.00 33.79
N PRO F 154 -51.47 21.07 35.03
CA PRO F 154 -50.66 22.15 35.59
C PRO F 154 -49.29 22.20 34.94
N ALA F 155 -48.86 23.41 34.58
CA ALA F 155 -47.70 23.64 33.70
C ALA F 155 -46.44 22.85 34.03
N SER F 156 -46.00 22.90 35.28
CA SER F 156 -44.77 22.23 35.69
C SER F 156 -44.95 20.73 35.83
N GLU F 157 -45.37 20.10 34.73
CA GLU F 157 -45.51 18.66 34.62
C GLU F 157 -45.39 18.30 33.15
N PHE F 158 -45.44 19.33 32.31
CA PHE F 158 -45.43 19.19 30.85
C PHE F 158 -44.35 20.05 30.20
N VAL F 159 -43.47 20.61 31.05
CA VAL F 159 -42.34 21.44 30.60
C VAL F 159 -41.04 20.90 31.20
N LYS F 160 -40.08 20.57 30.35
CA LYS F 160 -38.72 20.26 30.83
C LYS F 160 -37.63 20.80 29.88
N ILE F 161 -36.41 20.95 30.40
CA ILE F 161 -35.23 21.29 29.59
C ILE F 161 -34.54 20.02 29.06
N LEU F 162 -34.20 20.03 27.77
CA LEU F 162 -33.81 18.84 26.96
C LEU F 162 -32.68 17.94 27.53
N ASP F 163 -31.75 18.56 28.25
CA ASP F 163 -30.53 17.91 28.76
C ASP F 163 -29.69 17.28 27.65
N THR F 164 -28.95 16.24 27.99
CA THR F 164 -28.36 15.37 26.98
C THR F 164 -29.29 14.14 26.81
N PHE F 165 -30.60 14.43 26.77
CA PHE F 165 -31.70 13.42 26.78
C PHE F 165 -31.71 12.50 28.03
N GLU F 166 -32.12 13.05 29.18
CA GLU F 166 -32.30 12.25 30.42
C GLU F 166 -33.74 11.75 30.53
N LYS F 167 -34.64 12.50 29.88
CA LYS F 167 -36.07 12.20 29.78
C LYS F 167 -36.39 10.85 29.14
N LEU F 168 -35.41 10.31 28.38
CA LEU F 168 -35.56 9.02 27.72
C LEU F 168 -35.69 7.84 28.71
N LYS F 169 -35.71 8.18 30.01
CA LYS F 169 -36.22 7.29 31.05
C LYS F 169 -37.40 7.96 31.78
N ASP F 170 -37.39 9.29 31.83
CA ASP F 170 -38.39 10.07 32.56
C ASP F 170 -39.71 10.18 31.82
N LEU F 171 -39.74 11.05 30.82
CA LEU F 171 -40.89 11.26 29.93
C LEU F 171 -41.43 9.94 29.35
N PHE F 172 -40.51 9.00 29.11
CA PHE F 172 -40.82 7.72 28.46
C PHE F 172 -41.71 6.81 29.30
N THR F 173 -41.41 6.70 30.58
CA THR F 173 -42.24 5.90 31.51
C THR F 173 -43.57 6.62 31.80
N GLU F 174 -43.67 7.88 31.36
CA GLU F 174 -44.93 8.63 31.42
C GLU F 174 -45.61 8.69 30.05
N LEU F 175 -44.85 8.41 28.99
CA LEU F 175 -45.40 8.19 27.65
C LEU F 175 -45.82 6.73 27.44
N GLN F 176 -45.41 5.86 28.37
CA GLN F 176 -45.90 4.48 28.43
C GLN F 176 -47.23 4.40 29.18
N LYS F 177 -47.69 5.54 29.69
CA LYS F 177 -49.04 5.70 30.23
C LYS F 177 -50.07 5.63 29.09
N LYS F 178 -49.88 6.50 28.09
CA LYS F 178 -50.83 6.72 26.98
C LYS F 178 -51.24 5.48 26.19
N ILE F 179 -50.33 4.52 26.03
CA ILE F 179 -50.64 3.29 25.30
C ILE F 179 -51.69 2.46 26.06
N TYR F 180 -51.76 2.66 27.38
CA TYR F 180 -52.51 1.80 28.29
C TYR F 180 -52.09 0.33 28.11
N MET G 1 -24.52 44.29 -0.42
CA MET G 1 -25.60 45.05 0.28
C MET G 1 -26.59 45.69 -0.65
N VAL G 2 -27.88 45.39 -0.49
CA VAL G 2 -28.97 46.10 -1.23
C VAL G 2 -29.98 46.83 -0.37
N SER G 3 -30.79 47.61 -1.05
CA SER G 3 -31.78 48.43 -0.44
C SER G 3 -32.87 48.59 -1.48
N VAL G 4 -34.13 48.49 -1.09
CA VAL G 4 -35.22 48.65 -2.05
C VAL G 4 -36.17 49.73 -1.61
N SER G 5 -36.64 50.55 -2.53
CA SER G 5 -37.66 51.54 -2.18
C SER G 5 -38.62 51.81 -3.32
N PRO G 6 -39.90 52.01 -2.98
CA PRO G 6 -40.41 52.06 -1.63
C PRO G 6 -40.37 50.66 -1.07
N SER G 7 -40.24 50.59 0.26
CA SER G 7 -40.25 49.33 0.97
C SER G 7 -41.62 48.68 0.91
N LYS G 8 -42.66 49.50 1.04
CA LYS G 8 -44.02 49.01 0.94
C LYS G 8 -44.94 50.01 0.22
N VAL G 9 -45.68 49.57 -0.80
CA VAL G 9 -46.70 50.42 -1.40
C VAL G 9 -48.10 49.84 -1.30
N THR G 10 -49.08 50.72 -1.23
CA THR G 10 -50.46 50.35 -1.50
C THR G 10 -50.85 50.91 -2.86
N LEU G 11 -51.57 50.15 -3.66
CA LEU G 11 -51.99 50.66 -4.94
C LEU G 11 -53.20 49.91 -5.47
N PRO G 12 -54.03 50.60 -6.29
CA PRO G 12 -55.27 50.05 -6.76
C PRO G 12 -55.06 48.91 -7.77
N ARG G 13 -55.85 47.85 -7.68
CA ARG G 13 -55.76 46.71 -8.57
C ARG G 13 -55.56 47.13 -10.01
N GLY G 14 -54.52 46.63 -10.64
CA GLY G 14 -54.24 46.96 -12.03
C GLY G 14 -53.31 48.13 -12.22
N GLY G 15 -52.76 48.62 -11.10
CA GLY G 15 -51.93 49.86 -11.04
C GLY G 15 -50.53 49.57 -11.41
N SER G 16 -49.62 50.46 -11.07
CA SER G 16 -48.21 50.25 -11.39
C SER G 16 -47.27 50.94 -10.42
N VAL G 17 -46.12 50.34 -10.16
CA VAL G 17 -45.15 50.99 -9.28
C VAL G 17 -43.77 50.83 -9.80
N LEU G 18 -42.97 51.89 -9.65
CA LEU G 18 -41.57 51.70 -9.92
C LEU G 18 -40.91 51.44 -8.59
N VAL G 19 -39.99 50.49 -8.59
CA VAL G 19 -39.12 50.20 -7.46
C VAL G 19 -37.67 50.38 -7.86
N THR G 20 -36.86 50.72 -6.88
CA THR G 20 -35.46 51.00 -7.12
C THR G 20 -34.59 50.05 -6.29
N CYS G 21 -33.89 49.14 -6.96
CA CYS G 21 -32.91 48.33 -6.29
C CYS G 21 -31.65 49.12 -6.31
N SER G 22 -31.09 49.40 -5.14
CA SER G 22 -29.79 50.11 -5.04
C SER G 22 -28.78 49.24 -4.30
N ALA G 23 -27.56 49.16 -4.83
CA ALA G 23 -26.52 48.37 -4.19
C ALA G 23 -25.49 49.28 -3.58
N SER G 24 -24.74 48.74 -2.61
CA SER G 24 -23.75 49.53 -1.88
C SER G 24 -22.40 49.50 -2.58
N CYS G 25 -22.02 48.31 -3.03
CA CYS G 25 -20.81 48.14 -3.83
C CYS G 25 -21.06 48.89 -5.11
N ASP G 26 -20.13 49.75 -5.51
CA ASP G 26 -20.47 50.75 -6.56
C ASP G 26 -20.30 50.26 -8.00
N GLN G 27 -19.85 49.01 -8.14
CA GLN G 27 -19.89 48.31 -9.41
C GLN G 27 -20.23 46.87 -9.13
N PRO G 28 -21.52 46.56 -8.98
CA PRO G 28 -21.95 45.27 -8.49
C PRO G 28 -21.80 44.22 -9.55
N LYS G 29 -21.27 43.07 -9.16
CA LYS G 29 -21.02 41.97 -10.08
C LYS G 29 -22.32 41.58 -10.80
N LEU G 30 -23.44 41.90 -10.17
CA LEU G 30 -24.72 41.51 -10.69
C LEU G 30 -25.75 42.15 -9.79
N LEU G 31 -26.77 42.78 -10.38
CA LEU G 31 -27.81 43.49 -9.61
C LEU G 31 -29.15 43.50 -10.34
N GLY G 32 -30.18 42.98 -9.71
CA GLY G 32 -31.49 42.94 -10.35
C GLY G 32 -32.61 42.69 -9.36
N ILE G 33 -33.76 42.32 -9.91
CA ILE G 33 -34.93 42.03 -9.09
C ILE G 33 -35.50 40.63 -9.36
N GLU G 34 -36.12 40.04 -8.33
CA GLU G 34 -36.68 38.68 -8.41
C GLU G 34 -38.13 38.86 -8.07
N THR G 35 -38.97 38.63 -9.07
CA THR G 35 -40.39 38.66 -8.86
C THR G 35 -41.08 37.85 -9.92
N PRO G 36 -42.34 37.47 -9.66
CA PRO G 36 -43.12 36.79 -10.65
C PRO G 36 -44.05 37.77 -11.34
N LEU G 37 -43.98 39.04 -10.96
CA LEU G 37 -44.73 40.09 -11.64
C LEU G 37 -44.09 40.41 -12.99
N VAL G 38 -44.81 41.14 -13.86
CA VAL G 38 -44.22 41.58 -15.15
C VAL G 38 -43.41 42.83 -14.93
N LYS G 39 -42.18 42.85 -15.43
CA LYS G 39 -41.29 43.93 -15.10
C LYS G 39 -40.60 44.51 -16.33
N LYS G 40 -40.26 45.81 -16.27
CA LYS G 40 -39.48 46.47 -17.30
C LYS G 40 -38.51 47.49 -16.69
N GLU G 41 -37.20 47.35 -16.92
CA GLU G 41 -36.22 48.25 -16.27
C GLU G 41 -36.02 49.49 -17.10
N LEU G 42 -35.26 50.46 -16.60
CA LEU G 42 -35.26 51.78 -17.23
C LEU G 42 -33.90 52.32 -17.75
N LEU G 43 -33.80 53.65 -17.81
CA LEU G 43 -32.57 54.31 -18.21
C LEU G 43 -31.56 54.14 -17.05
N LEU G 44 -30.41 53.58 -17.38
CA LEU G 44 -29.46 53.14 -16.37
C LEU G 44 -28.49 54.20 -15.82
N PRO G 45 -28.22 55.33 -16.57
CA PRO G 45 -26.89 55.97 -16.47
C PRO G 45 -26.29 55.76 -15.07
N GLY G 46 -25.49 54.70 -14.93
CA GLY G 46 -24.94 54.27 -13.61
C GLY G 46 -25.42 52.89 -13.20
N ASN G 47 -24.52 52.10 -12.59
CA ASN G 47 -24.84 50.70 -12.24
C ASN G 47 -25.02 50.45 -10.77
N ASN G 48 -25.14 51.53 -9.99
CA ASN G 48 -25.41 51.40 -8.57
C ASN G 48 -26.82 50.98 -8.32
N ARG G 49 -27.72 51.42 -9.20
CA ARG G 49 -29.15 51.14 -9.09
C ARG G 49 -29.79 50.88 -10.46
N LYS G 50 -30.73 49.94 -10.48
CA LYS G 50 -31.70 49.80 -11.57
C LYS G 50 -33.06 50.17 -11.02
N VAL G 51 -33.97 50.53 -11.91
CA VAL G 51 -35.31 50.96 -11.53
C VAL G 51 -36.26 50.13 -12.34
N TYR G 52 -37.02 49.27 -11.69
CA TYR G 52 -37.94 48.43 -12.43
C TYR G 52 -39.35 48.92 -12.29
N GLU G 53 -40.09 48.93 -13.40
CA GLU G 53 -41.51 49.26 -13.40
C GLU G 53 -42.34 47.98 -13.41
N LEU G 54 -43.06 47.72 -12.33
CA LEU G 54 -43.99 46.62 -12.29
C LEU G 54 -45.34 47.13 -12.67
N SER G 55 -45.80 46.70 -13.83
CA SER G 55 -47.01 47.28 -14.35
C SER G 55 -48.17 46.34 -14.10
N ASN G 56 -49.39 46.88 -14.24
CA ASN G 56 -50.64 46.16 -14.07
C ASN G 56 -50.62 45.07 -13.00
N VAL G 57 -50.23 45.41 -11.77
CA VAL G 57 -50.19 44.44 -10.70
C VAL G 57 -51.60 44.13 -10.23
N GLN G 58 -51.94 42.85 -10.18
CA GLN G 58 -53.33 42.42 -10.07
C GLN G 58 -53.76 41.93 -8.68
N GLU G 59 -52.82 41.33 -7.96
CA GLU G 59 -53.09 40.81 -6.63
C GLU G 59 -51.94 41.25 -5.75
N ASP G 60 -52.15 41.18 -4.44
CA ASP G 60 -51.08 41.44 -3.48
C ASP G 60 -49.79 40.73 -3.87
N SER G 61 -48.70 41.49 -3.89
CA SER G 61 -47.45 40.93 -4.38
C SER G 61 -46.20 41.32 -3.64
N GLN G 62 -45.15 40.54 -3.85
CA GLN G 62 -43.83 40.83 -3.29
C GLN G 62 -42.82 40.97 -4.40
N VAL G 63 -41.75 41.67 -4.09
CA VAL G 63 -40.70 41.87 -5.05
C VAL G 63 -39.43 41.84 -4.23
N MET G 64 -38.32 41.32 -4.81
CA MET G 64 -37.07 41.12 -4.08
C MET G 64 -35.86 41.61 -4.84
N CYS G 65 -35.20 42.65 -4.34
CA CYS G 65 -33.97 43.14 -4.96
C CYS G 65 -32.81 42.25 -4.57
N TYR G 66 -31.87 42.04 -5.48
CA TYR G 66 -30.62 41.40 -5.07
C TYR G 66 -29.42 42.12 -5.65
N ALA G 67 -28.28 42.00 -4.97
CA ALA G 67 -27.03 42.52 -5.48
C ALA G 67 -25.88 41.69 -4.99
N ASN G 68 -25.21 41.13 -5.98
CA ASN G 68 -24.00 40.39 -5.75
C ASN G 68 -22.82 41.35 -5.71
N CYS G 69 -22.27 41.50 -4.52
CA CYS G 69 -21.19 42.43 -4.27
C CYS G 69 -19.89 41.71 -3.95
N PRO G 70 -18.79 42.46 -3.85
CA PRO G 70 -17.58 41.99 -3.22
C PRO G 70 -17.90 41.35 -1.87
N ASP G 71 -18.70 42.02 -1.05
CA ASP G 71 -18.97 41.54 0.29
C ASP G 71 -19.85 40.28 0.36
N GLY G 72 -20.61 39.99 -0.70
CA GLY G 72 -21.54 38.86 -0.69
C GLY G 72 -22.76 39.13 -1.55
N GLN G 73 -23.82 38.33 -1.39
CA GLN G 73 -25.10 38.58 -2.10
C GLN G 73 -26.12 39.14 -1.12
N SER G 74 -26.75 40.24 -1.45
CA SER G 74 -27.77 40.70 -0.52
C SER G 74 -29.22 40.78 -1.07
N THR G 75 -30.18 40.62 -0.17
CA THR G 75 -31.56 40.59 -0.57
C THR G 75 -32.32 41.74 0.09
N ALA G 76 -33.37 42.24 -0.56
CA ALA G 76 -34.30 43.17 0.08
C ALA G 76 -35.66 43.08 -0.58
N LYS G 77 -36.70 42.81 0.21
CA LYS G 77 -38.10 42.68 -0.25
C LYS G 77 -38.90 43.94 -0.18
N ALA G 78 -39.79 44.13 -1.14
CA ALA G 78 -40.76 45.23 -1.06
C ALA G 78 -42.17 44.65 -1.21
N PHE G 79 -43.12 45.10 -0.38
CA PHE G 79 -44.49 44.53 -0.42
C PHE G 79 -45.48 45.42 -1.17
N LEU G 80 -46.09 44.87 -2.20
CA LEU G 80 -47.09 45.58 -2.97
C LEU G 80 -48.46 45.14 -2.49
N THR G 81 -49.24 46.13 -2.06
CA THR G 81 -50.57 45.87 -1.53
C THR G 81 -51.58 46.43 -2.51
N VAL G 82 -52.54 45.61 -2.91
CA VAL G 82 -53.44 45.99 -3.94
C VAL G 82 -54.81 45.91 -3.35
N TYR G 83 -55.68 46.87 -3.72
CA TYR G 83 -57.10 46.89 -3.32
C TYR G 83 -58.02 47.01 -4.49
N TRP G 84 -59.21 46.44 -4.35
CA TRP G 84 -60.10 46.27 -5.49
C TRP G 84 -60.92 47.49 -5.78
N THR G 85 -61.43 47.59 -7.00
CA THR G 85 -62.28 48.72 -7.35
C THR G 85 -63.68 48.26 -7.81
N MET H 1 -28.53 -0.28 -20.93
CA MET H 1 -27.75 0.84 -20.31
C MET H 1 -28.57 1.60 -19.28
N ASN H 2 -28.05 1.65 -18.06
CA ASN H 2 -28.69 2.40 -16.97
C ASN H 2 -28.50 3.89 -17.15
N VAL H 3 -29.49 4.64 -16.68
CA VAL H 3 -29.47 6.10 -16.76
C VAL H 3 -29.82 6.71 -15.40
N ASP H 4 -28.93 7.58 -14.94
CA ASP H 4 -29.19 8.36 -13.74
C ASP H 4 -29.67 9.76 -14.16
N LEU H 5 -30.96 10.05 -13.94
CA LEU H 5 -31.52 11.31 -14.39
C LEU H 5 -31.92 12.11 -13.18
N VAL H 6 -31.52 13.39 -13.17
CA VAL H 6 -31.80 14.31 -12.06
C VAL H 6 -32.61 15.48 -12.55
N PHE H 7 -33.75 15.72 -11.91
CA PHE H 7 -34.52 16.95 -12.14
C PHE H 7 -33.96 18.07 -11.28
N LEU H 8 -33.42 19.10 -11.93
CA LEU H 8 -33.09 20.34 -11.25
C LEU H 8 -34.19 21.32 -11.56
N PHE H 9 -35.00 21.65 -10.55
CA PHE H 9 -36.19 22.49 -10.79
C PHE H 9 -36.22 23.85 -10.06
N ASP H 10 -36.65 24.88 -10.79
CA ASP H 10 -36.55 26.27 -10.36
C ASP H 10 -37.69 26.61 -9.37
N GLY H 11 -37.33 26.81 -8.10
CA GLY H 11 -38.32 27.14 -7.10
C GLY H 11 -38.14 28.57 -6.67
N SER H 12 -37.57 29.40 -7.56
CA SER H 12 -37.33 30.82 -7.27
C SER H 12 -38.63 31.57 -7.26
N MET H 13 -38.61 32.81 -6.77
CA MET H 13 -39.82 33.62 -6.66
C MET H 13 -40.44 34.04 -8.01
N SER H 14 -39.54 34.19 -9.01
CA SER H 14 -39.86 34.62 -10.36
C SER H 14 -40.85 33.70 -11.09
N LEU H 15 -41.09 32.52 -10.53
CA LEU H 15 -42.10 31.62 -11.05
C LEU H 15 -43.35 31.69 -10.21
N GLN H 16 -44.50 31.76 -10.90
CA GLN H 16 -45.80 31.82 -10.26
C GLN H 16 -46.04 30.52 -9.53
N PRO H 17 -46.89 30.53 -8.49
CA PRO H 17 -47.02 29.29 -7.73
C PRO H 17 -47.72 28.21 -8.55
N ASP H 18 -48.68 28.62 -9.40
CA ASP H 18 -49.33 27.68 -10.31
C ASP H 18 -48.35 27.17 -11.37
N GLU H 19 -47.38 28.01 -11.75
CA GLU H 19 -46.30 27.58 -12.66
C GLU H 19 -45.45 26.50 -12.00
N PHE H 20 -45.23 26.66 -10.70
CA PHE H 20 -44.40 25.75 -9.92
C PHE H 20 -45.07 24.42 -9.85
N GLN H 21 -46.36 24.43 -9.54
CA GLN H 21 -47.17 23.22 -9.53
C GLN H 21 -47.10 22.47 -10.86
N LYS H 22 -47.11 23.23 -11.97
CA LYS H 22 -46.95 22.64 -13.30
C LYS H 22 -45.61 21.88 -13.46
N ILE H 23 -44.57 22.34 -12.76
CA ILE H 23 -43.25 21.73 -12.81
C ILE H 23 -43.24 20.44 -12.01
N LEU H 24 -43.88 20.42 -10.85
CA LEU H 24 -44.05 19.19 -10.09
C LEU H 24 -44.83 18.16 -10.90
N ASP H 25 -46.02 18.55 -11.34
CA ASP H 25 -46.86 17.69 -12.16
C ASP H 25 -46.14 17.17 -13.42
N PHE H 26 -45.11 17.90 -13.86
CA PHE H 26 -44.33 17.50 -15.02
C PHE H 26 -43.38 16.40 -14.65
N MET H 27 -42.65 16.60 -13.56
CA MET H 27 -41.70 15.61 -13.09
C MET H 27 -42.39 14.27 -12.80
N LYS H 28 -43.55 14.34 -12.15
CA LYS H 28 -44.36 13.17 -11.84
C LYS H 28 -44.83 12.44 -13.10
N ASP H 29 -45.11 13.22 -14.16
CA ASP H 29 -45.52 12.68 -15.45
C ASP H 29 -44.41 11.93 -16.17
N VAL H 30 -43.18 12.40 -15.99
CA VAL H 30 -42.01 11.78 -16.61
C VAL H 30 -41.66 10.48 -15.87
N MET H 31 -41.67 10.52 -14.55
CA MET H 31 -41.34 9.37 -13.72
C MET H 31 -42.37 8.24 -13.84
N LYS H 32 -43.64 8.60 -13.90
CA LYS H 32 -44.72 7.64 -14.08
C LYS H 32 -44.51 6.89 -15.39
N LYS H 33 -44.27 7.65 -16.46
CA LYS H 33 -44.07 7.11 -17.81
C LYS H 33 -42.64 6.67 -18.06
N LEU H 34 -41.96 6.21 -17.01
CA LEU H 34 -40.63 5.63 -17.12
C LEU H 34 -40.35 4.67 -15.95
N SER H 35 -41.42 4.10 -15.40
CA SER H 35 -41.31 3.12 -14.32
C SER H 35 -40.75 1.76 -14.78
N ASN H 36 -39.60 1.83 -15.47
CA ASN H 36 -38.75 0.68 -15.72
C ASN H 36 -37.44 0.91 -14.95
N THR H 37 -36.68 -0.16 -14.72
CA THR H 37 -35.44 -0.11 -13.92
C THR H 37 -34.38 0.84 -14.50
N SER H 38 -34.18 0.73 -15.82
CA SER H 38 -33.15 1.50 -16.56
C SER H 38 -32.97 2.92 -16.00
N TYR H 39 -34.06 3.69 -15.94
CA TYR H 39 -34.01 5.01 -15.34
C TYR H 39 -34.10 4.93 -13.82
N GLN H 40 -33.11 5.55 -13.17
CA GLN H 40 -33.12 5.80 -11.72
C GLN H 40 -33.15 7.34 -11.51
N PHE H 41 -34.05 7.84 -10.65
CA PHE H 41 -34.27 9.28 -10.55
C PHE H 41 -33.80 9.91 -9.26
N ALA H 42 -33.70 11.25 -9.29
CA ALA H 42 -33.44 12.11 -8.12
C ALA H 42 -33.78 13.55 -8.48
N ALA H 43 -34.39 14.27 -7.54
CA ALA H 43 -34.83 15.66 -7.81
C ALA H 43 -34.29 16.65 -6.78
N VAL H 44 -33.80 17.78 -7.27
CA VAL H 44 -33.32 18.85 -6.40
C VAL H 44 -33.93 20.17 -6.80
N GLN H 45 -34.52 20.83 -5.81
CA GLN H 45 -35.04 22.19 -6.00
C GLN H 45 -33.96 23.22 -5.70
N PHE H 46 -33.84 24.20 -6.57
CA PHE H 46 -32.89 25.27 -6.37
C PHE H 46 -33.61 26.61 -6.36
N SER H 47 -33.20 27.48 -5.45
CA SER H 47 -33.63 28.86 -5.46
C SER H 47 -32.47 29.75 -5.11
N THR H 48 -32.43 30.24 -3.87
CA THR H 48 -31.22 30.91 -3.41
C THR H 48 -30.19 29.81 -3.15
N SER H 49 -30.60 28.78 -2.44
CA SER H 49 -29.75 27.63 -2.18
C SER H 49 -30.40 26.38 -2.79
N TYR H 50 -29.93 25.21 -2.37
CA TYR H 50 -30.30 23.97 -3.02
C TYR H 50 -30.70 22.99 -1.98
N LYS H 51 -31.69 22.17 -2.29
CA LYS H 51 -32.00 21.01 -1.46
C LYS H 51 -32.44 19.85 -2.36
N THR H 52 -31.84 18.67 -2.16
CA THR H 52 -32.30 17.50 -2.88
C THR H 52 -33.57 16.97 -2.22
N GLU H 53 -34.62 16.87 -3.00
CA GLU H 53 -35.93 16.48 -2.48
C GLU H 53 -36.01 14.97 -2.35
N PHE H 54 -35.26 14.26 -3.18
CA PHE H 54 -35.03 12.82 -2.98
C PHE H 54 -33.80 12.29 -3.72
N ASP H 55 -33.13 11.33 -3.08
CA ASP H 55 -31.96 10.63 -3.61
C ASP H 55 -32.34 9.62 -4.66
N PHE H 56 -31.32 9.08 -5.32
CA PHE H 56 -31.51 7.88 -6.11
C PHE H 56 -31.88 6.77 -5.14
N SER H 57 -31.15 6.71 -4.03
CA SER H 57 -31.44 5.77 -2.92
C SER H 57 -32.91 5.76 -2.56
N ASP H 58 -33.53 6.94 -2.64
CA ASP H 58 -34.92 7.11 -2.24
C ASP H 58 -35.89 6.62 -3.30
N TYR H 59 -35.58 6.92 -4.56
CA TYR H 59 -36.38 6.43 -5.66
C TYR H 59 -36.31 4.92 -5.73
N VAL H 60 -35.09 4.38 -5.59
CA VAL H 60 -34.84 2.92 -5.56
C VAL H 60 -35.61 2.23 -4.43
N LYS H 61 -35.80 2.93 -3.31
CA LYS H 61 -36.55 2.41 -2.15
C LYS H 61 -38.06 2.59 -2.25
N TRP H 62 -38.56 3.81 -2.02
CA TRP H 62 -39.99 4.13 -2.00
C TRP H 62 -40.65 3.89 -3.38
N LYS H 63 -39.99 4.35 -4.46
CA LYS H 63 -40.45 4.18 -5.85
C LYS H 63 -41.80 4.80 -6.24
N ASP H 64 -42.47 5.45 -5.31
CA ASP H 64 -43.73 6.14 -5.59
C ASP H 64 -43.46 7.65 -5.85
N PRO H 65 -43.48 8.06 -7.13
CA PRO H 65 -43.12 9.43 -7.48
C PRO H 65 -44.12 10.46 -6.95
N ASP H 66 -45.37 10.06 -6.77
CA ASP H 66 -46.38 10.95 -6.18
C ASP H 66 -46.06 11.27 -4.73
N ALA H 67 -45.76 10.25 -3.94
CA ALA H 67 -45.44 10.41 -2.52
C ALA H 67 -43.97 10.78 -2.28
N LEU H 68 -43.14 10.73 -3.33
CA LEU H 68 -41.74 11.17 -3.23
C LEU H 68 -41.58 12.70 -3.22
N LEU H 69 -42.38 13.38 -4.04
CA LEU H 69 -42.34 14.81 -4.16
C LEU H 69 -43.47 15.45 -3.38
N LYS H 70 -44.18 14.66 -2.57
CA LYS H 70 -45.39 15.17 -1.95
C LYS H 70 -45.12 16.26 -0.90
N HIS H 71 -43.88 16.35 -0.42
CA HIS H 71 -43.56 17.30 0.65
C HIS H 71 -42.67 18.46 0.26
N VAL H 72 -42.66 18.81 -1.02
CA VAL H 72 -41.90 19.95 -1.52
C VAL H 72 -42.51 21.28 -1.00
N LYS H 73 -41.67 22.23 -0.59
CA LYS H 73 -42.15 23.60 -0.34
C LYS H 73 -41.53 24.52 -1.35
N HIS H 74 -42.37 25.35 -1.98
CA HIS H 74 -41.88 26.34 -2.91
C HIS H 74 -40.94 27.31 -2.20
N MET H 75 -39.67 27.29 -2.57
CA MET H 75 -38.64 28.06 -1.86
C MET H 75 -38.82 29.58 -1.95
N LEU H 76 -39.14 30.07 -3.15
CA LEU H 76 -39.54 31.46 -3.37
C LEU H 76 -38.50 32.51 -2.98
N LEU H 77 -37.25 32.29 -3.39
CA LEU H 77 -36.17 33.26 -3.20
C LEU H 77 -35.41 33.34 -4.51
N LEU H 78 -34.20 33.93 -4.51
CA LEU H 78 -33.43 34.16 -5.77
C LEU H 78 -33.16 32.92 -6.61
N THR H 79 -32.71 33.14 -7.86
CA THR H 79 -32.56 32.08 -8.86
C THR H 79 -31.09 31.82 -9.15
N ASN H 80 -30.44 31.03 -8.29
CA ASN H 80 -28.98 30.85 -8.38
C ASN H 80 -28.54 29.66 -9.21
N THR H 81 -29.06 29.62 -10.44
CA THR H 81 -28.93 28.45 -11.30
C THR H 81 -27.49 27.89 -11.45
N PHE H 82 -26.51 28.78 -11.62
CA PHE H 82 -25.13 28.34 -11.86
C PHE H 82 -24.59 27.44 -10.76
N GLY H 83 -24.73 27.88 -9.52
CA GLY H 83 -24.28 27.07 -8.40
C GLY H 83 -25.15 25.85 -8.23
N ALA H 84 -26.39 25.94 -8.71
CA ALA H 84 -27.34 24.84 -8.67
C ALA H 84 -26.86 23.64 -9.49
N ILE H 85 -26.43 23.90 -10.72
CA ILE H 85 -25.81 22.87 -11.54
C ILE H 85 -24.61 22.24 -10.82
N ASN H 86 -23.66 23.08 -10.39
CA ASN H 86 -22.48 22.59 -9.69
C ASN H 86 -22.82 21.70 -8.51
N TYR H 87 -23.87 22.06 -7.79
CA TYR H 87 -24.34 21.26 -6.68
C TYR H 87 -24.75 19.89 -7.16
N VAL H 88 -25.57 19.81 -8.21
CA VAL H 88 -25.98 18.51 -8.76
C VAL H 88 -24.74 17.66 -9.08
N ALA H 89 -23.83 18.24 -9.85
CA ALA H 89 -22.63 17.55 -10.29
C ALA H 89 -21.89 16.95 -9.12
N THR H 90 -21.58 17.76 -8.11
CA THR H 90 -20.72 17.32 -7.00
C THR H 90 -21.46 16.67 -5.84
N GLU H 91 -22.76 16.96 -5.70
CA GLU H 91 -23.49 16.53 -4.50
C GLU H 91 -24.61 15.52 -4.69
N VAL H 92 -25.06 15.34 -5.92
CA VAL H 92 -26.17 14.41 -6.18
C VAL H 92 -25.72 13.10 -6.84
N PHE H 93 -24.92 13.21 -7.90
CA PHE H 93 -24.34 12.04 -8.56
C PHE H 93 -23.21 11.47 -7.69
N ARG H 94 -23.58 10.56 -6.80
CA ARG H 94 -22.63 9.98 -5.86
C ARG H 94 -22.88 8.52 -5.61
N GLU H 95 -21.80 7.77 -5.42
CA GLU H 95 -21.88 6.38 -5.05
C GLU H 95 -22.77 6.23 -3.82
N GLU H 96 -22.55 7.06 -2.81
CA GLU H 96 -23.23 6.94 -1.52
C GLU H 96 -24.71 7.25 -1.62
N LEU H 97 -25.06 8.16 -2.52
CA LEU H 97 -26.44 8.63 -2.65
C LEU H 97 -27.25 7.80 -3.65
N GLY H 98 -26.69 6.65 -4.06
CA GLY H 98 -27.40 5.66 -4.87
C GLY H 98 -27.21 5.73 -6.37
N ALA H 99 -26.28 6.57 -6.83
CA ALA H 99 -26.00 6.69 -8.25
C ALA H 99 -25.29 5.44 -8.75
N ARG H 100 -25.71 4.95 -9.90
CA ARG H 100 -25.01 3.85 -10.57
C ARG H 100 -23.79 4.41 -11.31
N PRO H 101 -22.59 3.86 -11.01
CA PRO H 101 -21.33 4.37 -11.57
C PRO H 101 -21.25 4.24 -13.08
N ASP H 102 -21.66 3.08 -13.60
CA ASP H 102 -21.69 2.80 -15.04
C ASP H 102 -22.73 3.63 -15.83
N ALA H 103 -23.75 4.11 -15.12
CA ALA H 103 -24.87 4.80 -15.74
C ALA H 103 -24.47 6.12 -16.38
N THR H 104 -24.96 6.35 -17.60
CA THR H 104 -24.74 7.60 -18.33
C THR H 104 -25.68 8.66 -17.76
N LYS H 105 -25.10 9.73 -17.24
CA LYS H 105 -25.85 10.65 -16.38
C LYS H 105 -26.53 11.83 -17.10
N VAL H 106 -27.84 11.94 -16.92
CA VAL H 106 -28.67 12.98 -17.55
C VAL H 106 -29.22 13.99 -16.53
N LEU H 107 -29.50 15.20 -17.00
CA LEU H 107 -30.00 16.27 -16.15
C LEU H 107 -31.11 17.04 -16.88
N ILE H 108 -32.28 17.15 -16.26
CA ILE H 108 -33.38 17.97 -16.77
C ILE H 108 -33.56 19.24 -15.95
N ILE H 109 -33.15 20.36 -16.52
CA ILE H 109 -33.26 21.63 -15.83
C ILE H 109 -34.52 22.35 -16.28
N ILE H 110 -35.38 22.67 -15.32
CA ILE H 110 -36.60 23.41 -15.58
C ILE H 110 -36.55 24.77 -14.88
N THR H 111 -36.41 25.83 -15.69
CA THR H 111 -36.21 27.18 -15.18
C THR H 111 -36.68 28.20 -16.21
N ASP H 112 -36.69 29.48 -15.83
CA ASP H 112 -36.86 30.55 -16.81
C ASP H 112 -35.53 31.19 -17.21
N GLY H 113 -34.43 30.67 -16.65
CA GLY H 113 -33.09 31.15 -16.95
C GLY H 113 -32.81 32.59 -16.57
N GLU H 114 -33.76 33.23 -15.88
CA GLU H 114 -33.51 34.52 -15.26
C GLU H 114 -32.68 34.20 -14.05
N ALA H 115 -31.39 33.93 -14.28
CA ALA H 115 -30.52 33.46 -13.23
C ALA H 115 -29.87 34.62 -12.49
N THR H 116 -29.72 34.48 -11.18
CA THR H 116 -29.22 35.52 -10.30
C THR H 116 -27.78 35.33 -9.81
N ASP H 117 -27.09 34.34 -10.37
CA ASP H 117 -25.64 34.19 -10.16
C ASP H 117 -24.87 33.94 -11.47
N SER H 118 -23.55 33.87 -11.36
CA SER H 118 -22.69 33.68 -12.53
C SER H 118 -21.56 32.72 -12.19
N GLY H 119 -20.98 32.10 -13.21
CA GLY H 119 -19.88 31.15 -13.01
C GLY H 119 -19.64 30.29 -14.23
N ASN H 120 -19.26 29.04 -14.00
CA ASN H 120 -19.12 28.07 -15.08
C ASN H 120 -19.72 26.73 -14.69
N ILE H 121 -20.08 25.92 -15.68
CA ILE H 121 -20.62 24.59 -15.43
C ILE H 121 -19.64 23.47 -15.84
N ASP H 122 -18.35 23.79 -15.87
CA ASP H 122 -17.33 22.83 -16.27
C ASP H 122 -17.44 21.55 -15.46
N ALA H 123 -17.87 21.68 -14.20
CA ALA H 123 -18.01 20.54 -13.31
C ALA H 123 -19.11 19.57 -13.72
N ALA H 124 -19.92 19.96 -14.69
CA ALA H 124 -21.03 19.13 -15.16
C ALA H 124 -21.02 18.89 -16.66
N LYS H 125 -19.84 19.02 -17.27
CA LYS H 125 -19.70 18.80 -18.71
C LYS H 125 -20.22 17.43 -19.11
N ASP H 126 -19.67 16.38 -18.49
CA ASP H 126 -20.01 15.00 -18.85
C ASP H 126 -21.49 14.63 -18.62
N ILE H 127 -22.18 15.43 -17.80
CA ILE H 127 -23.62 15.26 -17.63
C ILE H 127 -24.33 15.86 -18.83
N ILE H 128 -25.01 15.02 -19.59
CA ILE H 128 -25.82 15.48 -20.71
C ILE H 128 -27.09 16.13 -20.16
N ARG H 129 -27.27 17.42 -20.45
CA ARG H 129 -28.34 18.22 -19.86
C ARG H 129 -29.32 18.89 -20.84
N TYR H 130 -30.53 18.35 -20.89
CA TYR H 130 -31.69 18.97 -21.53
C TYR H 130 -32.21 20.02 -20.57
N ILE H 131 -32.40 21.24 -21.05
CA ILE H 131 -33.00 22.29 -20.21
C ILE H 131 -34.30 22.80 -20.85
N ILE H 132 -35.35 22.96 -20.05
CA ILE H 132 -36.66 23.30 -20.60
C ILE H 132 -37.23 24.57 -19.97
N GLY H 133 -37.62 25.49 -20.85
CA GLY H 133 -37.93 26.87 -20.46
C GLY H 133 -39.39 27.25 -20.24
N ILE H 134 -39.74 27.38 -18.97
CA ILE H 134 -41.04 27.89 -18.54
C ILE H 134 -40.86 29.29 -17.92
N GLY H 135 -41.86 30.15 -18.07
CA GLY H 135 -41.89 31.40 -17.30
C GLY H 135 -41.99 32.68 -18.10
N LYS H 136 -42.74 33.64 -17.59
CA LYS H 136 -42.90 34.89 -18.32
C LYS H 136 -41.56 35.58 -18.45
N HIS H 137 -40.61 35.22 -17.58
CA HIS H 137 -39.31 35.88 -17.56
C HIS H 137 -38.22 35.23 -18.41
N SER H 138 -38.56 34.14 -19.10
CA SER H 138 -37.65 33.48 -19.99
C SER H 138 -37.74 34.11 -21.39
N GLN H 139 -38.35 35.29 -21.48
CA GLN H 139 -38.59 35.91 -22.77
C GLN H 139 -37.61 37.04 -23.14
N THR H 140 -36.41 37.00 -22.58
CA THR H 140 -35.44 38.08 -22.84
C THR H 140 -34.13 37.58 -23.43
N LYS H 141 -33.44 38.50 -24.11
CA LYS H 141 -32.11 38.25 -24.65
C LYS H 141 -31.25 37.47 -23.64
N GLU H 142 -31.14 38.01 -22.43
CA GLU H 142 -30.30 37.45 -21.35
C GLU H 142 -30.76 36.05 -21.04
N SER H 143 -31.99 35.93 -20.56
CA SER H 143 -32.57 34.65 -20.17
C SER H 143 -32.36 33.56 -21.22
N GLN H 144 -32.68 33.88 -22.47
CA GLN H 144 -32.50 32.93 -23.56
C GLN H 144 -31.04 32.45 -23.68
N GLU H 145 -30.11 33.40 -23.72
CA GLU H 145 -28.68 33.10 -23.74
C GLU H 145 -28.25 32.25 -22.56
N THR H 146 -28.76 32.61 -21.38
CA THR H 146 -28.50 31.86 -20.16
C THR H 146 -29.03 30.44 -20.27
N LEU H 147 -30.19 30.27 -20.89
CA LEU H 147 -30.75 28.94 -21.09
C LEU H 147 -29.84 28.11 -21.98
N HIS H 148 -29.37 28.70 -23.08
CA HIS H 148 -28.49 28.01 -24.01
C HIS H 148 -27.12 27.71 -23.41
N LYS H 149 -26.69 28.53 -22.44
CA LYS H 149 -25.43 28.29 -21.73
C LYS H 149 -25.46 27.00 -20.90
N PHE H 150 -26.62 26.68 -20.34
CA PHE H 150 -26.75 25.47 -19.53
C PHE H 150 -26.90 24.21 -20.37
N ALA H 151 -27.36 24.35 -21.61
CA ALA H 151 -27.65 23.19 -22.46
C ALA H 151 -26.41 22.45 -22.96
N SER H 152 -26.61 21.18 -23.28
CA SER H 152 -25.65 20.42 -24.06
C SER H 152 -25.60 21.03 -25.47
N LYS H 153 -24.57 20.70 -26.24
CA LYS H 153 -24.40 21.26 -27.59
C LYS H 153 -24.69 20.18 -28.62
N PRO H 154 -25.17 20.59 -29.82
CA PRO H 154 -25.54 21.94 -30.24
C PRO H 154 -26.82 22.35 -29.57
N ALA H 155 -26.82 23.58 -29.04
CA ALA H 155 -27.83 24.08 -28.10
C ALA H 155 -29.27 23.80 -28.49
N SER H 156 -29.65 24.15 -29.72
CA SER H 156 -31.02 24.00 -30.19
C SER H 156 -31.36 22.55 -30.52
N GLU H 157 -31.22 21.68 -29.52
CA GLU H 157 -31.59 20.28 -29.60
C GLU H 157 -31.85 19.80 -28.18
N PHE H 158 -31.47 20.64 -27.22
CA PHE H 158 -31.54 20.36 -25.79
C PHE H 158 -32.27 21.47 -25.00
N VAL H 159 -32.88 22.38 -25.75
CA VAL H 159 -33.68 23.48 -25.19
C VAL H 159 -35.07 23.47 -25.81
N LYS H 160 -36.11 23.36 -24.99
CA LYS H 160 -37.48 23.61 -25.47
C LYS H 160 -38.35 24.35 -24.45
N ILE H 161 -39.43 24.99 -24.92
CA ILE H 161 -40.45 25.59 -24.05
C ILE H 161 -41.53 24.55 -23.65
N LEU H 162 -41.85 24.52 -22.34
CA LEU H 162 -42.63 23.43 -21.68
C LEU H 162 -43.99 23.07 -22.33
N ASP H 163 -44.65 24.08 -22.91
CA ASP H 163 -46.01 23.97 -23.49
C ASP H 163 -47.06 23.55 -22.43
N THR H 164 -48.09 22.84 -22.89
CA THR H 164 -48.97 22.09 -22.01
C THR H 164 -48.52 20.60 -22.03
N PHE H 165 -47.20 20.41 -21.97
CA PHE H 165 -46.52 19.11 -22.12
C PHE H 165 -46.80 18.40 -23.47
N GLU H 166 -46.22 18.93 -24.56
CA GLU H 166 -46.27 18.28 -25.88
C GLU H 166 -45.09 17.34 -26.08
N LYS H 167 -44.00 17.65 -25.36
CA LYS H 167 -42.76 16.87 -25.34
C LYS H 167 -42.94 15.43 -24.87
N LEU H 168 -44.05 15.18 -24.18
CA LEU H 168 -44.36 13.85 -23.67
C LEU H 168 -44.61 12.81 -24.79
N LYS H 169 -44.45 13.27 -26.05
CA LYS H 169 -44.25 12.39 -27.22
C LYS H 169 -42.90 12.69 -27.88
N ASP H 170 -42.46 13.96 -27.77
CA ASP H 170 -41.24 14.45 -28.42
C ASP H 170 -39.97 13.99 -27.69
N LEU H 171 -39.66 14.69 -26.60
CA LEU H 171 -38.52 14.39 -25.72
C LEU H 171 -38.49 12.91 -25.31
N PHE H 172 -39.66 12.31 -25.16
CA PHE H 172 -39.82 10.94 -24.68
C PHE H 172 -39.28 9.89 -25.64
N THR H 173 -39.59 10.05 -26.93
CA THR H 173 -39.07 9.15 -27.96
C THR H 173 -37.57 9.40 -28.21
N GLU H 174 -37.06 10.48 -27.63
CA GLU H 174 -35.62 10.75 -27.62
C GLU H 174 -34.98 10.38 -26.27
N LEU H 175 -35.82 10.25 -25.24
CA LEU H 175 -35.39 9.70 -23.95
C LEU H 175 -35.49 8.18 -23.92
N GLN H 176 -36.15 7.62 -24.94
CA GLN H 176 -36.15 6.17 -25.19
C GLN H 176 -34.90 5.74 -25.99
N LYS H 177 -34.06 6.71 -26.32
CA LYS H 177 -32.73 6.48 -26.88
C LYS H 177 -31.81 5.92 -25.81
N LYS H 178 -31.73 6.66 -24.69
CA LYS H 178 -30.77 6.42 -23.60
C LYS H 178 -30.82 5.02 -22.99
N ILE H 179 -32.01 4.43 -22.91
CA ILE H 179 -32.16 3.07 -22.36
C ILE H 179 -31.44 2.03 -23.23
N TYR H 180 -31.28 2.37 -24.51
CA TYR H 180 -30.85 1.44 -25.55
C TYR H 180 -31.76 0.21 -25.52
N MET I 1 22.21 32.45 31.17
CA MET I 1 21.49 33.75 31.21
C MET I 1 20.46 33.93 30.13
N VAL I 2 19.20 34.17 30.51
CA VAL I 2 18.19 34.53 29.51
C VAL I 2 17.54 35.90 29.66
N SER I 3 16.79 36.27 28.65
CA SER I 3 16.13 37.53 28.59
C SER I 3 14.92 37.27 27.70
N VAL I 4 13.76 37.81 28.07
CA VAL I 4 12.56 37.68 27.24
C VAL I 4 11.99 39.04 26.92
N SER I 5 11.54 39.21 25.69
CA SER I 5 10.81 40.43 25.32
C SER I 5 9.70 40.22 24.28
N PRO I 6 8.60 40.97 24.43
CA PRO I 6 8.36 41.96 25.48
C PRO I 6 8.24 41.30 26.86
N SER I 7 8.62 42.03 27.91
CA SER I 7 8.50 41.54 29.30
C SER I 7 7.03 41.43 29.73
N LYS I 8 6.22 42.36 29.24
CA LYS I 8 4.80 42.36 29.55
C LYS I 8 4.00 42.94 28.36
N VAL I 9 3.01 42.20 27.88
CA VAL I 9 2.06 42.72 26.89
C VAL I 9 0.62 42.76 27.39
N THR I 10 -0.11 43.73 26.87
CA THR I 10 -1.58 43.72 26.92
C THR I 10 -2.06 43.42 25.52
N LEU I 11 -3.02 42.50 25.42
CA LEU I 11 -3.63 42.22 24.14
C LEU I 11 -5.06 41.68 24.27
N PRO I 12 -5.90 41.97 23.24
CA PRO I 12 -7.32 41.64 23.31
C PRO I 12 -7.53 40.12 23.26
N ARG I 13 -8.49 39.65 24.05
CA ARG I 13 -8.82 38.25 24.17
C ARG I 13 -8.84 37.60 22.79
N GLY I 14 -8.07 36.54 22.63
CA GLY I 14 -7.99 35.84 21.37
C GLY I 14 -6.95 36.41 20.42
N GLY I 15 -6.15 37.36 20.89
CA GLY I 15 -5.07 37.92 20.07
C GLY I 15 -3.85 37.00 19.98
N SER I 16 -2.69 37.56 19.64
CA SER I 16 -1.43 36.79 19.51
C SER I 16 -0.21 37.66 19.72
N VAL I 17 0.82 37.09 20.32
CA VAL I 17 2.04 37.84 20.49
C VAL I 17 3.16 36.95 20.18
N LEU I 18 4.20 37.52 19.61
CA LEU I 18 5.47 36.83 19.51
C LEU I 18 6.38 37.27 20.66
N VAL I 19 7.02 36.30 21.27
CA VAL I 19 8.02 36.58 22.28
C VAL I 19 9.36 36.06 21.80
N THR I 20 10.42 36.67 22.30
CA THR I 20 11.78 36.32 21.96
C THR I 20 12.56 35.91 23.20
N CYS I 21 12.90 34.63 23.26
CA CYS I 21 13.80 34.14 24.27
C CYS I 21 15.20 34.30 23.73
N SER I 22 16.02 35.09 24.43
CA SER I 22 17.40 35.32 23.99
C SER I 22 18.34 34.86 25.08
N ALA I 23 19.40 34.14 24.71
CA ALA I 23 20.35 33.64 25.68
C ALA I 23 21.66 34.37 25.50
N SER I 24 22.45 34.42 26.58
CA SER I 24 23.72 35.13 26.59
C SER I 24 24.83 34.27 26.04
N CYS I 25 24.88 33.02 26.50
CA CYS I 25 25.81 32.02 25.97
C CYS I 25 25.47 31.84 24.49
N ASP I 26 26.45 31.96 23.61
CA ASP I 26 26.13 32.11 22.18
C ASP I 26 25.86 30.79 21.43
N GLN I 27 25.95 29.66 22.14
CA GLN I 27 25.55 28.38 21.61
C GLN I 27 25.01 27.61 22.79
N PRO I 28 23.73 27.86 23.14
CA PRO I 28 23.16 27.36 24.37
C PRO I 28 22.89 25.89 24.23
N LYS I 29 23.25 25.14 25.27
CA LYS I 29 23.09 23.68 25.32
C LYS I 29 21.61 23.33 25.10
N LEU I 30 20.74 24.29 25.41
CA LEU I 30 19.32 24.09 25.33
C LEU I 30 18.66 25.43 25.61
N LEU I 31 17.69 25.81 24.77
CA LEU I 31 17.00 27.11 24.89
C LEU I 31 15.57 27.06 24.33
N GLY I 32 14.61 27.30 25.21
CA GLY I 32 13.20 27.27 24.78
C GLY I 32 12.26 28.04 25.69
N ILE I 33 10.98 27.78 25.52
CA ILE I 33 9.99 28.42 26.36
C ILE I 33 9.11 27.39 27.10
N GLU I 34 8.66 27.78 28.30
CA GLU I 34 7.81 26.92 29.12
C GLU I 34 6.52 27.64 29.35
N THR I 35 5.47 27.11 28.75
CA THR I 35 4.13 27.70 28.86
C THR I 35 3.05 26.66 28.60
N PRO I 36 1.84 26.90 29.12
CA PRO I 36 0.74 26.02 28.83
C PRO I 36 -0.07 26.54 27.67
N LEU I 37 0.34 27.68 27.11
CA LEU I 37 -0.32 28.24 25.92
C LEU I 37 0.09 27.43 24.69
N VAL I 38 -0.64 27.59 23.59
CA VAL I 38 -0.24 26.98 22.31
C VAL I 38 0.81 27.84 21.64
N LYS I 39 1.90 27.18 21.23
CA LYS I 39 3.07 27.89 20.72
C LYS I 39 3.55 27.35 19.39
N LYS I 40 4.22 28.20 18.61
CA LYS I 40 4.89 27.81 17.37
C LYS I 40 6.15 28.65 17.15
N GLU I 41 7.31 28.04 17.02
CA GLU I 41 8.53 28.82 16.88
C GLU I 41 8.81 29.14 15.44
N LEU I 42 9.82 29.95 15.14
CA LEU I 42 9.97 30.47 13.77
C LEU I 42 11.23 30.10 12.93
N LEU I 43 11.64 31.01 12.04
CA LEU I 43 12.90 30.88 11.32
C LEU I 43 14.03 31.23 12.26
N LEU I 44 14.97 30.29 12.36
CA LEU I 44 16.00 30.34 13.41
C LEU I 44 17.29 31.13 13.10
N PRO I 45 17.57 31.40 11.80
CA PRO I 45 18.99 31.55 11.43
C PRO I 45 19.82 32.02 12.60
N GLY I 46 20.40 31.07 13.34
CA GLY I 46 21.16 31.35 14.57
C GLY I 46 20.47 30.82 15.82
N ASN I 47 21.29 30.44 16.81
CA ASN I 47 20.76 29.78 18.01
C ASN I 47 20.84 30.59 19.30
N ASN I 48 21.17 31.87 19.19
CA ASN I 48 21.12 32.76 20.33
C ASN I 48 19.71 33.02 20.85
N ARG I 49 18.76 33.06 19.93
CA ARG I 49 17.37 33.35 20.25
C ARG I 49 16.39 32.55 19.43
N LYS I 50 15.32 32.11 20.08
CA LYS I 50 14.18 31.56 19.38
C LYS I 50 13.10 32.58 19.53
N VAL I 51 12.16 32.58 18.59
CA VAL I 51 10.98 33.47 18.61
C VAL I 51 9.70 32.62 18.59
N TYR I 52 8.92 32.66 19.66
CA TYR I 52 7.72 31.85 19.72
C TYR I 52 6.49 32.72 19.54
N GLU I 53 5.56 32.25 18.71
CA GLU I 53 4.27 32.91 18.52
C GLU I 53 3.22 32.23 19.38
N LEU I 54 2.69 32.96 20.34
CA LEU I 54 1.59 32.49 21.14
C LEU I 54 0.31 33.04 20.55
N SER I 55 -0.47 32.14 19.99
CA SER I 55 -1.62 32.55 19.24
C SER I 55 -2.86 32.33 20.04
N ASN I 56 -3.93 33.02 19.61
CA ASN I 56 -5.24 32.97 20.23
C ASN I 56 -5.20 32.78 21.75
N VAL I 57 -4.48 33.64 22.46
CA VAL I 57 -4.41 33.62 23.93
C VAL I 57 -5.73 34.09 24.54
N GLN I 58 -6.30 33.27 25.44
CA GLN I 58 -7.71 33.43 25.83
C GLN I 58 -7.93 34.07 27.19
N GLU I 59 -7.05 33.77 28.14
CA GLU I 59 -7.15 34.34 29.46
C GLU I 59 -5.78 34.85 29.84
N ASP I 60 -5.71 35.68 30.89
CA ASP I 60 -4.43 36.19 31.39
C ASP I 60 -3.43 35.06 31.54
N SER I 61 -2.20 35.27 31.09
CA SER I 61 -1.23 34.18 31.04
C SER I 61 0.20 34.59 31.27
N GLN I 62 1.00 33.56 31.54
CA GLN I 62 2.44 33.73 31.71
C GLN I 62 3.20 32.84 30.76
N VAL I 63 4.45 33.21 30.54
CA VAL I 63 5.28 32.48 29.67
C VAL I 63 6.68 32.64 30.25
N MET I 64 7.48 31.59 30.13
CA MET I 64 8.78 31.54 30.78
C MET I 64 9.90 31.06 29.82
N CYS I 65 10.86 31.94 29.51
CA CYS I 65 12.00 31.53 28.73
C CYS I 65 13.02 30.82 29.60
N TYR I 66 13.70 29.83 29.03
CA TYR I 66 14.83 29.23 29.74
C TYR I 66 16.00 29.03 28.79
N ALA I 67 17.21 29.11 29.36
CA ALA I 67 18.39 28.76 28.60
C ALA I 67 19.38 28.09 29.51
N ASN I 68 19.76 26.88 29.10
CA ASN I 68 20.83 26.15 29.72
C ASN I 68 22.15 26.51 29.07
N CYS I 69 23.00 27.17 29.85
CA CYS I 69 24.24 27.73 29.36
C CYS I 69 25.35 27.04 30.06
N PRO I 70 26.57 27.34 29.65
CA PRO I 70 27.78 27.03 30.40
C PRO I 70 27.68 27.48 31.87
N ASP I 71 27.21 28.71 32.06
CA ASP I 71 27.12 29.30 33.40
C ASP I 71 26.02 28.70 34.30
N GLY I 72 24.99 28.11 33.71
CA GLY I 72 23.89 27.51 34.48
C GLY I 72 22.61 27.58 33.68
N GLN I 73 21.48 27.33 34.33
CA GLN I 73 20.16 27.46 33.67
C GLN I 73 19.53 28.76 34.07
N SER I 74 19.03 29.50 33.11
CA SER I 74 18.37 30.73 33.48
C SER I 74 16.92 30.87 33.03
N THR I 75 16.12 31.55 33.86
CA THR I 75 14.70 31.73 33.59
C THR I 75 14.30 33.20 33.38
N ALA I 76 13.26 33.44 32.60
CA ALA I 76 12.70 34.77 32.47
C ALA I 76 11.25 34.72 32.02
N LYS I 77 10.37 35.34 32.83
CA LYS I 77 8.91 35.32 32.63
C LYS I 77 8.44 36.52 31.87
N ALA I 78 7.42 36.33 31.05
CA ALA I 78 6.73 37.45 30.41
C ALA I 78 5.23 37.38 30.71
N PHE I 79 4.62 38.50 31.10
CA PHE I 79 3.21 38.42 31.49
C PHE I 79 2.30 38.86 30.39
N LEU I 80 1.38 37.98 30.00
CA LEU I 80 0.41 38.32 28.96
C LEU I 80 -0.89 38.74 29.62
N THR I 81 -1.33 39.97 29.33
CA THR I 81 -2.57 40.48 29.89
C THR I 81 -3.61 40.59 28.79
N VAL I 82 -4.77 39.99 29.05
CA VAL I 82 -5.81 39.89 28.06
C VAL I 82 -7.01 40.63 28.56
N TYR I 83 -7.67 41.38 27.67
CA TYR I 83 -8.94 42.01 28.01
C TYR I 83 -10.07 41.61 27.05
N TRP I 84 -11.30 41.65 27.57
CA TRP I 84 -12.45 41.13 26.86
C TRP I 84 -13.02 42.16 25.90
N THR I 85 -13.80 41.68 24.93
CA THR I 85 -14.43 42.54 23.92
C THR I 85 -15.96 42.31 23.86
N MET J 1 6.25 -11.43 45.80
CA MET J 1 7.31 -10.42 45.49
C MET J 1 6.84 -8.99 45.74
N ASN J 2 7.57 -8.30 46.62
CA ASN J 2 7.27 -6.92 46.94
C ASN J 2 7.69 -6.00 45.81
N VAL J 3 6.97 -4.89 45.66
CA VAL J 3 7.26 -3.89 44.63
C VAL J 3 7.27 -2.52 45.25
N ASP J 4 8.35 -1.79 45.01
CA ASP J 4 8.45 -0.39 45.39
C ASP J 4 8.16 0.45 44.15
N LEU J 5 7.01 1.12 44.12
CA LEU J 5 6.63 1.93 42.96
C LEU J 5 6.61 3.39 43.31
N VAL J 6 7.24 4.20 42.47
CA VAL J 6 7.31 5.65 42.66
C VAL J 6 6.65 6.41 41.53
N PHE J 7 5.70 7.28 41.87
CA PHE J 7 5.15 8.19 40.90
C PHE J 7 6.05 9.41 40.79
N LEU J 8 6.64 9.60 39.61
CA LEU J 8 7.33 10.86 39.29
C LEU J 8 6.38 11.68 38.41
N PHE J 9 5.84 12.78 38.96
CA PHE J 9 4.81 13.52 38.23
C PHE J 9 5.15 14.96 37.87
N ASP J 10 4.77 15.35 36.65
CA ASP J 10 5.15 16.61 36.02
C ASP J 10 4.27 17.71 36.55
N GLY J 11 4.84 18.58 37.36
CA GLY J 11 4.15 19.76 37.83
C GLY J 11 4.70 21.02 37.21
N SER J 12 5.25 20.88 36.00
CA SER J 12 5.82 22.00 35.29
C SER J 12 4.71 22.91 34.81
N MET J 13 5.06 24.14 34.43
CA MET J 13 4.10 25.10 33.96
C MET J 13 3.40 24.67 32.66
N SER J 14 4.09 23.89 31.83
CA SER J 14 3.57 23.45 30.51
C SER J 14 2.29 22.58 30.54
N LEU J 15 1.95 22.12 31.74
CA LEU J 15 0.70 21.40 31.95
C LEU J 15 -0.34 22.31 32.54
N GLN J 16 -1.54 22.23 31.99
CA GLN J 16 -2.65 23.03 32.48
C GLN J 16 -3.01 22.61 33.91
N PRO J 17 -3.63 23.51 34.70
CA PRO J 17 -3.88 23.13 36.07
C PRO J 17 -4.91 22.00 36.16
N ASP J 18 -5.89 21.99 35.25
CA ASP J 18 -6.85 20.91 35.22
C ASP J 18 -6.19 19.60 34.78
N GLU J 19 -5.16 19.70 33.94
CA GLU J 19 -4.37 18.53 33.52
C GLU J 19 -3.61 17.97 34.70
N PHE J 20 -3.15 18.87 35.57
CA PHE J 20 -2.38 18.49 36.76
C PHE J 20 -3.29 17.71 37.69
N GLN J 21 -4.49 18.24 37.89
CA GLN J 21 -5.49 17.60 38.73
C GLN J 21 -5.75 16.18 38.26
N LYS J 22 -5.83 16.01 36.93
CA LYS J 22 -6.02 14.69 36.32
C LYS J 22 -4.90 13.72 36.70
N ILE J 23 -3.69 14.26 36.91
CA ILE J 23 -2.51 13.43 37.26
C ILE J 23 -2.57 13.00 38.74
N LEU J 24 -3.00 13.91 39.60
CA LEU J 24 -3.25 13.55 40.99
C LEU J 24 -4.36 12.49 41.08
N ASP J 25 -5.51 12.79 40.47
CA ASP J 25 -6.63 11.88 40.43
C ASP J 25 -6.25 10.52 39.84
N PHE J 26 -5.23 10.51 39.00
CA PHE J 26 -4.74 9.27 38.43
C PHE J 26 -3.97 8.46 39.47
N MET J 27 -3.03 9.11 40.14
CA MET J 27 -2.21 8.42 41.13
C MET J 27 -3.06 7.85 42.26
N LYS J 28 -4.08 8.60 42.67
CA LYS J 28 -5.02 8.16 43.70
C LYS J 28 -5.82 6.95 43.24
N ASP J 29 -6.13 6.90 41.95
CA ASP J 29 -6.85 5.79 41.35
C ASP J 29 -6.04 4.50 41.31
N VAL J 30 -4.73 4.64 41.11
CA VAL J 30 -3.82 3.51 41.07
C VAL J 30 -3.59 2.95 42.48
N MET J 31 -3.37 3.84 43.44
CA MET J 31 -3.12 3.44 44.82
C MET J 31 -4.34 2.81 45.49
N LYS J 32 -5.51 3.38 45.22
CA LYS J 32 -6.77 2.83 45.73
C LYS J 32 -6.94 1.39 45.23
N LYS J 33 -6.73 1.21 43.92
CA LYS J 33 -6.86 -0.08 43.26
C LYS J 33 -5.60 -0.93 43.35
N LEU J 34 -4.85 -0.78 44.45
CA LEU J 34 -3.69 -1.63 44.77
C LEU J 34 -3.41 -1.66 46.27
N SER J 35 -4.46 -1.46 47.07
CA SER J 35 -4.36 -1.49 48.53
C SER J 35 -4.15 -2.90 49.07
N ASN J 36 -3.15 -3.58 48.52
CA ASN J 36 -2.56 -4.79 49.09
C ASN J 36 -1.11 -4.46 49.49
N THR J 37 -0.53 -5.28 50.36
CA THR J 37 0.81 -5.04 50.92
C THR J 37 1.90 -5.00 49.85
N SER J 38 1.84 -5.96 48.93
CA SER J 38 2.85 -6.14 47.88
C SER J 38 3.41 -4.80 47.36
N TYR J 39 2.50 -3.94 46.90
CA TYR J 39 2.89 -2.61 46.45
C TYR J 39 3.06 -1.67 47.64
N GLN J 40 4.23 -1.04 47.71
CA GLN J 40 4.51 0.06 48.63
C GLN J 40 4.80 1.29 47.75
N PHE J 41 4.18 2.43 48.06
CA PHE J 41 4.25 3.61 47.19
C PHE J 41 5.06 4.78 47.72
N ALA J 42 5.39 5.68 46.79
CA ALA J 42 6.00 6.99 47.07
C ALA J 42 5.83 7.89 45.85
N ALA J 43 5.56 9.17 46.08
CA ALA J 43 5.36 10.09 44.97
C ALA J 43 6.28 11.29 45.09
N VAL J 44 6.88 11.68 43.96
CA VAL J 44 7.70 12.89 43.88
C VAL J 44 7.28 13.78 42.72
N GLN J 45 6.98 15.05 43.04
CA GLN J 45 6.70 16.06 42.04
C GLN J 45 8.00 16.71 41.55
N PHE J 46 8.12 16.83 40.23
CA PHE J 46 9.25 17.51 39.65
C PHE J 46 8.80 18.65 38.75
N SER J 47 9.56 19.74 38.79
CA SER J 47 9.39 20.83 37.88
C SER J 47 10.77 21.41 37.63
N THR J 48 11.10 22.55 38.23
CA THR J 48 12.44 23.07 38.11
C THR J 48 13.25 22.22 39.04
N SER J 49 12.74 22.03 40.24
CA SER J 49 13.41 21.13 41.20
C SER J 49 12.46 20.01 41.59
N TYR J 50 12.79 19.28 42.65
CA TYR J 50 12.08 18.05 42.98
C TYR J 50 11.70 18.09 44.43
N LYS J 51 10.53 17.56 44.75
CA LYS J 51 10.18 17.34 46.14
C LYS J 51 9.39 16.06 46.28
N THR J 52 9.78 15.22 47.22
CA THR J 52 9.01 14.01 47.44
C THR J 52 7.81 14.39 48.29
N GLU J 53 6.63 14.09 47.77
CA GLU J 53 5.37 14.44 48.42
C GLU J 53 5.01 13.45 49.53
N PHE J 54 5.48 12.20 49.40
CA PHE J 54 5.48 11.22 50.50
C PHE J 54 6.44 10.04 50.29
N ASP J 55 7.03 9.60 51.40
CA ASP J 55 7.96 8.47 51.44
C ASP J 55 7.23 7.17 51.31
N PHE J 56 7.98 6.09 51.18
CA PHE J 56 7.44 4.77 51.40
C PHE J 56 7.05 4.68 52.87
N SER J 57 7.95 5.15 53.75
CA SER J 57 7.70 5.26 55.18
C SER J 57 6.33 5.86 55.48
N ASP J 58 5.93 6.82 54.65
CA ASP J 58 4.70 7.55 54.85
C ASP J 58 3.49 6.74 54.40
N TYR J 59 3.63 6.04 53.27
CA TYR J 59 2.55 5.21 52.75
C TYR J 59 2.33 4.05 53.71
N VAL J 60 3.44 3.45 54.15
CA VAL J 60 3.42 2.37 55.14
C VAL J 60 2.73 2.81 56.45
N LYS J 61 2.86 4.09 56.80
CA LYS J 61 2.25 4.64 58.03
C LYS J 61 0.78 5.09 57.85
N TRP J 62 0.58 6.25 57.25
CA TRP J 62 -0.75 6.84 57.05
C TRP J 62 -1.68 5.92 56.19
N LYS J 63 -1.14 5.40 55.08
CA LYS J 63 -1.88 4.51 54.15
C LYS J 63 -3.12 5.05 53.44
N ASP J 64 -3.46 6.31 53.70
CA ASP J 64 -4.61 6.95 53.06
C ASP J 64 -4.13 7.79 51.87
N PRO J 65 -4.28 7.27 50.63
CA PRO J 65 -3.74 7.96 49.46
C PRO J 65 -4.42 9.28 49.16
N ASP J 66 -5.69 9.43 49.58
CA ASP J 66 -6.40 10.70 49.43
C ASP J 66 -5.76 11.79 50.28
N ALA J 67 -5.54 11.49 51.55
CA ALA J 67 -4.94 12.45 52.48
C ALA J 67 -3.41 12.50 52.37
N LEU J 68 -2.81 11.58 51.63
CA LEU J 68 -1.37 11.57 51.42
C LEU J 68 -0.93 12.61 50.41
N LEU J 69 -1.73 12.79 49.36
CA LEU J 69 -1.43 13.76 48.31
C LEU J 69 -2.29 14.99 48.43
N LYS J 70 -2.97 15.14 49.57
CA LYS J 70 -3.93 16.23 49.73
C LYS J 70 -3.27 17.62 49.78
N HIS J 71 -1.98 17.67 50.07
CA HIS J 71 -1.29 18.94 50.25
C HIS J 71 -0.27 19.30 49.17
N VAL J 72 -0.45 18.75 47.98
CA VAL J 72 0.41 19.08 46.84
C VAL J 72 0.14 20.51 46.37
N LYS J 73 1.19 21.25 46.02
CA LYS J 73 1.03 22.53 45.28
C LYS J 73 1.63 22.37 43.92
N HIS J 74 0.88 22.79 42.91
CA HIS J 74 1.39 22.77 41.56
C HIS J 74 2.58 23.72 41.48
N MET J 75 3.76 23.15 41.24
CA MET J 75 5.02 23.91 41.21
C MET J 75 5.08 25.02 40.17
N LEU J 76 4.70 24.70 38.93
CA LEU J 76 4.53 25.68 37.84
C LEU J 76 5.80 26.40 37.42
N LEU J 77 6.83 25.62 37.16
CA LEU J 77 8.12 26.12 36.69
C LEU J 77 8.67 25.11 35.68
N LEU J 78 9.94 25.23 35.28
CA LEU J 78 10.49 24.45 34.17
C LEU J 78 10.32 22.96 34.38
N THR J 79 10.61 22.20 33.33
CA THR J 79 10.39 20.75 33.29
C THR J 79 11.71 19.99 33.22
N ASN J 80 12.36 19.79 34.37
CA ASN J 80 13.72 19.23 34.40
C ASN J 80 13.79 17.72 34.58
N THR J 81 13.07 17.03 33.71
CA THR J 81 12.83 15.61 33.86
C THR J 81 14.09 14.77 34.07
N PHE J 82 15.17 15.06 33.34
CA PHE J 82 16.39 14.23 33.43
C PHE J 82 16.95 14.11 34.84
N GLY J 83 17.17 15.25 35.49
CA GLY J 83 17.61 15.29 36.89
C GLY J 83 16.55 14.74 37.86
N ALA J 84 15.27 14.86 37.46
CA ALA J 84 14.14 14.29 38.21
C ALA J 84 14.25 12.80 38.39
N ILE J 85 14.54 12.08 37.30
CA ILE J 85 14.79 10.65 37.35
C ILE J 85 15.96 10.36 38.28
N ASN J 86 17.09 11.01 38.04
CA ASN J 86 18.27 10.81 38.87
C ASN J 86 17.99 10.99 40.34
N TYR J 87 17.15 11.98 40.66
CA TYR J 87 16.73 12.23 42.04
C TYR J 87 16.00 11.02 42.63
N VAL J 88 15.01 10.51 41.89
CA VAL J 88 14.28 9.35 42.35
C VAL J 88 15.27 8.26 42.65
N ALA J 89 16.12 7.95 41.68
CA ALA J 89 17.08 6.85 41.79
C ALA J 89 17.94 6.95 43.05
N THR J 90 18.53 8.11 43.27
CA THR J 90 19.47 8.29 44.37
C THR J 90 18.84 8.73 45.71
N GLU J 91 17.66 9.35 45.64
CA GLU J 91 17.09 9.99 46.82
C GLU J 91 15.80 9.40 47.37
N VAL J 92 15.09 8.64 46.54
CA VAL J 92 13.79 8.09 46.95
C VAL J 92 13.88 6.60 47.35
N PHE J 93 14.48 5.79 46.48
CA PHE J 93 14.72 4.36 46.78
C PHE J 93 15.84 4.24 47.78
N ARG J 94 15.48 4.23 49.06
CA ARG J 94 16.46 4.18 50.13
C ARG J 94 16.00 3.35 51.32
N GLU J 95 16.95 2.65 51.94
CA GLU J 95 16.71 1.93 53.17
C GLU J 95 16.01 2.82 54.20
N GLU J 96 16.56 4.03 54.40
CA GLU J 96 16.09 4.95 55.43
C GLU J 96 14.70 5.50 55.15
N LEU J 97 14.36 5.61 53.87
CA LEU J 97 13.09 6.22 53.49
C LEU J 97 11.96 5.20 53.29
N GLY J 98 12.22 3.97 53.73
CA GLY J 98 11.19 2.91 53.78
C GLY J 98 11.12 1.93 52.61
N ALA J 99 12.11 2.01 51.71
CA ALA J 99 12.16 1.11 50.56
C ALA J 99 12.55 -0.28 51.02
N ARG J 100 11.85 -1.28 50.51
CA ARG J 100 12.21 -2.66 50.75
C ARG J 100 13.38 -3.04 49.82
N PRO J 101 14.48 -3.57 50.38
CA PRO J 101 15.70 -3.88 49.62
C PRO J 101 15.47 -4.96 48.55
N ASP J 102 14.76 -6.01 48.94
CA ASP J 102 14.44 -7.15 48.07
C ASP J 102 13.46 -6.80 46.95
N ALA J 103 12.67 -5.74 47.16
CA ALA J 103 11.62 -5.33 46.22
C ALA J 103 12.13 -4.86 44.86
N THR J 104 11.50 -5.37 43.82
CA THR J 104 11.81 -5.01 42.44
C THR J 104 11.20 -3.65 42.16
N LYS J 105 12.04 -2.66 41.86
CA LYS J 105 11.63 -1.23 41.88
C LYS J 105 11.09 -0.67 40.57
N VAL J 106 9.87 -0.15 40.63
CA VAL J 106 9.15 0.38 39.47
C VAL J 106 8.99 1.90 39.57
N LEU J 107 8.86 2.54 38.41
CA LEU J 107 8.71 3.98 38.34
C LEU J 107 7.67 4.35 37.30
N ILE J 108 6.67 5.14 37.71
CA ILE J 108 5.67 5.67 36.77
C ILE J 108 5.91 7.16 36.56
N ILE J 109 6.39 7.50 35.38
CA ILE J 109 6.63 8.90 35.02
C ILE J 109 5.43 9.47 34.21
N ILE J 110 4.82 10.52 34.73
CA ILE J 110 3.72 11.20 34.05
C ILE J 110 4.16 12.59 33.65
N THR J 111 4.36 12.80 32.34
CA THR J 111 4.89 14.06 31.81
C THR J 111 4.45 14.24 30.37
N ASP J 112 4.75 15.40 29.79
CA ASP J 112 4.59 15.61 28.35
C ASP J 112 5.92 15.47 27.63
N GLY J 113 6.98 15.24 28.40
CA GLY J 113 8.33 15.03 27.88
C GLY J 113 8.94 16.23 27.18
N GLU J 114 8.27 17.39 27.29
CA GLU J 114 8.85 18.65 26.87
C GLU J 114 9.79 19.01 27.99
N ALA J 115 10.93 18.33 28.02
CA ALA J 115 11.86 18.41 29.12
C ALA J 115 12.82 19.56 28.87
N THR J 116 13.20 20.24 29.95
CA THR J 116 14.02 21.44 29.87
C THR J 116 15.45 21.25 30.37
N ASP J 117 15.86 20.01 30.58
CA ASP J 117 17.29 19.67 30.81
C ASP J 117 17.76 18.45 30.03
N SER J 118 19.04 18.14 30.14
CA SER J 118 19.59 17.05 29.38
C SER J 118 20.57 16.29 30.26
N GLY J 119 20.84 15.03 29.91
CA GLY J 119 21.76 14.19 30.69
C GLY J 119 21.61 12.73 30.37
N ASN J 120 21.77 11.88 31.38
CA ASN J 120 21.57 10.44 31.22
C ASN J 120 20.82 9.87 32.42
N ILE J 121 20.18 8.74 32.22
CA ILE J 121 19.45 8.10 33.30
C ILE J 121 20.10 6.79 33.73
N ASP J 122 21.40 6.66 33.46
CA ASP J 122 22.15 5.45 33.79
C ASP J 122 21.94 5.06 35.24
N ALA J 123 21.78 6.07 36.09
CA ALA J 123 21.60 5.86 37.52
C ALA J 123 20.29 5.15 37.88
N ALA J 124 19.39 5.03 36.90
CA ALA J 124 18.09 4.41 37.14
C ALA J 124 17.81 3.25 36.19
N LYS J 125 18.85 2.64 35.64
CA LYS J 125 18.69 1.55 34.68
C LYS J 125 17.87 0.43 35.29
N ASP J 126 18.30 -0.06 36.45
CA ASP J 126 17.66 -1.21 37.08
C ASP J 126 16.20 -0.95 37.50
N ILE J 127 15.83 0.33 37.63
CA ILE J 127 14.43 0.69 37.88
C ILE J 127 13.66 0.54 36.58
N ILE J 128 12.72 -0.40 36.56
CA ILE J 128 11.81 -0.58 35.42
C ILE J 128 10.80 0.56 35.41
N ARG J 129 10.81 1.35 34.34
CA ARG J 129 10.03 2.59 34.26
C ARG J 129 9.03 2.70 33.08
N TYR J 130 7.75 2.57 33.42
CA TYR J 130 6.64 2.92 32.54
C TYR J 130 6.50 4.43 32.56
N ILE J 131 6.47 5.06 31.39
CA ILE J 131 6.24 6.50 31.32
C ILE J 131 4.96 6.79 30.52
N ILE J 132 4.10 7.66 31.05
CA ILE J 132 2.81 7.93 30.40
C ILE J 132 2.60 9.39 30.02
N GLY J 133 2.23 9.59 28.75
CA GLY J 133 2.28 10.91 28.14
C GLY J 133 0.99 11.67 28.04
N ILE J 134 0.88 12.69 28.89
CA ILE J 134 -0.24 13.63 28.85
C ILE J 134 0.29 15.00 28.41
N GLY J 135 -0.55 15.78 27.74
CA GLY J 135 -0.21 17.19 27.51
C GLY J 135 -0.15 17.61 26.05
N LYS J 136 -0.65 18.82 25.77
CA LYS J 136 -0.70 19.32 24.40
C LYS J 136 0.70 19.39 23.81
N HIS J 137 1.70 19.44 24.69
CA HIS J 137 3.05 19.63 24.25
C HIS J 137 3.83 18.34 24.08
N SER J 138 3.17 17.22 24.30
CA SER J 138 3.80 15.92 24.03
C SER J 138 3.64 15.50 22.56
N GLN J 139 3.25 16.44 21.72
CA GLN J 139 2.88 16.14 20.35
C GLN J 139 3.98 16.46 19.34
N THR J 140 5.23 16.45 19.78
CA THR J 140 6.32 16.83 18.88
C THR J 140 7.39 15.78 18.76
N LYS J 141 8.10 15.81 17.62
CA LYS J 141 9.27 14.96 17.37
C LYS J 141 10.12 14.85 18.63
N GLU J 142 10.55 15.98 19.17
CA GLU J 142 11.44 16.02 20.33
C GLU J 142 10.80 15.33 21.51
N SER J 143 9.65 15.84 21.94
CA SER J 143 8.92 15.32 23.08
C SER J 143 8.73 13.81 23.02
N GLN J 144 8.27 13.30 21.88
CA GLN J 144 8.07 11.87 21.73
C GLN J 144 9.37 11.11 21.96
N GLU J 145 10.44 11.54 21.27
CA GLU J 145 11.76 10.93 21.44
C GLU J 145 12.21 10.97 22.89
N THR J 146 12.01 12.12 23.53
CA THR J 146 12.34 12.30 24.94
C THR J 146 11.56 11.33 25.82
N LEU J 147 10.30 11.11 25.50
CA LEU J 147 9.49 10.16 26.24
C LEU J 147 10.08 8.76 26.11
N HIS J 148 10.42 8.35 24.88
CA HIS J 148 10.99 7.03 24.64
C HIS J 148 12.37 6.85 25.28
N LYS J 149 13.09 7.95 25.48
CA LYS J 149 14.38 7.93 26.15
C LYS J 149 14.26 7.54 27.61
N PHE J 150 13.17 7.96 28.25
CA PHE J 150 12.95 7.65 29.66
C PHE J 150 12.42 6.25 29.88
N ALA J 151 11.79 5.67 28.87
CA ALA J 151 11.17 4.35 29.00
C ALA J 151 12.16 3.18 29.08
N SER J 152 11.68 2.09 29.69
CA SER J 152 12.34 0.78 29.62
C SER J 152 12.23 0.28 28.17
N LYS J 153 13.06 -0.69 27.83
CA LYS J 153 13.09 -1.21 26.45
C LYS J 153 12.42 -2.59 26.37
N PRO J 154 11.83 -2.94 25.22
CA PRO J 154 11.63 -2.13 24.01
C PRO J 154 10.58 -1.03 24.25
N ALA J 155 10.91 0.18 23.83
CA ALA J 155 10.18 1.41 24.20
C ALA J 155 8.66 1.34 24.10
N SER J 156 8.15 0.90 22.96
CA SER J 156 6.71 0.81 22.71
C SER J 156 6.06 -0.37 23.42
N GLU J 157 6.20 -0.37 24.75
CA GLU J 157 5.57 -1.35 25.64
C GLU J 157 5.48 -0.72 27.01
N PHE J 158 6.17 0.42 27.16
CA PHE J 158 6.28 1.13 28.43
C PHE J 158 5.88 2.59 28.29
N VAL J 159 5.37 2.94 27.11
CA VAL J 159 4.91 4.30 26.80
C VAL J 159 3.46 4.26 26.36
N LYS J 160 2.58 4.99 27.05
CA LYS J 160 1.22 5.21 26.54
C LYS J 160 0.71 6.64 26.81
N ILE J 161 -0.30 7.08 26.05
CA ILE J 161 -1.01 8.35 26.30
C ILE J 161 -2.19 8.14 27.29
N LEU J 162 -2.29 9.04 28.28
CA LEU J 162 -3.14 8.87 29.49
C LEU J 162 -4.63 8.54 29.26
N ASP J 163 -5.19 9.02 28.15
CA ASP J 163 -6.63 8.90 27.83
C ASP J 163 -7.52 9.52 28.90
N THR J 164 -8.74 9.00 29.03
CA THR J 164 -9.57 9.25 30.21
C THR J 164 -9.43 8.05 31.19
N PHE J 165 -8.17 7.61 31.35
CA PHE J 165 -7.78 6.39 32.09
C PHE J 165 -8.41 5.08 31.56
N GLU J 166 -7.95 4.62 30.39
CA GLU J 166 -8.34 3.32 29.84
C GLU J 166 -7.40 2.21 30.31
N LYS J 167 -6.17 2.61 30.62
CA LYS J 167 -5.11 1.75 31.15
C LYS J 167 -5.47 1.05 32.46
N LEU J 168 -6.46 1.60 33.17
CA LEU J 168 -6.93 1.04 34.44
C LEU J 168 -7.56 -0.37 34.27
N LYS J 169 -7.53 -0.88 33.03
CA LYS J 169 -7.70 -2.30 32.77
C LYS J 169 -6.46 -2.84 32.05
N ASP J 170 -5.79 -1.98 31.29
CA ASP J 170 -4.63 -2.35 30.46
C ASP J 170 -3.36 -2.54 31.30
N LEU J 171 -2.74 -1.43 31.66
CA LEU J 171 -1.54 -1.37 32.50
C LEU J 171 -1.69 -2.20 33.78
N PHE J 172 -2.92 -2.23 34.29
CA PHE J 172 -3.25 -2.86 35.57
C PHE J 172 -3.09 -4.39 35.55
N THR J 173 -3.59 -5.03 34.48
CA THR J 173 -3.43 -6.47 34.31
C THR J 173 -1.98 -6.83 33.94
N GLU J 174 -1.17 -5.80 33.67
CA GLU J 174 0.28 -5.96 33.48
C GLU J 174 1.06 -5.50 34.73
N LEU J 175 0.40 -4.72 35.59
CA LEU J 175 0.94 -4.40 36.91
C LEU J 175 0.56 -5.47 37.96
N GLN J 176 -0.35 -6.36 37.56
CA GLN J 176 -0.67 -7.55 38.36
C GLN J 176 0.32 -8.69 38.03
N LYS J 177 1.26 -8.40 37.12
CA LYS J 177 2.40 -9.28 36.85
C LYS J 177 3.38 -9.22 38.01
N LYS J 178 3.79 -8.00 38.35
CA LYS J 178 4.86 -7.73 39.32
C LYS J 178 4.66 -8.32 40.72
N ILE J 179 3.42 -8.41 41.18
CA ILE J 179 3.11 -8.99 42.50
C ILE J 179 3.45 -10.49 42.54
N TYR J 180 3.45 -11.13 41.36
CA TYR J 180 3.51 -12.58 41.20
C TYR J 180 2.42 -13.23 42.04
N MET K 1 6.18 46.09 37.14
CA MET K 1 7.40 45.63 36.41
C MET K 1 8.71 46.04 37.07
N VAL K 2 9.59 45.09 37.38
CA VAL K 2 10.94 45.42 37.85
C VAL K 2 12.01 44.85 37.01
N SER K 3 13.22 45.29 37.30
CA SER K 3 14.41 44.93 36.60
C SER K 3 15.57 45.02 37.59
N VAL K 4 16.48 44.05 37.59
CA VAL K 4 17.59 44.10 38.55
C VAL K 4 18.88 44.00 37.82
N SER K 5 19.88 44.74 38.28
CA SER K 5 21.24 44.62 37.72
C SER K 5 22.30 44.94 38.75
N PRO K 6 23.41 44.20 38.68
CA PRO K 6 23.66 43.15 37.70
C PRO K 6 22.73 41.98 37.88
N SER K 7 22.40 41.27 36.80
CA SER K 7 21.58 40.08 36.91
C SER K 7 22.33 38.92 37.56
N LYS K 8 23.61 38.82 37.29
CA LYS K 8 24.41 37.83 37.96
C LYS K 8 25.84 38.35 38.23
N VAL K 9 26.32 38.26 39.48
CA VAL K 9 27.74 38.60 39.73
C VAL K 9 28.53 37.44 40.29
N THR K 10 29.83 37.40 39.96
CA THR K 10 30.79 36.61 40.70
C THR K 10 31.63 37.53 41.58
N LEU K 11 31.88 37.12 42.82
CA LEU K 11 32.73 37.91 43.68
C LEU K 11 33.39 37.07 44.78
N PRO K 12 34.59 37.48 45.21
CA PRO K 12 35.35 36.73 46.19
C PRO K 12 34.70 36.75 47.59
N ARG K 13 34.75 35.62 48.28
CA ARG K 13 34.17 35.47 49.60
C ARG K 13 34.46 36.64 50.48
N GLY K 14 33.40 37.25 51.00
CA GLY K 14 33.56 38.42 51.85
C GLY K 14 33.56 39.75 51.15
N GLY K 15 33.25 39.72 49.85
CA GLY K 15 33.20 40.93 49.01
C GLY K 15 31.89 41.67 49.18
N SER K 16 31.58 42.53 48.20
CA SER K 16 30.32 43.31 48.26
C SER K 16 29.85 43.74 46.89
N VAL K 17 28.56 43.78 46.71
CA VAL K 17 28.02 44.26 45.45
C VAL K 17 26.91 45.22 45.69
N LEU K 18 26.80 46.23 44.82
CA LEU K 18 25.61 47.03 44.83
C LEU K 18 24.73 46.47 43.77
N VAL K 19 23.43 46.35 44.05
CA VAL K 19 22.44 45.99 43.05
C VAL K 19 21.42 47.10 42.94
N THR K 20 20.77 47.19 41.78
CA THR K 20 19.80 48.24 41.54
C THR K 20 18.46 47.62 41.18
N CYS K 21 17.48 47.79 42.07
CA CYS K 21 16.09 47.50 41.72
C CYS K 21 15.51 48.72 41.02
N SER K 22 15.07 48.54 39.77
CA SER K 22 14.40 49.60 39.01
C SER K 22 12.99 49.18 38.63
N ALA K 23 12.05 50.09 38.81
CA ALA K 23 10.67 49.79 38.50
C ALA K 23 10.25 50.59 37.29
N SER K 24 9.26 50.08 36.58
CA SER K 24 8.80 50.69 35.37
C SER K 24 7.79 51.77 35.68
N CYS K 25 6.84 51.47 36.56
CA CYS K 25 5.86 52.48 37.06
C CYS K 25 6.66 53.58 37.77
N ASP K 26 6.41 54.84 37.44
CA ASP K 26 7.41 55.86 37.82
C ASP K 26 7.18 56.44 39.22
N GLN K 27 6.14 55.96 39.88
CA GLN K 27 5.97 56.23 41.29
C GLN K 27 5.37 54.98 41.93
N PRO K 28 6.25 54.01 42.29
CA PRO K 28 5.80 52.67 42.63
C PRO K 28 5.26 52.67 44.02
N LYS K 29 4.13 52.00 44.22
CA LYS K 29 3.42 51.99 45.51
C LYS K 29 4.33 51.41 46.58
N LEU K 30 5.29 50.65 46.12
CA LEU K 30 6.21 50.02 47.04
C LEU K 30 7.33 49.35 46.23
N LEU K 31 8.60 49.56 46.62
CA LEU K 31 9.71 49.00 45.84
C LEU K 31 10.88 48.71 46.73
N GLY K 32 11.31 47.45 46.74
CA GLY K 32 12.42 47.07 47.58
C GLY K 32 13.07 45.78 47.16
N ILE K 33 13.88 45.20 48.04
CA ILE K 33 14.56 43.94 47.75
C ILE K 33 14.24 42.88 48.78
N GLU K 34 14.19 41.63 48.38
CA GLU K 34 13.95 40.57 49.32
C GLU K 34 15.13 39.64 49.32
N THR K 35 15.92 39.66 50.41
CA THR K 35 17.09 38.79 50.57
C THR K 35 17.38 38.50 52.02
N PRO K 36 18.13 37.42 52.28
CA PRO K 36 18.52 37.14 53.62
C PRO K 36 19.90 37.67 53.91
N LEU K 37 20.52 38.29 52.90
CA LEU K 37 21.81 39.00 53.08
C LEU K 37 21.65 40.30 53.87
N VAL K 38 22.74 40.83 54.43
CA VAL K 38 22.65 42.10 55.14
C VAL K 38 22.71 43.19 54.08
N LYS K 39 21.78 44.14 54.15
CA LYS K 39 21.67 45.14 53.08
C LYS K 39 21.63 46.57 53.59
N LYS K 40 22.10 47.53 52.80
CA LYS K 40 21.98 48.95 53.15
C LYS K 40 21.65 49.77 51.91
N GLU K 41 20.56 50.53 51.89
CA GLU K 41 20.22 51.23 50.65
C GLU K 41 20.91 52.57 50.60
N LEU K 42 20.78 53.31 49.50
CA LEU K 42 21.57 54.54 49.35
C LEU K 42 20.87 55.97 49.25
N LEU K 43 21.50 56.87 48.50
CA LEU K 43 20.91 58.16 48.20
C LEU K 43 19.86 57.94 47.12
N LEU K 44 18.66 58.42 47.39
CA LEU K 44 17.49 58.09 46.59
C LEU K 44 17.22 58.98 45.37
N PRO K 45 17.77 60.22 45.32
CA PRO K 45 17.05 61.26 44.58
C PRO K 45 16.15 60.69 43.47
N GLY K 46 14.88 60.43 43.78
CA GLY K 46 13.94 59.76 42.85
C GLY K 46 13.55 58.36 43.30
N ASN K 47 12.33 57.94 42.97
CA ASN K 47 11.80 56.67 43.49
C ASN K 47 11.57 55.59 42.47
N ASN K 48 12.14 55.76 41.28
CA ASN K 48 12.12 54.74 40.25
C ASN K 48 12.99 53.57 40.58
N ARG K 49 14.10 53.86 41.25
CA ARG K 49 15.08 52.84 41.63
C ARG K 49 15.69 53.06 43.01
N LYS K 50 15.87 51.95 43.73
CA LYS K 50 16.69 51.95 44.92
C LYS K 50 17.95 51.16 44.54
N VAL K 51 19.04 51.43 45.26
CA VAL K 51 20.34 50.78 45.08
C VAL K 51 20.74 50.23 46.43
N TYR K 52 20.79 48.93 46.55
CA TYR K 52 21.13 48.33 47.82
C TYR K 52 22.56 47.80 47.72
N GLU K 53 23.34 48.00 48.78
CA GLU K 53 24.69 47.44 48.87
C GLU K 53 24.64 46.19 49.74
N LEU K 54 25.02 45.07 49.16
CA LEU K 54 25.09 43.84 49.89
C LEU K 54 26.53 43.60 50.29
N SER K 55 26.83 43.79 51.57
CA SER K 55 28.23 43.80 52.00
C SER K 55 28.60 42.47 52.62
N ASN K 56 29.93 42.21 52.65
CA ASN K 56 30.52 40.99 53.18
C ASN K 56 29.74 39.70 52.86
N VAL K 57 29.50 39.42 51.58
CA VAL K 57 28.70 38.23 51.25
C VAL K 57 29.57 36.99 51.38
N GLN K 58 29.08 36.00 52.12
CA GLN K 58 29.94 34.90 52.57
C GLN K 58 29.78 33.59 51.82
N GLU K 59 28.55 33.26 51.40
CA GLU K 59 28.27 32.04 50.65
C GLU K 59 27.45 32.41 49.45
N ASP K 60 27.37 31.50 48.46
CA ASP K 60 26.55 31.73 47.27
C ASP K 60 25.17 32.24 47.64
N SER K 61 24.73 33.32 47.03
CA SER K 61 23.45 33.91 47.39
C SER K 61 22.52 34.44 46.30
N GLN K 62 21.25 34.62 46.68
CA GLN K 62 20.27 35.23 45.78
C GLN K 62 19.74 36.50 46.37
N VAL K 63 19.16 37.32 45.51
CA VAL K 63 18.57 38.57 45.97
C VAL K 63 17.46 38.82 44.99
N MET K 64 16.33 39.36 45.47
CA MET K 64 15.10 39.48 44.68
C MET K 64 14.48 40.88 44.77
N CYS K 65 14.47 41.60 43.64
CA CYS K 65 13.81 42.89 43.57
C CYS K 65 12.30 42.71 43.44
N TYR K 66 11.53 43.57 44.09
CA TYR K 66 10.09 43.63 43.85
C TYR K 66 9.66 45.06 43.65
N ALA K 67 8.63 45.23 42.84
CA ALA K 67 7.95 46.51 42.78
C ALA K 67 6.48 46.31 42.57
N ASN K 68 5.73 46.90 43.48
CA ASN K 68 4.31 46.93 43.42
C ASN K 68 3.90 48.14 42.62
N CYS K 69 3.32 47.90 41.46
CA CYS K 69 2.98 48.94 40.52
C CYS K 69 1.50 49.00 40.37
N PRO K 70 0.99 50.02 39.65
CA PRO K 70 -0.37 50.03 39.12
C PRO K 70 -0.69 48.71 38.45
N ASP K 71 0.23 48.23 37.60
CA ASP K 71 0.01 47.01 36.79
C ASP K 71 0.02 45.71 37.60
N GLY K 72 0.68 45.70 38.75
CA GLY K 72 0.77 44.47 39.53
C GLY K 72 2.03 44.48 40.35
N GLN K 73 2.37 43.34 40.96
CA GLN K 73 3.64 43.17 41.69
C GLN K 73 4.66 42.45 40.87
N SER K 74 5.83 43.02 40.66
CA SER K 74 6.79 42.26 39.88
C SER K 74 8.09 41.84 40.61
N THR K 75 8.68 40.73 40.17
CA THR K 75 9.86 40.22 40.81
C THR K 75 11.04 40.11 39.84
N ALA K 76 12.24 40.27 40.34
CA ALA K 76 13.43 39.96 39.56
C ALA K 76 14.64 39.54 40.47
N LYS K 77 15.17 38.32 40.22
CA LYS K 77 16.27 37.72 41.01
C LYS K 77 17.61 38.06 40.47
N ALA K 78 18.59 38.29 41.34
CA ALA K 78 19.97 38.43 40.89
C ALA K 78 20.81 37.41 41.62
N PHE K 79 21.65 36.66 40.89
CA PHE K 79 22.46 35.60 41.52
C PHE K 79 23.92 35.99 41.92
N LEU K 80 24.19 35.93 43.22
CA LEU K 80 25.53 36.23 43.70
C LEU K 80 26.39 34.96 43.82
N THR K 81 27.48 34.91 43.09
CA THR K 81 28.33 33.74 43.16
C THR K 81 29.60 34.12 43.86
N VAL K 82 29.92 33.35 44.89
CA VAL K 82 31.06 33.61 45.74
C VAL K 82 32.09 32.49 45.70
N TYR K 83 33.37 32.85 45.63
CA TYR K 83 34.43 31.85 45.55
C TYR K 83 35.37 32.08 46.69
N TRP K 84 36.06 31.02 47.09
CA TRP K 84 36.91 31.08 48.26
C TRP K 84 38.34 31.60 48.02
N THR K 85 39.00 32.06 49.07
CA THR K 85 40.35 32.52 48.93
C THR K 85 41.29 31.72 49.85
N MET L 1 -13.17 25.31 77.18
CA MET L 1 -13.21 26.14 75.93
C MET L 1 -12.20 25.69 74.88
N ASN L 2 -12.72 25.33 73.71
CA ASN L 2 -11.89 24.88 72.60
C ASN L 2 -11.21 26.07 71.98
N VAL L 3 -10.03 25.82 71.44
CA VAL L 3 -9.23 26.85 70.77
C VAL L 3 -8.73 26.35 69.42
N ASP L 4 -9.02 27.10 68.38
CA ASP L 4 -8.51 26.82 67.05
C ASP L 4 -7.32 27.73 66.82
N LEU L 5 -6.12 27.16 66.80
CA LEU L 5 -4.90 27.97 66.64
C LEU L 5 -4.21 27.68 65.33
N VAL L 6 -3.86 28.74 64.61
CA VAL L 6 -3.22 28.62 63.31
C VAL L 6 -1.82 29.26 63.31
N PHE L 7 -0.80 28.47 62.94
CA PHE L 7 0.51 29.01 62.69
C PHE L 7 0.54 29.58 61.28
N LEU L 8 0.78 30.88 61.20
CA LEU L 8 1.10 31.52 59.92
C LEU L 8 2.59 31.80 59.92
N PHE L 9 3.34 31.07 59.09
CA PHE L 9 4.81 31.15 59.19
C PHE L 9 5.50 31.65 57.94
N ASP L 10 6.48 32.53 58.13
CA ASP L 10 7.17 33.24 57.06
C ASP L 10 8.19 32.35 56.34
N GLY L 11 7.88 32.00 55.10
CA GLY L 11 8.78 31.19 54.33
C GLY L 11 9.32 32.03 53.23
N SER L 12 9.44 33.33 53.46
CA SER L 12 9.97 34.21 52.42
C SER L 12 11.47 34.02 52.33
N MET L 13 12.07 34.56 51.27
CA MET L 13 13.49 34.45 51.05
C MET L 13 14.33 35.17 52.17
N SER L 14 13.77 36.23 52.75
CA SER L 14 14.48 37.09 53.69
C SER L 14 14.89 36.38 55.00
N LEU L 15 14.42 35.16 55.16
CA LEU L 15 14.80 34.34 56.29
C LEU L 15 15.77 33.28 55.85
N GLN L 16 16.79 33.08 56.65
CA GLN L 16 17.81 32.09 56.35
C GLN L 16 17.19 30.71 56.43
N PRO L 17 17.76 29.73 55.72
CA PRO L 17 17.12 28.42 55.76
C PRO L 17 17.24 27.77 57.15
N ASP L 18 18.34 28.02 57.86
CA ASP L 18 18.47 27.56 59.24
C ASP L 18 17.47 28.30 60.11
N GLU L 19 17.15 29.55 59.77
CA GLU L 19 16.15 30.30 60.50
C GLU L 19 14.80 29.69 60.27
N PHE L 20 14.57 29.18 59.06
CA PHE L 20 13.29 28.60 58.70
C PHE L 20 13.12 27.33 59.46
N GLN L 21 14.16 26.53 59.52
CA GLN L 21 14.12 25.30 60.29
C GLN L 21 13.75 25.56 61.76
N LYS L 22 14.34 26.58 62.36
CA LYS L 22 14.02 26.98 63.72
C LYS L 22 12.51 27.26 63.88
N ILE L 23 11.86 27.76 62.84
CA ILE L 23 10.44 28.06 62.89
C ILE L 23 9.63 26.78 62.82
N LEU L 24 10.05 25.82 62.03
CA LEU L 24 9.38 24.53 62.03
C LEU L 24 9.55 23.86 63.39
N ASP L 25 10.79 23.77 63.86
CA ASP L 25 11.09 23.20 65.17
C ASP L 25 10.35 23.89 66.31
N PHE L 26 9.95 25.15 66.11
CA PHE L 26 9.20 25.88 67.12
C PHE L 26 7.75 25.40 67.11
N MET L 27 7.16 25.33 65.94
CA MET L 27 5.77 24.90 65.81
C MET L 27 5.59 23.49 66.39
N LYS L 28 6.50 22.60 66.04
CA LYS L 28 6.46 21.25 66.55
C LYS L 28 6.57 21.21 68.07
N ASP L 29 7.33 22.16 68.63
CA ASP L 29 7.51 22.26 70.08
C ASP L 29 6.24 22.71 70.78
N VAL L 30 5.48 23.59 70.11
CA VAL L 30 4.23 24.09 70.66
C VAL L 30 3.15 23.02 70.61
N MET L 31 3.05 22.34 69.48
CA MET L 31 2.05 21.28 69.30
C MET L 31 2.29 20.08 70.22
N LYS L 32 3.55 19.68 70.36
CA LYS L 32 3.92 18.58 71.24
C LYS L 32 3.46 18.92 72.66
N LYS L 33 3.80 20.13 73.09
CA LYS L 33 3.50 20.60 74.42
C LYS L 33 2.08 21.18 74.51
N LEU L 34 1.17 20.63 73.71
CA LEU L 34 -0.26 20.98 73.83
C LEU L 34 -1.15 19.85 73.32
N SER L 35 -0.62 18.63 73.34
CA SER L 35 -1.36 17.44 72.94
C SER L 35 -2.54 17.07 73.91
N ASN L 36 -3.38 18.07 74.14
CA ASN L 36 -4.69 17.91 74.72
C ASN L 36 -5.72 18.35 73.66
N THR L 37 -6.95 17.85 73.77
CA THR L 37 -8.03 18.13 72.80
C THR L 37 -8.30 19.63 72.60
N SER L 38 -8.32 20.38 73.71
CA SER L 38 -8.73 21.77 73.74
C SER L 38 -8.20 22.50 72.52
N TYR L 39 -6.88 22.43 72.32
CA TYR L 39 -6.25 23.04 71.15
C TYR L 39 -6.34 22.15 69.91
N GLN L 40 -6.87 22.69 68.82
CA GLN L 40 -6.88 22.02 67.52
C GLN L 40 -6.03 22.92 66.63
N PHE L 41 -5.10 22.35 65.88
CA PHE L 41 -4.14 23.15 65.11
C PHE L 41 -4.30 23.14 63.59
N ALA L 42 -3.61 24.07 62.93
CA ALA L 42 -3.49 24.14 61.47
C ALA L 42 -2.35 25.07 61.13
N ALA L 43 -1.55 24.75 60.12
CA ALA L 43 -0.43 25.62 59.76
C ALA L 43 -0.48 26.03 58.32
N VAL L 44 -0.24 27.31 58.07
CA VAL L 44 -0.08 27.82 56.69
C VAL L 44 1.23 28.59 56.47
N GLN L 45 1.95 28.20 55.42
CA GLN L 45 3.16 28.91 55.04
C GLN L 45 2.77 30.00 54.03
N PHE L 46 3.32 31.20 54.23
CA PHE L 46 3.14 32.31 53.34
C PHE L 46 4.48 32.83 52.84
N SER L 47 4.51 33.21 51.56
CA SER L 47 5.65 33.86 51.00
C SER L 47 5.14 34.80 49.97
N THR L 48 5.28 34.49 48.70
CA THR L 48 4.64 35.31 47.69
C THR L 48 3.17 34.97 47.73
N SER L 49 2.89 33.67 47.78
CA SER L 49 1.51 33.18 47.96
C SER L 49 1.41 32.35 49.23
N TYR L 50 0.29 31.66 49.40
CA TYR L 50 0.01 30.99 50.64
C TYR L 50 -0.32 29.56 50.37
N LYS L 51 0.09 28.65 51.25
CA LYS L 51 -0.43 27.28 51.17
C LYS L 51 -0.64 26.76 52.58
N THR L 52 -1.79 26.13 52.84
CA THR L 52 -2.00 25.56 54.16
C THR L 52 -1.31 24.23 54.17
N GLU L 53 -0.42 24.03 55.12
CA GLU L 53 0.39 22.83 55.16
C GLU L 53 -0.36 21.70 55.83
N PHE L 54 -1.28 22.05 56.73
CA PHE L 54 -2.30 21.12 57.20
C PHE L 54 -3.57 21.77 57.78
N ASP L 55 -4.71 21.12 57.57
CA ASP L 55 -6.02 21.53 58.09
C ASP L 55 -6.18 21.20 59.55
N PHE L 56 -7.24 21.74 60.15
CA PHE L 56 -7.67 21.27 61.44
C PHE L 56 -8.07 19.81 61.25
N SER L 57 -8.82 19.55 60.17
CA SER L 57 -9.23 18.19 59.81
C SER L 57 -8.05 17.24 59.86
N ASP L 58 -6.88 17.75 59.47
CA ASP L 58 -5.68 16.92 59.36
C ASP L 58 -5.06 16.66 60.73
N TYR L 59 -5.02 17.68 61.57
CA TYR L 59 -4.51 17.53 62.92
C TYR L 59 -5.41 16.60 63.72
N VAL L 60 -6.71 16.82 63.58
CA VAL L 60 -7.71 15.97 64.20
C VAL L 60 -7.55 14.50 63.76
N LYS L 61 -7.12 14.28 62.52
CA LYS L 61 -6.93 12.91 62.00
C LYS L 61 -5.57 12.28 62.35
N TRP L 62 -4.51 12.69 61.64
CA TRP L 62 -3.14 12.16 61.81
C TRP L 62 -2.61 12.39 63.24
N LYS L 63 -2.77 13.61 63.78
CA LYS L 63 -2.34 14.01 65.14
C LYS L 63 -0.84 13.97 65.46
N ASP L 64 -0.03 13.60 64.48
CA ASP L 64 1.42 13.54 64.67
C ASP L 64 2.05 14.81 64.09
N PRO L 65 2.41 15.77 64.96
CA PRO L 65 2.91 17.06 64.48
C PRO L 65 4.25 16.95 63.75
N ASP L 66 5.04 15.93 64.09
CA ASP L 66 6.30 15.70 63.40
C ASP L 66 6.05 15.32 61.94
N ALA L 67 5.14 14.37 61.74
CA ALA L 67 4.85 13.86 60.42
C ALA L 67 3.85 14.74 59.70
N LEU L 68 3.25 15.70 60.40
CA LEU L 68 2.31 16.64 59.79
C LEU L 68 3.01 17.74 58.98
N LEU L 69 4.10 18.26 59.51
CA LEU L 69 4.91 19.29 58.84
C LEU L 69 6.15 18.68 58.15
N LYS L 70 6.21 17.36 58.01
CA LYS L 70 7.42 16.76 57.55
C LYS L 70 7.66 17.07 56.08
N HIS L 71 6.64 17.48 55.36
CA HIS L 71 6.82 17.72 53.93
C HIS L 71 6.76 19.17 53.45
N VAL L 72 7.09 20.11 54.34
CA VAL L 72 7.15 21.54 54.02
C VAL L 72 8.32 21.81 53.08
N LYS L 73 8.12 22.70 52.10
CA LYS L 73 9.23 23.21 51.28
C LYS L 73 9.33 24.69 51.54
N HIS L 74 10.53 25.14 51.82
CA HIS L 74 10.78 26.57 52.01
C HIS L 74 10.49 27.30 50.71
N MET L 75 9.43 28.08 50.71
CA MET L 75 8.97 28.78 49.51
C MET L 75 10.00 29.72 48.87
N LEU L 76 10.60 30.60 49.68
CA LEU L 76 11.74 31.41 49.28
C LEU L 76 11.45 32.43 48.20
N LEU L 77 10.37 33.16 48.39
CA LEU L 77 10.00 34.26 47.49
C LEU L 77 9.54 35.42 48.37
N LEU L 78 8.93 36.48 47.80
CA LEU L 78 8.54 37.68 48.57
C LEU L 78 7.76 37.41 49.87
N THR L 79 7.60 38.46 50.69
CA THR L 79 6.96 38.36 51.97
C THR L 79 5.62 39.11 51.98
N ASN L 80 4.56 38.47 51.50
CA ASN L 80 3.24 39.13 51.37
C ASN L 80 2.32 39.02 52.58
N THR L 81 2.87 39.35 53.74
CA THR L 81 2.19 39.11 55.01
C THR L 81 0.72 39.58 55.05
N PHE L 82 0.41 40.75 54.52
CA PHE L 82 -0.95 41.29 54.62
C PHE L 82 -1.99 40.36 54.07
N GLY L 83 -1.75 39.92 52.85
CA GLY L 83 -2.68 39.01 52.20
C GLY L 83 -2.66 37.64 52.85
N ALA L 84 -1.54 37.32 53.50
CA ALA L 84 -1.41 36.09 54.22
C ALA L 84 -2.42 35.99 55.38
N ILE L 85 -2.52 37.06 56.16
CA ILE L 85 -3.47 37.12 57.23
C ILE L 85 -4.90 36.96 56.66
N ASN L 86 -5.24 37.75 55.64
CA ASN L 86 -6.56 37.66 55.03
C ASN L 86 -6.88 36.26 54.56
N TYR L 87 -5.90 35.59 54.00
CA TYR L 87 -6.07 34.21 53.63
C TYR L 87 -6.43 33.35 54.82
N VAL L 88 -5.70 33.47 55.93
CA VAL L 88 -6.01 32.66 57.11
C VAL L 88 -7.44 32.90 57.49
N ALA L 89 -7.80 34.17 57.64
CA ALA L 89 -9.16 34.58 58.04
C ALA L 89 -10.23 33.93 57.22
N THR L 90 -10.15 34.08 55.90
CA THR L 90 -11.20 33.62 55.01
C THR L 90 -11.06 32.18 54.53
N GLU L 91 -9.86 31.61 54.58
CA GLU L 91 -9.66 30.30 53.94
C GLU L 91 -9.30 29.14 54.85
N VAL L 92 -8.85 29.44 56.07
CA VAL L 92 -8.44 28.39 57.01
C VAL L 92 -9.48 28.11 58.13
N PHE L 93 -9.97 29.14 58.79
CA PHE L 93 -11.02 29.01 59.79
C PHE L 93 -12.35 28.76 59.10
N ARG L 94 -12.63 27.49 58.86
CA ARG L 94 -13.85 27.12 58.14
C ARG L 94 -14.50 25.86 58.70
N GLU L 95 -15.82 25.83 58.66
CA GLU L 95 -16.57 24.66 59.04
C GLU L 95 -16.01 23.42 58.32
N GLU L 96 -15.85 23.56 57.00
CA GLU L 96 -15.49 22.42 56.14
C GLU L 96 -14.07 21.92 56.40
N LEU L 97 -13.19 22.82 56.81
CA LEU L 97 -11.78 22.48 57.01
C LEU L 97 -11.45 22.06 58.43
N GLY L 98 -12.50 21.83 59.24
CA GLY L 98 -12.37 21.23 60.57
C GLY L 98 -12.31 22.18 61.75
N ALA L 99 -12.59 23.45 61.50
CA ALA L 99 -12.64 24.43 62.57
C ALA L 99 -13.89 24.24 63.42
N ARG L 100 -13.71 24.30 64.73
CA ARG L 100 -14.83 24.28 65.65
C ARG L 100 -15.45 25.68 65.70
N PRO L 101 -16.78 25.78 65.50
CA PRO L 101 -17.47 27.06 65.41
C PRO L 101 -17.42 27.85 66.73
N ASP L 102 -17.66 27.16 67.83
CA ASP L 102 -17.68 27.74 69.17
C ASP L 102 -16.30 28.17 69.66
N ALA L 103 -15.25 27.58 69.09
CA ALA L 103 -13.86 27.81 69.52
C ALA L 103 -13.37 29.23 69.27
N THR L 104 -12.69 29.76 70.30
CA THR L 104 -12.12 31.09 70.24
C THR L 104 -10.83 31.01 69.47
N LYS L 105 -10.76 31.72 68.35
CA LYS L 105 -9.71 31.51 67.35
C LYS L 105 -8.45 32.36 67.50
N VAL L 106 -7.31 31.67 67.62
CA VAL L 106 -6.00 32.30 67.81
C VAL L 106 -5.09 32.10 66.59
N LEU L 107 -4.14 33.02 66.42
CA LEU L 107 -3.21 33.03 65.28
C LEU L 107 -1.78 33.37 65.75
N ILE L 108 -0.82 32.49 65.46
CA ILE L 108 0.57 32.79 65.80
C ILE L 108 1.31 33.10 64.50
N ILE L 109 1.65 34.38 64.33
CA ILE L 109 2.38 34.79 63.13
C ILE L 109 3.88 34.86 63.44
N ILE L 110 4.67 34.08 62.69
CA ILE L 110 6.14 34.10 62.85
C ILE L 110 6.76 34.70 61.59
N THR L 111 7.36 35.89 61.71
CA THR L 111 7.88 36.61 60.54
C THR L 111 8.92 37.58 61.01
N ASP L 112 9.61 38.23 60.09
CA ASP L 112 10.45 39.41 60.41
C ASP L 112 9.72 40.75 60.13
N GLY L 113 8.48 40.66 59.67
CA GLY L 113 7.68 41.82 59.31
C GLY L 113 8.24 42.72 58.22
N GLU L 114 9.24 42.24 57.51
CA GLU L 114 9.72 42.94 56.33
C GLU L 114 8.73 42.51 55.27
N ALA L 115 7.55 43.09 55.31
CA ALA L 115 6.46 42.66 54.45
C ALA L 115 6.49 43.37 53.15
N THR L 116 6.15 42.66 52.10
CA THR L 116 6.25 43.15 50.73
C THR L 116 4.91 43.50 50.08
N ASP L 117 3.82 43.49 50.87
CA ASP L 117 2.53 44.06 50.45
C ASP L 117 1.90 44.95 51.50
N SER L 118 0.78 45.56 51.15
CA SER L 118 0.11 46.48 52.06
C SER L 118 -1.37 46.21 52.02
N GLY L 119 -2.07 46.58 53.08
CA GLY L 119 -3.53 46.40 53.09
C GLY L 119 -4.11 46.61 54.48
N ASN L 120 -5.19 45.90 54.78
CA ASN L 120 -5.72 45.93 56.12
C ASN L 120 -6.05 44.53 56.55
N ILE L 121 -6.09 44.33 57.87
CA ILE L 121 -6.43 43.02 58.45
C ILE L 121 -7.83 43.04 59.13
N ASP L 122 -8.70 43.92 58.68
CA ASP L 122 -10.00 44.00 59.26
C ASP L 122 -10.66 42.64 59.23
N ALA L 123 -10.37 41.85 58.21
CA ALA L 123 -11.02 40.57 58.06
C ALA L 123 -10.61 39.58 59.15
N ALA L 124 -9.70 39.96 60.00
CA ALA L 124 -9.20 39.03 60.98
C ALA L 124 -9.19 39.65 62.36
N LYS L 125 -10.06 40.65 62.57
CA LYS L 125 -10.14 41.37 63.83
C LYS L 125 -10.41 40.42 64.96
N ASP L 126 -11.48 39.66 64.84
CA ASP L 126 -11.89 38.79 65.92
C ASP L 126 -10.87 37.67 66.23
N ILE L 127 -9.96 37.39 65.31
CA ILE L 127 -8.88 36.43 65.59
C ILE L 127 -7.81 37.10 66.44
N ILE L 128 -7.65 36.63 67.67
CA ILE L 128 -6.63 37.14 68.57
C ILE L 128 -5.31 36.62 68.08
N ARG L 129 -4.42 37.56 67.72
CA ARG L 129 -3.13 37.21 67.06
C ARG L 129 -1.83 37.67 67.79
N TYR L 130 -1.13 36.70 68.39
CA TYR L 130 0.23 36.90 68.90
C TYR L 130 1.14 36.80 67.72
N ILE L 131 2.00 37.80 67.55
CA ILE L 131 2.99 37.75 66.46
C ILE L 131 4.43 37.74 67.03
N ILE L 132 5.29 36.85 66.53
CA ILE L 132 6.63 36.72 67.09
C ILE L 132 7.74 36.95 66.05
N GLY L 133 8.68 37.82 66.39
CA GLY L 133 9.61 38.41 65.43
C GLY L 133 10.99 37.80 65.39
N ILE L 134 11.25 37.00 64.39
CA ILE L 134 12.56 36.43 64.16
C ILE L 134 13.13 37.11 62.90
N GLY L 135 14.46 37.29 62.85
CA GLY L 135 15.13 37.61 61.58
C GLY L 135 15.98 38.86 61.61
N LYS L 136 17.10 38.83 60.88
CA LYS L 136 18.00 39.96 60.89
C LYS L 136 17.30 41.18 60.35
N HIS L 137 16.21 40.97 59.61
CA HIS L 137 15.53 42.07 58.96
C HIS L 137 14.36 42.66 59.73
N SER L 138 14.12 42.15 60.93
CA SER L 138 13.08 42.66 61.78
C SER L 138 13.64 43.78 62.63
N GLN L 139 14.78 44.30 62.25
CA GLN L 139 15.45 45.27 63.08
C GLN L 139 15.26 46.73 62.63
N THR L 140 14.21 47.04 61.90
CA THR L 140 14.10 48.41 61.38
C THR L 140 12.82 49.07 61.80
N LYS L 141 12.82 50.40 61.79
CA LYS L 141 11.62 51.18 62.05
C LYS L 141 10.37 50.58 61.36
N GLU L 142 10.48 50.32 60.05
CA GLU L 142 9.37 49.81 59.24
C GLU L 142 8.94 48.46 59.78
N SER L 143 9.86 47.51 59.80
CA SER L 143 9.56 46.15 60.22
C SER L 143 8.88 46.12 61.57
N GLN L 144 9.42 46.86 62.53
CA GLN L 144 8.86 46.86 63.86
C GLN L 144 7.44 47.36 63.84
N GLU L 145 7.20 48.50 63.21
CA GLU L 145 5.85 49.03 63.05
C GLU L 145 4.89 48.04 62.37
N THR L 146 5.38 47.36 61.33
CA THR L 146 4.63 46.33 60.61
C THR L 146 4.29 45.18 61.52
N LEU L 147 5.20 44.81 62.38
CA LEU L 147 4.90 43.77 63.32
C LEU L 147 3.74 44.20 64.22
N HIS L 148 3.81 45.41 64.75
CA HIS L 148 2.84 45.86 65.70
C HIS L 148 1.50 46.03 65.01
N LYS L 149 1.53 46.26 63.71
CA LYS L 149 0.28 46.35 62.94
C LYS L 149 -0.50 45.06 62.91
N PHE L 150 0.19 43.94 62.85
CA PHE L 150 -0.46 42.65 62.80
C PHE L 150 -0.96 42.21 64.15
N ALA L 151 -0.35 42.71 65.22
CA ALA L 151 -0.71 42.28 66.58
C ALA L 151 -2.10 42.67 67.08
N SER L 152 -2.60 41.89 68.02
CA SER L 152 -3.70 42.31 68.86
C SER L 152 -3.28 43.51 69.75
N LYS L 153 -4.24 44.21 70.33
CA LYS L 153 -3.92 45.38 71.15
C LYS L 153 -4.19 45.09 72.61
N PRO L 154 -3.44 45.74 73.50
CA PRO L 154 -2.37 46.67 73.24
C PRO L 154 -1.15 45.93 72.78
N ALA L 155 -0.52 46.47 71.73
CA ALA L 155 0.47 45.75 70.94
C ALA L 155 1.55 45.05 71.74
N SER L 156 2.17 45.75 72.70
CA SER L 156 3.29 45.21 73.45
C SER L 156 2.78 44.27 74.53
N GLU L 157 2.08 43.23 74.08
CA GLU L 157 1.64 42.15 74.93
C GLU L 157 1.45 40.94 74.04
N PHE L 158 1.50 41.20 72.72
CA PHE L 158 1.28 40.18 71.70
C PHE L 158 2.41 40.13 70.64
N VAL L 159 3.50 40.84 70.93
CA VAL L 159 4.71 40.83 70.11
C VAL L 159 5.94 40.43 70.95
N LYS L 160 6.67 39.39 70.55
CA LYS L 160 7.97 39.14 71.16
C LYS L 160 9.02 38.68 70.12
N ILE L 161 10.31 38.81 70.45
CA ILE L 161 11.41 38.17 69.67
C ILE L 161 11.73 36.71 70.11
N LEU L 162 11.85 35.80 69.12
CA LEU L 162 11.79 34.31 69.30
C LEU L 162 12.76 33.67 70.33
N ASP L 163 13.91 34.34 70.54
CA ASP L 163 15.04 33.85 71.38
C ASP L 163 15.57 32.47 70.94
N THR L 164 16.07 31.73 71.91
CA THR L 164 16.27 30.30 71.72
C THR L 164 15.05 29.56 72.35
N PHE L 165 13.84 30.10 72.09
CA PHE L 165 12.57 29.65 72.70
C PHE L 165 12.55 29.76 74.25
N GLU L 166 12.47 30.99 74.76
CA GLU L 166 12.30 31.24 76.21
C GLU L 166 10.81 31.32 76.57
N LYS L 167 10.01 31.68 75.56
CA LYS L 167 8.55 31.79 75.65
C LYS L 167 7.84 30.50 76.01
N LEU L 168 8.54 29.39 75.79
CA LEU L 168 8.02 28.06 76.13
C LEU L 168 7.77 27.86 77.64
N LYS L 169 8.03 28.92 78.41
CA LYS L 169 7.50 29.05 79.77
C LYS L 169 6.61 30.32 79.82
N ASP L 170 6.93 31.30 78.99
CA ASP L 170 6.29 32.61 79.05
C ASP L 170 4.92 32.59 78.39
N LEU L 171 4.92 32.65 77.05
CA LEU L 171 3.72 32.58 76.23
C LEU L 171 2.84 31.38 76.58
N PHE L 172 3.48 30.30 77.03
CA PHE L 172 2.80 29.02 77.37
C PHE L 172 1.87 29.11 78.59
N THR L 173 2.33 29.74 79.67
CA THR L 173 1.48 29.96 80.87
C THR L 173 0.43 31.05 80.60
N GLU L 174 0.54 31.72 79.45
CA GLU L 174 -0.49 32.64 78.97
C GLU L 174 -1.37 31.99 77.88
N LEU L 175 -0.84 30.93 77.27
CA LEU L 175 -1.62 30.08 76.36
C LEU L 175 -2.38 28.98 77.11
N GLN L 176 -2.05 28.82 78.39
CA GLN L 176 -2.83 27.97 79.31
C GLN L 176 -4.00 28.76 79.91
N LYS L 177 -4.11 30.04 79.51
CA LYS L 177 -5.27 30.89 79.77
C LYS L 177 -6.46 30.39 78.94
N LYS L 178 -6.25 30.37 77.62
CA LYS L 178 -7.30 30.07 76.62
C LYS L 178 -8.12 28.77 76.82
N ILE L 179 -7.46 27.71 77.31
CA ILE L 179 -8.15 26.43 77.54
C ILE L 179 -9.23 26.60 78.61
N TYR L 180 -9.05 27.59 79.49
CA TYR L 180 -9.83 27.73 80.75
C TYR L 180 -9.79 26.42 81.58
N MET M 1 56.95 29.22 -19.90
CA MET M 1 57.23 28.98 -21.36
C MET M 1 57.07 27.55 -21.81
N VAL M 2 56.18 27.31 -22.77
CA VAL M 2 56.09 25.97 -23.39
C VAL M 2 56.39 25.94 -24.86
N SER M 3 56.53 24.73 -25.35
CA SER M 3 56.82 24.47 -26.71
C SER M 3 56.17 23.13 -27.01
N VAL M 4 55.49 23.01 -28.14
CA VAL M 4 54.87 21.72 -28.52
C VAL M 4 55.44 21.22 -29.84
N SER M 5 55.65 19.90 -29.96
CA SER M 5 56.00 19.33 -31.26
C SER M 5 55.49 17.91 -31.47
N PRO M 6 55.06 17.61 -32.70
CA PRO M 6 55.13 18.47 -33.87
C PRO M 6 54.13 19.58 -33.73
N SER M 7 54.43 20.72 -34.35
CA SER M 7 53.54 21.87 -34.31
C SER M 7 52.30 21.57 -35.13
N LYS M 8 52.46 20.87 -36.23
CA LYS M 8 51.34 20.51 -37.06
C LYS M 8 51.54 19.14 -37.71
N VAL M 9 50.57 18.22 -37.56
CA VAL M 9 50.65 16.94 -38.29
C VAL M 9 49.51 16.74 -39.24
N THR M 10 49.77 15.99 -40.31
CA THR M 10 48.70 15.40 -41.10
C THR M 10 48.70 13.91 -40.85
N LEU M 11 47.53 13.32 -40.63
CA LEU M 11 47.44 11.87 -40.47
C LEU M 11 46.06 11.30 -40.90
N PRO M 12 46.07 10.05 -41.37
CA PRO M 12 44.87 9.43 -41.86
C PRO M 12 43.84 9.13 -40.77
N ARG M 13 42.58 9.33 -41.11
CA ARG M 13 41.47 9.13 -40.18
C ARG M 13 41.63 7.87 -39.38
N GLY M 14 41.65 8.02 -38.07
CA GLY M 14 41.79 6.87 -37.17
C GLY M 14 43.24 6.56 -36.81
N GLY M 15 44.14 7.46 -37.19
CA GLY M 15 45.56 7.32 -36.88
C GLY M 15 45.89 7.72 -35.45
N SER M 16 47.19 7.94 -35.21
CA SER M 16 47.67 8.36 -33.86
C SER M 16 48.96 9.19 -33.90
N VAL M 17 49.06 10.15 -32.99
CA VAL M 17 50.26 10.94 -32.92
C VAL M 17 50.70 11.10 -31.50
N LEU M 18 52.01 11.08 -31.28
CA LEU M 18 52.50 11.51 -30.00
C LEU M 18 52.91 12.97 -30.14
N VAL M 19 52.59 13.74 -29.11
CA VAL M 19 53.04 15.12 -29.01
C VAL M 19 53.82 15.28 -27.74
N THR M 20 54.71 16.26 -27.73
CA THR M 20 55.61 16.50 -26.63
C THR M 20 55.42 17.93 -26.15
N CYS M 21 54.87 18.06 -24.94
CA CYS M 21 54.83 19.35 -24.29
C CYS M 21 56.11 19.50 -23.53
N SER M 22 56.90 20.52 -23.90
CA SER M 22 58.18 20.82 -23.25
C SER M 22 58.18 22.21 -22.62
N ALA M 23 58.63 22.29 -21.36
CA ALA M 23 58.59 23.53 -20.63
C ALA M 23 60.01 24.04 -20.47
N SER M 24 60.15 25.35 -20.26
CA SER M 24 61.46 25.93 -20.13
C SER M 24 61.92 25.88 -18.72
N CYS M 25 61.05 26.24 -17.78
CA CYS M 25 61.38 26.17 -16.36
C CYS M 25 61.61 24.73 -16.06
N ASP M 26 62.69 24.38 -15.38
CA ASP M 26 63.11 22.96 -15.40
C ASP M 26 62.48 22.09 -14.30
N GLN M 27 61.60 22.70 -13.51
CA GLN M 27 60.74 21.97 -12.61
C GLN M 27 59.43 22.73 -12.56
N PRO M 28 58.55 22.48 -13.54
CA PRO M 28 57.37 23.30 -13.73
C PRO M 28 56.37 22.96 -12.67
N LYS M 29 55.72 23.99 -12.12
CA LYS M 29 54.74 23.84 -11.04
C LYS M 29 53.58 22.96 -11.52
N LEU M 30 53.41 22.89 -12.83
CA LEU M 30 52.33 22.14 -13.43
C LEU M 30 52.56 22.17 -14.92
N LEU M 31 52.41 21.02 -15.58
CA LEU M 31 52.66 20.92 -17.03
C LEU M 31 51.83 19.84 -17.64
N GLY M 32 50.95 20.21 -18.56
CA GLY M 32 50.17 19.20 -19.22
C GLY M 32 49.66 19.61 -20.57
N ILE M 33 48.64 18.89 -21.03
CA ILE M 33 47.95 19.17 -22.29
C ILE M 33 46.44 19.36 -22.08
N GLU M 34 45.86 20.24 -22.89
CA GLU M 34 44.44 20.54 -22.86
C GLU M 34 43.86 20.19 -24.22
N THR M 35 43.07 19.12 -24.24
CA THR M 35 42.44 18.68 -25.48
C THR M 35 41.15 17.92 -25.20
N PRO M 36 40.26 17.85 -26.19
CA PRO M 36 39.10 17.03 -26.04
C PRO M 36 39.29 15.65 -26.68
N LEU M 37 40.48 15.41 -27.24
CA LEU M 37 40.83 14.07 -27.75
C LEU M 37 41.13 13.12 -26.60
N VAL M 38 41.10 11.81 -26.87
CA VAL M 38 41.50 10.83 -25.87
C VAL M 38 43.02 10.69 -25.80
N LYS M 39 43.57 10.80 -24.59
CA LYS M 39 45.02 10.95 -24.43
C LYS M 39 45.59 9.98 -23.41
N LYS M 40 46.84 9.58 -23.60
CA LYS M 40 47.58 8.76 -22.63
C LYS M 40 49.04 9.21 -22.57
N GLU M 41 49.54 9.59 -21.39
CA GLU M 41 50.93 10.07 -21.30
C GLU M 41 51.88 8.89 -21.11
N LEU M 42 53.20 9.13 -21.10
CA LEU M 42 54.17 8.04 -21.13
C LEU M 42 55.18 7.90 -19.96
N LEU M 43 56.35 7.35 -20.27
CA LEU M 43 57.43 7.24 -19.30
C LEU M 43 58.04 8.62 -19.15
N LEU M 44 58.10 9.06 -17.91
CA LEU M 44 58.44 10.45 -17.62
C LEU M 44 59.95 10.78 -17.48
N PRO M 45 60.83 9.78 -17.25
CA PRO M 45 62.06 10.10 -16.49
C PRO M 45 62.45 11.58 -16.65
N GLY M 46 62.02 12.43 -15.72
CA GLY M 46 62.24 13.88 -15.79
C GLY M 46 60.96 14.66 -16.07
N ASN M 47 60.89 15.88 -15.53
CA ASN M 47 59.64 16.67 -15.58
C ASN M 47 59.66 17.92 -16.45
N ASN M 48 60.65 18.03 -17.32
CA ASN M 48 60.69 19.10 -18.28
C ASN M 48 59.69 18.94 -19.38
N ARG M 49 59.42 17.68 -19.72
CA ARG M 49 58.49 17.34 -20.77
C ARG M 49 57.64 16.11 -20.45
N LYS M 50 56.38 16.16 -20.86
CA LYS M 50 55.51 14.99 -20.95
C LYS M 50 55.24 14.72 -22.44
N VAL M 51 54.93 13.47 -22.75
CA VAL M 51 54.68 13.04 -24.10
C VAL M 51 53.33 12.37 -24.09
N TYR M 52 52.36 12.98 -24.76
CA TYR M 52 51.00 12.43 -24.82
C TYR M 52 50.77 11.72 -26.15
N GLU M 53 50.21 10.52 -26.10
CA GLU M 53 49.77 9.83 -27.29
C GLU M 53 48.28 10.06 -27.52
N LEU M 54 47.96 10.76 -28.61
CA LEU M 54 46.57 10.92 -29.03
C LEU M 54 46.24 9.85 -30.08
N SER M 55 45.40 8.91 -29.67
CA SER M 55 45.12 7.72 -30.47
C SER M 55 43.79 7.86 -31.15
N ASN M 56 43.62 7.06 -32.21
CA ASN M 56 42.43 7.02 -33.05
C ASN M 56 41.76 8.37 -33.25
N VAL M 57 42.49 9.35 -33.76
CA VAL M 57 41.92 10.70 -33.93
C VAL M 57 41.03 10.69 -35.17
N GLN M 58 39.79 11.16 -35.01
CA GLN M 58 38.78 10.92 -36.02
C GLN M 58 38.50 12.09 -36.96
N GLU M 59 38.54 13.32 -36.45
CA GLU M 59 38.25 14.51 -37.23
C GLU M 59 39.36 15.49 -36.98
N ASP M 60 39.47 16.50 -37.82
CA ASP M 60 40.46 17.59 -37.62
C ASP M 60 40.44 18.09 -36.18
N SER M 61 41.61 18.20 -35.58
CA SER M 61 41.67 18.54 -34.17
C SER M 61 42.78 19.45 -33.73
N GLN M 62 42.62 20.00 -32.53
CA GLN M 62 43.67 20.80 -31.90
C GLN M 62 44.02 20.27 -30.54
N VAL M 63 45.20 20.64 -30.08
CA VAL M 63 45.73 20.18 -28.83
C VAL M 63 46.57 21.34 -28.31
N MET M 64 46.59 21.55 -26.99
CA MET M 64 47.22 22.73 -26.42
C MET M 64 48.07 22.40 -25.23
N CYS M 65 49.37 22.61 -25.32
CA CYS M 65 50.26 22.39 -24.20
C CYS M 65 50.23 23.57 -23.27
N TYR M 66 50.32 23.31 -21.97
CA TYR M 66 50.50 24.40 -21.01
C TYR M 66 51.60 24.08 -20.02
N ALA M 67 52.28 25.11 -19.54
CA ALA M 67 53.19 24.93 -18.43
C ALA M 67 53.18 26.15 -17.57
N ASN M 68 52.87 25.89 -16.30
CA ASN M 68 52.90 26.89 -15.28
C ASN M 68 54.28 26.92 -14.72
N CYS M 69 54.97 28.01 -15.00
CA CYS M 69 56.34 28.24 -14.59
C CYS M 69 56.45 29.32 -13.52
N PRO M 70 57.65 29.51 -12.98
CA PRO M 70 57.99 30.69 -12.23
C PRO M 70 57.59 31.95 -12.99
N ASP M 71 57.91 31.99 -14.29
CA ASP M 71 57.67 33.19 -15.12
C ASP M 71 56.19 33.46 -15.45
N GLY M 72 55.34 32.44 -15.37
CA GLY M 72 53.91 32.58 -15.72
C GLY M 72 53.38 31.28 -16.31
N GLN M 73 52.19 31.33 -16.88
CA GLN M 73 51.59 30.16 -17.54
C GLN M 73 51.73 30.31 -19.03
N SER M 74 52.28 29.31 -19.70
CA SER M 74 52.39 29.42 -21.13
C SER M 74 51.61 28.37 -21.96
N THR M 75 51.15 28.78 -23.14
CA THR M 75 50.35 27.91 -23.99
C THR M 75 51.06 27.61 -25.33
N ALA M 76 50.85 26.44 -25.92
CA ALA M 76 51.28 26.20 -27.29
C ALA M 76 50.39 25.15 -27.97
N LYS M 77 49.77 25.52 -29.11
CA LYS M 77 48.79 24.65 -29.83
C LYS M 77 49.46 23.83 -30.87
N ALA M 78 48.98 22.62 -31.08
CA ALA M 78 49.40 21.81 -32.25
C ALA M 78 48.19 21.41 -33.11
N PHE M 79 48.26 21.60 -34.42
CA PHE M 79 47.10 21.26 -35.26
C PHE M 79 47.14 19.87 -35.91
N LEU M 80 46.16 19.05 -35.59
CA LEU M 80 46.05 17.70 -36.13
C LEU M 80 45.11 17.71 -37.34
N THR M 81 45.64 17.37 -38.50
CA THR M 81 44.85 17.37 -39.70
C THR M 81 44.66 15.93 -40.08
N VAL M 82 43.41 15.57 -40.29
CA VAL M 82 42.98 14.21 -40.59
C VAL M 82 42.35 14.14 -41.97
N TYR M 83 42.71 13.12 -42.75
CA TYR M 83 42.07 12.90 -44.06
C TYR M 83 41.41 11.55 -44.15
N TRP M 84 40.40 11.43 -45.00
CA TRP M 84 39.60 10.24 -45.03
C TRP M 84 40.18 9.12 -45.91
N THR M 85 39.70 7.91 -45.72
CA THR M 85 40.18 6.81 -46.52
C THR M 85 39.01 6.10 -47.19
N MET N 1 14.22 32.64 3.42
CA MET N 1 15.68 32.89 3.28
C MET N 1 16.10 33.01 1.82
N ASN N 2 16.70 34.15 1.48
CA ASN N 2 17.21 34.38 0.13
C ASN N 2 18.48 33.59 -0.15
N VAL N 3 18.67 33.21 -1.41
CA VAL N 3 19.86 32.47 -1.81
C VAL N 3 20.45 33.10 -3.05
N ASP N 4 21.74 33.39 -2.97
CA ASP N 4 22.50 33.86 -4.12
C ASP N 4 23.26 32.67 -4.68
N LEU N 5 22.86 32.20 -5.86
CA LEU N 5 23.49 31.04 -6.47
C LEU N 5 24.20 31.44 -7.74
N VAL N 6 25.46 31.01 -7.86
CA VAL N 6 26.30 31.33 -9.01
C VAL N 6 26.70 30.05 -9.74
N PHE N 7 26.46 30.02 -11.04
CA PHE N 7 26.99 28.96 -11.89
C PHE N 7 28.39 29.33 -12.33
N LEU N 8 29.37 28.50 -11.92
CA LEU N 8 30.72 28.56 -12.47
C LEU N 8 30.88 27.42 -13.45
N PHE N 9 30.94 27.74 -14.74
CA PHE N 9 30.92 26.70 -15.77
C PHE N 9 32.15 26.64 -16.69
N ASP N 10 32.59 25.40 -16.95
CA ASP N 10 33.86 25.08 -17.60
C ASP N 10 33.72 25.22 -19.08
N GLY N 11 34.32 26.28 -19.61
CA GLY N 11 34.33 26.51 -21.05
C GLY N 11 35.71 26.27 -21.63
N SER N 12 36.46 25.36 -21.00
CA SER N 12 37.82 25.02 -21.43
C SER N 12 37.72 24.16 -22.65
N MET N 13 38.85 24.00 -23.33
CA MET N 13 38.91 23.21 -24.55
C MET N 13 38.65 21.70 -24.34
N SER N 14 39.00 21.21 -23.15
CA SER N 14 38.86 19.79 -22.80
C SER N 14 37.42 19.24 -22.82
N LEU N 15 36.44 20.14 -22.91
CA LEU N 15 35.04 19.77 -23.07
C LEU N 15 34.63 19.90 -24.51
N GLN N 16 33.96 18.87 -25.01
CA GLN N 16 33.46 18.90 -26.37
C GLN N 16 32.42 19.99 -26.53
N PRO N 17 32.19 20.49 -27.75
CA PRO N 17 31.27 21.62 -27.87
C PRO N 17 29.83 21.21 -27.59
N ASP N 18 29.48 19.97 -27.92
CA ASP N 18 28.16 19.45 -27.57
C ASP N 18 28.02 19.26 -26.06
N GLU N 19 29.13 18.95 -25.38
CA GLU N 19 29.17 18.87 -23.91
C GLU N 19 28.96 20.24 -23.28
N PHE N 20 29.51 21.26 -23.93
CA PHE N 20 29.36 22.63 -23.46
C PHE N 20 27.89 23.02 -23.53
N GLN N 21 27.29 22.75 -24.69
CA GLN N 21 25.87 23.01 -24.92
C GLN N 21 25.00 22.36 -23.84
N LYS N 22 25.34 21.12 -23.47
CA LYS N 22 24.65 20.43 -22.39
C LYS N 22 24.75 21.21 -21.08
N ILE N 23 25.85 21.94 -20.88
CA ILE N 23 26.06 22.72 -19.65
C ILE N 23 25.21 23.98 -19.63
N LEU N 24 25.10 24.65 -20.77
CA LEU N 24 24.16 25.77 -20.91
C LEU N 24 22.70 25.32 -20.70
N ASP N 25 22.30 24.29 -21.44
CA ASP N 25 20.97 23.72 -21.33
C ASP N 25 20.65 23.25 -19.91
N PHE N 26 21.69 22.95 -19.14
CA PHE N 26 21.52 22.56 -17.74
C PHE N 26 21.20 23.76 -16.88
N MET N 27 22.01 24.81 -17.00
CA MET N 27 21.82 26.03 -16.23
C MET N 27 20.44 26.65 -16.50
N LYS N 28 20.03 26.66 -17.76
CA LYS N 28 18.70 27.16 -18.15
C LYS N 28 17.57 26.33 -17.53
N ASP N 29 17.80 25.03 -17.40
CA ASP N 29 16.84 24.10 -16.78
C ASP N 29 16.67 24.34 -15.28
N VAL N 30 17.76 24.73 -14.61
CA VAL N 30 17.74 25.00 -13.18
C VAL N 30 17.07 26.34 -12.90
N MET N 31 17.40 27.36 -13.69
CA MET N 31 16.81 28.68 -13.52
C MET N 31 15.32 28.73 -13.84
N LYS N 32 14.92 28.01 -14.89
CA LYS N 32 13.51 27.90 -15.28
C LYS N 32 12.73 27.30 -14.12
N LYS N 33 13.26 26.19 -13.59
CA LYS N 33 12.62 25.47 -12.50
C LYS N 33 12.99 26.05 -11.14
N LEU N 34 13.22 27.36 -11.09
CA LEU N 34 13.44 28.08 -9.83
C LEU N 34 13.06 29.56 -9.95
N SER N 35 12.13 29.85 -10.87
CA SER N 35 11.62 31.21 -11.07
C SER N 35 10.70 31.70 -9.93
N ASN N 36 11.22 31.60 -8.71
CA ASN N 36 10.69 32.28 -7.54
C ASN N 36 11.76 33.28 -7.07
N THR N 37 11.35 34.27 -6.29
CA THR N 37 12.25 35.35 -5.84
C THR N 37 13.46 34.84 -5.04
N SER N 38 13.19 33.92 -4.12
CA SER N 38 14.18 33.39 -3.18
C SER N 38 15.55 33.25 -3.82
N TYR N 39 15.61 32.50 -4.92
CA TYR N 39 16.83 32.34 -5.67
C TYR N 39 17.08 33.52 -6.61
N GLN N 40 18.27 34.12 -6.47
CA GLN N 40 18.78 35.14 -7.38
C GLN N 40 20.03 34.55 -8.02
N PHE N 41 20.15 34.64 -9.35
CA PHE N 41 21.24 33.95 -10.06
C PHE N 41 22.32 34.84 -10.68
N ALA N 42 23.45 34.21 -10.99
CA ALA N 42 24.58 34.81 -11.74
C ALA N 42 25.48 33.72 -12.31
N ALA N 43 25.94 33.90 -13.53
CA ALA N 43 26.74 32.88 -14.17
C ALA N 43 28.06 33.45 -14.68
N VAL N 44 29.14 32.71 -14.41
CA VAL N 44 30.47 33.03 -14.90
C VAL N 44 31.14 31.84 -15.58
N GLN N 45 31.58 32.07 -16.80
CA GLN N 45 32.35 31.07 -17.53
C GLN N 45 33.82 31.25 -17.23
N PHE N 46 34.49 30.13 -17.01
CA PHE N 46 35.91 30.14 -16.79
C PHE N 46 36.59 29.21 -17.77
N SER N 47 37.76 29.64 -18.23
CA SER N 47 38.62 28.81 -19.04
C SER N 47 40.05 29.18 -18.69
N THR N 48 40.74 29.93 -19.55
CA THR N 48 42.06 30.44 -19.15
C THR N 48 41.82 31.56 -18.16
N SER N 49 40.90 32.46 -18.53
CA SER N 49 40.46 33.54 -17.64
C SER N 49 38.97 33.39 -17.33
N TYR N 50 38.35 34.45 -16.86
CA TYR N 50 37.01 34.36 -16.32
C TYR N 50 36.22 35.49 -16.87
N LYS N 51 34.94 35.26 -17.19
CA LYS N 51 34.03 36.36 -17.49
C LYS N 51 32.67 36.05 -16.90
N THR N 52 32.09 37.03 -16.21
CA THR N 52 30.74 36.84 -15.72
C THR N 52 29.78 37.12 -16.88
N GLU N 53 28.97 36.12 -17.20
CA GLU N 53 28.06 36.19 -18.33
C GLU N 53 26.80 36.96 -17.96
N PHE N 54 26.43 36.95 -16.68
CA PHE N 54 25.45 37.92 -16.14
C PHE N 54 25.52 38.08 -14.61
N ASP N 55 25.24 39.30 -14.17
CA ASP N 55 25.20 39.65 -12.76
C ASP N 55 23.93 39.14 -12.09
N PHE N 56 23.88 39.28 -10.77
CA PHE N 56 22.62 39.20 -10.05
C PHE N 56 21.72 40.36 -10.50
N SER N 57 22.31 41.57 -10.55
CA SER N 57 21.65 42.76 -11.11
C SER N 57 20.93 42.48 -12.42
N ASP N 58 21.54 41.61 -13.25
CA ASP N 58 21.03 41.30 -14.58
C ASP N 58 19.87 40.30 -14.53
N TYR N 59 19.98 39.30 -13.66
CA TYR N 59 18.91 38.34 -13.46
C TYR N 59 17.72 39.05 -12.85
N VAL N 60 17.97 39.87 -11.83
CA VAL N 60 16.94 40.68 -11.19
C VAL N 60 16.22 41.61 -12.21
N LYS N 61 16.95 42.07 -13.23
CA LYS N 61 16.39 42.94 -14.27
C LYS N 61 15.67 42.19 -15.40
N TRP N 62 16.45 41.61 -16.33
CA TRP N 62 15.93 40.91 -17.50
C TRP N 62 15.06 39.70 -17.11
N LYS N 63 15.52 38.89 -16.16
CA LYS N 63 14.82 37.68 -15.67
C LYS N 63 14.54 36.54 -16.66
N ASP N 64 14.94 36.70 -17.91
CA ASP N 64 14.75 35.67 -18.93
C ASP N 64 16.02 34.85 -19.09
N PRO N 65 16.06 33.63 -18.50
CA PRO N 65 17.29 32.85 -18.49
C PRO N 65 17.71 32.38 -19.87
N ASP N 66 16.76 32.24 -20.79
CA ASP N 66 17.08 31.88 -22.16
C ASP N 66 17.86 32.97 -22.87
N ALA N 67 17.36 34.20 -22.74
CA ALA N 67 18.01 35.36 -23.38
C ALA N 67 19.17 35.91 -22.56
N LEU N 68 19.32 35.44 -21.32
CA LEU N 68 20.44 35.87 -20.46
C LEU N 68 21.76 35.21 -20.85
N LEU N 69 21.68 33.93 -21.20
CA LEU N 69 22.87 33.16 -21.59
C LEU N 69 22.96 33.03 -23.10
N LYS N 70 22.11 33.76 -23.82
CA LYS N 70 22.00 33.55 -25.27
C LYS N 70 23.27 33.94 -26.04
N HIS N 71 24.13 34.75 -25.41
CA HIS N 71 25.31 35.28 -26.11
C HIS N 71 26.64 34.77 -25.60
N VAL N 72 26.65 33.57 -25.01
CA VAL N 72 27.87 32.94 -24.52
C VAL N 72 28.70 32.46 -25.71
N LYS N 73 30.02 32.68 -25.65
CA LYS N 73 30.96 32.05 -26.59
C LYS N 73 31.80 31.03 -25.85
N HIS N 74 31.87 29.82 -26.38
CA HIS N 74 32.72 28.83 -25.79
C HIS N 74 34.16 29.32 -25.85
N MET N 75 34.76 29.53 -24.68
CA MET N 75 36.11 30.10 -24.57
C MET N 75 37.26 29.24 -25.17
N LEU N 76 37.23 27.94 -24.88
CA LEU N 76 38.08 26.93 -25.53
C LEU N 76 39.57 27.16 -25.36
N LEU N 77 39.98 27.35 -24.10
CA LEU N 77 41.38 27.49 -23.72
C LEU N 77 41.58 26.72 -22.43
N LEU N 78 42.70 26.91 -21.72
CA LEU N 78 42.98 26.15 -20.48
C LEU N 78 41.88 26.14 -19.39
N THR N 79 42.05 25.28 -18.41
CA THR N 79 41.05 25.06 -17.38
C THR N 79 41.61 25.52 -16.02
N ASN N 80 41.54 26.82 -15.75
CA ASN N 80 42.12 27.42 -14.52
C ASN N 80 41.18 27.52 -13.33
N THR N 81 40.58 26.38 -12.99
CA THR N 81 39.50 26.31 -12.04
C THR N 81 39.82 27.00 -10.70
N PHE N 82 41.04 26.82 -10.17
CA PHE N 82 41.37 27.37 -8.84
C PHE N 82 41.16 28.87 -8.76
N GLY N 83 41.71 29.58 -9.73
CA GLY N 83 41.55 31.02 -9.77
C GLY N 83 40.11 31.40 -10.09
N ALA N 84 39.42 30.52 -10.80
CA ALA N 84 38.01 30.72 -11.15
C ALA N 84 37.12 30.85 -9.92
N ILE N 85 37.31 29.94 -8.98
CA ILE N 85 36.62 29.99 -7.71
C ILE N 85 36.94 31.32 -7.01
N ASN N 86 38.22 31.62 -6.86
CA ASN N 86 38.63 32.86 -6.22
C ASN N 86 37.99 34.07 -6.84
N TYR N 87 37.86 34.05 -8.17
CA TYR N 87 37.19 35.11 -8.88
C TYR N 87 35.72 35.24 -8.43
N VAL N 88 35.00 34.14 -8.41
CA VAL N 88 33.60 34.19 -7.99
C VAL N 88 33.50 34.82 -6.61
N ALA N 89 34.29 34.30 -5.67
CA ALA N 89 34.31 34.75 -4.29
C ALA N 89 34.49 36.25 -4.18
N THR N 90 35.52 36.78 -4.82
CA THR N 90 35.87 38.18 -4.67
C THR N 90 35.21 39.11 -5.67
N GLU N 91 34.76 38.61 -6.81
CA GLU N 91 34.31 39.50 -7.87
C GLU N 91 32.84 39.41 -8.27
N VAL N 92 32.17 38.34 -7.86
CA VAL N 92 30.76 38.13 -8.22
C VAL N 92 29.78 38.42 -7.06
N PHE N 93 30.07 37.83 -5.88
CA PHE N 93 29.27 38.10 -4.68
C PHE N 93 29.62 39.47 -4.16
N ARG N 94 28.88 40.47 -4.63
CA ARG N 94 29.14 41.85 -4.27
C ARG N 94 27.87 42.69 -4.10
N GLU N 95 27.90 43.59 -3.13
CA GLU N 95 26.84 44.55 -2.96
C GLU N 95 26.50 45.23 -4.30
N GLU N 96 27.53 45.73 -4.98
CA GLU N 96 27.35 46.52 -6.19
C GLU N 96 26.78 45.70 -7.35
N LEU N 97 27.10 44.42 -7.39
CA LEU N 97 26.70 43.55 -8.49
C LEU N 97 25.37 42.84 -8.27
N GLY N 98 24.65 43.26 -7.22
CA GLY N 98 23.28 42.80 -6.99
C GLY N 98 23.09 41.68 -6.00
N ALA N 99 24.17 41.29 -5.32
CA ALA N 99 24.10 40.23 -4.32
C ALA N 99 23.36 40.73 -3.10
N ARG N 100 22.46 39.90 -2.57
CA ARG N 100 21.82 40.19 -1.29
C ARG N 100 22.76 39.81 -0.15
N PRO N 101 23.02 40.75 0.79
CA PRO N 101 24.00 40.56 1.86
C PRO N 101 23.60 39.44 2.83
N ASP N 102 22.31 39.42 3.18
CA ASP N 102 21.75 38.43 4.10
C ASP N 102 21.69 37.03 3.51
N ALA N 103 21.68 36.95 2.17
CA ALA N 103 21.48 35.69 1.47
C ALA N 103 22.63 34.72 1.70
N THR N 104 22.27 33.46 1.96
CA THR N 104 23.23 32.37 2.10
C THR N 104 23.72 31.93 0.70
N LYS N 105 25.02 32.07 0.48
CA LYS N 105 25.57 32.03 -0.88
C LYS N 105 26.03 30.64 -1.37
N VAL N 106 25.44 30.21 -2.49
CA VAL N 106 25.69 28.89 -3.08
C VAL N 106 26.43 28.99 -4.41
N LEU N 107 27.18 27.95 -4.76
CA LEU N 107 27.96 27.90 -5.98
C LEU N 107 27.84 26.53 -6.66
N ILE N 108 27.43 26.53 -7.94
CA ILE N 108 27.39 25.28 -8.70
C ILE N 108 28.52 25.27 -9.71
N ILE N 109 29.52 24.42 -9.46
CA ILE N 109 30.65 24.32 -10.37
C ILE N 109 30.49 23.14 -11.30
N ILE N 110 30.51 23.40 -12.62
CA ILE N 110 30.36 22.36 -13.63
C ILE N 110 31.63 22.26 -14.43
N THR N 111 32.37 21.15 -14.25
CA THR N 111 33.70 20.98 -14.84
C THR N 111 34.01 19.49 -14.92
N ASP N 112 35.14 19.16 -15.55
CA ASP N 112 35.71 17.82 -15.48
C ASP N 112 36.87 17.75 -14.50
N GLY N 113 37.20 18.88 -13.90
CA GLY N 113 38.18 18.95 -12.85
C GLY N 113 39.57 18.64 -13.33
N GLU N 114 39.74 18.52 -14.65
CA GLU N 114 41.09 18.48 -15.24
C GLU N 114 41.59 19.92 -15.21
N ALA N 115 41.99 20.36 -14.01
CA ALA N 115 42.28 21.77 -13.78
C ALA N 115 43.74 22.03 -14.11
N THR N 116 43.99 23.20 -14.71
CA THR N 116 45.31 23.57 -15.18
C THR N 116 46.01 24.61 -14.33
N ASP N 117 45.50 24.91 -13.13
CA ASP N 117 46.24 25.72 -12.16
C ASP N 117 46.15 25.12 -10.77
N SER N 118 46.81 25.77 -9.81
CA SER N 118 46.85 25.25 -8.44
C SER N 118 46.76 26.41 -7.47
N GLY N 119 46.32 26.13 -6.24
CA GLY N 119 46.17 27.15 -5.19
C GLY N 119 45.31 26.71 -4.03
N ASN N 120 44.55 27.64 -3.47
CA ASN N 120 43.59 27.32 -2.41
C ASN N 120 42.29 28.06 -2.62
N ILE N 121 41.22 27.53 -2.03
CA ILE N 121 39.92 28.17 -2.16
C ILE N 121 39.43 28.74 -0.82
N ASP N 122 40.39 29.05 0.06
CA ASP N 122 40.06 29.61 1.39
C ASP N 122 39.14 30.81 1.27
N ALA N 123 39.29 31.58 0.20
CA ALA N 123 38.50 32.78 -0.03
C ALA N 123 37.03 32.48 -0.32
N ALA N 124 36.69 31.21 -0.49
CA ALA N 124 35.32 30.83 -0.79
C ALA N 124 34.82 29.72 0.14
N LYS N 125 35.38 29.66 1.34
CA LYS N 125 34.97 28.68 2.35
C LYS N 125 33.48 28.82 2.67
N ASP N 126 33.07 30.02 3.06
CA ASP N 126 31.68 30.26 3.48
C ASP N 126 30.66 30.04 2.35
N ILE N 127 31.09 30.05 1.09
CA ILE N 127 30.22 29.71 -0.03
C ILE N 127 30.06 28.20 -0.08
N ILE N 128 28.83 27.73 0.15
CA ILE N 128 28.52 26.32 0.02
C ILE N 128 28.51 25.95 -1.46
N ARG N 129 29.40 25.04 -1.86
CA ARG N 129 29.59 24.70 -3.27
C ARG N 129 29.39 23.24 -3.66
N TYR N 130 28.29 22.99 -4.38
CA TYR N 130 28.03 21.73 -5.07
C TYR N 130 28.79 21.77 -6.37
N ILE N 131 29.58 20.74 -6.63
CA ILE N 131 30.30 20.66 -7.90
C ILE N 131 29.88 19.40 -8.66
N ILE N 132 29.60 19.56 -9.95
CA ILE N 132 29.09 18.44 -10.75
C ILE N 132 29.98 18.09 -11.96
N GLY N 133 30.32 16.82 -12.06
CA GLY N 133 31.38 16.33 -12.96
C GLY N 133 30.94 15.76 -14.29
N ILE N 134 31.12 16.55 -15.34
CA ILE N 134 30.91 16.11 -16.72
C ILE N 134 32.26 16.01 -17.44
N GLY N 135 32.38 15.08 -18.38
CA GLY N 135 33.52 15.08 -19.30
C GLY N 135 34.38 13.83 -19.29
N LYS N 136 34.88 13.47 -20.47
CA LYS N 136 35.66 12.24 -20.61
C LYS N 136 36.93 12.32 -19.76
N HIS N 137 37.32 13.53 -19.41
CA HIS N 137 38.57 13.72 -18.68
C HIS N 137 38.43 13.80 -17.18
N SER N 138 37.19 13.65 -16.70
CA SER N 138 36.95 13.62 -15.27
C SER N 138 37.14 12.21 -14.72
N GLN N 139 37.77 11.33 -15.51
CA GLN N 139 37.83 9.91 -15.18
C GLN N 139 39.17 9.49 -14.61
N THR N 140 39.89 10.41 -13.98
CA THR N 140 41.22 10.08 -13.50
C THR N 140 41.41 10.39 -12.03
N LYS N 141 42.37 9.68 -11.41
CA LYS N 141 42.76 9.88 -10.03
C LYS N 141 42.84 11.36 -9.72
N GLU N 142 43.59 12.09 -10.54
CA GLU N 142 43.82 13.52 -10.32
C GLU N 142 42.51 14.28 -10.38
N SER N 143 41.84 14.20 -11.52
CA SER N 143 40.57 14.91 -11.73
C SER N 143 39.56 14.69 -10.61
N GLN N 144 39.36 13.44 -10.23
CA GLN N 144 38.45 13.12 -9.14
C GLN N 144 38.85 13.84 -7.86
N GLU N 145 40.10 13.69 -7.45
CA GLU N 145 40.60 14.37 -6.25
C GLU N 145 40.40 15.86 -6.35
N THR N 146 40.68 16.42 -7.52
CA THR N 146 40.50 17.85 -7.78
C THR N 146 39.04 18.25 -7.63
N LEU N 147 38.13 17.39 -8.07
CA LEU N 147 36.73 17.68 -7.92
C LEU N 147 36.36 17.74 -6.44
N HIS N 148 36.84 16.77 -5.67
CA HIS N 148 36.52 16.70 -4.24
C HIS N 148 37.14 17.86 -3.47
N LYS N 149 38.26 18.38 -3.96
CA LYS N 149 38.90 19.52 -3.35
C LYS N 149 38.00 20.76 -3.42
N PHE N 150 37.26 20.92 -4.51
CA PHE N 150 36.40 22.10 -4.69
C PHE N 150 35.12 22.00 -3.90
N ALA N 151 34.69 20.78 -3.59
CA ALA N 151 33.41 20.54 -2.92
C ALA N 151 33.38 20.97 -1.46
N SER N 152 32.17 21.24 -0.99
CA SER N 152 31.90 21.37 0.45
C SER N 152 32.08 20.00 1.09
N LYS N 153 32.19 19.96 2.42
CA LYS N 153 32.41 18.71 3.14
C LYS N 153 31.15 18.27 3.89
N PRO N 154 30.95 16.95 4.08
CA PRO N 154 31.75 15.84 3.57
C PRO N 154 31.55 15.66 2.07
N ALA N 155 32.67 15.50 1.37
CA ALA N 155 32.75 15.61 -0.09
C ALA N 155 31.65 14.86 -0.86
N SER N 156 31.46 13.59 -0.53
CA SER N 156 30.50 12.74 -1.24
C SER N 156 29.05 13.05 -0.81
N GLU N 157 28.66 14.30 -1.00
CA GLU N 157 27.31 14.78 -0.77
C GLU N 157 27.11 16.03 -1.61
N PHE N 158 28.22 16.52 -2.16
CA PHE N 158 28.24 17.75 -2.97
C PHE N 158 28.91 17.54 -4.33
N VAL N 159 29.18 16.28 -4.67
CA VAL N 159 29.78 15.89 -5.95
C VAL N 159 28.90 14.85 -6.62
N LYS N 160 28.43 15.15 -7.84
CA LYS N 160 27.78 14.12 -8.66
C LYS N 160 28.15 14.25 -10.15
N ILE N 161 27.98 13.15 -10.91
CA ILE N 161 28.14 13.14 -12.38
C ILE N 161 26.80 13.52 -13.08
N LEU N 162 26.88 14.44 -14.05
CA LEU N 162 25.74 15.17 -14.65
C LEU N 162 24.57 14.32 -15.17
N ASP N 163 24.89 13.11 -15.63
CA ASP N 163 23.92 12.19 -16.28
C ASP N 163 23.26 12.81 -17.52
N THR N 164 22.04 12.37 -17.82
CA THR N 164 21.17 13.09 -18.74
C THR N 164 20.19 13.95 -17.89
N PHE N 165 20.76 14.61 -16.88
CA PHE N 165 20.04 15.38 -15.83
C PHE N 165 19.01 14.56 -15.03
N GLU N 166 19.50 13.67 -14.14
CA GLU N 166 18.64 12.91 -13.22
C GLU N 166 18.47 13.67 -11.89
N LYS N 167 19.46 14.50 -11.59
CA LYS N 167 19.50 15.38 -10.42
C LYS N 167 18.34 16.36 -10.34
N LEU N 168 17.69 16.59 -11.47
CA LEU N 168 16.56 17.52 -11.56
C LEU N 168 15.34 17.03 -10.76
N LYS N 169 15.51 15.88 -10.09
CA LYS N 169 14.65 15.45 -8.97
C LYS N 169 15.48 15.33 -7.69
N ASP N 170 16.76 14.99 -7.85
CA ASP N 170 17.67 14.72 -6.72
C ASP N 170 18.16 15.99 -6.03
N LEU N 171 19.11 16.65 -6.66
CA LEU N 171 19.67 17.92 -6.22
C LEU N 171 18.58 18.96 -5.92
N PHE N 172 17.49 18.90 -6.69
CA PHE N 172 16.41 19.88 -6.62
C PHE N 172 15.63 19.83 -5.31
N THR N 173 15.29 18.63 -4.85
CA THR N 173 14.60 18.46 -3.56
C THR N 173 15.55 18.73 -2.39
N GLU N 174 16.85 18.87 -2.69
CA GLU N 174 17.85 19.30 -1.71
C GLU N 174 18.21 20.78 -1.89
N LEU N 175 17.89 21.34 -3.07
CA LEU N 175 17.97 22.78 -3.32
C LEU N 175 16.68 23.48 -2.90
N GLN N 176 15.64 22.69 -2.61
CA GLN N 176 14.40 23.19 -1.99
C GLN N 176 14.54 23.26 -0.47
N LYS N 177 15.71 22.84 0.03
CA LYS N 177 16.11 23.05 1.43
C LYS N 177 16.40 24.53 1.68
N LYS N 178 17.29 25.08 0.86
CA LYS N 178 17.87 26.43 1.02
C LYS N 178 16.83 27.57 1.09
N ILE N 179 15.73 27.44 0.36
CA ILE N 179 14.68 28.47 0.38
C ILE N 179 14.02 28.57 1.76
N TYR N 180 14.09 27.47 2.52
CA TYR N 180 13.30 27.27 3.74
C TYR N 180 11.79 27.52 3.50
N MET O 1 51.61 28.03 -41.11
CA MET O 1 52.52 27.83 -39.95
C MET O 1 53.46 28.98 -39.71
N VAL O 2 53.41 29.58 -38.52
CA VAL O 2 54.42 30.60 -38.15
C VAL O 2 55.23 30.27 -36.94
N SER O 3 56.25 31.08 -36.75
CA SER O 3 57.23 30.90 -35.71
C SER O 3 57.72 32.28 -35.41
N VAL O 4 57.88 32.60 -34.13
CA VAL O 4 58.38 33.95 -33.77
C VAL O 4 59.60 33.85 -32.90
N SER O 5 60.60 34.71 -33.12
CA SER O 5 61.76 34.75 -32.23
C SER O 5 62.34 36.14 -32.09
N PRO O 6 62.79 36.46 -30.86
CA PRO O 6 62.81 35.58 -29.69
C PRO O 6 61.41 35.33 -29.17
N SER O 7 61.19 34.17 -28.55
CA SER O 7 59.89 33.81 -28.01
C SER O 7 59.56 34.65 -26.79
N LYS O 8 60.58 34.99 -26.04
CA LYS O 8 60.42 35.82 -24.88
C LYS O 8 61.65 36.67 -24.61
N VAL O 9 61.49 37.99 -24.50
CA VAL O 9 62.64 38.84 -24.11
C VAL O 9 62.38 39.64 -22.85
N THR O 10 63.46 39.89 -22.10
CA THR O 10 63.47 40.90 -21.05
C THR O 10 64.26 42.07 -21.57
N LEU O 11 63.75 43.25 -21.31
CA LEU O 11 64.47 44.46 -21.68
C LEU O 11 64.06 45.65 -20.81
N PRO O 12 65.00 46.59 -20.63
CA PRO O 12 64.80 47.75 -19.79
C PRO O 12 63.80 48.76 -20.37
N ARG O 13 62.91 49.25 -19.51
CA ARG O 13 61.87 50.17 -19.91
C ARG O 13 62.39 51.18 -20.89
N GLY O 14 61.75 51.29 -22.04
CA GLY O 14 62.15 52.26 -23.08
C GLY O 14 63.16 51.71 -24.07
N GLY O 15 63.42 50.40 -23.97
CA GLY O 15 64.33 49.69 -24.87
C GLY O 15 63.69 49.30 -26.18
N SER O 16 64.31 48.37 -26.90
CA SER O 16 63.81 47.96 -28.21
C SER O 16 64.23 46.57 -28.57
N VAL O 17 63.35 45.84 -29.24
CA VAL O 17 63.69 44.52 -29.71
C VAL O 17 63.28 44.32 -31.11
N LEU O 18 64.06 43.58 -31.86
CA LEU O 18 63.59 43.12 -33.15
C LEU O 18 63.03 41.71 -32.95
N VAL O 19 61.88 41.46 -33.58
CA VAL O 19 61.34 40.13 -33.65
C VAL O 19 61.23 39.70 -35.07
N THR O 20 61.27 38.39 -35.27
CA THR O 20 61.20 37.82 -36.60
C THR O 20 59.98 36.90 -36.73
N CYS O 21 59.01 37.29 -37.54
CA CYS O 21 57.95 36.36 -37.90
C CYS O 21 58.38 35.56 -39.09
N SER O 22 58.43 34.24 -38.96
CA SER O 22 58.83 33.40 -40.08
C SER O 22 57.73 32.40 -40.40
N ALA O 23 57.45 32.23 -41.68
CA ALA O 23 56.38 31.34 -42.08
C ALA O 23 56.96 30.12 -42.75
N SER O 24 56.18 29.04 -42.75
CA SER O 24 56.65 27.78 -43.29
C SER O 24 56.40 27.74 -44.78
N CYS O 25 55.18 28.11 -45.17
CA CYS O 25 54.79 28.22 -46.59
C CYS O 25 55.72 29.27 -47.19
N ASP O 26 56.34 28.96 -48.33
CA ASP O 26 57.48 29.78 -48.74
C ASP O 26 57.10 31.00 -49.58
N GLN O 27 55.81 31.16 -49.83
CA GLN O 27 55.31 32.39 -50.38
C GLN O 27 53.95 32.62 -49.73
N PRO O 28 53.93 33.25 -48.56
CA PRO O 28 52.71 33.30 -47.76
C PRO O 28 51.79 34.33 -48.33
N LYS O 29 50.50 33.97 -48.40
CA LYS O 29 49.46 34.84 -48.97
C LYS O 29 49.44 36.19 -48.22
N LEU O 30 49.96 36.16 -47.01
CA LEU O 30 49.94 37.29 -46.11
C LEU O 30 50.72 36.91 -44.83
N LEU O 31 51.58 37.82 -44.38
CA LEU O 31 52.41 37.52 -43.21
C LEU O 31 52.79 38.80 -42.51
N GLY O 32 52.44 38.89 -41.24
CA GLY O 32 52.78 40.09 -40.49
C GLY O 32 52.73 39.92 -38.99
N ILE O 33 52.67 41.06 -38.29
CA ILE O 33 52.58 41.06 -36.83
C ILE O 33 51.33 41.83 -36.35
N GLU O 34 50.79 41.40 -35.22
CA GLU O 34 49.64 42.03 -34.63
C GLU O 34 50.03 42.44 -33.23
N THR O 35 50.16 43.76 -33.03
CA THR O 35 50.55 44.29 -31.72
C THR O 35 50.04 45.68 -31.58
N PRO O 36 49.91 46.17 -30.34
CA PRO O 36 49.55 47.55 -30.10
C PRO O 36 50.77 48.43 -29.83
N LEU O 37 51.96 47.81 -29.85
CA LEU O 37 53.24 48.55 -29.79
C LEU O 37 53.55 49.28 -31.10
N VAL O 38 54.46 50.24 -31.07
CA VAL O 38 54.86 50.91 -32.32
C VAL O 38 55.89 50.05 -33.03
N LYS O 39 55.64 49.78 -34.30
CA LYS O 39 56.49 48.84 -35.05
C LYS O 39 57.03 49.41 -36.37
N LYS O 40 58.20 48.93 -36.79
CA LYS O 40 58.75 49.29 -38.11
C LYS O 40 59.43 48.08 -38.74
N GLU O 41 59.03 47.66 -39.94
CA GLU O 41 59.64 46.44 -40.51
C GLU O 41 60.88 46.78 -41.29
N LEU O 42 61.60 45.77 -41.80
CA LEU O 42 62.93 46.03 -42.36
C LEU O 42 63.21 45.71 -43.85
N LEU O 43 64.46 45.38 -44.15
CA LEU O 43 64.83 44.96 -45.49
C LEU O 43 64.36 43.54 -45.65
N LEU O 44 63.60 43.32 -46.72
CA LEU O 44 62.86 42.08 -46.91
C LEU O 44 63.60 40.92 -47.58
N PRO O 45 64.69 41.20 -48.34
CA PRO O 45 65.00 40.30 -49.46
C PRO O 45 64.45 38.89 -49.24
N GLY O 46 63.25 38.63 -49.76
CA GLY O 46 62.54 37.36 -49.55
C GLY O 46 61.32 37.52 -48.65
N ASN O 47 60.32 36.66 -48.85
CA ASN O 47 59.04 36.80 -48.15
C ASN O 47 58.69 35.70 -47.18
N ASN O 48 59.67 34.87 -46.84
CA ASN O 48 59.48 33.88 -45.80
C ASN O 48 59.37 34.46 -44.41
N ARG O 49 60.08 35.57 -44.20
CA ARG O 49 60.12 36.26 -42.92
C ARG O 49 60.17 37.78 -43.02
N LYS O 50 59.44 38.44 -42.14
CA LYS O 50 59.62 39.86 -41.96
C LYS O 50 60.28 39.99 -40.59
N VAL O 51 60.91 41.14 -40.35
CA VAL O 51 61.58 41.44 -39.09
C VAL O 51 61.05 42.78 -38.62
N TYR O 52 60.33 42.79 -37.52
CA TYR O 52 59.77 44.03 -37.02
C TYR O 52 60.56 44.53 -35.84
N GLU O 53 60.91 45.81 -35.82
CA GLU O 53 61.55 46.46 -34.70
C GLU O 53 60.48 47.15 -33.86
N LEU O 54 60.32 46.68 -32.64
CA LEU O 54 59.46 47.33 -31.66
C LEU O 54 60.30 48.25 -30.82
N SER O 55 60.13 49.55 -30.99
CA SER O 55 61.03 50.48 -30.34
C SER O 55 60.37 51.06 -29.11
N ASN O 56 61.20 51.62 -28.22
CA ASN O 56 60.77 52.29 -26.98
C ASN O 56 59.59 51.62 -26.30
N VAL O 57 59.74 50.33 -26.01
CA VAL O 57 58.67 49.60 -25.34
C VAL O 57 58.60 50.01 -23.87
N GLN O 58 57.42 50.46 -23.43
CA GLN O 58 57.25 51.11 -22.14
C GLN O 58 56.77 50.22 -20.98
N GLU O 59 55.88 49.27 -21.26
CA GLU O 59 55.35 48.41 -20.22
C GLU O 59 55.43 47.02 -20.78
N ASP O 60 55.27 46.03 -19.90
CA ASP O 60 55.18 44.63 -20.30
C ASP O 60 54.25 44.47 -21.46
N SER O 61 54.69 43.76 -22.48
CA SER O 61 53.91 43.65 -23.69
C SER O 61 53.90 42.32 -24.41
N GLN O 62 52.92 42.12 -25.28
CA GLN O 62 52.89 40.97 -26.17
C GLN O 62 52.89 41.36 -27.64
N VAL O 63 53.30 40.42 -28.45
CA VAL O 63 53.33 40.66 -29.86
C VAL O 63 52.96 39.33 -30.49
N MET O 64 52.26 39.35 -31.63
CA MET O 64 51.71 38.13 -32.25
C MET O 64 51.97 38.03 -33.75
N CYS O 65 52.79 37.08 -34.18
CA CYS O 65 53.03 36.88 -35.60
C CYS O 65 51.88 36.08 -36.18
N TYR O 66 51.52 36.38 -37.42
CA TYR O 66 50.57 35.54 -38.14
C TYR O 66 51.07 35.28 -39.55
N ALA O 67 50.69 34.13 -40.10
CA ALA O 67 50.94 33.86 -41.51
C ALA O 67 49.83 33.02 -42.10
N ASN O 68 49.21 33.61 -43.12
CA ASN O 68 48.17 32.98 -43.89
C ASN O 68 48.84 32.19 -44.97
N CYS O 69 48.75 30.87 -44.82
CA CYS O 69 49.40 29.93 -45.71
C CYS O 69 48.37 29.17 -46.50
N PRO O 70 48.85 28.36 -47.48
CA PRO O 70 48.04 27.31 -48.08
C PRO O 70 47.33 26.44 -47.03
N ASP O 71 48.08 26.02 -46.01
CA ASP O 71 47.56 25.14 -44.97
C ASP O 71 46.54 25.80 -44.01
N GLY O 72 46.58 27.13 -43.89
CA GLY O 72 45.67 27.86 -42.99
C GLY O 72 46.34 29.13 -42.46
N GLN O 73 45.75 29.72 -41.42
CA GLN O 73 46.33 30.89 -40.76
C GLN O 73 46.99 30.47 -39.47
N SER O 74 48.25 30.81 -39.27
CA SER O 74 48.87 30.48 -38.00
C SER O 74 49.32 31.66 -37.11
N THR O 75 49.29 31.43 -35.80
CA THR O 75 49.63 32.48 -34.88
C THR O 75 50.84 32.11 -34.01
N ALA O 76 51.61 33.10 -33.58
CA ALA O 76 52.65 32.84 -32.59
C ALA O 76 52.98 34.08 -31.80
N LYS O 77 52.85 34.00 -30.46
CA LYS O 77 53.07 35.15 -29.56
C LYS O 77 54.48 35.25 -29.05
N ALA O 78 54.96 36.46 -28.82
CA ALA O 78 56.25 36.62 -28.13
C ALA O 78 56.02 37.53 -26.94
N PHE O 79 56.59 37.19 -25.77
CA PHE O 79 56.38 38.07 -24.60
C PHE O 79 57.53 39.03 -24.27
N LEU O 80 57.23 40.32 -24.31
CA LEU O 80 58.24 41.33 -23.95
C LEU O 80 58.13 41.70 -22.48
N THR O 81 59.19 41.56 -21.73
CA THR O 81 59.11 41.86 -20.32
C THR O 81 60.02 43.00 -20.09
N VAL O 82 59.51 44.02 -19.43
CA VAL O 82 60.19 45.28 -19.28
C VAL O 82 60.41 45.48 -17.80
N TYR O 83 61.59 46.02 -17.45
CA TYR O 83 61.86 46.41 -16.05
C TYR O 83 62.28 47.84 -15.93
N TRP O 84 62.00 48.45 -14.79
CA TRP O 84 62.17 49.89 -14.62
C TRP O 84 63.59 50.26 -14.26
N THR O 85 63.93 51.52 -14.42
CA THR O 85 65.25 52.00 -14.09
C THR O 85 65.19 53.18 -13.10
N MET P 1 11.07 55.58 -43.30
CA MET P 1 11.96 54.47 -43.75
C MET P 1 12.77 53.89 -42.59
N ASN P 2 12.61 52.59 -42.35
CA ASN P 2 13.34 51.88 -41.32
C ASN P 2 14.77 51.64 -41.75
N VAL P 3 15.67 51.62 -40.77
CA VAL P 3 17.08 51.40 -41.03
C VAL P 3 17.58 50.34 -40.08
N ASP P 4 18.20 49.30 -40.66
CA ASP P 4 18.91 48.31 -39.88
C ASP P 4 20.41 48.66 -39.90
N LEU P 5 20.94 49.08 -38.75
CA LEU P 5 22.35 49.47 -38.65
C LEU P 5 23.11 48.51 -37.76
N VAL P 6 24.25 48.04 -38.26
CA VAL P 6 25.10 47.12 -37.54
C VAL P 6 26.47 47.73 -37.26
N PHE P 7 26.87 47.71 -36.00
CA PHE P 7 28.23 48.05 -35.62
C PHE P 7 29.14 46.82 -35.77
N LEU P 8 30.11 46.90 -36.67
CA LEU P 8 31.19 45.92 -36.76
C LEU P 8 32.44 46.54 -36.14
N PHE P 9 32.80 46.06 -34.95
CA PHE P 9 33.86 46.72 -34.19
C PHE P 9 35.09 45.85 -33.96
N ASP P 10 36.27 46.48 -34.12
CA ASP P 10 37.58 45.84 -34.11
C ASP P 10 38.06 45.59 -32.68
N GLY P 11 38.04 44.32 -32.29
CA GLY P 11 38.50 43.92 -30.98
C GLY P 11 39.81 43.15 -31.08
N SER P 12 40.57 43.46 -32.13
CA SER P 12 41.86 42.82 -32.36
C SER P 12 42.87 43.35 -31.37
N MET P 13 44.00 42.66 -31.25
CA MET P 13 45.06 43.04 -30.30
C MET P 13 45.71 44.40 -30.60
N SER P 14 45.70 44.76 -31.88
CA SER P 14 46.35 45.98 -32.39
C SER P 14 45.73 47.29 -31.88
N LEU P 15 44.60 47.18 -31.22
CA LEU P 15 44.02 48.31 -30.56
C LEU P 15 44.26 48.26 -29.07
N GLN P 16 44.69 49.37 -28.50
CA GLN P 16 44.93 49.44 -27.07
C GLN P 16 43.63 49.19 -26.33
N PRO P 17 43.69 48.80 -25.05
CA PRO P 17 42.42 48.51 -24.35
C PRO P 17 41.58 49.77 -24.08
N ASP P 18 42.27 50.89 -23.85
CA ASP P 18 41.59 52.16 -23.68
C ASP P 18 40.99 52.65 -25.00
N GLU P 19 41.63 52.30 -26.11
CA GLU P 19 41.07 52.56 -27.43
C GLU P 19 39.83 51.71 -27.67
N PHE P 20 39.81 50.50 -27.15
CA PHE P 20 38.67 49.62 -27.30
C PHE P 20 37.50 50.17 -26.53
N GLN P 21 37.77 50.59 -25.30
CA GLN P 21 36.76 51.25 -24.48
C GLN P 21 36.12 52.44 -25.19
N LYS P 22 36.96 53.25 -25.84
CA LYS P 22 36.49 54.37 -26.66
C LYS P 22 35.49 53.95 -27.75
N ILE P 23 35.65 52.74 -28.29
CA ILE P 23 34.77 52.23 -29.33
C ILE P 23 33.42 51.79 -28.76
N LEU P 24 33.44 51.16 -27.59
CA LEU P 24 32.19 50.84 -26.89
C LEU P 24 31.43 52.11 -26.55
N ASP P 25 32.11 53.04 -25.88
CA ASP P 25 31.53 54.34 -25.51
C ASP P 25 31.02 55.13 -26.71
N PHE P 26 31.56 54.84 -27.90
CA PHE P 26 31.11 55.45 -29.14
C PHE P 26 29.79 54.87 -29.58
N MET P 27 29.71 53.53 -29.62
CA MET P 27 28.49 52.84 -30.03
C MET P 27 27.29 53.19 -29.14
N LYS P 28 27.54 53.25 -27.83
CA LYS P 28 26.53 53.64 -26.84
C LYS P 28 26.05 55.08 -27.05
N ASP P 29 26.97 55.96 -27.47
CA ASP P 29 26.65 57.36 -27.77
C ASP P 29 25.77 57.51 -28.99
N VAL P 30 25.96 56.64 -29.98
CA VAL P 30 25.17 56.68 -31.21
C VAL P 30 23.79 56.12 -30.94
N MET P 31 23.71 55.02 -30.21
CA MET P 31 22.44 54.37 -29.91
C MET P 31 21.55 55.21 -28.99
N LYS P 32 22.17 55.86 -28.01
CA LYS P 32 21.48 56.74 -27.09
C LYS P 32 20.83 57.88 -27.87
N LYS P 33 21.63 58.50 -28.75
CA LYS P 33 21.19 59.62 -29.58
C LYS P 33 20.50 59.18 -30.87
N LEU P 34 19.79 58.04 -30.81
CA LEU P 34 18.95 57.56 -31.91
C LEU P 34 17.82 56.66 -31.40
N SER P 35 17.45 56.86 -30.12
CA SER P 35 16.39 56.07 -29.50
C SER P 35 15.01 56.43 -30.06
N ASN P 36 14.91 56.38 -31.38
CA ASN P 36 13.64 56.36 -32.09
C ASN P 36 13.53 54.99 -32.79
N THR P 37 12.30 54.62 -33.15
CA THR P 37 12.01 53.30 -33.76
C THR P 37 12.77 53.06 -35.07
N SER P 38 12.77 54.08 -35.94
CA SER P 38 13.35 54.01 -37.28
C SER P 38 14.63 53.17 -37.31
N TYR P 39 15.60 53.52 -36.47
CA TYR P 39 16.83 52.76 -36.34
C TYR P 39 16.65 51.55 -35.41
N GLN P 40 16.99 50.38 -35.94
CA GLN P 40 17.06 49.14 -35.17
C GLN P 40 18.53 48.70 -35.23
N PHE P 41 19.12 48.35 -34.09
CA PHE P 41 20.57 48.09 -34.02
C PHE P 41 20.97 46.66 -33.80
N ALA P 42 22.24 46.37 -34.10
CA ALA P 42 22.92 45.11 -33.77
C ALA P 42 24.44 45.33 -33.82
N ALA P 43 25.15 44.69 -32.91
CA ALA P 43 26.59 44.85 -32.85
C ALA P 43 27.35 43.52 -32.88
N VAL P 44 28.39 43.47 -33.69
CA VAL P 44 29.28 42.29 -33.76
C VAL P 44 30.76 42.67 -33.62
N GLN P 45 31.43 42.02 -32.67
CA GLN P 45 32.85 42.19 -32.49
C GLN P 45 33.59 41.17 -33.34
N PHE P 46 34.62 41.66 -34.02
CA PHE P 46 35.46 40.80 -34.83
C PHE P 46 36.89 40.94 -34.38
N SER P 47 37.59 39.81 -34.39
CA SER P 47 39.03 39.78 -34.21
C SER P 47 39.57 38.65 -35.06
N THR P 48 39.88 37.49 -34.48
CA THR P 48 40.28 36.37 -35.30
C THR P 48 39.03 35.83 -35.87
N SER P 49 38.04 35.67 -35.01
CA SER P 49 36.70 35.26 -35.43
C SER P 49 35.66 36.33 -35.10
N TYR P 50 34.39 35.95 -35.14
CA TYR P 50 33.34 36.93 -35.01
C TYR P 50 32.34 36.46 -34.01
N LYS P 51 31.81 37.39 -33.23
CA LYS P 51 30.65 37.10 -32.40
C LYS P 51 29.69 38.28 -32.38
N THR P 52 28.40 38.03 -32.63
CA THR P 52 27.43 39.10 -32.52
C THR P 52 27.14 39.30 -31.04
N GLU P 53 27.35 40.52 -30.57
CA GLU P 53 27.17 40.85 -29.16
C GLU P 53 25.69 41.07 -28.82
N PHE P 54 24.92 41.51 -29.82
CA PHE P 54 23.46 41.50 -29.73
C PHE P 54 22.75 41.58 -31.09
N ASP P 55 21.59 40.91 -31.16
CA ASP P 55 20.73 40.86 -32.35
C ASP P 55 19.94 42.12 -32.48
N PHE P 56 19.28 42.26 -33.62
CA PHE P 56 18.21 43.23 -33.75
C PHE P 56 17.11 42.82 -32.79
N SER P 57 16.77 41.53 -32.80
CA SER P 57 15.83 40.93 -31.84
C SER P 57 16.10 41.39 -30.41
N ASP P 58 17.38 41.55 -30.08
CA ASP P 58 17.80 41.91 -28.72
C ASP P 58 17.62 43.38 -28.44
N TYR P 59 17.97 44.22 -29.42
CA TYR P 59 17.76 45.65 -29.30
C TYR P 59 16.28 45.95 -29.22
N VAL P 60 15.50 45.33 -30.10
CA VAL P 60 14.03 45.44 -30.10
C VAL P 60 13.39 45.03 -28.74
N LYS P 61 14.02 44.06 -28.06
CA LYS P 61 13.56 43.57 -26.74
C LYS P 61 14.05 44.42 -25.55
N TRP P 62 15.31 44.23 -25.16
CA TRP P 62 15.92 44.90 -24.01
C TRP P 62 15.92 46.45 -24.18
N LYS P 63 16.35 46.92 -25.36
CA LYS P 63 16.41 48.37 -25.71
C LYS P 63 17.34 49.28 -24.88
N ASP P 64 18.06 48.70 -23.93
CA ASP P 64 19.01 49.44 -23.11
C ASP P 64 20.42 49.23 -23.65
N PRO P 65 20.95 50.23 -24.38
CA PRO P 65 22.25 50.08 -25.04
C PRO P 65 23.42 49.95 -24.06
N ASP P 66 23.27 50.51 -22.86
CA ASP P 66 24.27 50.39 -21.82
C ASP P 66 24.39 48.94 -21.35
N ALA P 67 23.26 48.32 -21.04
CA ALA P 67 23.23 46.95 -20.56
C ALA P 67 23.28 45.93 -21.69
N LEU P 68 23.16 46.40 -22.94
CA LEU P 68 23.26 45.51 -24.10
C LEU P 68 24.69 45.14 -24.42
N LEU P 69 25.59 46.10 -24.30
CA LEU P 69 27.01 45.88 -24.56
C LEU P 69 27.79 45.69 -23.28
N LYS P 70 27.10 45.52 -22.15
CA LYS P 70 27.77 45.54 -20.86
C LYS P 70 28.68 44.31 -20.64
N HIS P 71 28.45 43.26 -21.43
CA HIS P 71 29.20 42.02 -21.25
C HIS P 71 30.21 41.66 -22.34
N VAL P 72 30.70 42.67 -23.05
CA VAL P 72 31.70 42.45 -24.10
C VAL P 72 33.03 42.10 -23.45
N LYS P 73 33.74 41.14 -24.02
CA LYS P 73 35.17 40.91 -23.69
C LYS P 73 36.06 41.28 -24.87
N HIS P 74 37.08 42.07 -24.61
CA HIS P 74 38.00 42.42 -25.66
C HIS P 74 38.65 41.14 -26.15
N MET P 75 38.43 40.80 -27.43
CA MET P 75 38.90 39.53 -27.99
C MET P 75 40.43 39.37 -28.04
N LEU P 76 41.11 40.41 -28.54
CA LEU P 76 42.57 40.52 -28.45
C LEU P 76 43.32 39.44 -29.22
N LEU P 77 42.95 39.26 -30.49
CA LEU P 77 43.62 38.34 -31.42
C LEU P 77 43.66 39.01 -32.78
N LEU P 78 43.97 38.28 -33.85
CA LEU P 78 44.15 38.89 -35.17
C LEU P 78 42.98 39.75 -35.66
N THR P 79 43.20 40.49 -36.74
CA THR P 79 42.23 41.43 -37.28
C THR P 79 41.75 40.92 -38.64
N ASN P 80 40.76 40.02 -38.63
CA ASN P 80 40.27 39.39 -39.87
C ASN P 80 39.09 40.08 -40.54
N THR P 81 39.27 41.37 -40.81
CA THR P 81 38.19 42.27 -41.23
C THR P 81 37.38 41.76 -42.45
N PHE P 82 38.07 41.26 -43.48
CA PHE P 82 37.38 40.80 -44.68
C PHE P 82 36.27 39.78 -44.43
N GLY P 83 36.61 38.71 -43.72
CA GLY P 83 35.60 37.72 -43.36
C GLY P 83 34.57 38.28 -42.39
N ALA P 84 34.96 39.32 -41.65
CA ALA P 84 34.09 39.98 -40.68
C ALA P 84 32.91 40.61 -41.37
N ILE P 85 33.21 41.36 -42.43
CA ILE P 85 32.16 41.93 -43.26
C ILE P 85 31.23 40.82 -43.79
N ASN P 86 31.80 39.79 -44.43
CA ASN P 86 31.01 38.69 -44.99
C ASN P 86 30.10 38.04 -43.96
N TYR P 87 30.58 37.92 -42.74
CA TYR P 87 29.80 37.39 -41.63
C TYR P 87 28.58 38.27 -41.37
N VAL P 88 28.78 39.59 -41.26
CA VAL P 88 27.66 40.52 -41.06
C VAL P 88 26.61 40.34 -42.15
N ALA P 89 27.07 40.38 -43.41
CA ALA P 89 26.22 40.24 -44.58
C ALA P 89 25.36 38.99 -44.51
N THR P 90 26.00 37.84 -44.28
CA THR P 90 25.29 36.56 -44.34
C THR P 90 24.68 36.10 -43.02
N GLU P 91 25.19 36.59 -41.90
CA GLU P 91 24.80 36.04 -40.59
C GLU P 91 24.02 36.98 -39.65
N VAL P 92 24.09 38.28 -39.88
CA VAL P 92 23.46 39.26 -39.00
C VAL P 92 22.16 39.83 -39.58
N PHE P 93 22.20 40.28 -40.84
CA PHE P 93 21.00 40.76 -41.56
C PHE P 93 20.15 39.58 -41.95
N ARG P 94 19.24 39.20 -41.06
CA ARG P 94 18.40 38.02 -41.26
C ARG P 94 16.99 38.20 -40.72
N GLU P 95 16.03 37.64 -41.45
CA GLU P 95 14.64 37.59 -41.01
C GLU P 95 14.54 37.07 -39.57
N GLU P 96 15.21 35.95 -39.31
CA GLU P 96 15.13 35.27 -38.01
C GLU P 96 15.77 36.05 -36.88
N LEU P 97 16.79 36.85 -37.20
CA LEU P 97 17.54 37.58 -36.18
C LEU P 97 17.01 38.99 -35.92
N GLY P 98 15.84 39.29 -36.49
CA GLY P 98 15.12 40.52 -36.18
C GLY P 98 15.28 41.67 -37.17
N ALA P 99 15.95 41.39 -38.28
CA ALA P 99 16.11 42.40 -39.34
C ALA P 99 14.78 42.65 -40.05
N ARG P 100 14.49 43.93 -40.26
CA ARG P 100 13.36 44.32 -41.07
C ARG P 100 13.73 44.20 -42.55
N PRO P 101 12.92 43.46 -43.34
CA PRO P 101 13.22 43.18 -44.75
C PRO P 101 13.24 44.44 -45.61
N ASP P 102 12.25 45.31 -45.40
CA ASP P 102 12.10 46.57 -46.12
C ASP P 102 13.21 47.59 -45.80
N ALA P 103 13.82 47.44 -44.62
CA ALA P 103 14.80 48.40 -44.11
C ALA P 103 16.07 48.47 -44.96
N THR P 104 16.49 49.70 -45.25
CA THR P 104 17.72 49.96 -45.98
C THR P 104 18.89 49.78 -45.02
N LYS P 105 19.76 48.83 -45.33
CA LYS P 105 20.73 48.32 -44.35
C LYS P 105 22.09 49.04 -44.34
N VAL P 106 22.45 49.56 -43.16
CA VAL P 106 23.70 50.30 -42.94
C VAL P 106 24.69 49.53 -42.06
N LEU P 107 25.98 49.85 -42.22
CA LEU P 107 27.05 49.20 -41.48
C LEU P 107 28.09 50.21 -41.04
N ILE P 108 28.39 50.25 -39.75
CA ILE P 108 29.44 51.11 -39.24
C ILE P 108 30.63 50.26 -38.81
N ILE P 109 31.70 50.32 -39.59
CA ILE P 109 32.91 49.57 -39.27
C ILE P 109 33.90 50.47 -38.54
N ILE P 110 34.31 50.05 -37.34
CA ILE P 110 35.32 50.78 -36.54
C ILE P 110 36.57 49.95 -36.38
N THR P 111 37.64 50.33 -37.07
CA THR P 111 38.86 49.52 -37.14
C THR P 111 40.03 50.43 -37.45
N ASP P 112 41.25 49.89 -37.39
CA ASP P 112 42.42 50.58 -37.89
C ASP P 112 42.80 50.10 -39.29
N GLY P 113 42.02 49.13 -39.81
CA GLY P 113 42.25 48.58 -41.14
C GLY P 113 43.60 47.91 -41.36
N GLU P 114 44.33 47.67 -40.28
CA GLU P 114 45.46 46.76 -40.31
C GLU P 114 44.85 45.36 -40.28
N ALA P 115 44.32 44.95 -41.42
CA ALA P 115 43.55 43.73 -41.54
C ALA P 115 44.48 42.56 -41.85
N THR P 116 44.19 41.42 -41.26
CA THR P 116 45.04 40.24 -41.32
C THR P 116 44.53 39.12 -42.22
N ASP P 117 43.47 39.39 -42.99
CA ASP P 117 43.03 38.47 -44.05
C ASP P 117 42.75 39.22 -45.35
N SER P 118 42.38 38.47 -46.39
CA SER P 118 42.14 39.05 -47.71
C SER P 118 40.93 38.38 -48.35
N GLY P 119 40.32 39.06 -49.31
CA GLY P 119 39.15 38.50 -50.02
C GLY P 119 38.35 39.56 -50.76
N ASN P 120 37.04 39.41 -50.78
CA ASN P 120 36.18 40.43 -51.36
C ASN P 120 34.97 40.66 -50.49
N ILE P 121 34.34 41.81 -50.66
CA ILE P 121 33.13 42.12 -49.90
C ILE P 121 31.87 42.18 -50.79
N ASP P 122 31.93 41.49 -51.92
CA ASP P 122 30.83 41.48 -52.87
C ASP P 122 29.53 41.12 -52.18
N ALA P 123 29.63 40.26 -51.16
CA ALA P 123 28.47 39.80 -50.41
C ALA P 123 27.77 40.90 -49.61
N ALA P 124 28.41 42.06 -49.52
CA ALA P 124 27.87 43.16 -48.74
C ALA P 124 27.82 44.46 -49.53
N LYS P 125 27.73 44.35 -50.86
CA LYS P 125 27.61 45.53 -51.73
C LYS P 125 26.40 46.39 -51.37
N ASP P 126 25.23 45.78 -51.34
CA ASP P 126 24.00 46.53 -51.10
C ASP P 126 23.94 47.16 -49.70
N ILE P 127 24.74 46.68 -48.77
CA ILE P 127 24.86 47.32 -47.46
C ILE P 127 25.72 48.57 -47.59
N ILE P 128 25.12 49.73 -47.32
CA ILE P 128 25.84 50.99 -47.32
C ILE P 128 26.69 51.08 -46.05
N ARG P 129 28.00 51.16 -46.23
CA ARG P 129 28.96 51.07 -45.10
C ARG P 129 29.90 52.26 -44.90
N TYR P 130 29.61 53.04 -43.86
CA TYR P 130 30.53 54.04 -43.33
C TYR P 130 31.56 53.29 -42.52
N ILE P 131 32.85 53.55 -42.77
CA ILE P 131 33.91 52.97 -41.95
C ILE P 131 34.74 54.07 -41.27
N ILE P 132 35.00 53.92 -39.98
CA ILE P 132 35.69 54.99 -39.23
C ILE P 132 36.99 54.51 -38.58
N GLY P 133 38.07 55.25 -38.84
CA GLY P 133 39.44 54.81 -38.56
C GLY P 133 40.08 55.31 -37.29
N ILE P 134 40.15 54.42 -36.32
CA ILE P 134 40.87 54.68 -35.08
C ILE P 134 42.11 53.80 -35.04
N GLY P 135 43.19 54.26 -34.38
CA GLY P 135 44.31 53.36 -34.05
C GLY P 135 45.66 53.78 -34.60
N LYS P 136 46.71 53.62 -33.80
CA LYS P 136 48.04 54.09 -34.21
C LYS P 136 48.47 53.38 -35.47
N HIS P 137 47.81 52.26 -35.78
CA HIS P 137 48.21 51.44 -36.91
C HIS P 137 47.45 51.74 -38.19
N SER P 138 46.53 52.67 -38.12
CA SER P 138 45.79 53.06 -39.30
C SER P 138 46.56 54.10 -40.10
N GLN P 139 47.85 54.25 -39.80
CA GLN P 139 48.62 55.37 -40.35
C GLN P 139 49.53 54.96 -41.50
N THR P 140 49.18 53.89 -42.20
CA THR P 140 50.05 53.40 -43.26
C THR P 140 49.36 53.28 -44.60
N LYS P 141 50.16 53.35 -45.66
CA LYS P 141 49.71 53.14 -47.03
C LYS P 141 48.68 52.00 -47.10
N GLU P 142 49.06 50.83 -46.59
CA GLU P 142 48.25 49.63 -46.64
C GLU P 142 46.94 49.87 -45.91
N SER P 143 47.03 50.19 -44.63
CA SER P 143 45.85 50.38 -43.80
C SER P 143 44.84 51.35 -44.41
N GLN P 144 45.33 52.49 -44.86
CA GLN P 144 44.46 53.49 -45.47
C GLN P 144 43.73 52.90 -46.67
N GLU P 145 44.47 52.31 -47.60
CA GLU P 145 43.88 51.65 -48.76
C GLU P 145 42.87 50.58 -48.36
N THR P 146 43.21 49.79 -47.33
CA THR P 146 42.31 48.76 -46.80
C THR P 146 41.04 49.39 -46.24
N LEU P 147 41.17 50.54 -45.60
CA LEU P 147 40.00 51.26 -45.10
C LEU P 147 39.08 51.70 -46.26
N HIS P 148 39.67 52.26 -47.31
CA HIS P 148 38.91 52.71 -48.47
C HIS P 148 38.29 51.55 -49.23
N LYS P 149 38.91 50.37 -49.16
CA LYS P 149 38.34 49.18 -49.77
C LYS P 149 37.01 48.77 -49.14
N PHE P 150 36.89 48.92 -47.83
CA PHE P 150 35.65 48.57 -47.11
C PHE P 150 34.53 49.58 -47.31
N ALA P 151 34.88 50.82 -47.60
CA ALA P 151 33.91 51.92 -47.70
C ALA P 151 33.00 51.83 -48.91
N SER P 152 31.81 52.44 -48.78
CA SER P 152 30.95 52.74 -49.93
C SER P 152 31.64 53.77 -50.81
N LYS P 153 31.19 53.92 -52.04
CA LYS P 153 31.82 54.86 -52.97
C LYS P 153 30.94 56.10 -53.17
N PRO P 154 31.55 57.27 -53.47
CA PRO P 154 32.98 57.55 -53.54
C PRO P 154 33.59 57.56 -52.16
N ALA P 155 34.74 56.89 -52.03
CA ALA P 155 35.36 56.54 -50.75
C ALA P 155 35.43 57.66 -49.71
N SER P 156 35.96 58.81 -50.12
CA SER P 156 36.13 59.95 -49.22
C SER P 156 34.81 60.69 -48.94
N GLU P 157 33.85 59.94 -48.41
CA GLU P 157 32.57 60.45 -47.97
C GLU P 157 32.02 59.49 -46.91
N PHE P 158 32.68 58.34 -46.81
CA PHE P 158 32.26 57.25 -45.92
C PHE P 158 33.39 56.79 -45.02
N VAL P 159 34.50 57.53 -45.04
CA VAL P 159 35.67 57.25 -44.22
C VAL P 159 36.01 58.49 -43.40
N LYS P 160 36.05 58.37 -42.08
CA LYS P 160 36.63 59.43 -41.24
C LYS P 160 37.43 58.88 -40.05
N ILE P 161 38.32 59.72 -39.51
CA ILE P 161 39.04 59.40 -38.25
C ILE P 161 38.21 59.82 -37.01
N LEU P 162 38.14 58.90 -36.02
CA LEU P 162 37.19 58.95 -34.87
C LEU P 162 37.16 60.28 -34.08
N ASP P 163 38.32 60.93 -33.97
CA ASP P 163 38.55 62.14 -33.14
C ASP P 163 38.26 61.89 -31.65
N THR P 164 37.83 62.95 -30.95
CA THR P 164 37.19 62.80 -29.64
C THR P 164 35.66 62.88 -29.85
N PHE P 165 35.19 62.17 -30.88
CA PHE P 165 33.79 62.18 -31.37
C PHE P 165 33.30 63.58 -31.80
N GLU P 166 33.80 64.09 -32.92
CA GLU P 166 33.30 65.35 -33.53
C GLU P 166 32.15 65.09 -34.50
N LYS P 167 32.16 63.88 -35.05
CA LYS P 167 31.14 63.35 -35.98
C LYS P 167 29.73 63.34 -35.40
N LEU P 168 29.65 63.38 -34.07
CA LEU P 168 28.36 63.36 -33.37
C LEU P 168 27.51 64.63 -33.66
N LYS P 169 28.05 65.50 -34.51
CA LYS P 169 27.26 66.54 -35.20
C LYS P 169 27.35 66.33 -36.72
N ASP P 170 28.48 65.78 -37.18
CA ASP P 170 28.77 65.60 -38.61
C ASP P 170 28.00 64.42 -39.21
N LEU P 171 28.48 63.22 -38.93
CA LEU P 171 27.88 61.95 -39.38
C LEU P 171 26.40 61.86 -39.00
N PHE P 172 26.06 62.45 -37.87
CA PHE P 172 24.70 62.41 -37.31
C PHE P 172 23.66 63.15 -38.17
N THR P 173 23.99 64.35 -38.63
CA THR P 173 23.12 65.11 -39.51
C THR P 173 23.08 64.49 -40.91
N GLU P 174 23.95 63.53 -41.17
CA GLU P 174 23.90 62.74 -42.40
C GLU P 174 23.29 61.37 -42.15
N LEU P 175 23.24 60.96 -40.88
CA LEU P 175 22.51 59.75 -40.46
C LEU P 175 21.05 60.08 -40.17
N GLN P 176 20.74 61.37 -40.12
CA GLN P 176 19.35 61.85 -40.08
C GLN P 176 18.75 61.95 -41.48
N LYS P 177 19.57 61.61 -42.48
CA LYS P 177 19.11 61.44 -43.87
C LYS P 177 18.28 60.18 -43.97
N LYS P 178 18.88 59.06 -43.53
CA LYS P 178 18.33 57.72 -43.70
C LYS P 178 16.91 57.49 -43.15
N ILE P 179 16.59 58.16 -42.04
CA ILE P 179 15.23 58.03 -41.46
C ILE P 179 14.16 58.59 -42.39
N TYR P 180 14.57 59.50 -43.27
CA TYR P 180 13.66 60.34 -44.08
C TYR P 180 12.65 61.02 -43.16
N MET Q 1 -54.59 -39.71 -23.59
CA MET Q 1 -54.67 -38.70 -24.68
C MET Q 1 -55.74 -38.95 -25.74
N VAL Q 2 -56.65 -38.01 -25.94
CA VAL Q 2 -57.62 -38.13 -27.02
C VAL Q 2 -57.56 -37.00 -27.97
N SER Q 3 -58.30 -37.19 -29.06
CA SER Q 3 -58.38 -36.25 -30.15
C SER Q 3 -59.78 -36.45 -30.77
N VAL Q 4 -60.45 -35.36 -31.13
CA VAL Q 4 -61.77 -35.49 -31.75
C VAL Q 4 -61.79 -34.76 -33.05
N SER Q 5 -62.47 -35.33 -34.04
CA SER Q 5 -62.70 -34.64 -35.31
C SER Q 5 -63.98 -35.02 -35.99
N PRO Q 6 -64.63 -34.05 -36.61
CA PRO Q 6 -64.16 -32.68 -36.74
C PRO Q 6 -64.19 -31.97 -35.41
N SER Q 7 -63.27 -31.02 -35.20
CA SER Q 7 -63.26 -30.22 -33.98
C SER Q 7 -64.48 -29.31 -33.87
N LYS Q 8 -64.95 -28.79 -35.00
CA LYS Q 8 -66.11 -27.93 -35.01
C LYS Q 8 -66.89 -28.08 -36.34
N VAL Q 9 -68.18 -28.37 -36.28
CA VAL Q 9 -68.98 -28.38 -37.49
C VAL Q 9 -70.10 -27.38 -37.45
N THR Q 10 -70.48 -26.89 -38.63
CA THR Q 10 -71.76 -26.23 -38.82
C THR Q 10 -72.68 -27.15 -39.62
N LEU Q 11 -73.93 -27.27 -39.19
CA LEU Q 11 -74.85 -28.06 -39.96
C LEU Q 11 -76.29 -27.60 -39.77
N PRO Q 12 -77.13 -27.83 -40.78
CA PRO Q 12 -78.51 -27.37 -40.75
C PRO Q 12 -79.38 -28.12 -39.72
N ARG Q 13 -80.24 -27.37 -39.04
CA ARG Q 13 -81.13 -27.92 -38.03
C ARG Q 13 -81.71 -29.23 -38.48
N GLY Q 14 -81.45 -30.27 -37.71
CA GLY Q 14 -82.00 -31.57 -38.01
C GLY Q 14 -81.07 -32.42 -38.83
N GLY Q 15 -79.86 -31.94 -39.03
CA GLY Q 15 -78.84 -32.71 -39.75
C GLY Q 15 -78.16 -33.78 -38.90
N SER Q 16 -76.98 -34.22 -39.36
CA SER Q 16 -76.24 -35.27 -38.63
C SER Q 16 -74.76 -35.23 -38.91
N VAL Q 17 -73.96 -35.56 -37.92
CA VAL Q 17 -72.52 -35.59 -38.10
C VAL Q 17 -71.95 -36.81 -37.47
N LEU Q 18 -70.94 -37.38 -38.10
CA LEU Q 18 -70.19 -38.41 -37.39
C LEU Q 18 -69.02 -37.72 -36.76
N VAL Q 19 -68.70 -38.10 -35.52
CA VAL Q 19 -67.45 -37.68 -34.90
C VAL Q 19 -66.57 -38.89 -34.58
N THR Q 20 -65.25 -38.66 -34.54
CA THR Q 20 -64.32 -39.74 -34.32
C THR Q 20 -63.49 -39.42 -33.08
N CYS Q 21 -63.69 -40.21 -32.02
CA CYS Q 21 -62.83 -40.11 -30.84
C CYS Q 21 -61.68 -41.03 -31.08
N SER Q 22 -60.47 -40.48 -31.07
CA SER Q 22 -59.26 -41.27 -31.26
C SER Q 22 -58.33 -41.15 -30.05
N ALA Q 23 -57.85 -42.28 -29.55
CA ALA Q 23 -57.00 -42.28 -28.39
C ALA Q 23 -55.58 -42.60 -28.81
N SER Q 24 -54.61 -42.20 -27.99
CA SER Q 24 -53.21 -42.34 -28.30
C SER Q 24 -52.70 -43.68 -27.84
N CYS Q 25 -53.08 -44.03 -26.61
CA CYS Q 25 -52.79 -45.36 -26.06
C CYS Q 25 -53.52 -46.35 -26.94
N ASP Q 26 -52.82 -47.38 -27.42
CA ASP Q 26 -53.39 -48.17 -28.51
C ASP Q 26 -54.33 -49.31 -28.07
N GLN Q 27 -54.52 -49.45 -26.76
CA GLN Q 27 -55.56 -50.31 -26.23
C GLN Q 27 -56.12 -49.64 -24.99
N PRO Q 28 -57.04 -48.70 -25.18
CA PRO Q 28 -57.44 -47.83 -24.09
C PRO Q 28 -58.33 -48.58 -23.15
N LYS Q 29 -58.11 -48.38 -21.86
CA LYS Q 29 -58.85 -49.07 -20.80
C LYS Q 29 -60.34 -48.75 -20.94
N LEU Q 30 -60.61 -47.63 -21.61
CA LEU Q 30 -61.97 -47.16 -21.76
C LEU Q 30 -61.94 -45.94 -22.69
N LEU Q 31 -62.85 -45.89 -23.66
CA LEU Q 31 -62.89 -44.80 -24.66
C LEU Q 31 -64.27 -44.61 -25.23
N GLY Q 32 -64.81 -43.41 -25.04
CA GLY Q 32 -66.14 -43.11 -25.54
C GLY Q 32 -66.40 -41.62 -25.66
N ILE Q 33 -67.68 -41.29 -25.75
CA ILE Q 33 -68.09 -39.90 -25.89
C ILE Q 33 -69.09 -39.52 -24.80
N GLU Q 34 -69.07 -38.25 -24.41
CA GLU Q 34 -69.97 -37.75 -23.39
C GLU Q 34 -70.76 -36.62 -24.00
N THR Q 35 -72.04 -36.87 -24.22
CA THR Q 35 -72.94 -35.89 -24.80
C THR Q 35 -74.37 -36.13 -24.37
N PRO Q 36 -75.22 -35.09 -24.46
CA PRO Q 36 -76.62 -35.27 -24.20
C PRO Q 36 -77.40 -35.45 -25.50
N LEU Q 37 -76.69 -35.42 -26.63
CA LEU Q 37 -77.30 -35.73 -27.92
C LEU Q 37 -77.56 -37.22 -28.07
N VAL Q 38 -78.36 -37.62 -29.06
CA VAL Q 38 -78.60 -39.03 -29.30
C VAL Q 38 -77.49 -39.54 -30.19
N LYS Q 39 -76.91 -40.67 -29.79
CA LYS Q 39 -75.71 -41.17 -30.45
C LYS Q 39 -75.81 -42.64 -30.81
N LYS Q 40 -75.09 -43.04 -31.86
CA LYS Q 40 -74.97 -44.44 -32.26
C LYS Q 40 -73.54 -44.71 -32.76
N GLU Q 41 -72.84 -45.68 -32.20
CA GLU Q 41 -71.47 -45.91 -32.66
C GLU Q 41 -71.42 -46.91 -33.78
N LEU Q 42 -70.28 -47.13 -34.40
CA LEU Q 42 -70.23 -47.90 -35.64
C LEU Q 42 -69.43 -49.24 -35.65
N LEU Q 43 -68.92 -49.59 -36.84
CA LEU Q 43 -68.05 -50.75 -37.01
C LEU Q 43 -66.68 -50.39 -36.42
N LEU Q 44 -66.22 -51.26 -35.53
CA LEU Q 44 -65.07 -50.94 -34.70
C LEU Q 44 -63.69 -51.31 -35.28
N PRO Q 45 -63.63 -52.25 -36.25
CA PRO Q 45 -62.41 -53.06 -36.35
C PRO Q 45 -61.19 -52.33 -35.78
N GLY Q 46 -60.88 -52.61 -34.51
CA GLY Q 46 -59.80 -51.92 -33.77
C GLY Q 46 -60.33 -50.98 -32.70
N ASN Q 47 -59.54 -50.80 -31.63
CA ASN Q 47 -59.99 -50.03 -30.46
C ASN Q 47 -59.28 -48.72 -30.17
N ASN Q 48 -58.51 -48.25 -31.14
CA ASN Q 48 -57.93 -46.93 -31.07
C ASN Q 48 -58.93 -45.80 -31.21
N ARG Q 49 -59.97 -46.04 -32.00
CA ARG Q 49 -61.00 -45.06 -32.25
C ARG Q 49 -62.39 -45.65 -32.34
N LYS Q 50 -63.36 -44.94 -31.77
CA LYS Q 50 -64.77 -45.16 -32.07
C LYS Q 50 -65.29 -43.99 -32.92
N VAL Q 51 -66.35 -44.23 -33.68
CA VAL Q 51 -66.94 -43.21 -34.51
C VAL Q 51 -68.38 -43.15 -34.10
N TYR Q 52 -68.82 -42.02 -33.55
CA TYR Q 52 -70.22 -41.89 -33.16
C TYR Q 52 -70.99 -41.04 -34.15
N GLU Q 53 -72.21 -41.46 -34.48
CA GLU Q 53 -73.08 -40.67 -35.33
C GLU Q 53 -74.09 -39.95 -34.45
N LEU Q 54 -74.03 -38.63 -34.44
CA LEU Q 54 -75.01 -37.80 -33.78
C LEU Q 54 -76.03 -37.38 -34.79
N SER Q 55 -77.23 -37.96 -34.70
CA SER Q 55 -78.25 -37.74 -35.72
C SER Q 55 -79.28 -36.71 -35.27
N ASN Q 56 -79.97 -36.13 -36.25
CA ASN Q 56 -81.01 -35.12 -36.02
C ASN Q 56 -80.71 -34.12 -34.93
N VAL Q 57 -79.57 -33.45 -35.03
CA VAL Q 57 -79.20 -32.49 -34.00
C VAL Q 57 -80.02 -31.22 -34.16
N GLN Q 58 -80.65 -30.77 -33.08
CA GLN Q 58 -81.71 -29.77 -33.17
C GLN Q 58 -81.31 -28.36 -32.75
N GLU Q 59 -80.42 -28.25 -31.78
CA GLU Q 59 -79.96 -26.96 -31.28
C GLU Q 59 -78.46 -27.02 -31.16
N ASP Q 60 -77.82 -25.86 -31.10
CA ASP Q 60 -76.37 -25.78 -30.92
C ASP Q 60 -75.93 -26.74 -29.85
N SER Q 61 -74.89 -27.51 -30.12
CA SER Q 61 -74.51 -28.56 -29.18
C SER Q 61 -73.03 -28.82 -29.04
N GLN Q 62 -72.67 -29.48 -27.92
CA GLN Q 62 -71.29 -29.89 -27.72
C GLN Q 62 -71.21 -31.37 -27.55
N VAL Q 63 -70.02 -31.90 -27.80
CA VAL Q 63 -69.78 -33.32 -27.64
C VAL Q 63 -68.34 -33.47 -27.14
N MET Q 64 -68.09 -34.47 -26.30
CA MET Q 64 -66.82 -34.55 -25.57
C MET Q 64 -66.24 -35.98 -25.62
N CYS Q 65 -65.11 -36.15 -26.31
CA CYS Q 65 -64.44 -37.44 -26.32
C CYS Q 65 -63.67 -37.64 -25.05
N TYR Q 66 -63.66 -38.87 -24.55
CA TYR Q 66 -62.75 -39.21 -23.46
C TYR Q 66 -62.02 -40.51 -23.72
N ALA Q 67 -60.80 -40.60 -23.21
CA ALA Q 67 -60.07 -41.86 -23.23
C ALA Q 67 -59.21 -42.05 -21.98
N ASN Q 68 -59.49 -43.14 -21.28
CA ASN Q 68 -58.74 -43.53 -20.12
C ASN Q 68 -57.61 -44.39 -20.60
N CYS Q 69 -56.41 -43.84 -20.46
CA CYS Q 69 -55.19 -44.46 -20.94
C CYS Q 69 -54.33 -44.83 -19.77
N PRO Q 70 -53.21 -45.53 -20.06
CA PRO Q 70 -52.10 -45.70 -19.12
C PRO Q 70 -51.69 -44.35 -18.54
N ASP Q 71 -51.55 -43.34 -19.40
CA ASP Q 71 -51.09 -42.01 -18.99
C ASP Q 71 -52.09 -41.18 -18.17
N GLY Q 72 -53.38 -41.44 -18.32
CA GLY Q 72 -54.39 -40.71 -17.55
C GLY Q 72 -55.68 -40.70 -18.33
N GLN Q 73 -56.61 -39.84 -17.94
CA GLN Q 73 -57.89 -39.68 -18.65
C GLN Q 73 -57.82 -38.40 -19.44
N SER Q 74 -58.10 -38.48 -20.71
CA SER Q 74 -58.11 -37.25 -21.50
C SER Q 74 -59.47 -36.88 -22.13
N THR Q 75 -59.68 -35.58 -22.30
CA THR Q 75 -60.92 -35.03 -22.85
C THR Q 75 -60.68 -34.24 -24.15
N ALA Q 76 -61.67 -34.23 -25.01
CA ALA Q 76 -61.63 -33.34 -26.17
C ALA Q 76 -63.04 -33.00 -26.71
N LYS Q 77 -63.34 -31.69 -26.76
CA LYS Q 77 -64.69 -31.20 -27.15
C LYS Q 77 -64.83 -30.87 -28.63
N ALA Q 78 -65.97 -31.20 -29.20
CA ALA Q 78 -66.27 -30.79 -30.57
C ALA Q 78 -67.56 -29.96 -30.57
N PHE Q 79 -67.56 -28.79 -31.22
CA PHE Q 79 -68.73 -27.91 -31.15
C PHE Q 79 -69.62 -28.03 -32.38
N LEU Q 80 -70.88 -28.42 -32.16
CA LEU Q 80 -71.83 -28.56 -33.24
C LEU Q 80 -72.63 -27.32 -33.33
N THR Q 81 -72.52 -26.64 -34.45
CA THR Q 81 -73.28 -25.43 -34.70
C THR Q 81 -74.41 -25.71 -35.70
N VAL Q 82 -75.63 -25.33 -35.29
CA VAL Q 82 -76.85 -25.57 -36.03
C VAL Q 82 -77.47 -24.25 -36.49
N TYR Q 83 -77.94 -24.20 -37.73
CA TYR Q 83 -78.69 -23.04 -38.23
C TYR Q 83 -80.07 -23.43 -38.74
N TRP Q 84 -81.00 -22.51 -38.69
CA TRP Q 84 -82.39 -22.85 -38.97
C TRP Q 84 -82.72 -22.78 -40.47
N THR Q 85 -83.81 -23.42 -40.85
CA THR Q 85 -84.22 -23.38 -42.24
C THR Q 85 -85.64 -22.80 -42.38
N MET R 1 -83.14 -43.51 15.79
CA MET R 1 -81.87 -43.72 15.01
C MET R 1 -81.60 -42.61 14.00
N ASN R 2 -80.46 -41.96 14.16
CA ASN R 2 -80.04 -40.91 13.25
C ASN R 2 -79.59 -41.48 11.93
N VAL R 3 -79.77 -40.71 10.86
CA VAL R 3 -79.38 -41.11 9.51
C VAL R 3 -78.63 -39.98 8.83
N ASP R 4 -77.44 -40.30 8.33
CA ASP R 4 -76.66 -39.38 7.53
C ASP R 4 -76.87 -39.76 6.08
N LEU R 5 -77.60 -38.93 5.34
CA LEU R 5 -77.89 -39.20 3.93
C LEU R 5 -77.20 -38.21 3.03
N VAL R 6 -76.53 -38.72 2.00
CA VAL R 6 -75.79 -37.88 1.05
C VAL R 6 -76.33 -38.05 -0.35
N PHE R 7 -76.68 -36.93 -0.98
CA PHE R 7 -77.02 -36.93 -2.39
C PHE R 7 -75.75 -36.83 -3.24
N LEU R 8 -75.48 -37.87 -4.02
CA LEU R 8 -74.44 -37.81 -5.02
C LEU R 8 -75.16 -37.67 -6.34
N PHE R 9 -75.00 -36.49 -6.95
CA PHE R 9 -75.76 -36.15 -8.16
C PHE R 9 -74.92 -35.88 -9.41
N ASP R 10 -75.38 -36.46 -10.52
CA ASP R 10 -74.69 -36.45 -11.81
C ASP R 10 -74.84 -35.08 -12.49
N GLY R 11 -73.74 -34.36 -12.56
CA GLY R 11 -73.70 -33.08 -13.25
C GLY R 11 -72.86 -33.16 -14.50
N SER R 12 -72.76 -34.37 -15.06
CA SER R 12 -72.02 -34.58 -16.30
C SER R 12 -72.77 -34.00 -17.47
N MET R 13 -72.08 -33.90 -18.60
CA MET R 13 -72.64 -33.27 -19.77
C MET R 13 -73.80 -34.08 -20.38
N SER R 14 -73.76 -35.40 -20.18
CA SER R 14 -74.68 -36.36 -20.77
C SER R 14 -76.10 -36.18 -20.30
N LEU R 15 -76.29 -35.36 -19.26
CA LEU R 15 -77.63 -34.98 -18.80
C LEU R 15 -78.01 -33.59 -19.31
N GLN R 16 -79.23 -33.48 -19.81
CA GLN R 16 -79.73 -32.23 -20.35
C GLN R 16 -79.82 -31.23 -19.21
N PRO R 17 -79.78 -29.94 -19.51
CA PRO R 17 -79.82 -28.99 -18.41
C PRO R 17 -81.17 -28.95 -17.72
N ASP R 18 -82.25 -29.20 -18.44
CA ASP R 18 -83.56 -29.33 -17.81
C ASP R 18 -83.66 -30.61 -16.98
N GLU R 19 -82.97 -31.67 -17.40
CA GLU R 19 -82.86 -32.90 -16.59
C GLU R 19 -82.09 -32.65 -15.27
N PHE R 20 -81.06 -31.81 -15.33
CA PHE R 20 -80.27 -31.45 -14.18
C PHE R 20 -81.17 -30.72 -13.20
N GLN R 21 -81.90 -29.73 -13.69
CA GLN R 21 -82.84 -28.98 -12.86
C GLN R 21 -83.79 -29.92 -12.13
N LYS R 22 -84.29 -30.93 -12.84
CA LYS R 22 -85.16 -31.95 -12.24
C LYS R 22 -84.49 -32.67 -11.07
N ILE R 23 -83.16 -32.79 -11.11
CA ILE R 23 -82.41 -33.48 -10.06
C ILE R 23 -82.26 -32.58 -8.86
N LEU R 24 -82.08 -31.28 -9.07
CA LEU R 24 -82.06 -30.34 -7.97
C LEU R 24 -83.42 -30.27 -7.29
N ASP R 25 -84.46 -30.05 -8.10
CA ASP R 25 -85.83 -30.00 -7.62
C ASP R 25 -86.24 -31.26 -6.88
N PHE R 26 -85.58 -32.37 -7.20
CA PHE R 26 -85.82 -33.65 -6.53
C PHE R 26 -85.19 -33.66 -5.14
N MET R 27 -83.93 -33.27 -5.05
CA MET R 27 -83.24 -33.21 -3.76
C MET R 27 -83.93 -32.27 -2.76
N LYS R 28 -84.37 -31.12 -3.24
CA LYS R 28 -85.14 -30.16 -2.45
C LYS R 28 -86.47 -30.73 -1.96
N ASP R 29 -87.09 -31.55 -2.79
CA ASP R 29 -88.35 -32.21 -2.46
C ASP R 29 -88.18 -33.25 -1.37
N VAL R 30 -87.03 -33.92 -1.37
CA VAL R 30 -86.75 -34.95 -0.37
C VAL R 30 -86.42 -34.30 0.97
N MET R 31 -85.60 -33.25 0.93
CA MET R 31 -85.19 -32.56 2.15
C MET R 31 -86.35 -31.81 2.82
N LYS R 32 -87.19 -31.18 2.01
CA LYS R 32 -88.37 -30.49 2.51
C LYS R 32 -89.25 -31.48 3.28
N LYS R 33 -89.51 -32.63 2.63
CA LYS R 33 -90.36 -33.69 3.18
C LYS R 33 -89.59 -34.62 4.11
N LEU R 34 -88.58 -34.08 4.80
CA LEU R 34 -87.85 -34.80 5.85
C LEU R 34 -87.24 -33.85 6.87
N SER R 35 -87.85 -32.68 7.02
CA SER R 35 -87.38 -31.67 7.98
C SER R 35 -87.67 -32.06 9.44
N ASN R 36 -87.23 -33.27 9.79
CA ASN R 36 -87.08 -33.72 11.17
C ASN R 36 -85.59 -33.91 11.45
N THR R 37 -85.22 -33.94 12.72
CA THR R 37 -83.80 -34.04 13.13
C THR R 37 -83.11 -35.32 12.63
N SER R 38 -83.81 -36.45 12.79
CA SER R 38 -83.29 -37.78 12.46
C SER R 38 -82.38 -37.76 11.20
N TYR R 39 -82.91 -37.26 10.10
CA TYR R 39 -82.13 -37.11 8.88
C TYR R 39 -81.28 -35.86 8.92
N GLN R 40 -79.99 -36.04 8.69
CA GLN R 40 -79.03 -34.95 8.49
C GLN R 40 -78.50 -35.14 7.05
N PHE R 41 -78.46 -34.06 6.27
CA PHE R 41 -78.12 -34.15 4.85
C PHE R 41 -76.77 -33.55 4.42
N ALA R 42 -76.33 -33.94 3.22
CA ALA R 42 -75.16 -33.36 2.54
C ALA R 42 -75.25 -33.75 1.07
N ALA R 43 -74.90 -32.82 0.19
CA ALA R 43 -74.96 -33.07 -1.25
C ALA R 43 -73.65 -32.83 -1.93
N VAL R 44 -73.27 -33.74 -2.81
CA VAL R 44 -72.07 -33.57 -3.64
C VAL R 44 -72.38 -33.80 -5.12
N GLN R 45 -71.99 -32.83 -5.94
CA GLN R 45 -72.08 -32.97 -7.40
C GLN R 45 -70.80 -33.59 -7.94
N PHE R 46 -70.96 -34.55 -8.85
CA PHE R 46 -69.83 -35.19 -9.48
C PHE R 46 -69.98 -35.06 -10.99
N SER R 47 -68.86 -34.85 -11.65
CA SER R 47 -68.80 -34.93 -13.08
C SER R 47 -67.43 -35.47 -13.42
N THR R 48 -66.50 -34.62 -13.89
CA THR R 48 -65.14 -35.07 -14.10
C THR R 48 -64.54 -35.20 -12.74
N SER R 49 -64.73 -34.17 -11.91
CA SER R 49 -64.29 -34.24 -10.50
C SER R 49 -65.48 -34.07 -9.58
N TYR R 50 -65.22 -33.79 -8.31
CA TYR R 50 -66.28 -33.81 -7.34
C TYR R 50 -66.22 -32.53 -6.55
N LYS R 51 -67.38 -32.02 -6.15
CA LYS R 51 -67.43 -30.93 -5.17
C LYS R 51 -68.63 -31.12 -4.26
N THR R 52 -68.39 -31.04 -2.94
CA THR R 52 -69.51 -31.09 -2.02
C THR R 52 -70.16 -29.71 -1.99
N GLU R 53 -71.44 -29.68 -2.34
CA GLU R 53 -72.20 -28.44 -2.43
C GLU R 53 -72.67 -27.95 -1.07
N PHE R 54 -72.83 -28.88 -0.11
CA PHE R 54 -72.96 -28.55 1.32
C PHE R 54 -72.66 -29.72 2.29
N ASP R 55 -72.04 -29.39 3.42
CA ASP R 55 -71.74 -30.34 4.49
C ASP R 55 -72.98 -30.76 5.27
N PHE R 56 -72.80 -31.73 6.15
CA PHE R 56 -73.75 -31.96 7.22
C PHE R 56 -73.73 -30.74 8.12
N SER R 57 -72.52 -30.29 8.47
CA SER R 57 -72.33 -29.05 9.22
C SER R 57 -73.18 -27.91 8.69
N ASP R 58 -73.34 -27.86 7.38
CA ASP R 58 -74.05 -26.77 6.73
C ASP R 58 -75.56 -26.93 6.81
N TYR R 59 -76.03 -28.17 6.63
CA TYR R 59 -77.44 -28.46 6.77
C TYR R 59 -77.86 -28.23 8.22
N VAL R 60 -77.04 -28.72 9.15
CA VAL R 60 -77.27 -28.51 10.58
C VAL R 60 -77.33 -27.02 10.93
N LYS R 61 -76.58 -26.19 10.20
CA LYS R 61 -76.56 -24.74 10.44
C LYS R 61 -77.68 -23.97 9.74
N TRP R 62 -77.52 -23.75 8.44
CA TRP R 62 -78.48 -22.98 7.63
C TRP R 62 -79.89 -23.63 7.62
N LYS R 63 -79.96 -24.95 7.41
CA LYS R 63 -81.23 -25.75 7.37
C LYS R 63 -82.27 -25.42 6.30
N ASP R 64 -81.97 -24.43 5.45
CA ASP R 64 -82.84 -24.06 4.34
C ASP R 64 -82.38 -24.75 3.04
N PRO R 65 -83.08 -25.84 2.63
CA PRO R 65 -82.61 -26.63 1.50
C PRO R 65 -82.71 -25.87 0.19
N ASP R 66 -83.61 -24.89 0.12
CA ASP R 66 -83.74 -24.05 -1.07
C ASP R 66 -82.51 -23.18 -1.27
N ALA R 67 -82.12 -22.48 -0.21
CA ALA R 67 -80.94 -21.62 -0.24
C ALA R 67 -79.60 -22.37 -0.08
N LEU R 68 -79.66 -23.65 0.28
CA LEU R 68 -78.46 -24.50 0.39
C LEU R 68 -77.91 -24.93 -0.98
N LEU R 69 -78.81 -25.27 -1.88
CA LEU R 69 -78.42 -25.71 -3.20
C LEU R 69 -78.57 -24.58 -4.21
N LYS R 70 -78.83 -23.36 -3.73
CA LYS R 70 -79.17 -22.26 -4.66
C LYS R 70 -77.98 -21.84 -5.57
N HIS R 71 -76.76 -22.22 -5.21
CA HIS R 71 -75.59 -21.76 -5.96
C HIS R 71 -74.85 -22.86 -6.71
N VAL R 72 -75.55 -23.93 -7.04
CA VAL R 72 -74.97 -25.01 -7.82
C VAL R 72 -74.71 -24.53 -9.25
N LYS R 73 -73.57 -24.90 -9.83
CA LYS R 73 -73.37 -24.76 -11.27
C LYS R 73 -73.31 -26.14 -11.91
N HIS R 74 -74.06 -26.32 -12.98
CA HIS R 74 -73.96 -27.55 -13.74
C HIS R 74 -72.53 -27.71 -14.30
N MET R 75 -71.85 -28.74 -13.82
CA MET R 75 -70.45 -28.96 -14.13
C MET R 75 -70.17 -29.25 -15.62
N LEU R 76 -70.99 -30.11 -16.22
CA LEU R 76 -71.00 -30.36 -17.67
C LEU R 76 -69.69 -30.88 -18.26
N LEU R 77 -69.15 -31.92 -17.63
CA LEU R 77 -67.95 -32.60 -18.11
C LEU R 77 -68.18 -34.07 -17.88
N LEU R 78 -67.13 -34.90 -17.97
CA LEU R 78 -67.27 -36.38 -17.94
C LEU R 78 -68.03 -36.91 -16.72
N THR R 79 -68.35 -38.20 -16.77
CA THR R 79 -69.16 -38.83 -15.73
C THR R 79 -68.34 -39.87 -14.97
N ASN R 80 -67.58 -39.42 -13.98
CA ASN R 80 -66.62 -40.28 -13.26
C ASN R 80 -67.15 -40.94 -11.99
N THR R 81 -68.28 -41.62 -12.14
CA THR R 81 -69.09 -42.09 -11.03
C THR R 81 -68.31 -42.92 -9.99
N PHE R 82 -67.44 -43.80 -10.47
CA PHE R 82 -66.71 -44.70 -9.56
C PHE R 82 -65.93 -43.94 -8.51
N GLY R 83 -65.10 -43.00 -8.93
CA GLY R 83 -64.31 -42.21 -7.99
C GLY R 83 -65.19 -41.28 -7.17
N ALA R 84 -66.35 -40.95 -7.72
CA ALA R 84 -67.34 -40.13 -7.05
C ALA R 84 -67.82 -40.80 -5.76
N ILE R 85 -68.19 -42.07 -5.85
CA ILE R 85 -68.58 -42.85 -4.69
C ILE R 85 -67.44 -42.85 -3.66
N ASN R 86 -66.24 -43.24 -4.10
CA ASN R 86 -65.09 -43.26 -3.23
C ASN R 86 -64.88 -41.93 -2.51
N TYR R 87 -65.13 -40.84 -3.22
CA TYR R 87 -65.01 -39.52 -2.62
C TYR R 87 -66.00 -39.35 -1.50
N VAL R 88 -67.26 -39.69 -1.73
CA VAL R 88 -68.27 -39.58 -0.69
C VAL R 88 -67.84 -40.36 0.55
N ALA R 89 -67.49 -41.63 0.34
CA ALA R 89 -67.05 -42.52 1.41
C ALA R 89 -65.95 -41.90 2.25
N THR R 90 -64.87 -41.46 1.62
CA THR R 90 -63.70 -41.00 2.35
C THR R 90 -63.70 -39.51 2.72
N GLU R 91 -64.49 -38.70 2.00
CA GLU R 91 -64.38 -37.24 2.14
C GLU R 91 -65.61 -36.52 2.68
N VAL R 92 -66.76 -37.19 2.64
CA VAL R 92 -68.01 -36.55 3.07
C VAL R 92 -68.48 -37.05 4.43
N PHE R 93 -68.52 -38.37 4.62
CA PHE R 93 -68.83 -38.98 5.94
C PHE R 93 -67.65 -38.82 6.91
N ARG R 94 -67.63 -37.70 7.62
CA ARG R 94 -66.52 -37.38 8.50
C ARG R 94 -66.96 -36.69 9.78
N GLU R 95 -66.29 -37.02 10.87
CA GLU R 95 -66.49 -36.37 12.14
C GLU R 95 -66.44 -34.85 11.96
N GLU R 96 -65.40 -34.37 11.28
CA GLU R 96 -65.14 -32.94 11.16
C GLU R 96 -66.19 -32.21 10.31
N LEU R 97 -66.76 -32.93 9.35
CA LEU R 97 -67.71 -32.34 8.40
C LEU R 97 -69.17 -32.45 8.85
N GLY R 98 -69.36 -32.85 10.11
CA GLY R 98 -70.68 -32.84 10.76
C GLY R 98 -71.44 -34.16 10.75
N ALA R 99 -70.80 -35.24 10.32
CA ALA R 99 -71.43 -36.55 10.31
C ALA R 99 -71.56 -37.09 11.74
N ARG R 100 -72.73 -37.64 12.04
CA ARG R 100 -72.94 -38.33 13.30
C ARG R 100 -72.35 -39.74 13.22
N PRO R 101 -71.46 -40.08 14.17
CA PRO R 101 -70.74 -41.36 14.14
C PRO R 101 -71.68 -42.56 14.25
N ASP R 102 -72.67 -42.47 15.16
CA ASP R 102 -73.63 -43.53 15.43
C ASP R 102 -74.62 -43.73 14.28
N ALA R 103 -74.79 -42.69 13.45
CA ALA R 103 -75.78 -42.68 12.39
C ALA R 103 -75.50 -43.70 11.30
N THR R 104 -76.55 -44.43 10.92
CA THR R 104 -76.48 -45.41 9.84
C THR R 104 -76.51 -44.66 8.52
N LYS R 105 -75.45 -44.80 7.74
CA LYS R 105 -75.20 -43.90 6.60
C LYS R 105 -75.77 -44.33 5.23
N VAL R 106 -76.57 -43.44 4.65
CA VAL R 106 -77.27 -43.70 3.38
C VAL R 106 -76.75 -42.80 2.26
N LEU R 107 -76.90 -43.28 1.04
CA LEU R 107 -76.43 -42.58 -0.13
C LEU R 107 -77.45 -42.67 -1.26
N ILE R 108 -77.86 -41.51 -1.79
CA ILE R 108 -78.76 -41.48 -2.94
C ILE R 108 -77.98 -41.03 -4.18
N ILE R 109 -77.73 -41.97 -5.08
CA ILE R 109 -77.04 -41.65 -6.31
C ILE R 109 -78.04 -41.40 -7.44
N ILE R 110 -77.95 -40.22 -8.05
CA ILE R 110 -78.79 -39.85 -9.21
C ILE R 110 -77.92 -39.66 -10.47
N THR R 111 -78.03 -40.60 -11.41
CA THR R 111 -77.16 -40.62 -12.57
C THR R 111 -77.83 -41.41 -13.68
N ASP R 112 -77.20 -41.43 -14.86
CA ASP R 112 -77.65 -42.30 -15.93
C ASP R 112 -76.73 -43.49 -16.04
N GLY R 113 -75.70 -43.49 -15.20
CA GLY R 113 -74.78 -44.60 -15.11
C GLY R 113 -73.96 -44.82 -16.35
N GLU R 114 -74.05 -43.88 -17.28
CA GLU R 114 -73.11 -43.85 -18.40
C GLU R 114 -71.82 -43.30 -17.81
N ALA R 115 -71.13 -44.15 -17.05
CA ALA R 115 -69.98 -43.74 -16.28
C ALA R 115 -68.72 -43.82 -17.12
N THR R 116 -67.84 -42.84 -16.94
CA THR R 116 -66.63 -42.67 -17.74
C THR R 116 -65.35 -43.11 -17.04
N ASP R 117 -65.45 -43.75 -15.87
CA ASP R 117 -64.29 -44.38 -15.20
C ASP R 117 -64.64 -45.78 -14.68
N SER R 118 -63.63 -46.47 -14.12
CA SER R 118 -63.81 -47.83 -13.63
C SER R 118 -63.07 -48.01 -12.33
N GLY R 119 -63.44 -49.04 -11.56
CA GLY R 119 -62.77 -49.29 -10.28
C GLY R 119 -63.62 -50.17 -9.38
N ASN R 120 -63.54 -49.92 -8.08
CA ASN R 120 -64.40 -50.62 -7.13
C ASN R 120 -64.99 -49.67 -6.10
N ILE R 121 -66.10 -50.06 -5.50
CA ILE R 121 -66.71 -49.25 -4.45
C ILE R 121 -66.58 -49.89 -3.05
N ASP R 122 -65.56 -50.73 -2.88
CA ASP R 122 -65.35 -51.42 -1.62
C ASP R 122 -65.32 -50.44 -0.46
N ALA R 123 -64.81 -49.24 -0.71
CA ALA R 123 -64.68 -48.21 0.32
C ALA R 123 -66.02 -47.70 0.82
N ALA R 124 -67.10 -48.08 0.14
CA ALA R 124 -68.42 -47.61 0.50
C ALA R 124 -69.41 -48.73 0.70
N LYS R 125 -68.90 -49.92 1.03
CA LYS R 125 -69.76 -51.08 1.24
C LYS R 125 -70.79 -50.79 2.33
N ASP R 126 -70.31 -50.39 3.51
CA ASP R 126 -71.18 -50.18 4.67
C ASP R 126 -72.22 -49.06 4.49
N ILE R 127 -71.99 -48.19 3.51
CA ILE R 127 -72.99 -47.19 3.12
C ILE R 127 -74.07 -47.86 2.28
N ILE R 128 -75.29 -47.87 2.81
CA ILE R 128 -76.45 -48.38 2.08
C ILE R 128 -76.84 -47.36 1.02
N ARG R 129 -76.76 -47.77 -0.25
CA ARG R 129 -76.94 -46.85 -1.38
C ARG R 129 -78.07 -47.20 -2.37
N TYR R 130 -79.14 -46.41 -2.31
CA TYR R 130 -80.19 -46.42 -3.30
C TYR R 130 -79.67 -45.59 -4.46
N ILE R 131 -79.75 -46.13 -5.67
CA ILE R 131 -79.37 -45.35 -6.86
C ILE R 131 -80.56 -45.20 -7.81
N ILE R 132 -80.80 -43.99 -8.29
CA ILE R 132 -81.95 -43.75 -9.14
C ILE R 132 -81.59 -43.23 -10.53
N GLY R 133 -82.17 -43.86 -11.55
CA GLY R 133 -81.73 -43.69 -12.93
C GLY R 133 -82.55 -42.77 -13.83
N ILE R 134 -81.98 -41.60 -14.10
CA ILE R 134 -82.56 -40.63 -15.03
C ILE R 134 -81.64 -40.56 -16.23
N GLY R 135 -82.20 -40.27 -17.40
CA GLY R 135 -81.41 -39.92 -18.57
C GLY R 135 -81.58 -40.79 -19.79
N LYS R 136 -81.54 -40.17 -20.96
CA LYS R 136 -81.74 -40.91 -22.20
C LYS R 136 -80.64 -41.94 -22.38
N HIS R 137 -79.52 -41.74 -21.68
CA HIS R 137 -78.36 -42.62 -21.84
C HIS R 137 -78.29 -43.79 -20.85
N SER R 138 -79.29 -43.88 -19.96
CA SER R 138 -79.36 -44.97 -19.02
C SER R 138 -80.08 -46.17 -19.65
N GLN R 139 -80.21 -46.16 -20.96
CA GLN R 139 -81.04 -47.14 -21.64
C GLN R 139 -80.23 -48.23 -22.31
N THR R 140 -79.04 -48.51 -21.81
CA THR R 140 -78.19 -49.49 -22.47
C THR R 140 -77.70 -50.59 -21.55
N LYS R 141 -77.37 -51.73 -22.15
CA LYS R 141 -76.80 -52.86 -21.44
C LYS R 141 -75.78 -52.39 -20.42
N GLU R 142 -74.80 -51.61 -20.88
CA GLU R 142 -73.70 -51.14 -20.03
C GLU R 142 -74.26 -50.33 -18.88
N SER R 143 -74.95 -49.24 -19.21
CA SER R 143 -75.47 -48.31 -18.22
C SER R 143 -76.27 -49.01 -17.14
N GLN R 144 -77.16 -49.90 -17.55
CA GLN R 144 -77.98 -50.63 -16.61
C GLN R 144 -77.12 -51.44 -15.65
N GLU R 145 -76.21 -52.24 -16.20
CA GLU R 145 -75.28 -53.02 -15.38
C GLU R 145 -74.47 -52.13 -14.44
N THR R 146 -74.00 -50.99 -14.95
CA THR R 146 -73.27 -50.01 -14.14
C THR R 146 -74.14 -49.49 -13.00
N LEU R 147 -75.41 -49.25 -13.28
CA LEU R 147 -76.32 -48.81 -12.24
C LEU R 147 -76.46 -49.87 -11.14
N HIS R 148 -76.64 -51.12 -11.53
CA HIS R 148 -76.77 -52.21 -10.57
C HIS R 148 -75.49 -52.47 -9.78
N LYS R 149 -74.35 -52.13 -10.38
CA LYS R 149 -73.06 -52.24 -9.70
C LYS R 149 -72.95 -51.30 -8.51
N PHE R 150 -73.50 -50.10 -8.64
CA PHE R 150 -73.48 -49.12 -7.55
C PHE R 150 -74.47 -49.41 -6.42
N ALA R 151 -75.54 -50.13 -6.75
CA ALA R 151 -76.60 -50.40 -5.79
C ALA R 151 -76.22 -51.36 -4.64
N SER R 152 -76.94 -51.23 -3.53
CA SER R 152 -76.93 -52.22 -2.48
C SER R 152 -77.61 -53.48 -3.02
N LYS R 153 -77.42 -54.61 -2.35
CA LYS R 153 -77.98 -55.89 -2.80
C LYS R 153 -79.15 -56.32 -1.91
N PRO R 154 -80.12 -57.07 -2.47
CA PRO R 154 -80.26 -57.47 -3.87
C PRO R 154 -80.65 -56.28 -4.74
N ALA R 155 -79.97 -56.14 -5.87
CA ALA R 155 -79.97 -54.92 -6.71
C ALA R 155 -81.35 -54.32 -7.00
N SER R 156 -82.28 -55.15 -7.48
CA SER R 156 -83.61 -54.68 -7.85
C SER R 156 -84.50 -54.43 -6.61
N GLU R 157 -84.03 -53.52 -5.76
CA GLU R 157 -84.75 -53.07 -4.57
C GLU R 157 -84.18 -51.69 -4.21
N PHE R 158 -83.07 -51.34 -4.85
CA PHE R 158 -82.34 -50.12 -4.58
C PHE R 158 -82.08 -49.33 -5.87
N VAL R 159 -82.72 -49.77 -6.96
CA VAL R 159 -82.60 -49.10 -8.27
C VAL R 159 -83.99 -48.79 -8.79
N LYS R 160 -84.27 -47.52 -9.07
CA LYS R 160 -85.49 -47.17 -9.81
C LYS R 160 -85.25 -46.03 -10.79
N ILE R 161 -86.15 -45.92 -11.78
CA ILE R 161 -86.17 -44.77 -12.72
C ILE R 161 -87.04 -43.60 -12.14
N LEU R 162 -86.46 -42.40 -12.20
CA LEU R 162 -86.94 -41.17 -11.50
C LEU R 162 -88.45 -40.81 -11.65
N ASP R 163 -89.01 -41.13 -12.82
CA ASP R 163 -90.38 -40.77 -13.22
C ASP R 163 -90.60 -39.24 -13.19
N THR R 164 -91.85 -38.85 -12.95
CA THR R 164 -92.18 -37.48 -12.56
C THR R 164 -92.28 -37.43 -11.01
N PHE R 165 -91.33 -38.10 -10.34
CA PHE R 165 -91.30 -38.32 -8.87
C PHE R 165 -92.55 -39.07 -8.33
N GLU R 166 -92.67 -40.36 -8.64
CA GLU R 166 -93.72 -41.24 -8.06
C GLU R 166 -93.25 -41.86 -6.75
N LYS R 167 -91.93 -42.00 -6.63
CA LYS R 167 -91.24 -42.53 -5.44
C LYS R 167 -91.52 -41.75 -4.17
N LEU R 168 -91.97 -40.51 -4.33
CA LEU R 168 -92.27 -39.63 -3.21
C LEU R 168 -93.44 -40.14 -2.35
N LYS R 169 -93.98 -41.31 -2.72
CA LYS R 169 -94.81 -42.14 -1.84
C LYS R 169 -94.15 -43.52 -1.63
N ASP R 170 -93.38 -43.97 -2.64
CA ASP R 170 -92.76 -45.30 -2.65
C ASP R 170 -91.52 -45.37 -1.76
N LEU R 171 -90.41 -44.83 -2.28
CA LEU R 171 -89.13 -44.74 -1.58
C LEU R 171 -89.26 -44.10 -0.19
N PHE R 172 -90.20 -43.17 -0.06
CA PHE R 172 -90.42 -42.39 1.16
C PHE R 172 -90.94 -43.23 2.33
N THR R 173 -91.93 -44.11 2.06
CA THR R 173 -92.44 -45.01 3.09
C THR R 173 -91.43 -46.13 3.42
N GLU R 174 -90.38 -46.23 2.60
CA GLU R 174 -89.25 -47.12 2.88
C GLU R 174 -88.06 -46.34 3.47
N LEU R 175 -88.05 -45.02 3.27
CA LEU R 175 -87.09 -44.12 3.94
C LEU R 175 -87.62 -43.71 5.33
N GLN R 176 -88.88 -44.01 5.60
CA GLN R 176 -89.45 -43.86 6.93
C GLN R 176 -89.17 -45.10 7.77
N LYS R 177 -88.48 -46.07 7.15
CA LYS R 177 -87.94 -47.23 7.86
C LYS R 177 -86.76 -46.79 8.74
N LYS R 178 -85.79 -46.13 8.08
CA LYS R 178 -84.49 -45.78 8.68
C LYS R 178 -84.55 -44.97 9.98
N ILE R 179 -85.54 -44.08 10.10
CA ILE R 179 -85.70 -43.26 11.30
C ILE R 179 -86.02 -44.11 12.53
N TYR R 180 -86.60 -45.30 12.27
CA TYR R 180 -87.22 -46.16 13.30
C TYR R 180 -88.22 -45.36 14.13
N MET S 1 -60.56 -20.90 -33.44
CA MET S 1 -59.95 -22.26 -33.41
C MET S 1 -58.48 -22.21 -33.05
N VAL S 2 -58.10 -22.90 -31.98
CA VAL S 2 -56.66 -23.06 -31.64
C VAL S 2 -56.19 -24.48 -31.61
N SER S 3 -54.89 -24.61 -31.49
CA SER S 3 -54.27 -25.89 -31.49
C SER S 3 -53.01 -25.67 -30.67
N VAL S 4 -52.68 -26.61 -29.80
CA VAL S 4 -51.43 -26.49 -29.04
C VAL S 4 -50.54 -27.71 -29.22
N SER S 5 -49.24 -27.47 -29.33
CA SER S 5 -48.29 -28.57 -29.39
C SER S 5 -46.96 -28.27 -28.72
N PRO S 6 -46.39 -29.29 -28.09
CA PRO S 6 -46.91 -30.64 -27.97
C PRO S 6 -48.18 -30.67 -27.10
N SER S 7 -49.05 -31.65 -27.37
CA SER S 7 -50.28 -31.80 -26.58
C SER S 7 -49.99 -32.25 -25.15
N LYS S 8 -48.98 -33.09 -25.00
CA LYS S 8 -48.54 -33.61 -23.71
C LYS S 8 -47.03 -33.87 -23.69
N VAL S 9 -46.32 -33.30 -22.72
CA VAL S 9 -44.90 -33.65 -22.52
C VAL S 9 -44.62 -34.25 -21.17
N THR S 10 -43.63 -35.15 -21.13
CA THR S 10 -42.96 -35.52 -19.90
C THR S 10 -41.58 -34.88 -19.81
N LEU S 11 -41.24 -34.33 -18.66
CA LEU S 11 -39.95 -33.72 -18.50
C LEU S 11 -39.50 -33.71 -17.04
N PRO S 12 -38.18 -33.78 -16.84
CA PRO S 12 -37.61 -33.87 -15.52
C PRO S 12 -37.79 -32.59 -14.71
N ARG S 13 -38.12 -32.73 -13.44
CA ARG S 13 -38.33 -31.63 -12.52
C ARG S 13 -37.31 -30.52 -12.72
N GLY S 14 -37.79 -29.34 -13.07
CA GLY S 14 -36.93 -28.19 -13.24
C GLY S 14 -36.50 -28.00 -14.67
N GLY S 15 -37.10 -28.79 -15.56
CA GLY S 15 -36.83 -28.70 -17.02
C GLY S 15 -37.49 -27.52 -17.72
N SER S 16 -37.60 -27.59 -19.03
CA SER S 16 -38.32 -26.54 -19.77
C SER S 16 -38.86 -27.01 -21.10
N VAL S 17 -40.01 -26.46 -21.48
CA VAL S 17 -40.60 -26.82 -22.76
C VAL S 17 -41.08 -25.58 -23.47
N LEU S 18 -40.99 -25.60 -24.78
CA LEU S 18 -41.67 -24.57 -25.52
C LEU S 18 -42.96 -25.18 -26.04
N VAL S 19 -44.03 -24.40 -25.99
CA VAL S 19 -45.29 -24.80 -26.58
C VAL S 19 -45.65 -23.79 -27.63
N THR S 20 -46.46 -24.23 -28.60
CA THR S 20 -46.86 -23.39 -29.72
C THR S 20 -48.36 -23.28 -29.75
N CYS S 21 -48.88 -22.09 -29.50
CA CYS S 21 -50.28 -21.84 -29.68
C CYS S 21 -50.43 -21.39 -31.09
N SER S 22 -51.25 -22.12 -31.86
CA SER S 22 -51.53 -21.81 -33.26
C SER S 22 -53.04 -21.59 -33.46
N ALA S 23 -53.37 -20.52 -34.17
CA ALA S 23 -54.76 -20.19 -34.44
C ALA S 23 -55.09 -20.43 -35.91
N SER S 24 -56.36 -20.67 -36.21
CA SER S 24 -56.78 -20.97 -37.56
C SER S 24 -57.05 -19.70 -38.31
N CYS S 25 -57.77 -18.77 -37.67
CA CYS S 25 -58.01 -17.43 -38.23
C CYS S 25 -56.66 -16.76 -38.41
N ASP S 26 -56.38 -16.20 -39.58
CA ASP S 26 -54.97 -15.88 -39.85
C ASP S 26 -54.52 -14.50 -39.34
N GLN S 27 -55.42 -13.78 -38.72
CA GLN S 27 -55.07 -12.58 -38.00
C GLN S 27 -55.98 -12.51 -36.79
N PRO S 28 -55.62 -13.24 -35.74
CA PRO S 28 -56.52 -13.42 -34.62
C PRO S 28 -56.62 -12.14 -33.82
N LYS S 29 -57.83 -11.81 -33.41
CA LYS S 29 -58.08 -10.59 -32.65
C LYS S 29 -57.26 -10.58 -31.35
N LEU S 30 -56.88 -11.77 -30.91
CA LEU S 30 -56.18 -11.96 -29.66
C LEU S 30 -55.77 -13.44 -29.55
N LEU S 31 -54.50 -13.70 -29.22
CA LEU S 31 -54.02 -15.05 -29.14
C LEU S 31 -52.91 -15.17 -28.12
N GLY S 32 -53.12 -16.02 -27.14
CA GLY S 32 -52.07 -16.26 -26.17
C GLY S 32 -52.23 -17.54 -25.38
N ILE S 33 -51.52 -17.59 -24.25
CA ILE S 33 -51.58 -18.71 -23.35
C ILE S 33 -52.08 -18.31 -21.95
N GLU S 34 -52.74 -19.26 -21.27
CA GLU S 34 -53.24 -19.06 -19.92
C GLU S 34 -52.62 -20.13 -19.06
N THR S 35 -51.71 -19.71 -18.20
CA THR S 35 -51.04 -20.64 -17.29
C THR S 35 -50.55 -19.95 -16.03
N PRO S 36 -50.37 -20.72 -14.94
CA PRO S 36 -49.79 -20.14 -13.75
C PRO S 36 -48.29 -20.40 -13.68
N LEU S 37 -47.74 -21.08 -14.69
CA LEU S 37 -46.31 -21.23 -14.82
C LEU S 37 -45.65 -19.93 -15.25
N VAL S 38 -44.33 -19.83 -15.08
CA VAL S 38 -43.59 -18.68 -15.63
C VAL S 38 -43.34 -18.82 -17.14
N LYS S 39 -43.69 -17.79 -17.91
CA LYS S 39 -43.64 -17.92 -19.35
C LYS S 39 -42.87 -16.80 -20.04
N LYS S 40 -42.29 -17.08 -21.20
CA LYS S 40 -41.65 -16.06 -22.02
C LYS S 40 -41.89 -16.35 -23.50
N GLU S 41 -42.49 -15.44 -24.25
CA GLU S 41 -42.77 -15.75 -25.65
C GLU S 41 -41.59 -15.39 -26.52
N LEU S 42 -41.64 -15.70 -27.82
CA LEU S 42 -40.45 -15.54 -28.68
C LEU S 42 -40.46 -14.53 -29.88
N LEU S 43 -39.69 -14.87 -30.91
CA LEU S 43 -39.70 -14.12 -32.16
C LEU S 43 -40.96 -14.48 -32.93
N LEU S 44 -41.70 -13.44 -33.29
CA LEU S 44 -43.05 -13.63 -33.78
C LEU S 44 -43.21 -13.87 -35.28
N PRO S 45 -42.21 -13.50 -36.12
CA PRO S 45 -42.53 -13.08 -37.51
C PRO S 45 -43.84 -13.71 -38.01
N GLY S 46 -44.95 -13.01 -37.84
CA GLY S 46 -46.29 -13.56 -38.14
C GLY S 46 -47.13 -13.80 -36.90
N ASN S 47 -48.45 -13.65 -37.03
CA ASN S 47 -49.39 -13.68 -35.87
C ASN S 47 -50.35 -14.85 -35.83
N ASN S 48 -50.09 -15.86 -36.67
CA ASN S 48 -50.82 -17.10 -36.60
C ASN S 48 -50.51 -17.92 -35.37
N ARG S 49 -49.27 -17.83 -34.93
CA ARG S 49 -48.81 -18.58 -33.77
C ARG S 49 -47.84 -17.79 -32.90
N LYS S 50 -47.97 -17.99 -31.59
CA LYS S 50 -46.94 -17.59 -30.63
C LYS S 50 -46.30 -18.86 -30.06
N VAL S 51 -45.06 -18.74 -29.62
CA VAL S 51 -44.34 -19.86 -29.03
C VAL S 51 -43.92 -19.41 -27.64
N TYR S 52 -44.44 -20.06 -26.62
CA TYR S 52 -44.07 -19.70 -25.26
C TYR S 52 -43.12 -20.72 -24.65
N GLU S 53 -42.08 -20.24 -23.98
CA GLU S 53 -41.15 -21.10 -23.28
C GLU S 53 -41.56 -21.12 -21.81
N LEU S 54 -41.90 -22.30 -21.31
CA LEU S 54 -42.19 -22.50 -19.90
C LEU S 54 -40.95 -23.10 -19.26
N SER S 55 -40.27 -22.29 -18.46
CA SER S 55 -38.97 -22.67 -17.94
C SER S 55 -39.10 -23.16 -16.51
N ASN S 56 -38.08 -23.89 -16.06
CA ASN S 56 -38.00 -24.44 -14.72
C ASN S 56 -39.34 -24.87 -14.15
N VAL S 57 -40.05 -25.76 -14.85
CA VAL S 57 -41.34 -26.27 -14.36
C VAL S 57 -41.09 -27.27 -13.24
N GLN S 58 -41.76 -27.06 -12.10
CA GLN S 58 -41.41 -27.74 -10.84
C GLN S 58 -42.33 -28.88 -10.43
N GLU S 59 -43.61 -28.77 -10.76
CA GLU S 59 -44.59 -29.81 -10.45
C GLU S 59 -45.41 -30.04 -11.70
N ASP S 60 -46.14 -31.15 -11.73
CA ASP S 60 -47.10 -31.45 -12.82
C ASP S 60 -47.97 -30.27 -13.13
N SER S 61 -48.05 -29.92 -14.40
CA SER S 61 -48.75 -28.69 -14.77
C SER S 61 -49.54 -28.71 -16.06
N GLN S 62 -50.41 -27.72 -16.20
CA GLN S 62 -51.21 -27.55 -17.39
C GLN S 62 -51.00 -26.18 -17.96
N VAL S 63 -51.39 -26.04 -19.21
CA VAL S 63 -51.22 -24.81 -19.92
C VAL S 63 -52.26 -24.80 -20.98
N MET S 64 -52.78 -23.63 -21.27
CA MET S 64 -53.99 -23.53 -22.09
C MET S 64 -53.85 -22.42 -23.15
N CYS S 65 -53.86 -22.80 -24.43
CA CYS S 65 -53.85 -21.84 -25.52
C CYS S 65 -55.24 -21.31 -25.77
N TYR S 66 -55.35 -20.01 -26.02
CA TYR S 66 -56.61 -19.45 -26.50
C TYR S 66 -56.43 -18.60 -27.73
N ALA S 67 -57.46 -18.56 -28.57
CA ALA S 67 -57.46 -17.65 -29.69
C ALA S 67 -58.84 -17.14 -29.97
N ASN S 68 -58.96 -15.82 -29.90
CA ASN S 68 -60.19 -15.13 -30.20
C ASN S 68 -60.17 -14.84 -31.67
N CYS S 69 -61.06 -15.53 -32.38
CA CYS S 69 -61.15 -15.46 -33.84
C CYS S 69 -62.42 -14.79 -34.25
N PRO S 70 -62.58 -14.56 -35.56
CA PRO S 70 -63.87 -14.25 -36.17
C PRO S 70 -64.90 -15.27 -35.72
N ASP S 71 -64.57 -16.56 -35.82
CA ASP S 71 -65.51 -17.63 -35.49
C ASP S 71 -65.86 -17.78 -34.01
N GLY S 72 -65.00 -17.33 -33.11
CA GLY S 72 -65.29 -17.40 -31.67
C GLY S 72 -64.01 -17.45 -30.91
N GLN S 73 -64.10 -17.80 -29.63
CA GLN S 73 -62.89 -18.00 -28.79
C GLN S 73 -62.58 -19.47 -28.63
N SER S 74 -61.37 -19.89 -28.93
CA SER S 74 -61.11 -21.29 -28.78
C SER S 74 -59.99 -21.63 -27.76
N THR S 75 -60.12 -22.81 -27.12
CA THR S 75 -59.18 -23.21 -26.09
C THR S 75 -58.47 -24.51 -26.46
N ALA S 76 -57.24 -24.68 -26.00
CA ALA S 76 -56.56 -25.97 -26.12
C ALA S 76 -55.51 -26.17 -25.03
N LYS S 77 -55.65 -27.25 -24.24
CA LYS S 77 -54.77 -27.54 -23.09
C LYS S 77 -53.60 -28.42 -23.47
N ALA S 78 -52.45 -28.21 -22.84
CA ALA S 78 -51.32 -29.13 -22.95
C ALA S 78 -50.86 -29.55 -21.57
N PHE S 79 -50.68 -30.84 -21.36
CA PHE S 79 -50.30 -31.33 -20.02
C PHE S 79 -48.80 -31.57 -19.85
N LEU S 80 -48.23 -30.89 -18.85
CA LEU S 80 -46.80 -31.03 -18.55
C LEU S 80 -46.65 -31.99 -17.40
N THR S 81 -45.89 -33.07 -17.65
CA THR S 81 -45.72 -34.10 -16.65
C THR S 81 -44.28 -34.06 -16.23
N VAL S 82 -44.06 -33.95 -14.93
CA VAL S 82 -42.75 -33.75 -14.38
C VAL S 82 -42.46 -34.92 -13.48
N TYR S 83 -41.23 -35.45 -13.56
CA TYR S 83 -40.74 -36.51 -12.64
C TYR S 83 -39.49 -36.08 -11.88
N TRP S 84 -39.30 -36.65 -10.69
CA TRP S 84 -38.27 -36.19 -9.78
C TRP S 84 -36.91 -36.80 -10.06
N THR S 85 -35.87 -36.21 -9.54
CA THR S 85 -34.54 -36.72 -9.73
C THR S 85 -33.82 -36.93 -8.39
N MET T 1 -75.30 7.54 3.33
CA MET T 1 -75.33 7.06 1.91
C MET T 1 -75.00 5.58 1.80
N ASN T 2 -75.93 4.82 1.22
CA ASN T 2 -75.74 3.38 1.00
C ASN T 2 -74.78 3.12 -0.13
N VAL T 3 -74.07 2.01 -0.05
CA VAL T 3 -73.10 1.63 -1.07
C VAL T 3 -73.31 0.18 -1.42
N ASP T 4 -73.47 -0.07 -2.72
CA ASP T 4 -73.48 -1.42 -3.24
C ASP T 4 -72.09 -1.73 -3.78
N LEU T 5 -71.38 -2.62 -3.11
CA LEU T 5 -70.03 -2.99 -3.57
C LEU T 5 -69.99 -4.44 -4.04
N VAL T 6 -69.40 -4.66 -5.22
CA VAL T 6 -69.28 -6.00 -5.80
C VAL T 6 -67.83 -6.39 -5.96
N PHE T 7 -67.47 -7.56 -5.41
CA PHE T 7 -66.17 -8.15 -5.67
C PHE T 7 -66.24 -8.94 -6.97
N LEU T 8 -65.47 -8.49 -7.96
CA LEU T 8 -65.23 -9.27 -9.18
C LEU T 8 -63.82 -9.88 -9.07
N PHE T 9 -63.77 -11.19 -8.84
CA PHE T 9 -62.50 -11.87 -8.56
C PHE T 9 -62.07 -12.91 -9.59
N ASP T 10 -60.76 -12.87 -9.88
CA ASP T 10 -60.13 -13.65 -10.95
C ASP T 10 -59.85 -15.09 -10.53
N GLY T 11 -60.61 -16.00 -11.11
CA GLY T 11 -60.49 -17.41 -10.80
C GLY T 11 -59.97 -18.13 -12.01
N SER T 12 -59.20 -17.41 -12.82
CA SER T 12 -58.62 -18.00 -14.03
C SER T 12 -57.47 -18.92 -13.65
N MET T 13 -56.98 -19.68 -14.62
CA MET T 13 -55.92 -20.62 -14.33
C MET T 13 -54.61 -19.92 -13.97
N SER T 14 -54.43 -18.72 -14.53
CA SER T 14 -53.16 -17.98 -14.44
C SER T 14 -52.76 -17.61 -13.02
N LEU T 15 -53.71 -17.73 -12.09
CA LEU T 15 -53.46 -17.49 -10.67
C LEU T 15 -53.27 -18.79 -9.94
N GLN T 16 -52.25 -18.83 -9.08
CA GLN T 16 -51.92 -20.05 -8.35
C GLN T 16 -53.06 -20.32 -7.38
N PRO T 17 -53.23 -21.58 -6.94
CA PRO T 17 -54.35 -21.86 -6.07
C PRO T 17 -54.20 -21.21 -4.71
N ASP T 18 -52.96 -21.11 -4.20
CA ASP T 18 -52.70 -20.37 -2.96
C ASP T 18 -52.96 -18.87 -3.13
N GLU T 19 -52.69 -18.34 -4.33
CA GLU T 19 -53.01 -16.95 -4.68
C GLU T 19 -54.51 -16.72 -4.66
N PHE T 20 -55.26 -17.72 -5.14
CA PHE T 20 -56.70 -17.65 -5.16
C PHE T 20 -57.23 -17.58 -3.74
N GLN T 21 -56.74 -18.48 -2.90
CA GLN T 21 -57.10 -18.48 -1.50
C GLN T 21 -56.91 -17.09 -0.88
N LYS T 22 -55.78 -16.46 -1.21
CA LYS T 22 -55.46 -15.12 -0.73
C LYS T 22 -56.53 -14.12 -1.15
N ILE T 23 -57.18 -14.35 -2.28
CA ILE T 23 -58.21 -13.44 -2.77
C ILE T 23 -59.52 -13.63 -2.03
N LEU T 24 -59.81 -14.88 -1.67
CA LEU T 24 -60.97 -15.18 -0.83
C LEU T 24 -60.79 -14.58 0.58
N ASP T 25 -59.66 -14.92 1.19
CA ASP T 25 -59.30 -14.39 2.51
C ASP T 25 -59.29 -12.85 2.55
N PHE T 26 -59.09 -12.22 1.40
CA PHE T 26 -59.11 -10.76 1.29
C PHE T 26 -60.54 -10.25 1.32
N MET T 27 -61.41 -10.85 0.51
CA MET T 27 -62.81 -10.42 0.46
C MET T 27 -63.46 -10.58 1.84
N LYS T 28 -63.17 -11.69 2.51
CA LYS T 28 -63.68 -11.95 3.85
C LYS T 28 -63.18 -10.92 4.87
N ASP T 29 -61.95 -10.45 4.69
CA ASP T 29 -61.35 -9.43 5.55
C ASP T 29 -62.00 -8.07 5.36
N VAL T 30 -62.44 -7.79 4.12
CA VAL T 30 -63.10 -6.52 3.80
C VAL T 30 -64.52 -6.49 4.36
N MET T 31 -65.24 -7.60 4.16
CA MET T 31 -66.63 -7.71 4.62
C MET T 31 -66.75 -7.74 6.14
N LYS T 32 -65.83 -8.46 6.78
CA LYS T 32 -65.79 -8.52 8.23
C LYS T 32 -65.61 -7.10 8.80
N LYS T 33 -64.64 -6.37 8.24
CA LYS T 33 -64.32 -5.02 8.68
C LYS T 33 -65.20 -3.96 8.02
N LEU T 34 -66.44 -4.34 7.67
CA LEU T 34 -67.45 -3.41 7.17
C LEU T 34 -68.86 -3.88 7.48
N SER T 35 -68.99 -4.67 8.55
CA SER T 35 -70.29 -5.15 9.03
C SER T 35 -71.17 -4.03 9.67
N ASN T 36 -71.33 -2.95 8.90
CA ASN T 36 -72.37 -1.96 9.12
C ASN T 36 -73.33 -2.02 7.92
N THR T 37 -74.53 -1.49 8.09
CA THR T 37 -75.59 -1.57 7.06
C THR T 37 -75.21 -0.89 5.75
N SER T 38 -74.62 0.31 5.87
CA SER T 38 -74.24 1.15 4.72
C SER T 38 -73.77 0.32 3.51
N TYR T 39 -72.76 -0.51 3.74
CA TYR T 39 -72.26 -1.41 2.71
C TYR T 39 -73.09 -2.66 2.60
N GLN T 40 -73.58 -2.91 1.39
CA GLN T 40 -74.25 -4.16 1.03
C GLN T 40 -73.36 -4.82 -0.05
N PHE T 41 -73.07 -6.12 0.11
CA PHE T 41 -72.09 -6.80 -0.77
C PHE T 41 -72.66 -7.84 -1.72
N ALA T 42 -71.85 -8.18 -2.72
CA ALA T 42 -72.09 -9.27 -3.66
C ALA T 42 -70.78 -9.62 -4.35
N ALA T 43 -70.55 -10.91 -4.55
CA ALA T 43 -69.30 -11.35 -5.18
C ALA T 43 -69.55 -12.25 -6.38
N VAL T 44 -68.79 -11.99 -7.45
CA VAL T 44 -68.84 -12.81 -8.66
C VAL T 44 -67.45 -13.23 -9.10
N GLN T 45 -67.27 -14.53 -9.26
CA GLN T 45 -66.04 -15.08 -9.81
C GLN T 45 -66.11 -15.12 -11.32
N PHE T 46 -65.04 -14.68 -11.96
CA PHE T 46 -64.95 -14.75 -13.42
C PHE T 46 -63.74 -15.53 -13.86
N SER T 47 -63.90 -16.30 -14.92
CA SER T 47 -62.79 -16.95 -15.54
C SER T 47 -63.06 -16.99 -17.02
N THR T 48 -63.47 -18.14 -17.55
CA THR T 48 -63.91 -18.18 -18.94
C THR T 48 -65.27 -17.55 -18.95
N SER T 49 -66.11 -17.99 -18.02
CA SER T 49 -67.44 -17.40 -17.84
C SER T 49 -67.56 -16.79 -16.45
N TYR T 50 -68.79 -16.49 -16.05
CA TYR T 50 -69.03 -15.73 -14.83
C TYR T 50 -70.06 -16.46 -14.01
N LYS T 51 -69.87 -16.46 -12.70
CA LYS T 51 -70.94 -16.89 -11.78
C LYS T 51 -70.96 -15.99 -10.54
N THR T 52 -72.14 -15.51 -10.17
CA THR T 52 -72.25 -14.73 -8.94
C THR T 52 -72.32 -15.71 -7.77
N GLU T 53 -71.37 -15.57 -6.85
CA GLU T 53 -71.24 -16.50 -5.75
C GLU T 53 -72.21 -16.15 -4.64
N PHE T 54 -72.58 -14.87 -4.53
CA PHE T 54 -73.75 -14.44 -3.75
C PHE T 54 -74.33 -13.07 -4.15
N ASP T 55 -75.65 -12.96 -4.06
CA ASP T 55 -76.38 -11.72 -4.33
C ASP T 55 -76.22 -10.71 -3.22
N PHE T 56 -76.72 -9.50 -3.47
CA PHE T 56 -76.96 -8.57 -2.38
C PHE T 56 -78.04 -9.18 -1.50
N SER T 57 -79.11 -9.69 -2.13
CA SER T 57 -80.18 -10.42 -1.43
C SER T 57 -79.63 -11.44 -0.43
N ASP T 58 -78.52 -12.07 -0.80
CA ASP T 58 -77.91 -13.13 0.00
C ASP T 58 -77.13 -12.58 1.17
N TYR T 59 -76.37 -11.50 0.93
CA TYR T 59 -75.65 -10.82 2.01
C TYR T 59 -76.63 -10.23 3.02
N VAL T 60 -77.66 -9.54 2.53
CA VAL T 60 -78.73 -8.99 3.35
C VAL T 60 -79.40 -10.09 4.19
N LYS T 61 -79.47 -11.31 3.67
CA LYS T 61 -80.10 -12.44 4.38
C LYS T 61 -79.15 -13.15 5.34
N TRP T 62 -78.26 -13.99 4.81
CA TRP T 62 -77.34 -14.80 5.61
C TRP T 62 -76.39 -13.92 6.45
N LYS T 63 -75.84 -12.87 5.84
CA LYS T 63 -74.87 -11.93 6.48
C LYS T 63 -73.56 -12.48 7.05
N ASP T 64 -73.32 -13.78 6.89
CA ASP T 64 -72.08 -14.42 7.34
C ASP T 64 -71.11 -14.55 6.18
N PRO T 65 -70.10 -13.65 6.09
CA PRO T 65 -69.22 -13.65 4.94
C PRO T 65 -68.32 -14.88 4.86
N ASP T 66 -68.06 -15.53 6.00
CA ASP T 66 -67.30 -16.77 6.00
C ASP T 66 -68.07 -17.89 5.33
N ALA T 67 -69.33 -18.05 5.74
CA ALA T 67 -70.21 -19.08 5.19
C ALA T 67 -70.85 -18.68 3.85
N LEU T 68 -70.69 -17.42 3.44
CA LEU T 68 -71.19 -16.93 2.14
C LEU T 68 -70.30 -17.36 0.96
N LEU T 69 -68.99 -17.32 1.18
CA LEU T 69 -68.03 -17.69 0.18
C LEU T 69 -67.47 -19.09 0.41
N LYS T 70 -68.06 -19.83 1.35
CA LYS T 70 -67.48 -21.10 1.74
C LYS T 70 -67.54 -22.17 0.65
N HIS T 71 -68.38 -21.97 -0.37
CA HIS T 71 -68.56 -22.99 -1.38
C HIS T 71 -68.03 -22.64 -2.76
N VAL T 72 -67.05 -21.74 -2.82
CA VAL T 72 -66.43 -21.33 -4.07
C VAL T 72 -65.56 -22.49 -4.61
N LYS T 73 -65.61 -22.73 -5.91
CA LYS T 73 -64.64 -23.60 -6.57
C LYS T 73 -63.80 -22.79 -7.52
N HIS T 74 -62.49 -22.98 -7.44
CA HIS T 74 -61.59 -22.29 -8.32
C HIS T 74 -61.85 -22.73 -9.77
N MET T 75 -62.32 -21.80 -10.60
CA MET T 75 -62.77 -22.08 -11.96
C MET T 75 -61.68 -22.64 -12.86
N LEU T 76 -60.54 -21.97 -12.87
CA LEU T 76 -59.31 -22.46 -13.52
C LEU T 76 -59.38 -22.61 -15.03
N LEU T 77 -59.88 -21.56 -15.68
CA LEU T 77 -59.96 -21.49 -17.12
C LEU T 77 -59.57 -20.09 -17.51
N LEU T 78 -59.81 -19.69 -18.77
CA LEU T 78 -59.35 -18.39 -19.31
C LEU T 78 -59.77 -17.16 -18.50
N THR T 79 -59.17 -16.01 -18.82
CA THR T 79 -59.36 -14.80 -18.05
C THR T 79 -60.10 -13.77 -18.88
N ASN T 80 -61.42 -13.88 -18.93
CA ASN T 80 -62.28 -13.03 -19.76
C ASN T 80 -62.81 -11.75 -19.13
N THR T 81 -61.89 -10.99 -18.57
CA THR T 81 -62.20 -9.85 -17.71
C THR T 81 -63.17 -8.83 -18.33
N PHE T 82 -63.02 -8.52 -19.62
CA PHE T 82 -63.85 -7.50 -20.25
C PHE T 82 -65.32 -7.84 -20.15
N GLY T 83 -65.69 -9.05 -20.58
CA GLY T 83 -67.08 -9.49 -20.47
C GLY T 83 -67.52 -9.63 -19.02
N ALA T 84 -66.55 -9.86 -18.13
CA ALA T 84 -66.82 -10.00 -16.71
C ALA T 84 -67.37 -8.74 -16.16
N ILE T 85 -66.74 -7.61 -16.49
CA ILE T 85 -67.22 -6.30 -16.06
C ILE T 85 -68.65 -6.08 -16.57
N ASN T 86 -68.83 -6.24 -17.87
CA ASN T 86 -70.16 -6.06 -18.44
C ASN T 86 -71.23 -6.90 -17.77
N TYR T 87 -70.87 -8.12 -17.36
CA TYR T 87 -71.78 -8.98 -16.62
C TYR T 87 -72.16 -8.36 -15.28
N VAL T 88 -71.18 -7.86 -14.53
CA VAL T 88 -71.47 -7.22 -13.26
C VAL T 88 -72.46 -6.08 -13.50
N ALA T 89 -72.12 -5.21 -14.46
CA ALA T 89 -72.94 -4.04 -14.77
C ALA T 89 -74.39 -4.39 -15.06
N THR T 90 -74.61 -5.37 -15.93
CA THR T 90 -75.96 -5.68 -16.39
C THR T 90 -76.68 -6.75 -15.55
N GLU T 91 -75.93 -7.61 -14.86
CA GLU T 91 -76.53 -8.80 -14.24
C GLU T 91 -76.52 -8.87 -12.73
N VAL T 92 -75.65 -8.07 -12.12
CA VAL T 92 -75.48 -8.05 -10.65
C VAL T 92 -76.18 -6.86 -9.97
N PHE T 93 -75.92 -5.66 -10.46
CA PHE T 93 -76.61 -4.45 -9.97
C PHE T 93 -78.04 -4.42 -10.48
N ARG T 94 -78.94 -5.03 -9.73
CA ARG T 94 -80.34 -5.13 -10.13
C ARG T 94 -81.30 -5.00 -8.97
N GLU T 95 -82.43 -4.35 -9.24
CA GLU T 95 -83.52 -4.25 -8.28
C GLU T 95 -83.84 -5.63 -7.70
N GLU T 96 -84.02 -6.61 -8.59
CA GLU T 96 -84.46 -7.95 -8.21
C GLU T 96 -83.41 -8.69 -7.40
N LEU T 97 -82.15 -8.40 -7.63
CA LEU T 97 -81.09 -9.13 -6.95
C LEU T 97 -80.63 -8.45 -5.67
N GLY T 98 -81.41 -7.47 -5.22
CA GLY T 98 -81.21 -6.85 -3.91
C GLY T 98 -80.41 -5.57 -3.87
N ALA T 99 -80.09 -5.02 -5.03
CA ALA T 99 -79.36 -3.77 -5.11
C ALA T 99 -80.25 -2.61 -4.70
N ARG T 100 -79.70 -1.71 -3.89
CA ARG T 100 -80.39 -0.49 -3.53
C ARG T 100 -80.24 0.52 -4.67
N PRO T 101 -81.37 1.07 -5.16
CA PRO T 101 -81.37 1.96 -6.32
C PRO T 101 -80.61 3.26 -6.06
N ASP T 102 -80.81 3.84 -4.88
CA ASP T 102 -80.16 5.09 -4.47
C ASP T 102 -78.67 4.96 -4.19
N ALA T 103 -78.24 3.74 -3.90
CA ALA T 103 -76.86 3.48 -3.51
C ALA T 103 -75.84 3.73 -4.63
N THR T 104 -74.76 4.41 -4.26
CA THR T 104 -73.67 4.71 -5.18
C THR T 104 -72.84 3.44 -5.33
N LYS T 105 -72.73 2.95 -6.56
CA LYS T 105 -72.23 1.59 -6.81
C LYS T 105 -70.73 1.45 -7.05
N VAL T 106 -70.09 0.62 -6.24
CA VAL T 106 -68.65 0.39 -6.29
C VAL T 106 -68.32 -1.02 -6.74
N LEU T 107 -67.13 -1.18 -7.33
CA LEU T 107 -66.66 -2.47 -7.85
C LEU T 107 -65.20 -2.69 -7.52
N ILE T 108 -64.89 -3.81 -6.88
CA ILE T 108 -63.50 -4.15 -6.56
C ILE T 108 -63.07 -5.33 -7.43
N ILE T 109 -62.20 -5.04 -8.41
CA ILE T 109 -61.71 -6.07 -9.31
C ILE T 109 -60.35 -6.57 -8.85
N ILE T 110 -60.26 -7.86 -8.58
CA ILE T 110 -58.99 -8.51 -8.19
C ILE T 110 -58.53 -9.49 -9.30
N THR T 111 -57.46 -9.14 -10.00
CA THR T 111 -57.02 -9.90 -11.17
C THR T 111 -55.54 -9.61 -11.41
N ASP T 112 -54.93 -10.30 -12.36
CA ASP T 112 -53.59 -9.94 -12.82
C ASP T 112 -53.64 -9.17 -14.13
N GLY T 113 -54.85 -9.00 -14.64
CA GLY T 113 -55.07 -8.23 -15.85
C GLY T 113 -54.49 -8.85 -17.10
N GLU T 114 -54.02 -10.09 -16.98
CA GLU T 114 -53.66 -10.87 -18.14
C GLU T 114 -55.00 -11.37 -18.69
N ALA T 115 -55.72 -10.45 -19.35
CA ALA T 115 -57.10 -10.71 -19.77
C ALA T 115 -57.11 -11.33 -21.15
N THR T 116 -58.01 -12.28 -21.35
CA THR T 116 -58.06 -13.11 -22.56
C THR T 116 -59.20 -12.70 -23.51
N ASP T 117 -59.85 -11.57 -23.27
CA ASP T 117 -60.81 -11.03 -24.22
C ASP T 117 -60.64 -9.53 -24.38
N SER T 118 -61.40 -8.94 -25.28
CA SER T 118 -61.29 -7.50 -25.56
C SER T 118 -62.67 -6.92 -25.78
N GLY T 119 -62.79 -5.62 -25.59
CA GLY T 119 -64.09 -4.95 -25.69
C GLY T 119 -64.11 -3.55 -25.10
N ASN T 120 -65.24 -3.16 -24.53
CA ASN T 120 -65.31 -1.89 -23.83
C ASN T 120 -66.10 -2.05 -22.54
N ILE T 121 -65.87 -1.14 -21.59
CA ILE T 121 -66.60 -1.22 -20.32
C ILE T 121 -67.58 -0.07 -20.17
N ASP T 122 -68.00 0.50 -21.29
CA ASP T 122 -68.93 1.65 -21.29
C ASP T 122 -70.15 1.38 -20.43
N ALA T 123 -70.58 0.12 -20.40
CA ALA T 123 -71.75 -0.30 -19.65
C ALA T 123 -71.57 -0.20 -18.14
N ALA T 124 -70.36 0.12 -17.71
CA ALA T 124 -70.05 0.18 -16.29
C ALA T 124 -69.34 1.47 -15.92
N LYS T 125 -69.53 2.51 -16.74
CA LYS T 125 -68.90 3.80 -16.48
C LYS T 125 -69.29 4.33 -15.09
N ASP T 126 -70.59 4.43 -14.83
CA ASP T 126 -71.07 5.02 -13.59
C ASP T 126 -70.65 4.24 -12.34
N ILE T 127 -70.29 2.97 -12.51
CA ILE T 127 -69.77 2.19 -11.39
C ILE T 127 -68.33 2.59 -11.15
N ILE T 128 -68.08 3.17 -9.98
CA ILE T 128 -66.72 3.52 -9.57
C ILE T 128 -65.94 2.24 -9.22
N ARG T 129 -64.86 2.00 -9.95
CA ARG T 129 -64.15 0.73 -9.81
C ARG T 129 -62.66 0.81 -9.44
N TYR T 130 -62.36 0.44 -8.19
CA TYR T 130 -61.00 0.18 -7.74
C TYR T 130 -60.58 -1.20 -8.22
N ILE T 131 -59.44 -1.30 -8.88
CA ILE T 131 -58.95 -2.61 -9.31
C ILE T 131 -57.59 -2.87 -8.66
N ILE T 132 -57.41 -4.09 -8.13
CA ILE T 132 -56.19 -4.44 -7.39
C ILE T 132 -55.42 -5.62 -7.98
N GLY T 133 -54.14 -5.41 -8.24
CA GLY T 133 -53.35 -6.32 -9.04
C GLY T 133 -52.50 -7.32 -8.31
N ILE T 134 -52.95 -8.56 -8.30
CA ILE T 134 -52.18 -9.69 -7.79
C ILE T 134 -51.73 -10.59 -8.96
N GLY T 135 -50.58 -11.25 -8.82
CA GLY T 135 -50.21 -12.29 -9.78
C GLY T 135 -48.88 -12.09 -10.47
N LYS T 136 -48.14 -13.19 -10.69
CA LYS T 136 -46.85 -13.11 -11.34
C LYS T 136 -47.03 -12.60 -12.77
N HIS T 137 -48.25 -12.70 -13.30
CA HIS T 137 -48.50 -12.30 -14.66
C HIS T 137 -48.98 -10.86 -14.85
N SER T 138 -49.12 -10.14 -13.76
CA SER T 138 -49.49 -8.74 -13.83
C SER T 138 -48.26 -7.87 -14.04
N GLN T 139 -47.15 -8.49 -14.43
CA GLN T 139 -45.88 -7.78 -14.48
C GLN T 139 -45.46 -7.36 -15.88
N THR T 140 -46.43 -7.20 -16.79
CA THR T 140 -46.09 -6.88 -18.16
C THR T 140 -46.76 -5.61 -18.67
N LYS T 141 -46.11 -4.99 -19.67
CA LYS T 141 -46.65 -3.83 -20.37
C LYS T 141 -48.15 -3.98 -20.61
N GLU T 142 -48.54 -5.11 -21.20
CA GLU T 142 -49.94 -5.38 -21.56
C GLU T 142 -50.79 -5.39 -20.32
N SER T 143 -50.43 -6.27 -19.39
CA SER T 143 -51.18 -6.47 -18.17
C SER T 143 -51.43 -5.19 -17.42
N GLN T 144 -50.37 -4.41 -17.24
CA GLN T 144 -50.46 -3.13 -16.54
C GLN T 144 -51.44 -2.18 -17.22
N GLU T 145 -51.27 -1.98 -18.53
CA GLU T 145 -52.20 -1.19 -19.33
C GLU T 145 -53.65 -1.68 -19.23
N THR T 146 -53.83 -3.00 -19.30
CA THR T 146 -55.14 -3.63 -19.13
C THR T 146 -55.73 -3.32 -17.75
N LEU T 147 -54.89 -3.31 -16.72
CA LEU T 147 -55.33 -2.97 -15.39
C LEU T 147 -55.83 -1.54 -15.34
N HIS T 148 -55.07 -0.62 -15.93
CA HIS T 148 -55.43 0.79 -15.93
C HIS T 148 -56.68 1.08 -16.77
N LYS T 149 -56.93 0.22 -17.77
CA LYS T 149 -58.13 0.33 -18.59
C LYS T 149 -59.41 0.06 -17.80
N PHE T 150 -59.35 -0.88 -16.86
CA PHE T 150 -60.51 -1.18 -16.02
C PHE T 150 -60.78 -0.15 -14.91
N ALA T 151 -59.75 0.57 -14.50
CA ALA T 151 -59.84 1.50 -13.38
C ALA T 151 -60.64 2.77 -13.68
N SER T 152 -61.19 3.37 -12.62
CA SER T 152 -61.75 4.71 -12.66
C SER T 152 -60.60 5.68 -12.88
N LYS T 153 -60.92 6.91 -13.28
CA LYS T 153 -59.88 7.92 -13.59
C LYS T 153 -59.79 8.97 -12.49
N PRO T 154 -58.60 9.57 -12.28
CA PRO T 154 -57.29 9.28 -12.88
C PRO T 154 -56.73 7.96 -12.37
N ALA T 155 -56.24 7.14 -13.30
CA ALA T 155 -55.95 5.71 -13.07
C ALA T 155 -55.15 5.39 -11.81
N SER T 156 -54.04 6.10 -11.60
CA SER T 156 -53.16 5.86 -10.45
C SER T 156 -53.74 6.46 -9.15
N GLU T 157 -54.93 5.99 -8.80
CA GLU T 157 -55.61 6.33 -7.55
C GLU T 157 -56.59 5.20 -7.25
N PHE T 158 -56.79 4.33 -8.24
CA PHE T 158 -57.75 3.23 -8.18
C PHE T 158 -57.11 1.88 -8.52
N VAL T 159 -55.78 1.88 -8.65
CA VAL T 159 -54.99 0.68 -8.93
C VAL T 159 -53.93 0.52 -7.86
N LYS T 160 -53.92 -0.62 -7.17
CA LYS T 160 -52.77 -0.97 -6.31
C LYS T 160 -52.44 -2.46 -6.37
N ILE T 161 -51.20 -2.83 -6.00
CA ILE T 161 -50.77 -4.24 -5.84
C ILE T 161 -51.09 -4.76 -4.41
N LEU T 162 -51.69 -5.96 -4.33
CA LEU T 162 -52.38 -6.52 -3.11
C LEU T 162 -51.55 -6.56 -1.80
N ASP T 163 -50.22 -6.71 -1.94
CA ASP T 163 -49.27 -6.86 -0.82
C ASP T 163 -49.60 -8.07 0.06
N THR T 164 -49.25 -7.98 1.34
CA THR T 164 -49.80 -8.89 2.33
C THR T 164 -50.99 -8.18 3.04
N PHE T 165 -51.83 -7.52 2.23
CA PHE T 165 -52.93 -6.64 2.68
C PHE T 165 -52.47 -5.44 3.57
N GLU T 166 -51.81 -4.46 2.95
CA GLU T 166 -51.45 -3.20 3.63
C GLU T 166 -52.55 -2.16 3.48
N LYS T 167 -53.31 -2.30 2.38
CA LYS T 167 -54.46 -1.46 2.05
C LYS T 167 -55.56 -1.45 3.10
N LEU T 168 -55.55 -2.47 3.97
CA LEU T 168 -56.53 -2.59 5.06
C LEU T 168 -56.41 -1.46 6.11
N LYS T 169 -55.48 -0.53 5.88
CA LYS T 169 -55.49 0.80 6.51
C LYS T 169 -55.62 1.91 5.45
N ASP T 170 -55.13 1.60 4.24
CA ASP T 170 -55.05 2.56 3.12
C ASP T 170 -56.40 2.75 2.44
N LEU T 171 -56.74 1.80 1.56
CA LEU T 171 -58.02 1.74 0.84
C LEU T 171 -59.22 1.90 1.77
N PHE T 172 -59.09 1.40 3.00
CA PHE T 172 -60.15 1.38 4.01
C PHE T 172 -60.55 2.78 4.49
N THR T 173 -59.56 3.63 4.80
CA THR T 173 -59.81 5.02 5.22
C THR T 173 -60.27 5.88 4.03
N GLU T 174 -60.19 5.30 2.82
CA GLU T 174 -60.77 5.90 1.61
C GLU T 174 -62.10 5.24 1.24
N LEU T 175 -62.33 4.04 1.76
CA LEU T 175 -63.63 3.38 1.65
C LEU T 175 -64.58 3.80 2.79
N GLN T 176 -64.02 4.48 3.78
CA GLN T 176 -64.79 5.15 4.82
C GLN T 176 -65.25 6.56 4.37
N LYS T 177 -64.87 6.91 3.12
CA LYS T 177 -65.39 8.10 2.44
C LYS T 177 -66.84 7.84 2.02
N LYS T 178 -67.03 6.75 1.27
CA LYS T 178 -68.31 6.40 0.62
C LYS T 178 -69.54 6.33 1.54
N ILE T 179 -69.36 5.88 2.79
CA ILE T 179 -70.47 5.81 3.75
C ILE T 179 -71.01 7.21 4.09
N TYR T 180 -70.15 8.22 3.93
CA TYR T 180 -70.36 9.58 4.44
C TYR T 180 -70.70 9.55 5.94
N MET U 1 44.34 -19.53 -46.53
CA MET U 1 43.44 -19.33 -47.71
C MET U 1 43.32 -20.54 -48.61
N VAL U 2 42.09 -21.02 -48.83
CA VAL U 2 41.89 -22.11 -49.82
C VAL U 2 40.92 -21.76 -50.92
N SER U 3 40.87 -22.66 -51.90
CA SER U 3 40.08 -22.47 -53.06
C SER U 3 39.77 -23.87 -53.51
N VAL U 4 38.55 -24.10 -53.98
CA VAL U 4 38.17 -25.44 -54.46
C VAL U 4 37.60 -25.33 -55.84
N SER U 5 37.92 -26.29 -56.70
CA SER U 5 37.31 -26.39 -58.04
C SER U 5 37.17 -27.80 -58.57
N PRO U 6 36.08 -28.06 -59.28
CA PRO U 6 35.01 -27.11 -59.56
C PRO U 6 34.25 -26.70 -58.30
N SER U 7 33.77 -25.46 -58.26
CA SER U 7 32.94 -24.97 -57.14
C SER U 7 31.61 -25.73 -57.02
N LYS U 8 31.03 -26.15 -58.16
CA LYS U 8 29.75 -26.85 -58.22
C LYS U 8 29.70 -27.73 -59.46
N VAL U 9 29.40 -29.01 -59.27
CA VAL U 9 29.22 -29.94 -60.39
C VAL U 9 27.85 -30.59 -60.40
N THR U 10 27.35 -30.88 -61.60
CA THR U 10 26.24 -31.78 -61.76
C THR U 10 26.77 -33.10 -62.33
N LEU U 11 26.32 -34.21 -61.79
CA LEU U 11 26.73 -35.48 -62.37
C LEU U 11 25.71 -36.59 -62.13
N PRO U 12 25.66 -37.57 -63.03
CA PRO U 12 24.67 -38.62 -62.95
C PRO U 12 24.89 -39.58 -61.80
N ARG U 13 23.80 -40.01 -61.18
CA ARG U 13 23.88 -40.86 -60.00
C ARG U 13 24.86 -41.95 -60.19
N GLY U 14 25.84 -42.04 -59.32
CA GLY U 14 26.83 -43.09 -59.38
C GLY U 14 28.05 -42.71 -60.17
N GLY U 15 28.17 -41.43 -60.48
CA GLY U 15 29.33 -40.94 -61.24
C GLY U 15 30.54 -40.65 -60.37
N SER U 16 31.46 -39.83 -60.87
CA SER U 16 32.64 -39.44 -60.07
C SER U 16 33.22 -38.09 -60.51
N VAL U 17 33.74 -37.35 -59.55
CA VAL U 17 34.40 -36.09 -59.86
C VAL U 17 35.68 -36.00 -59.12
N LEU U 18 36.66 -35.39 -59.76
CA LEU U 18 37.81 -34.98 -59.01
C LEU U 18 37.62 -33.53 -58.60
N VAL U 19 38.03 -33.19 -57.39
CA VAL U 19 38.06 -31.82 -56.97
C VAL U 19 39.48 -31.52 -56.56
N THR U 20 39.84 -30.25 -56.61
CA THR U 20 41.18 -29.82 -56.27
C THR U 20 41.12 -28.82 -55.11
N CYS U 21 41.67 -29.17 -53.97
CA CYS U 21 41.88 -28.19 -52.90
C CYS U 21 43.21 -27.50 -53.10
N SER U 22 43.18 -26.19 -53.27
CA SER U 22 44.42 -25.43 -53.47
C SER U 22 44.58 -24.38 -52.36
N ALA U 23 45.78 -24.29 -51.80
CA ALA U 23 46.02 -23.37 -50.72
C ALA U 23 46.90 -22.26 -51.22
N SER U 24 46.82 -21.11 -50.57
CA SER U 24 47.62 -19.96 -50.97
C SER U 24 49.01 -20.00 -50.34
N CYS U 25 49.09 -20.32 -49.06
CA CYS U 25 50.38 -20.49 -48.39
C CYS U 25 51.05 -21.65 -49.09
N ASP U 26 52.30 -21.50 -49.48
CA ASP U 26 52.87 -22.47 -50.44
C ASP U 26 53.51 -23.72 -49.81
N GLN U 27 53.42 -23.79 -48.48
CA GLN U 27 53.75 -25.00 -47.75
C GLN U 27 52.83 -25.08 -46.54
N PRO U 28 51.59 -25.56 -46.74
CA PRO U 28 50.53 -25.45 -45.74
C PRO U 28 50.75 -26.43 -44.67
N LYS U 29 50.63 -25.97 -43.43
CA LYS U 29 50.83 -26.79 -42.23
C LYS U 29 49.93 -28.05 -42.30
N LEU U 30 48.88 -27.95 -43.09
CA LEU U 30 47.89 -28.99 -43.16
C LEU U 30 46.84 -28.60 -44.21
N LEU U 31 46.53 -29.53 -45.12
CA LEU U 31 45.64 -29.23 -46.22
C LEU U 31 44.95 -30.47 -46.69
N GLY U 32 43.64 -30.44 -46.62
CA GLY U 32 42.84 -31.57 -47.06
C GLY U 32 41.38 -31.25 -47.33
N ILE U 33 40.57 -32.32 -47.36
CA ILE U 33 39.14 -32.20 -47.63
C ILE U 33 38.30 -32.86 -46.53
N GLU U 34 37.11 -32.29 -46.29
CA GLU U 34 36.23 -32.79 -45.26
C GLU U 34 34.96 -33.12 -45.98
N THR U 35 34.68 -34.42 -46.07
CA THR U 35 33.43 -34.91 -46.65
C THR U 35 33.07 -36.26 -46.13
N PRO U 36 31.77 -36.62 -46.20
CA PRO U 36 31.34 -37.94 -45.81
C PRO U 36 31.27 -38.90 -46.99
N LEU U 37 31.65 -38.39 -48.18
CA LEU U 37 31.78 -39.22 -49.38
C LEU U 37 33.04 -40.07 -49.30
N VAL U 38 33.12 -41.11 -50.12
CA VAL U 38 34.36 -41.90 -50.20
C VAL U 38 35.34 -41.16 -51.11
N LYS U 39 36.57 -40.98 -50.61
CA LYS U 39 37.57 -40.18 -51.32
C LYS U 39 38.92 -40.88 -51.48
N LYS U 40 39.62 -40.57 -52.57
CA LYS U 40 40.97 -41.06 -52.80
C LYS U 40 41.80 -39.92 -53.40
N GLU U 41 42.91 -39.56 -52.77
CA GLU U 41 43.76 -38.49 -53.31
C GLU U 41 44.78 -39.04 -54.32
N LEU U 42 45.51 -38.16 -55.00
CA LEU U 42 46.36 -38.59 -56.13
C LEU U 42 47.89 -38.38 -56.05
N LEU U 43 48.49 -38.14 -57.20
CA LEU U 43 49.92 -37.87 -57.30
C LEU U 43 50.12 -36.41 -56.89
N LEU U 44 51.01 -36.23 -55.93
CA LEU U 44 51.15 -34.95 -55.26
C LEU U 44 52.07 -33.92 -55.91
N PRO U 45 53.03 -34.35 -56.75
CA PRO U 45 54.26 -33.58 -56.86
C PRO U 45 54.04 -32.11 -56.48
N GLY U 46 54.33 -31.77 -55.22
CA GLY U 46 54.06 -30.44 -54.66
C GLY U 46 52.90 -30.41 -53.67
N ASN U 47 52.99 -29.50 -52.69
CA ASN U 47 52.01 -29.48 -51.61
C ASN U 47 51.11 -28.26 -51.54
N ASN U 48 51.08 -27.49 -52.62
CA ASN U 48 50.10 -26.43 -52.75
C ASN U 48 48.68 -26.91 -52.91
N ARG U 49 48.51 -28.03 -53.61
CA ARG U 49 47.20 -28.58 -53.87
C ARG U 49 47.21 -30.10 -53.78
N LYS U 50 46.10 -30.63 -53.24
CA LYS U 50 45.78 -32.05 -53.37
C LYS U 50 44.59 -32.14 -54.33
N VAL U 51 44.45 -33.30 -54.97
CA VAL U 51 43.35 -33.58 -55.88
C VAL U 51 42.64 -34.82 -55.39
N TYR U 52 41.38 -34.70 -54.99
CA TYR U 52 40.68 -35.85 -54.44
C TYR U 52 39.67 -36.32 -55.44
N GLU U 53 39.60 -37.65 -55.64
CA GLU U 53 38.59 -38.24 -56.50
C GLU U 53 37.46 -38.75 -55.62
N LEU U 54 36.28 -38.18 -55.82
CA LEU U 54 35.08 -38.64 -55.17
C LEU U 54 34.36 -39.58 -56.10
N SER U 55 34.38 -40.87 -55.80
CA SER U 55 33.83 -41.86 -56.72
C SER U 55 32.45 -42.33 -56.28
N ASN U 56 31.74 -42.93 -57.23
CA ASN U 56 30.38 -43.41 -57.06
C ASN U 56 29.52 -42.58 -56.09
N VAL U 57 29.35 -41.29 -56.40
CA VAL U 57 28.53 -40.43 -55.55
C VAL U 57 27.06 -40.73 -55.81
N GLN U 58 26.31 -40.97 -54.74
CA GLN U 58 24.98 -41.54 -54.87
C GLN U 58 23.82 -40.57 -54.65
N GLU U 59 24.02 -39.58 -53.80
CA GLU U 59 22.99 -38.59 -53.55
C GLU U 59 23.64 -37.21 -53.57
N ASP U 60 22.83 -36.16 -53.70
CA ASP U 60 23.35 -34.79 -53.63
C ASP U 60 24.33 -34.67 -52.50
N SER U 61 25.45 -34.03 -52.74
CA SER U 61 26.45 -33.97 -51.69
C SER U 61 27.29 -32.73 -51.63
N GLN U 62 27.95 -32.55 -50.49
CA GLN U 62 28.90 -31.45 -50.30
C GLN U 62 30.29 -31.94 -49.96
N VAL U 63 31.28 -31.09 -50.17
CA VAL U 63 32.64 -31.41 -49.91
C VAL U 63 33.29 -30.09 -49.58
N MET U 64 34.24 -30.13 -48.65
CA MET U 64 34.80 -28.90 -48.06
C MET U 64 36.33 -28.95 -47.95
N CYS U 65 37.02 -28.09 -48.70
CA CYS U 65 38.47 -27.96 -48.64
C CYS U 65 38.88 -27.16 -47.43
N TYR U 66 39.99 -27.54 -46.81
CA TYR U 66 40.55 -26.73 -45.74
C TYR U 66 42.06 -26.62 -45.93
N ALA U 67 42.62 -25.51 -45.46
CA ALA U 67 44.05 -25.39 -45.43
C ALA U 67 44.45 -24.54 -44.28
N ASN U 68 45.24 -25.15 -43.42
CA ASN U 68 45.80 -24.46 -42.29
C ASN U 68 47.06 -23.75 -42.71
N CYS U 69 47.02 -22.43 -42.74
CA CYS U 69 48.14 -21.64 -43.22
C CYS U 69 48.77 -20.87 -42.10
N PRO U 70 49.90 -20.21 -42.39
CA PRO U 70 50.39 -19.14 -41.54
C PRO U 70 49.28 -18.16 -41.19
N ASP U 71 48.48 -17.76 -42.18
CA ASP U 71 47.47 -16.72 -41.96
C ASP U 71 46.25 -17.18 -41.18
N GLY U 72 46.00 -18.49 -41.18
CA GLY U 72 44.86 -19.06 -40.44
C GLY U 72 44.39 -20.35 -41.07
N GLN U 73 43.21 -20.79 -40.67
CA GLN U 73 42.58 -21.95 -41.30
C GLN U 73 41.50 -21.48 -42.30
N SER U 74 41.53 -21.97 -43.53
CA SER U 74 40.48 -21.59 -44.45
C SER U 74 39.61 -22.73 -45.01
N THR U 75 38.37 -22.41 -45.33
CA THR U 75 37.44 -23.40 -45.81
C THR U 75 36.91 -23.01 -47.18
N ALA U 76 36.54 -24.00 -47.97
CA ALA U 76 35.83 -23.76 -49.24
C ALA U 76 35.01 -24.96 -49.66
N LYS U 77 33.72 -24.75 -49.88
CA LYS U 77 32.76 -25.84 -50.14
C LYS U 77 32.53 -26.02 -51.62
N ALA U 78 32.31 -27.26 -52.07
CA ALA U 78 31.94 -27.54 -53.46
C ALA U 78 30.67 -28.37 -53.47
N PHE U 79 29.67 -27.97 -54.24
CA PHE U 79 28.41 -28.72 -54.23
C PHE U 79 28.29 -29.72 -55.36
N LEU U 80 28.12 -30.98 -55.00
CA LEU U 80 27.90 -32.06 -55.96
C LEU U 80 26.42 -32.32 -56.16
N THR U 81 25.96 -32.16 -57.38
CA THR U 81 24.54 -32.33 -57.66
C THR U 81 24.44 -33.57 -58.50
N VAL U 82 23.55 -34.46 -58.06
CA VAL U 82 23.36 -35.76 -58.66
C VAL U 82 21.94 -35.90 -59.19
N TYR U 83 21.81 -36.48 -60.39
CA TYR U 83 20.49 -36.77 -60.98
C TYR U 83 20.36 -38.23 -61.33
N TRP U 84 19.13 -38.70 -61.32
CA TRP U 84 18.87 -40.13 -61.43
C TRP U 84 18.79 -40.56 -62.89
N THR U 85 18.90 -41.87 -63.11
CA THR U 85 18.80 -42.44 -64.44
C THR U 85 17.75 -43.55 -64.49
N MET V 1 32.72 -42.14 -4.67
CA MET V 1 33.51 -41.16 -5.49
C MET V 1 32.72 -40.60 -6.67
N ASN V 2 32.59 -39.28 -6.69
CA ASN V 2 31.86 -38.60 -7.75
C ASN V 2 32.68 -38.58 -9.03
N VAL V 3 31.99 -38.59 -10.17
CA VAL V 3 32.61 -38.55 -11.49
C VAL V 3 31.93 -37.50 -12.35
N ASP V 4 32.73 -36.58 -12.87
CA ASP V 4 32.28 -35.61 -13.85
C ASP V 4 32.65 -36.11 -15.24
N LEU V 5 31.67 -36.56 -16.03
CA LEU V 5 31.94 -37.11 -17.35
C LEU V 5 31.39 -36.22 -18.41
N VAL V 6 32.22 -35.91 -19.41
CA VAL V 6 31.83 -35.03 -20.52
C VAL V 6 31.87 -35.75 -21.85
N PHE V 7 30.76 -35.71 -22.58
CA PHE V 7 30.74 -36.21 -23.94
C PHE V 7 31.26 -35.11 -24.85
N LEU V 8 32.37 -35.36 -25.54
CA LEU V 8 32.82 -34.51 -26.64
C LEU V 8 32.52 -35.25 -27.95
N PHE V 9 31.50 -34.78 -28.68
CA PHE V 9 31.00 -35.52 -29.85
C PHE V 9 31.17 -34.79 -31.21
N ASP V 10 31.62 -35.55 -32.21
CA ASP V 10 32.03 -35.05 -33.52
C ASP V 10 30.79 -34.75 -34.35
N GLY V 11 30.52 -33.46 -34.58
CA GLY V 11 29.42 -33.05 -35.44
C GLY V 11 29.95 -32.47 -36.72
N SER V 12 31.14 -32.92 -37.14
CA SER V 12 31.77 -32.42 -38.37
C SER V 12 31.02 -32.98 -39.56
N MET V 13 31.25 -32.40 -40.73
CA MET V 13 30.62 -32.88 -41.95
C MET V 13 31.01 -34.34 -42.34
N SER V 14 32.23 -34.76 -41.99
CA SER V 14 32.74 -36.06 -42.38
C SER V 14 31.93 -37.23 -41.84
N LEU V 15 31.00 -36.96 -40.91
CA LEU V 15 30.11 -38.01 -40.40
C LEU V 15 28.74 -37.90 -41.04
N GLN V 16 28.19 -39.05 -41.44
CA GLN V 16 26.90 -39.07 -42.08
C GLN V 16 25.84 -38.65 -41.08
N PRO V 17 24.69 -38.13 -41.56
CA PRO V 17 23.76 -37.62 -40.58
C PRO V 17 23.15 -38.74 -39.77
N ASP V 18 23.00 -39.91 -40.39
CA ASP V 18 22.51 -41.07 -39.65
C ASP V 18 23.57 -41.55 -38.65
N GLU V 19 24.84 -41.34 -38.98
CA GLU V 19 25.93 -41.65 -38.06
C GLU V 19 25.93 -40.72 -36.87
N PHE V 20 25.56 -39.46 -37.11
CA PHE V 20 25.45 -38.45 -36.05
C PHE V 20 24.33 -38.84 -35.08
N GLN V 21 23.17 -39.19 -35.64
CA GLN V 21 22.04 -39.66 -34.85
C GLN V 21 22.49 -40.78 -33.93
N LYS V 22 23.28 -41.72 -34.47
CA LYS V 22 23.79 -42.85 -33.70
C LYS V 22 24.60 -42.38 -32.50
N ILE V 23 25.24 -41.23 -32.63
CA ILE V 23 26.08 -40.72 -31.55
C ILE V 23 25.21 -40.10 -30.45
N LEU V 24 24.15 -39.41 -30.87
CA LEU V 24 23.20 -38.90 -29.90
C LEU V 24 22.54 -40.06 -29.14
N ASP V 25 22.00 -41.01 -29.90
CA ASP V 25 21.35 -42.17 -29.32
C ASP V 25 22.29 -42.94 -28.42
N PHE V 26 23.59 -42.83 -28.67
CA PHE V 26 24.59 -43.48 -27.81
C PHE V 26 24.72 -42.76 -26.47
N MET V 27 24.88 -41.42 -26.51
CA MET V 27 24.98 -40.62 -25.29
C MET V 27 23.75 -40.76 -24.38
N LYS V 28 22.57 -40.76 -24.99
CA LYS V 28 21.33 -40.95 -24.25
C LYS V 28 21.27 -42.34 -23.59
N ASP V 29 21.85 -43.33 -24.26
CA ASP V 29 21.91 -44.70 -23.75
C ASP V 29 22.82 -44.84 -22.53
N VAL V 30 23.90 -44.05 -22.54
CA VAL V 30 24.87 -44.04 -21.44
C VAL V 30 24.30 -43.32 -20.23
N MET V 31 23.70 -42.16 -20.47
CA MET V 31 23.09 -41.37 -19.39
C MET V 31 21.90 -42.04 -18.74
N LYS V 32 21.05 -42.67 -19.56
CA LYS V 32 19.92 -43.44 -19.04
C LYS V 32 20.40 -44.54 -18.10
N LYS V 33 21.41 -45.29 -18.57
CA LYS V 33 21.99 -46.40 -17.81
C LYS V 33 23.07 -45.97 -16.82
N LEU V 34 22.93 -44.75 -16.30
CA LEU V 34 23.78 -44.25 -15.21
C LEU V 34 23.08 -43.17 -14.38
N SER V 35 21.75 -43.21 -14.36
CA SER V 35 20.92 -42.31 -13.56
C SER V 35 21.03 -42.57 -12.04
N ASN V 36 22.28 -42.62 -11.58
CA ASN V 36 22.65 -42.48 -10.18
C ASN V 36 23.43 -41.16 -10.04
N THR V 37 23.48 -40.64 -8.81
CA THR V 37 24.13 -39.34 -8.53
C THR V 37 25.60 -39.29 -8.90
N SER V 38 26.32 -40.37 -8.55
CA SER V 38 27.76 -40.45 -8.69
C SER V 38 28.20 -39.76 -9.97
N TYR V 39 27.64 -40.17 -11.11
CA TYR V 39 27.93 -39.55 -12.40
C TYR V 39 27.11 -38.29 -12.60
N GLN V 40 27.82 -37.19 -12.88
CA GLN V 40 27.22 -35.93 -13.30
C GLN V 40 27.71 -35.66 -14.73
N PHE V 41 26.82 -35.31 -15.65
CA PHE V 41 27.19 -35.23 -17.06
C PHE V 41 27.23 -33.83 -17.66
N ALA V 42 27.83 -33.72 -18.84
CA ALA V 42 27.81 -32.52 -19.68
C ALA V 42 28.24 -32.91 -21.09
N ALA V 43 27.64 -32.30 -22.09
CA ALA V 43 28.00 -32.66 -23.45
C ALA V 43 28.36 -31.43 -24.29
N VAL V 44 29.43 -31.54 -25.05
CA VAL V 44 29.81 -30.51 -25.98
C VAL V 44 30.01 -31.09 -27.39
N GLN V 45 29.32 -30.50 -28.37
CA GLN V 45 29.57 -30.80 -29.78
C GLN V 45 30.72 -29.95 -30.34
N PHE V 46 31.59 -30.57 -31.12
CA PHE V 46 32.66 -29.85 -31.76
C PHE V 46 32.64 -30.09 -33.23
N SER V 47 32.94 -29.06 -33.99
CA SER V 47 33.14 -29.21 -35.41
C SER V 47 34.23 -28.26 -35.83
N THR V 48 33.89 -27.14 -36.49
CA THR V 48 34.88 -26.09 -36.71
C THR V 48 35.10 -25.44 -35.35
N SER V 49 34.01 -25.10 -34.66
CA SER V 49 34.10 -24.56 -33.31
C SER V 49 33.36 -25.46 -32.35
N TYR V 50 33.10 -24.98 -31.14
CA TYR V 50 32.63 -25.84 -30.06
C TYR V 50 31.47 -25.16 -29.42
N LYS V 51 30.48 -25.95 -29.00
CA LYS V 51 29.39 -25.42 -28.17
C LYS V 51 28.99 -26.47 -27.17
N THR V 52 28.88 -26.09 -25.90
CA THR V 52 28.42 -27.05 -24.88
C THR V 52 26.90 -27.11 -24.96
N GLU V 53 26.38 -28.30 -25.24
CA GLU V 53 24.96 -28.49 -25.43
C GLU V 53 24.21 -28.53 -24.07
N PHE V 54 24.91 -28.91 -23.01
CA PHE V 54 24.44 -28.73 -21.63
C PHE V 54 25.55 -28.81 -20.58
N ASP V 55 25.40 -28.01 -19.54
CA ASP V 55 26.31 -27.97 -18.38
C ASP V 55 26.12 -29.13 -17.46
N PHE V 56 27.01 -29.26 -16.49
CA PHE V 56 26.75 -30.11 -15.34
C PHE V 56 25.56 -29.51 -14.60
N SER V 57 25.58 -28.19 -14.39
CA SER V 57 24.46 -27.43 -13.81
C SER V 57 23.13 -27.83 -14.41
N ASP V 58 23.13 -28.12 -15.71
CA ASP V 58 21.91 -28.42 -16.47
C ASP V 58 21.44 -29.85 -16.24
N TYR V 59 22.39 -30.78 -16.20
CA TYR V 59 22.08 -32.17 -15.91
C TYR V 59 21.58 -32.28 -14.48
N VAL V 60 22.27 -31.62 -13.57
CA VAL V 60 21.89 -31.56 -12.16
C VAL V 60 20.48 -30.99 -11.99
N LYS V 61 20.09 -30.07 -12.87
CA LYS V 61 18.73 -29.45 -12.82
C LYS V 61 17.64 -30.26 -13.52
N TRP V 62 17.60 -30.16 -14.85
CA TRP V 62 16.60 -30.85 -15.69
C TRP V 62 16.64 -32.39 -15.50
N LYS V 63 17.83 -32.98 -15.59
CA LYS V 63 18.06 -34.44 -15.41
C LYS V 63 17.44 -35.39 -16.44
N ASP V 64 16.74 -34.85 -17.42
CA ASP V 64 16.14 -35.65 -18.48
C ASP V 64 17.05 -35.67 -19.71
N PRO V 65 17.81 -36.78 -19.90
CA PRO V 65 18.81 -36.81 -20.97
C PRO V 65 18.20 -36.77 -22.34
N ASP V 66 16.96 -37.23 -22.48
CA ASP V 66 16.24 -37.14 -23.75
C ASP V 66 15.97 -35.67 -24.15
N ALA V 67 15.43 -34.91 -23.20
CA ALA V 67 15.09 -33.53 -23.45
C ALA V 67 16.31 -32.60 -23.29
N LEU V 68 17.41 -33.14 -22.78
CA LEU V 68 18.63 -32.35 -22.64
C LEU V 68 19.36 -32.17 -23.96
N LEU V 69 19.39 -33.23 -24.76
CA LEU V 69 20.05 -33.20 -26.06
C LEU V 69 19.05 -32.99 -27.19
N LYS V 70 17.80 -32.68 -26.86
CA LYS V 70 16.72 -32.68 -27.85
C LYS V 70 16.88 -31.57 -28.88
N HIS V 71 17.70 -30.56 -28.57
CA HIS V 71 17.83 -29.40 -29.44
C HIS V 71 19.18 -29.26 -30.12
N VAL V 72 19.92 -30.36 -30.25
CA VAL V 72 21.21 -30.34 -30.96
C VAL V 72 21.00 -30.12 -32.48
N LYS V 73 21.87 -29.31 -33.10
CA LYS V 73 21.89 -29.19 -34.57
C LYS V 73 23.20 -29.72 -35.03
N HIS V 74 23.15 -30.60 -36.03
CA HIS V 74 24.38 -31.11 -36.60
C HIS V 74 25.18 -29.96 -37.23
N MET V 75 26.38 -29.70 -36.70
CA MET V 75 27.15 -28.53 -37.08
C MET V 75 27.60 -28.56 -38.53
N LEU V 76 28.11 -29.74 -38.95
CA LEU V 76 28.49 -30.02 -40.37
C LEU V 76 29.54 -29.12 -41.01
N LEU V 77 30.67 -28.95 -40.30
CA LEU V 77 31.81 -28.17 -40.76
C LEU V 77 33.07 -28.95 -40.35
N LEU V 78 34.26 -28.34 -40.42
CA LEU V 78 35.52 -29.06 -40.18
C LEU V 78 35.61 -29.77 -38.86
N THR V 79 36.62 -30.60 -38.70
CA THR V 79 36.76 -31.42 -37.51
C THR V 79 37.98 -31.00 -36.67
N ASN V 80 37.81 -29.99 -35.82
CA ASN V 80 38.93 -29.37 -35.12
C ASN V 80 39.24 -29.97 -33.78
N THR V 81 39.38 -31.30 -33.76
CA THR V 81 39.40 -32.08 -32.50
C THR V 81 40.39 -31.53 -31.44
N PHE V 82 41.59 -31.15 -31.86
CA PHE V 82 42.60 -30.72 -30.90
C PHE V 82 42.16 -29.58 -30.01
N GLY V 83 41.63 -28.53 -30.62
CA GLY V 83 41.15 -27.38 -29.87
C GLY V 83 39.86 -27.69 -29.13
N ALA V 84 39.15 -28.71 -29.59
CA ALA V 84 37.96 -29.23 -28.93
C ALA V 84 38.27 -29.78 -27.52
N ILE V 85 39.29 -30.63 -27.44
CA ILE V 85 39.74 -31.11 -26.16
C ILE V 85 40.13 -29.95 -25.24
N ASN V 86 41.01 -29.08 -25.72
CA ASN V 86 41.41 -27.95 -24.91
C ASN V 86 40.22 -27.17 -24.40
N TYR V 87 39.19 -27.01 -25.25
CA TYR V 87 37.99 -26.30 -24.85
C TYR V 87 37.33 -26.99 -23.67
N VAL V 88 37.16 -28.31 -23.76
CA VAL V 88 36.57 -29.07 -22.63
C VAL V 88 37.36 -28.83 -21.34
N ALA V 89 38.68 -28.99 -21.42
CA ALA V 89 39.55 -28.83 -20.28
C ALA V 89 39.37 -27.49 -19.61
N THR V 90 39.46 -26.42 -20.37
CA THR V 90 39.46 -25.08 -19.79
C THR V 90 38.07 -24.45 -19.62
N GLU V 91 37.09 -24.93 -20.39
CA GLU V 91 35.78 -24.26 -20.44
C GLU V 91 34.56 -25.03 -19.90
N VAL V 92 34.68 -26.34 -19.76
CA VAL V 92 33.56 -27.16 -19.30
C VAL V 92 33.73 -27.60 -17.84
N PHE V 93 34.90 -28.14 -17.50
CA PHE V 93 35.19 -28.52 -16.11
C PHE V 93 35.44 -27.26 -15.29
N ARG V 94 34.37 -26.74 -14.71
CA ARG V 94 34.45 -25.51 -13.96
C ARG V 94 33.55 -25.48 -12.74
N GLU V 95 34.03 -24.82 -11.69
CA GLU V 95 33.25 -24.59 -10.48
C GLU V 95 31.91 -23.97 -10.84
N GLU V 96 31.95 -22.94 -11.69
CA GLU V 96 30.76 -22.14 -12.02
C GLU V 96 29.76 -22.91 -12.88
N LEU V 97 30.25 -23.85 -13.67
CA LEU V 97 29.40 -24.59 -14.59
C LEU V 97 28.90 -25.93 -14.02
N GLY V 98 29.10 -26.12 -12.72
CA GLY V 98 28.50 -27.25 -12.00
C GLY V 98 29.38 -28.46 -11.80
N ALA V 99 30.66 -28.33 -12.13
CA ALA V 99 31.60 -29.42 -11.90
C ALA V 99 31.89 -29.60 -10.42
N ARG V 100 31.93 -30.85 -9.97
CA ARG V 100 32.35 -31.13 -8.60
C ARG V 100 33.89 -31.14 -8.54
N PRO V 101 34.47 -30.37 -7.61
CA PRO V 101 35.93 -30.21 -7.55
C PRO V 101 36.64 -31.52 -7.21
N ASP V 102 36.08 -32.25 -6.26
CA ASP V 102 36.62 -33.52 -5.78
C ASP V 102 36.50 -34.65 -6.80
N ALA V 103 35.57 -34.49 -7.74
CA ALA V 103 35.24 -35.54 -8.70
C ALA V 103 36.36 -35.82 -9.68
N THR V 104 36.63 -37.10 -9.90
CA THR V 104 37.66 -37.55 -10.84
C THR V 104 37.07 -37.44 -12.24
N LYS V 105 37.70 -36.63 -13.08
CA LYS V 105 37.08 -36.18 -14.34
C LYS V 105 37.34 -37.03 -15.58
N VAL V 106 36.25 -37.49 -16.20
CA VAL V 106 36.30 -38.38 -17.36
C VAL V 106 35.79 -37.70 -18.62
N LEU V 107 36.26 -38.17 -19.76
CA LEU V 107 35.90 -37.60 -21.06
C LEU V 107 35.68 -38.72 -22.08
N ILE V 108 34.52 -38.74 -22.71
CA ILE V 108 34.25 -39.66 -23.80
C ILE V 108 34.22 -38.93 -25.14
N ILE V 109 35.28 -39.11 -25.93
CA ILE V 109 35.37 -38.49 -27.25
C ILE V 109 34.86 -39.43 -28.35
N ILE V 110 33.84 -38.98 -29.08
CA ILE V 110 33.27 -39.77 -30.18
C ILE V 110 33.56 -39.07 -31.50
N THR V 111 34.45 -39.64 -32.30
CA THR V 111 34.91 -39.02 -33.54
C THR V 111 35.42 -40.11 -34.49
N ASP V 112 35.75 -39.72 -35.72
CA ASP V 112 36.51 -40.58 -36.64
C ASP V 112 38.00 -40.22 -36.66
N GLY V 113 38.37 -39.18 -35.92
CA GLY V 113 39.75 -38.77 -35.76
C GLY V 113 40.39 -38.28 -37.05
N GLU V 114 39.56 -38.07 -38.07
CA GLU V 114 39.98 -37.31 -39.24
C GLU V 114 39.93 -35.85 -38.80
N ALA V 115 40.95 -35.45 -38.04
CA ALA V 115 40.95 -34.14 -37.39
C ALA V 115 41.62 -33.12 -38.28
N THR V 116 41.03 -31.94 -38.30
CA THR V 116 41.44 -30.86 -39.20
C THR V 116 42.32 -29.76 -38.55
N ASP V 117 42.76 -29.98 -37.31
CA ASP V 117 43.75 -29.11 -36.68
C ASP V 117 44.86 -29.91 -35.98
N SER V 118 45.82 -29.19 -35.40
CA SER V 118 46.94 -29.83 -34.74
C SER V 118 47.27 -29.05 -33.49
N GLY V 119 47.96 -29.70 -32.55
CA GLY V 119 48.38 -29.06 -31.30
C GLY V 119 48.84 -30.04 -30.23
N ASN V 120 48.50 -29.74 -28.98
CA ASN V 120 48.72 -30.66 -27.87
C ASN V 120 47.55 -30.67 -26.89
N ILE V 121 47.41 -31.76 -26.15
CA ILE V 121 46.30 -31.85 -25.23
C ILE V 121 46.83 -31.84 -23.79
N ASP V 122 48.01 -31.26 -23.59
CA ASP V 122 48.62 -31.19 -22.26
C ASP V 122 47.66 -30.63 -21.21
N ALA V 123 46.80 -29.71 -21.65
CA ALA V 123 45.80 -29.05 -20.82
C ALA V 123 44.71 -30.00 -20.30
N ALA V 124 44.69 -31.21 -20.84
CA ALA V 124 43.71 -32.21 -20.46
C ALA V 124 44.34 -33.53 -20.03
N LYS V 125 45.60 -33.50 -19.60
CA LYS V 125 46.29 -34.71 -19.15
C LYS V 125 45.53 -35.41 -18.02
N ASP V 126 45.24 -34.67 -16.95
CA ASP V 126 44.60 -35.24 -15.76
C ASP V 126 43.18 -35.76 -16.01
N ILE V 127 42.57 -35.33 -17.12
CA ILE V 127 41.28 -35.89 -17.52
C ILE V 127 41.51 -37.24 -18.19
N ILE V 128 41.00 -38.30 -17.56
CA ILE V 128 41.05 -39.64 -18.11
C ILE V 128 40.05 -39.75 -19.27
N ARG V 129 40.56 -39.96 -20.48
CA ARG V 129 39.74 -39.89 -21.71
C ARG V 129 39.67 -41.16 -22.56
N TYR V 130 38.51 -41.83 -22.51
CA TYR V 130 38.15 -42.92 -23.42
C TYR V 130 37.72 -42.29 -24.72
N ILE V 131 38.28 -42.71 -25.84
CA ILE V 131 37.83 -42.20 -27.14
C ILE V 131 37.31 -43.33 -28.02
N ILE V 132 36.16 -43.12 -28.64
CA ILE V 132 35.54 -44.21 -29.40
C ILE V 132 35.31 -43.87 -30.85
N GLY V 133 35.76 -44.77 -31.73
CA GLY V 133 35.88 -44.47 -33.16
C GLY V 133 34.78 -44.95 -34.07
N ILE V 134 33.96 -44.00 -34.52
CA ILE V 134 32.95 -44.26 -35.53
C ILE V 134 33.35 -43.55 -36.83
N GLY V 135 32.96 -44.09 -37.98
CA GLY V 135 33.07 -43.34 -39.24
C GLY V 135 33.91 -43.98 -40.32
N LYS V 136 33.46 -43.89 -41.57
CA LYS V 136 34.16 -44.53 -42.69
C LYS V 136 35.55 -43.95 -42.83
N HIS V 137 35.77 -42.77 -42.25
CA HIS V 137 37.04 -42.08 -42.40
C HIS V 137 38.03 -42.34 -41.28
N SER V 138 37.63 -43.13 -40.30
CA SER V 138 38.52 -43.53 -39.22
C SER V 138 39.39 -44.74 -39.63
N GLN V 139 39.44 -45.01 -40.93
CA GLN V 139 40.06 -46.22 -41.44
C GLN V 139 41.44 -45.99 -42.04
N THR V 140 42.13 -44.96 -41.59
CA THR V 140 43.42 -44.64 -42.17
C THR V 140 44.52 -44.50 -41.15
N LYS V 141 45.75 -44.77 -41.59
CA LYS V 141 46.97 -44.59 -40.79
C LYS V 141 46.87 -43.34 -39.93
N GLU V 142 46.57 -42.20 -40.56
CA GLU V 142 46.53 -40.91 -39.89
C GLU V 142 45.47 -40.93 -38.81
N SER V 143 44.23 -41.19 -39.22
CA SER V 143 43.08 -41.17 -38.30
C SER V 143 43.29 -42.05 -37.07
N GLN V 144 43.78 -43.27 -37.30
CA GLN V 144 44.05 -44.19 -36.21
C GLN V 144 45.06 -43.61 -35.24
N GLU V 145 46.20 -43.15 -35.76
CA GLU V 145 47.22 -42.52 -34.93
C GLU V 145 46.68 -41.34 -34.16
N THR V 146 45.86 -40.52 -34.83
CA THR V 146 45.20 -39.37 -34.24
C THR V 146 44.29 -39.79 -33.07
N LEU V 147 43.55 -40.87 -33.27
CA LEU V 147 42.69 -41.41 -32.22
C LEU V 147 43.51 -41.82 -30.99
N HIS V 148 44.60 -42.56 -31.21
CA HIS V 148 45.48 -42.98 -30.11
C HIS V 148 46.15 -41.80 -29.41
N LYS V 149 46.33 -40.70 -30.15
CA LYS V 149 46.89 -39.48 -29.58
C LYS V 149 46.00 -38.87 -28.52
N PHE V 150 44.69 -38.95 -28.72
CA PHE V 150 43.71 -38.39 -27.78
C PHE V 150 43.48 -39.26 -26.57
N ALA V 151 43.71 -40.55 -26.70
CA ALA V 151 43.47 -41.51 -25.62
C ALA V 151 44.41 -41.41 -24.41
N SER V 152 43.90 -41.87 -23.26
CA SER V 152 44.74 -42.13 -22.09
C SER V 152 45.65 -43.31 -22.42
N LYS V 153 46.70 -43.49 -21.63
CA LYS V 153 47.65 -44.55 -21.89
C LYS V 153 47.48 -45.69 -20.88
N PRO V 154 47.83 -46.94 -21.26
CA PRO V 154 48.26 -47.39 -22.59
C PRO V 154 47.10 -47.40 -23.55
N ALA V 155 47.35 -46.86 -24.75
CA ALA V 155 46.33 -46.50 -25.72
C ALA V 155 45.24 -47.55 -25.96
N SER V 156 45.68 -48.79 -26.23
CA SER V 156 44.75 -49.86 -26.57
C SER V 156 44.06 -50.40 -25.31
N GLU V 157 43.35 -49.52 -24.62
CA GLU V 157 42.53 -49.85 -23.47
C GLU V 157 41.48 -48.78 -23.31
N PHE V 158 41.67 -47.69 -24.07
CA PHE V 158 40.80 -46.49 -24.03
C PHE V 158 40.28 -46.11 -25.43
N VAL V 159 40.55 -46.95 -26.42
CA VAL V 159 40.09 -46.77 -27.80
C VAL V 159 39.29 -47.98 -28.25
N LYS V 160 38.02 -47.78 -28.62
CA LYS V 160 37.27 -48.85 -29.30
C LYS V 160 36.43 -48.32 -30.45
N ILE V 161 36.05 -49.22 -31.37
CA ILE V 161 35.08 -48.90 -32.45
C ILE V 161 33.62 -49.13 -31.97
N LEU V 162 32.75 -48.14 -32.24
CA LEU V 162 31.38 -48.01 -31.66
C LEU V 162 30.47 -49.26 -31.74
N ASP V 163 30.64 -50.06 -32.80
CA ASP V 163 29.77 -51.24 -33.12
C ASP V 163 28.28 -50.85 -33.27
N THR V 164 27.41 -51.81 -32.98
CA THR V 164 25.99 -51.51 -32.75
C THR V 164 25.76 -51.41 -31.22
N PHE V 165 26.70 -50.74 -30.54
CA PHE V 165 26.78 -50.60 -29.07
C PHE V 165 26.92 -51.95 -28.35
N GLU V 166 28.10 -52.59 -28.48
CA GLU V 166 28.42 -53.82 -27.71
C GLU V 166 29.07 -53.48 -26.37
N LYS V 167 29.73 -52.32 -26.34
CA LYS V 167 30.39 -51.74 -25.16
C LYS V 167 29.46 -51.53 -23.97
N LEU V 168 28.15 -51.48 -24.25
CA LEU V 168 27.13 -51.27 -23.23
C LEU V 168 27.07 -52.43 -22.22
N LYS V 169 27.94 -53.42 -22.41
CA LYS V 169 28.29 -54.39 -21.37
C LYS V 169 29.78 -54.29 -21.05
N ASP V 170 30.58 -53.90 -22.05
CA ASP V 170 32.05 -53.85 -21.95
C ASP V 170 32.52 -52.64 -21.16
N LEU V 171 32.55 -51.49 -21.83
CA LEU V 171 32.92 -50.21 -21.23
C LEU V 171 32.17 -49.94 -19.91
N PHE V 172 30.94 -50.45 -19.83
CA PHE V 172 30.04 -50.16 -18.71
C PHE V 172 30.50 -50.79 -17.41
N THR V 173 30.92 -52.05 -17.49
CA THR V 173 31.44 -52.76 -16.32
C THR V 173 32.84 -52.24 -15.94
N GLU V 174 33.40 -51.40 -16.80
CA GLU V 174 34.65 -50.71 -16.50
C GLU V 174 34.37 -49.25 -16.10
N LEU V 175 33.18 -48.76 -16.46
CA LEU V 175 32.70 -47.44 -15.99
C LEU V 175 31.98 -47.57 -14.66
N GLN V 176 31.74 -48.81 -14.24
CA GLN V 176 31.27 -49.12 -12.89
C GLN V 176 32.45 -49.27 -11.91
N LYS V 177 33.67 -49.08 -12.43
CA LYS V 177 34.89 -48.95 -11.64
C LYS V 177 34.90 -47.60 -10.92
N LYS V 178 34.74 -46.53 -11.73
CA LYS V 178 34.88 -45.13 -11.30
C LYS V 178 34.00 -44.70 -10.11
N ILE V 179 32.79 -45.25 -10.02
CA ILE V 179 31.87 -44.92 -8.92
C ILE V 179 32.42 -45.42 -7.58
N TYR V 180 33.29 -46.44 -7.64
CA TYR V 180 33.73 -47.21 -6.46
C TYR V 180 32.51 -47.70 -5.67
N MET W 1 25.55 -19.04 -57.65
CA MET W 1 27.05 -18.98 -57.42
C MET W 1 27.59 -17.59 -57.20
N VAL W 2 28.28 -17.36 -56.09
CA VAL W 2 28.96 -16.07 -55.89
C VAL W 2 30.43 -16.22 -55.66
N SER W 3 31.07 -15.08 -55.64
CA SER W 3 32.47 -14.98 -55.50
C SER W 3 32.70 -13.61 -54.86
N VAL W 4 33.63 -13.50 -53.90
CA VAL W 4 33.94 -12.20 -53.29
C VAL W 4 35.41 -11.89 -53.41
N SER W 5 35.74 -10.64 -53.68
CA SER W 5 37.14 -10.23 -53.63
C SER W 5 37.34 -8.81 -53.16
N PRO W 6 38.40 -8.57 -52.39
CA PRO W 6 39.42 -9.54 -52.00
C PRO W 6 38.84 -10.56 -51.03
N SER W 7 39.37 -11.77 -51.02
CA SER W 7 38.90 -12.80 -50.11
C SER W 7 39.29 -12.49 -48.68
N LYS W 8 40.45 -11.88 -48.51
CA LYS W 8 40.93 -11.51 -47.19
C LYS W 8 41.79 -10.25 -47.27
N VAL W 9 41.45 -9.22 -46.49
CA VAL W 9 42.32 -8.02 -46.40
C VAL W 9 42.89 -7.83 -45.02
N THR W 10 44.06 -7.21 -44.94
CA THR W 10 44.55 -6.59 -43.71
C THR W 10 44.53 -5.08 -43.88
N LEU W 11 44.04 -4.37 -42.87
CA LEU W 11 44.05 -2.91 -42.98
C LEU W 11 44.08 -2.25 -41.61
N PRO W 12 44.68 -1.04 -41.54
CA PRO W 12 44.82 -0.33 -40.28
C PRO W 12 43.50 0.14 -39.67
N ARG W 13 43.41 0.02 -38.36
CA ARG W 13 42.21 0.37 -37.63
C ARG W 13 41.69 1.68 -38.12
N GLY W 14 40.43 1.67 -38.55
CA GLY W 14 39.77 2.88 -39.04
C GLY W 14 39.95 3.12 -40.53
N GLY W 15 40.47 2.11 -41.22
CA GLY W 15 40.62 2.14 -42.67
C GLY W 15 39.32 1.84 -43.41
N SER W 16 39.45 1.53 -44.70
CA SER W 16 38.30 1.17 -45.55
C SER W 16 38.68 0.24 -46.69
N VAL W 17 37.77 -0.65 -47.05
CA VAL W 17 37.96 -1.54 -48.20
C VAL W 17 36.73 -1.59 -49.05
N LEU W 18 36.92 -1.62 -50.36
CA LEU W 18 35.82 -1.99 -51.17
C LEU W 18 35.88 -3.51 -51.35
N VAL W 19 34.72 -4.15 -51.35
CA VAL W 19 34.65 -5.53 -51.74
C VAL W 19 33.68 -5.62 -52.90
N THR W 20 33.84 -6.67 -53.71
CA THR W 20 33.01 -6.92 -54.89
C THR W 20 32.32 -8.27 -54.79
N CYS W 21 30.99 -8.26 -54.66
CA CYS W 21 30.22 -9.48 -54.78
C CYS W 21 29.90 -9.67 -56.23
N SER W 22 30.34 -10.79 -56.79
CA SER W 22 30.05 -11.12 -58.19
C SER W 22 29.28 -12.43 -58.27
N ALA W 23 28.22 -12.44 -59.05
CA ALA W 23 27.41 -13.64 -59.18
C ALA W 23 27.65 -14.25 -60.55
N SER W 24 27.35 -15.54 -60.69
CA SER W 24 27.56 -16.25 -61.94
C SER W 24 26.38 -16.13 -62.87
N CYS W 25 25.19 -16.31 -62.33
CA CYS W 25 23.95 -16.11 -63.05
C CYS W 25 23.94 -14.67 -63.44
N ASP W 26 23.66 -14.36 -64.70
CA ASP W 26 23.97 -12.98 -65.20
C ASP W 26 22.86 -11.93 -65.00
N GLN W 27 21.75 -12.36 -64.40
CA GLN W 27 20.71 -11.48 -63.92
C GLN W 27 20.15 -12.09 -62.64
N PRO W 28 20.83 -11.85 -61.50
CA PRO W 28 20.54 -12.60 -60.27
C PRO W 28 19.31 -12.08 -59.67
N LYS W 29 18.44 -12.98 -59.22
CA LYS W 29 17.14 -12.65 -58.64
C LYS W 29 17.36 -11.73 -57.43
N LEU W 30 18.54 -11.82 -56.85
CA LEU W 30 18.85 -11.02 -55.69
C LEU W 30 20.33 -11.19 -55.40
N LEU W 31 21.05 -10.08 -55.15
CA LEU W 31 22.50 -10.13 -54.93
C LEU W 31 22.96 -9.02 -54.02
N GLY W 32 23.56 -9.40 -52.91
CA GLY W 32 24.03 -8.43 -51.96
C GLY W 32 25.05 -8.92 -50.97
N ILE W 33 25.24 -8.13 -49.92
CA ILE W 33 26.19 -8.47 -48.88
C ILE W 33 25.51 -8.47 -47.51
N GLU W 34 26.01 -9.35 -46.62
CA GLU W 34 25.48 -9.52 -45.28
C GLU W 34 26.62 -9.24 -44.36
N THR W 35 26.52 -8.13 -43.64
CA THR W 35 27.56 -7.75 -42.67
C THR W 35 26.99 -6.84 -41.63
N PRO W 36 27.67 -6.75 -40.47
CA PRO W 36 27.24 -5.81 -39.44
C PRO W 36 28.02 -4.51 -39.49
N LEU W 37 28.97 -4.41 -40.43
CA LEU W 37 29.74 -3.18 -40.68
C LEU W 37 28.84 -2.17 -41.37
N VAL W 38 29.26 -0.93 -41.41
CA VAL W 38 28.53 0.09 -42.18
C VAL W 38 28.97 0.04 -43.64
N LYS W 39 27.98 -0.02 -44.54
CA LYS W 39 28.29 -0.29 -45.94
C LYS W 39 27.64 0.72 -46.87
N LYS W 40 28.26 0.96 -48.03
CA LYS W 40 27.69 1.82 -49.07
C LYS W 40 28.03 1.24 -50.43
N GLU W 41 27.01 1.01 -51.27
CA GLU W 41 27.28 0.40 -52.59
C GLU W 41 27.51 1.45 -53.63
N LEU W 42 27.91 1.08 -54.84
CA LEU W 42 28.37 2.06 -55.81
C LEU W 42 27.60 2.25 -57.15
N LEU W 43 28.33 2.63 -58.20
CA LEU W 43 27.76 2.75 -59.54
C LEU W 43 27.65 1.35 -60.09
N LEU W 44 26.46 1.01 -60.55
CA LEU W 44 26.11 -0.38 -60.86
C LEU W 44 26.42 -0.85 -62.29
N PRO W 45 26.58 0.08 -63.25
CA PRO W 45 26.23 -0.27 -64.63
C PRO W 45 26.33 -1.79 -64.85
N GLY W 46 25.21 -2.49 -64.69
CA GLY W 46 25.19 -3.95 -64.77
C GLY W 46 24.92 -4.60 -63.43
N ASN W 47 24.28 -5.77 -63.45
CA ASN W 47 23.85 -6.43 -62.22
C ASN W 47 24.55 -7.75 -61.87
N ASN W 48 25.65 -8.03 -62.57
CA ASN W 48 26.43 -9.20 -62.25
C ASN W 48 27.14 -9.05 -60.96
N ARG W 49 27.54 -7.82 -60.66
CA ARG W 49 28.28 -7.50 -59.44
C ARG W 49 27.86 -6.18 -58.81
N LYS W 50 27.84 -6.16 -57.48
CA LYS W 50 27.80 -4.92 -56.70
C LYS W 50 29.15 -4.76 -56.03
N VAL W 51 29.48 -3.52 -55.69
CA VAL W 51 30.75 -3.20 -55.05
C VAL W 51 30.40 -2.43 -53.78
N TYR W 52 30.67 -2.99 -52.64
CA TYR W 52 30.33 -2.29 -51.43
C TYR W 52 31.56 -1.73 -50.80
N GLU W 53 31.47 -0.49 -50.30
CA GLU W 53 32.56 0.14 -49.57
C GLU W 53 32.29 0.01 -48.07
N LEU W 54 33.17 -0.69 -47.37
CA LEU W 54 33.12 -0.79 -45.92
C LEU W 54 34.07 0.21 -45.33
N SER W 55 33.54 1.28 -44.78
CA SER W 55 34.37 2.39 -44.32
C SER W 55 34.59 2.33 -42.84
N ASN W 56 35.64 3.04 -42.40
CA ASN W 56 36.08 3.11 -41.00
C ASN W 56 35.91 1.81 -40.21
N VAL W 57 36.56 0.73 -40.65
CA VAL W 57 36.37 -0.55 -39.97
C VAL W 57 37.25 -0.56 -38.72
N GLN W 58 36.67 -0.96 -37.60
CA GLN W 58 37.29 -0.69 -36.31
C GLN W 58 37.88 -1.92 -35.62
N GLU W 59 37.24 -3.06 -35.79
CA GLU W 59 37.76 -4.29 -35.21
C GLU W 59 37.77 -5.36 -36.28
N ASP W 60 38.47 -6.48 -36.03
CA ASP W 60 38.47 -7.63 -36.95
C ASP W 60 37.07 -7.96 -37.37
N SER W 61 36.84 -8.16 -38.66
CA SER W 61 35.49 -8.34 -39.15
C SER W 61 35.32 -9.25 -40.32
N GLN W 62 34.08 -9.69 -40.52
CA GLN W 62 33.73 -10.55 -41.65
C GLN W 62 32.66 -9.91 -42.48
N VAL W 63 32.54 -10.38 -43.70
CA VAL W 63 31.54 -9.86 -44.60
C VAL W 63 31.21 -11.04 -45.50
N MET W 64 29.96 -11.10 -45.96
CA MET W 64 29.44 -12.29 -46.66
C MET W 64 28.62 -11.91 -47.88
N CYS W 65 29.11 -12.23 -49.09
CA CYS W 65 28.34 -12.05 -50.32
C CYS W 65 27.30 -13.16 -50.46
N TYR W 66 26.15 -12.82 -51.02
CA TYR W 66 25.18 -13.82 -51.39
C TYR W 66 24.62 -13.51 -52.77
N ALA W 67 24.25 -14.54 -53.51
CA ALA W 67 23.49 -14.30 -54.70
C ALA W 67 22.52 -15.40 -54.92
N ASN W 68 21.26 -15.01 -55.01
CA ASN W 68 20.17 -15.92 -55.32
C ASN W 68 20.07 -16.03 -56.82
N CYS W 69 20.40 -17.21 -57.32
CA CYS W 69 20.46 -17.50 -58.74
C CYS W 69 19.42 -18.51 -59.12
N PRO W 70 19.23 -18.74 -60.41
CA PRO W 70 18.50 -19.88 -60.90
C PRO W 70 18.94 -21.14 -60.21
N ASP W 71 20.25 -21.31 -60.06
CA ASP W 71 20.82 -22.54 -59.54
C ASP W 71 20.67 -22.69 -58.04
N GLY W 72 20.50 -21.59 -57.32
CA GLY W 72 20.29 -21.64 -55.86
C GLY W 72 20.82 -20.38 -55.23
N GLN W 73 20.94 -20.36 -53.91
CA GLN W 73 21.53 -19.21 -53.20
C GLN W 73 22.97 -19.55 -52.86
N SER W 74 23.90 -18.67 -53.21
CA SER W 74 25.27 -18.93 -52.83
C SER W 74 25.94 -17.91 -51.92
N THR W 75 26.83 -18.40 -51.06
CA THR W 75 27.51 -17.54 -50.11
C THR W 75 29.03 -17.40 -50.36
N ALA W 76 29.63 -16.29 -49.97
CA ALA W 76 31.07 -16.19 -49.98
C ALA W 76 31.55 -15.13 -49.00
N LYS W 77 32.40 -15.54 -48.03
CA LYS W 77 32.90 -14.69 -46.91
C LYS W 77 34.23 -14.09 -47.22
N ALA W 78 34.45 -12.86 -46.76
CA ALA W 78 35.75 -12.20 -46.90
C ALA W 78 36.15 -11.81 -45.52
N PHE W 79 37.41 -12.07 -45.12
CA PHE W 79 37.85 -11.66 -43.77
C PHE W 79 38.65 -10.35 -43.67
N LEU W 80 38.13 -9.39 -42.92
CA LEU W 80 38.81 -8.14 -42.75
C LEU W 80 39.63 -8.16 -41.49
N THR W 81 40.92 -7.93 -41.62
CA THR W 81 41.83 -7.98 -40.48
C THR W 81 42.35 -6.57 -40.24
N VAL W 82 42.21 -6.14 -39.00
CA VAL W 82 42.49 -4.79 -38.62
C VAL W 82 43.62 -4.80 -37.61
N TYR W 83 44.57 -3.87 -37.72
CA TYR W 83 45.64 -3.73 -36.72
C TYR W 83 45.68 -2.33 -36.18
N TRP W 84 46.14 -2.20 -34.94
CA TRP W 84 46.07 -0.92 -34.24
C TRP W 84 47.25 0.00 -34.59
N THR W 85 47.07 1.28 -34.29
CA THR W 85 48.11 2.26 -34.54
C THR W 85 48.45 3.05 -33.25
N MET X 1 -9.46 -17.07 -23.69
CA MET X 1 -8.91 -17.46 -25.02
C MET X 1 -7.41 -17.71 -24.99
N ASN X 2 -7.02 -18.92 -25.37
CA ASN X 2 -5.62 -19.29 -25.41
C ASN X 2 -4.93 -18.65 -26.60
N VAL X 3 -3.64 -18.38 -26.45
CA VAL X 3 -2.83 -17.76 -27.49
C VAL X 3 -1.55 -18.54 -27.63
N ASP X 4 -1.24 -18.95 -28.85
CA ASP X 4 0.02 -19.56 -29.19
C ASP X 4 0.85 -18.46 -29.82
N LEU X 5 1.89 -18.02 -29.13
CA LEU X 5 2.78 -16.99 -29.66
C LEU X 5 4.16 -17.53 -29.96
N VAL X 6 4.68 -17.21 -31.14
CA VAL X 6 6.01 -17.66 -31.56
C VAL X 6 6.92 -16.48 -31.81
N PHE X 7 8.08 -16.51 -31.16
CA PHE X 7 9.15 -15.60 -31.48
C PHE X 7 9.96 -16.11 -32.69
N LEU X 8 9.91 -15.38 -33.81
CA LEU X 8 10.84 -15.59 -34.92
C LEU X 8 11.93 -14.52 -34.88
N PHE X 9 13.13 -14.91 -34.50
CA PHE X 9 14.17 -13.91 -34.23
C PHE X 9 15.41 -14.04 -35.13
N ASP X 10 15.90 -12.86 -35.56
CA ASP X 10 16.93 -12.72 -36.61
C ASP X 10 18.31 -12.96 -36.03
N GLY X 11 18.91 -14.09 -36.38
CA GLY X 11 20.24 -14.39 -35.92
C GLY X 11 21.22 -14.30 -37.07
N SER X 12 20.88 -13.50 -38.08
CA SER X 12 21.74 -13.31 -39.25
C SER X 12 22.96 -12.51 -38.84
N MET X 13 23.97 -12.49 -39.71
CA MET X 13 25.22 -11.80 -39.43
C MET X 13 25.08 -10.27 -39.33
N SER X 14 24.08 -9.75 -40.03
CA SER X 14 23.83 -8.32 -40.15
C SER X 14 23.48 -7.64 -38.82
N LEU X 15 23.20 -8.45 -37.80
CA LEU X 15 22.96 -7.94 -36.46
C LEU X 15 24.18 -8.10 -35.56
N GLN X 16 24.53 -7.03 -34.87
CA GLN X 16 25.69 -7.07 -34.00
C GLN X 16 25.46 -8.09 -32.91
N PRO X 17 26.53 -8.62 -32.29
CA PRO X 17 26.27 -9.67 -31.31
C PRO X 17 25.60 -9.11 -30.07
N ASP X 18 25.89 -7.86 -29.75
CA ASP X 18 25.25 -7.21 -28.63
C ASP X 18 23.80 -6.90 -28.97
N GLU X 19 23.52 -6.65 -30.24
CA GLU X 19 22.13 -6.49 -30.68
C GLU X 19 21.35 -7.79 -30.53
N PHE X 20 22.02 -8.91 -30.76
CA PHE X 20 21.39 -10.23 -30.69
C PHE X 20 21.04 -10.50 -29.26
N GLN X 21 21.97 -10.22 -28.37
CA GLN X 21 21.75 -10.38 -26.95
C GLN X 21 20.54 -9.60 -26.50
N LYS X 22 20.37 -8.39 -27.03
CA LYS X 22 19.19 -7.55 -26.73
C LYS X 22 17.90 -8.22 -27.15
N ILE X 23 17.95 -9.03 -28.22
CA ILE X 23 16.77 -9.77 -28.73
C ILE X 23 16.41 -10.93 -27.80
N LEU X 24 17.41 -11.67 -27.33
CA LEU X 24 17.18 -12.70 -26.32
C LEU X 24 16.60 -12.10 -25.05
N ASP X 25 17.27 -11.09 -24.51
CA ASP X 25 16.84 -10.42 -23.32
C ASP X 25 15.43 -9.85 -23.50
N PHE X 26 15.04 -9.58 -24.74
CA PHE X 26 13.70 -9.08 -25.02
C PHE X 26 12.67 -10.18 -24.89
N MET X 27 12.94 -11.32 -25.53
CA MET X 27 12.03 -12.44 -25.48
C MET X 27 11.83 -12.92 -24.05
N LYS X 28 12.92 -12.98 -23.28
CA LYS X 28 12.85 -13.37 -21.89
C LYS X 28 11.99 -12.40 -21.08
N ASP X 29 12.04 -11.11 -21.43
CA ASP X 29 11.25 -10.07 -20.76
C ASP X 29 9.76 -10.19 -21.03
N VAL X 30 9.40 -10.65 -22.22
CA VAL X 30 8.01 -10.82 -22.61
C VAL X 30 7.44 -12.07 -21.93
N MET X 31 8.22 -13.14 -21.90
CA MET X 31 7.76 -14.40 -21.33
C MET X 31 7.61 -14.32 -19.82
N LYS X 32 8.56 -13.66 -19.17
CA LYS X 32 8.52 -13.46 -17.72
C LYS X 32 7.24 -12.72 -17.39
N LYS X 33 6.99 -11.64 -18.12
CA LYS X 33 5.83 -10.78 -17.92
C LYS X 33 4.56 -11.29 -18.61
N LEU X 34 4.46 -12.61 -18.76
CA LEU X 34 3.25 -13.27 -19.26
C LEU X 34 3.13 -14.70 -18.73
N SER X 35 3.70 -14.96 -17.56
CA SER X 35 3.63 -16.28 -16.93
C SER X 35 2.24 -16.60 -16.34
N ASN X 36 1.25 -16.46 -17.22
CA ASN X 36 -0.07 -17.04 -17.04
C ASN X 36 -0.26 -18.09 -18.14
N THR X 37 -1.18 -19.03 -17.93
CA THR X 37 -1.44 -20.15 -18.86
C THR X 37 -1.84 -19.70 -20.27
N SER X 38 -2.74 -18.71 -20.34
CA SER X 38 -3.29 -18.22 -21.60
C SER X 38 -2.23 -18.24 -22.73
N TYR X 39 -1.11 -17.57 -22.52
CA TYR X 39 -0.04 -17.58 -23.48
C TYR X 39 0.80 -18.84 -23.33
N GLN X 40 0.97 -19.56 -24.45
CA GLN X 40 1.91 -20.67 -24.59
C GLN X 40 2.94 -20.22 -25.63
N PHE X 41 4.23 -20.40 -25.38
CA PHE X 41 5.25 -19.85 -26.27
C PHE X 41 6.06 -20.87 -27.05
N ALA X 42 6.82 -20.37 -28.01
CA ALA X 42 7.82 -21.14 -28.76
C ALA X 42 8.70 -20.18 -29.51
N ALA X 43 10.00 -20.45 -29.57
CA ALA X 43 10.92 -19.54 -30.26
C ALA X 43 11.70 -20.25 -31.34
N VAL X 44 11.81 -19.60 -32.51
CA VAL X 44 12.66 -20.08 -33.62
C VAL X 44 13.60 -18.97 -34.13
N GLN X 45 14.89 -19.31 -34.14
CA GLN X 45 15.94 -18.48 -34.73
C GLN X 45 16.07 -18.80 -36.21
N PHE X 46 16.12 -17.75 -37.03
CA PHE X 46 16.32 -17.90 -38.45
C PHE X 46 17.55 -17.11 -38.86
N SER X 47 18.27 -17.67 -39.81
CA SER X 47 19.35 -16.99 -40.46
C SER X 47 19.39 -17.47 -41.88
N THR X 48 20.34 -18.35 -42.21
CA THR X 48 20.32 -18.90 -43.54
C THR X 48 19.24 -19.94 -43.51
N SER X 49 19.23 -20.75 -42.45
CA SER X 49 18.17 -21.77 -42.25
C SER X 49 17.49 -21.50 -40.94
N TYR X 50 16.72 -22.46 -40.45
CA TYR X 50 15.85 -22.22 -39.31
C TYR X 50 16.04 -23.32 -38.29
N LYS X 51 15.97 -22.97 -37.03
CA LYS X 51 15.90 -23.99 -35.98
C LYS X 51 14.98 -23.51 -34.87
N THR X 52 14.05 -24.37 -34.44
CA THR X 52 13.21 -23.99 -33.31
C THR X 52 14.01 -24.25 -32.06
N GLU X 53 14.16 -23.19 -31.27
CA GLU X 53 14.95 -23.25 -30.04
C GLU X 53 14.18 -23.89 -28.88
N PHE X 54 12.85 -23.77 -28.91
CA PHE X 54 11.97 -24.60 -28.06
C PHE X 54 10.53 -24.70 -28.59
N ASP X 55 9.89 -25.85 -28.34
CA ASP X 55 8.51 -26.11 -28.73
C ASP X 55 7.55 -25.46 -27.77
N PHE X 56 6.27 -25.49 -28.12
CA PHE X 56 5.25 -25.20 -27.14
C PHE X 56 5.33 -26.32 -26.10
N SER X 57 5.43 -27.56 -26.55
CA SER X 57 5.66 -28.71 -25.68
C SER X 57 6.72 -28.43 -24.61
N ASP X 58 7.75 -27.69 -24.99
CA ASP X 58 8.89 -27.42 -24.12
C ASP X 58 8.59 -26.33 -23.11
N TYR X 59 7.88 -25.30 -23.54
CA TYR X 59 7.45 -24.23 -22.65
C TYR X 59 6.45 -24.78 -21.66
N VAL X 60 5.49 -25.54 -22.15
CA VAL X 60 4.52 -26.21 -21.30
C VAL X 60 5.21 -27.10 -20.25
N LYS X 61 6.36 -27.70 -20.60
CA LYS X 61 7.08 -28.60 -19.67
C LYS X 61 8.02 -27.87 -18.71
N TRP X 62 9.16 -27.41 -19.24
CA TRP X 62 10.21 -26.74 -18.47
C TRP X 62 9.69 -25.41 -17.83
N LYS X 63 9.01 -24.58 -18.64
CA LYS X 63 8.42 -23.30 -18.19
C LYS X 63 9.36 -22.22 -17.71
N ASP X 64 10.66 -22.48 -17.70
CA ASP X 64 11.66 -21.51 -17.28
C ASP X 64 12.27 -20.81 -18.50
N PRO X 65 11.81 -19.59 -18.81
CA PRO X 65 12.25 -18.92 -20.03
C PRO X 65 13.73 -18.58 -20.04
N ASP X 66 14.33 -18.43 -18.89
CA ASP X 66 15.75 -18.16 -18.81
C ASP X 66 16.52 -19.39 -19.25
N ALA X 67 16.14 -20.55 -18.72
CA ALA X 67 16.87 -21.77 -19.02
C ALA X 67 16.42 -22.37 -20.34
N LEU X 68 15.31 -21.85 -20.88
CA LEU X 68 14.78 -22.32 -22.18
C LEU X 68 15.60 -21.86 -23.37
N LEU X 69 16.02 -20.61 -23.33
CA LEU X 69 16.81 -20.00 -24.38
C LEU X 69 18.28 -19.96 -23.99
N LYS X 70 18.65 -20.65 -22.91
CA LYS X 70 20.00 -20.49 -22.41
C LYS X 70 21.05 -21.08 -23.35
N HIS X 71 20.62 -21.93 -24.28
CA HIS X 71 21.57 -22.59 -25.15
C HIS X 71 21.57 -22.16 -26.61
N VAL X 72 21.05 -20.97 -26.89
CA VAL X 72 21.01 -20.44 -28.26
C VAL X 72 22.47 -20.17 -28.73
N LYS X 73 22.77 -20.41 -30.01
CA LYS X 73 24.01 -19.92 -30.62
C LYS X 73 23.65 -18.96 -31.71
N HIS X 74 24.30 -17.80 -31.72
CA HIS X 74 24.07 -16.85 -32.77
C HIS X 74 24.49 -17.46 -34.11
N MET X 75 23.54 -17.57 -35.05
CA MET X 75 23.77 -18.32 -36.29
C MET X 75 24.76 -17.65 -37.22
N LEU X 76 24.58 -16.34 -37.40
CA LEU X 76 25.55 -15.47 -38.10
C LEU X 76 25.79 -15.84 -39.57
N LEU X 77 24.70 -16.04 -40.31
CA LEU X 77 24.73 -16.26 -41.76
C LEU X 77 23.59 -15.47 -42.39
N LEU X 78 23.25 -15.71 -43.65
CA LEU X 78 22.28 -14.85 -44.35
C LEU X 78 20.93 -14.67 -43.63
N THR X 79 20.11 -13.77 -44.15
CA THR X 79 18.85 -13.39 -43.50
C THR X 79 17.72 -13.81 -44.38
N ASN X 80 17.31 -15.08 -44.30
CA ASN X 80 16.26 -15.65 -45.16
C ASN X 80 14.81 -15.57 -44.64
N THR X 81 14.39 -14.35 -44.28
CA THR X 81 13.18 -14.12 -43.55
C THR X 81 11.96 -14.77 -44.20
N PHE X 82 11.80 -14.62 -45.50
CA PHE X 82 10.61 -15.15 -46.15
C PHE X 82 10.33 -16.63 -45.85
N GLY X 83 11.34 -17.46 -46.09
CA GLY X 83 11.20 -18.89 -45.83
C GLY X 83 11.11 -19.15 -44.34
N ALA X 84 11.66 -18.24 -43.54
CA ALA X 84 11.56 -18.33 -42.09
C ALA X 84 10.11 -18.32 -41.61
N ILE X 85 9.34 -17.33 -42.11
CA ILE X 85 7.90 -17.25 -41.86
C ILE X 85 7.23 -18.58 -42.29
N ASN X 86 7.44 -18.97 -43.54
CA ASN X 86 6.81 -20.17 -43.97
C ASN X 86 7.12 -21.35 -43.08
N TYR X 87 8.33 -21.37 -42.53
CA TYR X 87 8.74 -22.47 -41.66
C TYR X 87 7.91 -22.45 -40.41
N VAL X 88 7.79 -21.28 -39.77
CA VAL X 88 6.91 -21.15 -38.59
C VAL X 88 5.50 -21.66 -38.86
N ALA X 89 4.89 -21.17 -39.95
CA ALA X 89 3.54 -21.54 -40.35
C ALA X 89 3.36 -23.04 -40.45
N THR X 90 4.24 -23.70 -41.20
CA THR X 90 4.07 -25.12 -41.47
C THR X 90 4.71 -26.06 -40.43
N GLU X 91 5.72 -25.58 -39.71
CA GLU X 91 6.53 -26.49 -38.90
C GLU X 91 6.47 -26.29 -37.39
N VAL X 92 5.98 -25.15 -36.95
CA VAL X 92 5.96 -24.83 -35.52
C VAL X 92 4.54 -24.94 -34.90
N PHE X 93 3.55 -24.34 -35.57
CA PHE X 93 2.15 -24.42 -35.16
C PHE X 93 1.63 -25.77 -35.56
N ARG X 94 1.79 -26.73 -34.66
CA ARG X 94 1.39 -28.13 -34.90
C ARG X 94 0.82 -28.82 -33.68
N GLU X 95 -0.16 -29.67 -33.92
CA GLU X 95 -0.74 -30.51 -32.88
C GLU X 95 0.36 -31.25 -32.11
N GLU X 96 1.28 -31.86 -32.84
CA GLU X 96 2.31 -32.73 -32.25
C GLU X 96 3.31 -31.92 -31.44
N LEU X 97 3.54 -30.67 -31.82
CA LEU X 97 4.58 -29.86 -31.18
C LEU X 97 4.03 -29.02 -30.05
N GLY X 98 2.79 -29.28 -29.67
CA GLY X 98 2.21 -28.68 -28.46
C GLY X 98 1.34 -27.46 -28.68
N ALA X 99 1.03 -27.13 -29.93
CA ALA X 99 0.13 -26.03 -30.22
C ALA X 99 -1.31 -26.37 -29.85
N ARG X 100 -1.99 -25.41 -29.23
CA ARG X 100 -3.41 -25.57 -28.95
C ARG X 100 -4.20 -25.21 -30.22
N PRO X 101 -5.10 -26.12 -30.65
CA PRO X 101 -5.81 -25.97 -31.93
C PRO X 101 -6.73 -24.76 -31.91
N ASP X 102 -7.46 -24.59 -30.81
CA ASP X 102 -8.42 -23.50 -30.63
C ASP X 102 -7.74 -22.13 -30.49
N ALA X 103 -6.47 -22.14 -30.08
CA ALA X 103 -5.73 -20.91 -29.78
C ALA X 103 -5.50 -20.03 -30.99
N THR X 104 -5.73 -18.74 -30.81
CA THR X 104 -5.54 -17.74 -31.86
C THR X 104 -4.06 -17.43 -31.94
N LYS X 105 -3.46 -17.71 -33.10
CA LYS X 105 -1.99 -17.80 -33.22
C LYS X 105 -1.26 -16.50 -33.59
N VAL X 106 -0.33 -16.08 -32.73
CA VAL X 106 0.41 -14.82 -32.88
C VAL X 106 1.87 -15.08 -33.21
N LEU X 107 2.51 -14.11 -33.87
CA LEU X 107 3.91 -14.23 -34.26
C LEU X 107 4.63 -12.91 -34.05
N ILE X 108 5.72 -12.94 -33.29
CA ILE X 108 6.55 -11.74 -33.08
C ILE X 108 7.85 -11.87 -33.86
N ILE X 109 7.98 -11.13 -34.95
CA ILE X 109 9.18 -11.20 -35.76
C ILE X 109 10.11 -10.05 -35.39
N ILE X 110 11.33 -10.40 -34.96
CA ILE X 110 12.36 -9.42 -34.63
C ILE X 110 13.52 -9.51 -35.64
N THR X 111 13.65 -8.49 -36.49
CA THR X 111 14.65 -8.49 -37.57
C THR X 111 14.96 -7.05 -37.98
N ASP X 112 15.90 -6.89 -38.90
CA ASP X 112 16.11 -5.59 -39.50
C ASP X 112 15.49 -5.56 -40.88
N GLY X 113 14.94 -6.72 -41.27
CA GLY X 113 14.25 -6.88 -42.55
C GLY X 113 15.13 -6.68 -43.78
N GLU X 114 16.44 -6.66 -43.56
CA GLU X 114 17.39 -6.71 -44.66
C GLU X 114 17.39 -8.18 -45.00
N ALA X 115 16.36 -8.60 -45.73
CA ALA X 115 16.11 -10.01 -45.98
C ALA X 115 16.78 -10.44 -47.26
N THR X 116 17.33 -11.66 -47.25
CA THR X 116 18.16 -12.17 -48.34
C THR X 116 17.47 -13.22 -49.20
N ASP X 117 16.15 -13.39 -49.04
CA ASP X 117 15.34 -14.17 -49.96
C ASP X 117 14.02 -13.50 -50.32
N SER X 118 13.25 -14.14 -51.20
CA SER X 118 11.99 -13.55 -51.68
C SER X 118 10.95 -14.63 -51.84
N GLY X 119 9.68 -14.22 -51.84
CA GLY X 119 8.58 -15.18 -51.90
C GLY X 119 7.25 -14.61 -51.44
N ASN X 120 6.43 -15.44 -50.81
CA ASN X 120 5.17 -14.97 -50.25
C ASN X 120 4.90 -15.59 -48.89
N ILE X 121 4.09 -14.93 -48.07
CA ILE X 121 3.80 -15.45 -46.76
C ILE X 121 2.35 -15.90 -46.68
N ASP X 122 1.77 -16.25 -47.83
CA ASP X 122 0.35 -16.64 -47.88
C ASP X 122 0.07 -17.74 -46.87
N ALA X 123 1.08 -18.59 -46.65
CA ALA X 123 0.97 -19.73 -45.74
C ALA X 123 0.82 -19.30 -44.27
N ALA X 124 1.00 -18.02 -43.99
CA ALA X 124 0.91 -17.52 -42.64
C ALA X 124 -0.04 -16.33 -42.50
N LYS X 125 -1.01 -16.23 -43.40
CA LYS X 125 -2.02 -15.16 -43.36
C LYS X 125 -2.78 -15.14 -42.04
N ASP X 126 -3.37 -16.27 -41.68
CA ASP X 126 -4.19 -16.36 -40.49
C ASP X 126 -3.41 -16.11 -39.17
N ILE X 127 -2.09 -16.26 -39.21
CA ILE X 127 -1.25 -15.90 -38.07
C ILE X 127 -1.10 -14.38 -38.01
N ILE X 128 -1.64 -13.78 -36.96
CA ILE X 128 -1.50 -12.34 -36.73
C ILE X 128 -0.07 -12.07 -36.30
N ARG X 129 0.64 -11.26 -37.09
CA ARG X 129 2.09 -11.05 -36.88
C ARG X 129 2.53 -9.60 -36.66
N TYR X 130 2.92 -9.30 -35.41
CA TYR X 130 3.58 -8.05 -35.04
C TYR X 130 5.04 -8.26 -35.40
N ILE X 131 5.64 -7.33 -36.15
CA ILE X 131 7.08 -7.40 -36.46
C ILE X 131 7.79 -6.18 -35.90
N ILE X 132 8.92 -6.39 -35.26
CA ILE X 132 9.62 -5.28 -34.61
C ILE X 132 11.06 -5.08 -35.09
N GLY X 133 11.38 -3.86 -35.45
CA GLY X 133 12.59 -3.55 -36.20
C GLY X 133 13.77 -3.01 -35.44
N ILE X 134 14.75 -3.89 -35.25
CA ILE X 134 16.05 -3.52 -34.70
C ILE X 134 17.13 -3.54 -35.80
N GLY X 135 18.17 -2.74 -35.66
CA GLY X 135 19.33 -2.93 -36.51
C GLY X 135 19.71 -1.81 -37.46
N LYS X 136 21.01 -1.54 -37.57
CA LYS X 136 21.44 -0.36 -38.32
C LYS X 136 20.97 -0.50 -39.74
N HIS X 137 20.68 -1.73 -40.15
CA HIS X 137 20.35 -1.96 -41.55
C HIS X 137 18.88 -1.88 -41.85
N SER X 138 18.07 -1.60 -40.84
CA SER X 138 16.66 -1.48 -41.07
C SER X 138 16.32 -0.07 -41.51
N GLN X 139 17.33 0.67 -41.94
CA GLN X 139 17.15 2.09 -42.20
C GLN X 139 17.03 2.43 -43.68
N THR X 140 16.59 1.47 -44.49
CA THR X 140 16.54 1.71 -45.93
C THR X 140 15.18 1.46 -46.54
N LYS X 141 14.92 2.15 -47.65
CA LYS X 141 13.69 1.99 -48.42
C LYS X 141 13.29 0.51 -48.49
N GLU X 142 14.23 -0.33 -48.91
CA GLU X 142 13.97 -1.75 -49.10
C GLU X 142 13.59 -2.35 -47.77
N SER X 143 14.48 -2.28 -46.79
CA SER X 143 14.24 -2.88 -45.48
C SER X 143 12.91 -2.49 -44.88
N GLN X 144 12.59 -1.20 -44.90
CA GLN X 144 11.32 -0.77 -44.35
C GLN X 144 10.15 -1.45 -45.05
N GLU X 145 10.16 -1.40 -46.39
CA GLU X 145 9.11 -2.05 -47.19
C GLU X 145 9.00 -3.53 -46.86
N THR X 146 10.15 -4.17 -46.74
CA THR X 146 10.21 -5.57 -46.38
C THR X 146 9.59 -5.81 -45.01
N LEU X 147 9.81 -4.88 -44.08
CA LEU X 147 9.23 -5.03 -42.76
C LEU X 147 7.72 -4.95 -42.83
N HIS X 148 7.20 -3.98 -43.58
CA HIS X 148 5.76 -3.81 -43.72
C HIS X 148 5.11 -4.99 -44.46
N LYS X 149 5.87 -5.64 -45.32
CA LYS X 149 5.38 -6.82 -46.05
C LYS X 149 5.09 -7.97 -45.11
N PHE X 150 5.88 -8.11 -44.06
CA PHE X 150 5.68 -9.20 -43.10
C PHE X 150 4.56 -8.93 -42.11
N ALA X 151 4.25 -7.65 -41.89
CA ALA X 151 3.23 -7.23 -40.90
C ALA X 151 1.78 -7.57 -41.26
N SER X 152 0.95 -7.69 -40.22
CA SER X 152 -0.48 -7.75 -40.40
C SER X 152 -0.93 -6.37 -40.86
N LYS X 153 -2.15 -6.28 -41.40
CA LYS X 153 -2.64 -4.99 -41.91
C LYS X 153 -3.68 -4.39 -40.95
N PRO X 154 -3.80 -3.04 -40.90
CA PRO X 154 -2.99 -2.05 -41.60
C PRO X 154 -1.61 -1.97 -40.99
N ALA X 155 -0.61 -1.95 -41.86
CA ALA X 155 0.78 -2.12 -41.48
C ALA X 155 1.23 -1.32 -40.26
N SER X 156 1.00 -0.01 -40.27
CA SER X 156 1.48 0.86 -39.20
C SER X 156 0.64 0.72 -37.94
N GLU X 157 0.59 -0.50 -37.42
CA GLU X 157 -0.07 -0.83 -36.17
C GLU X 157 0.55 -2.10 -35.63
N PHE X 158 1.37 -2.75 -36.48
CA PHE X 158 2.02 -4.02 -36.17
C PHE X 158 3.52 -3.96 -36.41
N VAL X 159 4.04 -2.77 -36.70
CA VAL X 159 5.46 -2.54 -36.90
C VAL X 159 5.95 -1.48 -35.89
N LYS X 160 6.93 -1.83 -35.03
CA LYS X 160 7.62 -0.78 -34.27
C LYS X 160 9.12 -0.99 -34.16
N ILE X 161 9.87 0.09 -33.90
CA ILE X 161 11.31 0.01 -33.60
C ILE X 161 11.57 -0.30 -32.09
N LEU X 162 12.45 -1.29 -31.82
CA LEU X 162 12.65 -1.94 -30.50
C LEU X 162 12.85 -1.00 -29.29
N ASP X 163 13.51 0.15 -29.52
CA ASP X 163 13.91 1.13 -28.48
C ASP X 163 14.86 0.50 -27.43
N THR X 164 14.79 1.04 -26.20
CA THR X 164 15.34 0.34 -25.04
C THR X 164 14.18 -0.39 -24.29
N PHE X 165 13.31 -1.03 -25.10
CA PHE X 165 12.05 -1.68 -24.69
C PHE X 165 11.05 -0.70 -24.00
N GLU X 166 10.45 0.21 -24.80
CA GLU X 166 9.35 1.11 -24.33
C GLU X 166 7.97 0.46 -24.49
N LYS X 167 7.91 -0.45 -25.49
CA LYS X 167 6.72 -1.27 -25.82
C LYS X 167 6.23 -2.13 -24.66
N LEU X 168 7.12 -2.40 -23.70
CA LEU X 168 6.80 -3.19 -22.51
C LEU X 168 5.71 -2.53 -21.61
N LYS X 169 5.22 -1.37 -22.06
CA LYS X 169 3.94 -0.81 -21.60
C LYS X 169 2.95 -0.67 -22.80
N ASP X 170 3.51 -0.50 -24.01
CA ASP X 170 2.73 -0.22 -25.23
C ASP X 170 2.10 -1.48 -25.79
N LEU X 171 2.93 -2.28 -26.46
CA LEU X 171 2.56 -3.58 -27.04
C LEU X 171 1.87 -4.50 -26.02
N PHE X 172 2.28 -4.39 -24.76
CA PHE X 172 1.83 -5.26 -23.69
C PHE X 172 0.36 -5.04 -23.36
N THR X 173 -0.06 -3.78 -23.26
CA THR X 173 -1.47 -3.45 -22.98
C THR X 173 -2.33 -3.75 -24.23
N GLU X 174 -1.68 -4.05 -25.34
CA GLU X 174 -2.37 -4.51 -26.55
C GLU X 174 -2.22 -6.03 -26.72
N LEU X 175 -1.23 -6.62 -26.04
CA LEU X 175 -1.11 -8.07 -25.94
C LEU X 175 -1.95 -8.62 -24.80
N GLN X 176 -2.44 -7.72 -23.96
CA GLN X 176 -3.40 -8.07 -22.93
C GLN X 176 -4.82 -8.06 -23.52
N LYS X 177 -4.92 -7.73 -24.81
CA LYS X 177 -6.16 -7.86 -25.57
C LYS X 177 -6.44 -9.34 -25.81
N LYS X 178 -5.44 -10.02 -26.38
CA LYS X 178 -5.58 -11.39 -26.87
C LYS X 178 -6.07 -12.41 -25.83
N ILE X 179 -5.69 -12.22 -24.57
CA ILE X 179 -6.09 -13.15 -23.51
C ILE X 179 -7.62 -13.10 -23.30
N TYR X 180 -8.22 -11.97 -23.67
CA TYR X 180 -9.61 -11.61 -23.32
C TYR X 180 -9.80 -11.73 -21.81
N MET Y 1 39.99 -44.59 13.99
CA MET Y 1 39.87 -44.81 15.47
C MET Y 1 41.09 -45.44 16.06
N VAL Y 2 41.72 -44.77 17.03
CA VAL Y 2 42.82 -45.38 17.79
C VAL Y 2 42.56 -45.53 19.25
N SER Y 3 43.49 -46.23 19.87
CA SER Y 3 43.43 -46.57 21.26
C SER Y 3 44.86 -46.74 21.70
N VAL Y 4 45.23 -46.20 22.85
CA VAL Y 4 46.60 -46.39 23.34
C VAL Y 4 46.58 -47.00 24.72
N SER Y 5 47.52 -47.91 24.97
CA SER Y 5 47.70 -48.45 26.32
C SER Y 5 49.13 -48.78 26.67
N PRO Y 6 49.51 -48.52 27.93
CA PRO Y 6 48.67 -48.00 28.99
C PRO Y 6 48.31 -46.56 28.73
N SER Y 7 47.16 -46.13 29.23
CA SER Y 7 46.74 -44.74 29.05
C SER Y 7 47.57 -43.79 29.90
N LYS Y 8 48.00 -44.26 31.06
CA LYS Y 8 48.86 -43.48 31.92
C LYS Y 8 49.83 -44.39 32.71
N VAL Y 9 51.13 -44.09 32.68
CA VAL Y 9 52.07 -44.83 33.53
C VAL Y 9 52.78 -43.92 34.50
N THR Y 10 53.13 -44.45 35.65
CA THR Y 10 54.18 -43.85 36.45
C THR Y 10 55.46 -44.68 36.37
N LEU Y 11 56.60 -44.02 36.23
CA LEU Y 11 57.84 -44.76 36.21
C LEU Y 11 59.03 -43.89 36.66
N PRO Y 12 60.06 -44.54 37.25
CA PRO Y 12 61.21 -43.86 37.79
C PRO Y 12 62.08 -43.23 36.72
N ARG Y 13 62.55 -42.02 37.00
CA ARG Y 13 63.41 -41.27 36.09
C ARG Y 13 64.46 -42.15 35.45
N GLY Y 14 64.47 -42.16 34.12
CA GLY Y 14 65.41 -43.02 33.37
C GLY Y 14 64.91 -44.43 33.05
N GLY Y 15 63.62 -44.66 33.30
CA GLY Y 15 62.99 -45.94 33.03
C GLY Y 15 62.57 -46.10 31.59
N SER Y 16 61.68 -47.05 31.33
CA SER Y 16 61.17 -47.29 29.98
C SER Y 16 59.79 -47.91 29.96
N VAL Y 17 59.01 -47.53 28.96
CA VAL Y 17 57.70 -48.11 28.81
C VAL Y 17 57.42 -48.47 27.38
N LEU Y 18 56.75 -49.60 27.19
CA LEU Y 18 56.23 -49.88 25.88
C LEU Y 18 54.79 -49.41 25.87
N VAL Y 19 54.40 -48.77 24.76
CA VAL Y 19 53.03 -48.39 24.52
C VAL Y 19 52.57 -49.06 23.25
N THR Y 20 51.27 -49.31 23.17
CA THR Y 20 50.68 -49.99 22.02
C THR Y 20 49.63 -49.10 21.38
N CYS Y 21 49.91 -48.64 20.17
CA CYS Y 21 48.92 -47.93 19.39
C CYS Y 21 48.16 -48.97 18.63
N SER Y 22 46.85 -49.02 18.87
CA SER Y 22 45.97 -49.98 18.19
C SER Y 22 44.89 -49.25 17.41
N ALA Y 23 44.71 -49.64 16.16
CA ALA Y 23 43.71 -49.02 15.30
C ALA Y 23 42.50 -49.92 15.11
N SER Y 24 41.34 -49.32 14.84
CA SER Y 24 40.13 -50.09 14.65
C SER Y 24 40.01 -50.62 13.22
N CYS Y 25 40.23 -49.74 12.24
CA CYS Y 25 40.28 -50.14 10.84
C CYS Y 25 41.41 -51.15 10.71
N ASP Y 26 41.13 -52.31 10.10
CA ASP Y 26 42.07 -53.43 10.25
C ASP Y 26 43.22 -53.46 9.23
N GLN Y 27 43.29 -52.45 8.38
CA GLN Y 27 44.45 -52.20 7.56
C GLN Y 27 44.59 -50.70 7.41
N PRO Y 28 45.22 -50.07 8.40
CA PRO Y 28 45.19 -48.62 8.46
C PRO Y 28 46.10 -48.04 7.40
N LYS Y 29 45.62 -47.01 6.73
CA LYS Y 29 46.38 -46.31 5.69
C LYS Y 29 47.72 -45.80 6.27
N LEU Y 30 47.75 -45.60 7.58
CA LEU Y 30 48.89 -45.05 8.26
C LEU Y 30 48.63 -45.12 9.76
N LEU Y 31 49.60 -45.63 10.52
CA LEU Y 31 49.45 -45.77 11.96
C LEU Y 31 50.77 -45.65 12.65
N GLY Y 32 50.86 -44.70 13.58
CA GLY Y 32 52.10 -44.52 14.31
C GLY Y 32 51.93 -43.74 15.60
N ILE Y 33 53.08 -43.27 16.12
CA ILE Y 33 53.10 -42.44 17.34
C ILE Y 33 53.78 -41.08 17.09
N GLU Y 34 53.33 -40.06 17.82
CA GLU Y 34 53.87 -38.72 17.71
C GLU Y 34 54.34 -38.35 19.11
N THR Y 35 55.66 -38.26 19.26
CA THR Y 35 56.28 -37.89 20.54
C THR Y 35 57.64 -37.29 20.31
N PRO Y 36 58.12 -36.51 21.28
CA PRO Y 36 59.47 -35.99 21.21
C PRO Y 36 60.45 -36.84 21.99
N LEU Y 37 59.95 -37.93 22.58
CA LEU Y 37 60.79 -38.92 23.26
C LEU Y 37 61.51 -39.77 22.22
N VAL Y 38 62.55 -40.49 22.64
CA VAL Y 38 63.22 -41.46 21.78
C VAL Y 38 62.46 -42.79 21.73
N LYS Y 39 62.17 -43.26 20.53
CA LYS Y 39 61.28 -44.39 20.37
C LYS Y 39 61.85 -45.46 19.46
N LYS Y 40 61.46 -46.72 19.70
CA LYS Y 40 61.82 -47.83 18.82
C LYS Y 40 60.65 -48.81 18.73
N GLU Y 41 60.16 -49.08 17.51
CA GLU Y 41 59.02 -49.99 17.37
C GLU Y 41 59.49 -51.44 17.30
N LEU Y 42 58.56 -52.39 17.27
CA LEU Y 42 58.93 -53.80 17.45
C LEU Y 42 58.57 -54.79 16.32
N LEU Y 43 58.37 -56.07 16.69
CA LEU Y 43 57.94 -57.09 15.76
C LEU Y 43 56.47 -56.84 15.48
N LEU Y 44 56.15 -56.75 14.20
CA LEU Y 44 54.84 -56.28 13.77
C LEU Y 44 53.73 -57.37 13.62
N PRO Y 45 54.11 -58.66 13.47
CA PRO Y 45 53.22 -59.55 12.72
C PRO Y 45 51.77 -59.07 12.74
N GLY Y 46 51.37 -58.30 11.72
CA GLY Y 46 50.04 -57.67 11.66
C GLY Y 46 50.11 -56.15 11.79
N ASN Y 47 49.18 -55.46 11.14
CA ASN Y 47 49.22 -54.00 11.08
C ASN Y 47 48.09 -53.26 11.81
N ASN Y 48 47.38 -53.99 12.67
CA ASN Y 48 46.36 -53.38 13.54
C ASN Y 48 46.97 -52.55 14.65
N ARG Y 49 48.16 -52.97 15.09
CA ARG Y 49 48.86 -52.30 16.16
C ARG Y 49 50.36 -52.29 15.96
N LYS Y 50 50.97 -51.15 16.31
CA LYS Y 50 52.41 -51.09 16.53
C LYS Y 50 52.68 -50.94 18.04
N VAL Y 51 53.87 -51.39 18.47
CA VAL Y 51 54.28 -51.31 19.87
C VAL Y 51 55.55 -50.52 19.93
N TYR Y 52 55.51 -49.35 20.53
CA TYR Y 52 56.71 -48.53 20.63
C TYR Y 52 57.32 -48.60 22.02
N GLU Y 53 58.63 -48.77 22.09
CA GLU Y 53 59.35 -48.73 23.37
C GLU Y 53 59.94 -47.34 23.54
N LEU Y 54 59.45 -46.62 24.55
CA LEU Y 54 60.05 -45.34 24.93
C LEU Y 54 61.06 -45.56 26.04
N SER Y 55 62.34 -45.47 25.70
CA SER Y 55 63.40 -45.80 26.63
C SER Y 55 64.00 -44.55 27.26
N ASN Y 56 64.67 -44.77 28.39
CA ASN Y 56 65.28 -43.74 29.21
C ASN Y 56 64.52 -42.42 29.26
N VAL Y 57 63.26 -42.46 29.67
CA VAL Y 57 62.44 -41.24 29.78
C VAL Y 57 62.87 -40.43 30.99
N GLN Y 58 63.15 -39.16 30.77
CA GLN Y 58 63.86 -38.38 31.76
C GLN Y 58 62.98 -37.42 32.54
N GLU Y 59 61.94 -36.89 31.90
CA GLU Y 59 61.05 -35.92 32.54
C GLU Y 59 59.64 -36.32 32.19
N ASP Y 60 58.67 -35.81 32.94
CA ASP Y 60 57.26 -36.05 32.67
C ASP Y 60 56.99 -35.86 31.20
N SER Y 61 56.32 -36.83 30.59
CA SER Y 61 56.10 -36.75 29.17
C SER Y 61 54.78 -37.24 28.61
N GLN Y 62 54.51 -36.86 27.36
CA GLN Y 62 53.31 -37.30 26.68
C GLN Y 62 53.67 -38.01 25.42
N VAL Y 63 52.72 -38.79 24.93
CA VAL Y 63 52.93 -39.56 23.74
C VAL Y 63 51.56 -39.63 23.11
N MET Y 64 51.48 -39.64 21.78
CA MET Y 64 50.20 -39.56 21.06
C MET Y 64 50.09 -40.55 19.91
N CYS Y 65 49.17 -41.50 20.01
CA CYS Y 65 48.94 -42.47 18.95
C CYS Y 65 48.08 -41.83 17.89
N TYR Y 66 48.35 -42.15 16.63
CA TYR Y 66 47.45 -41.76 15.55
C TYR Y 66 47.21 -42.91 14.59
N ALA Y 67 46.01 -42.94 14.01
CA ALA Y 67 45.71 -43.87 12.93
C ALA Y 67 44.78 -43.23 11.92
N ASN Y 68 45.27 -43.19 10.69
CA ASN Y 68 44.51 -42.73 9.57
C ASN Y 68 43.72 -43.90 9.01
N CYS Y 69 42.42 -43.84 9.20
CA CYS Y 69 41.54 -44.91 8.81
C CYS Y 69 40.67 -44.49 7.63
N PRO Y 70 39.89 -45.44 7.08
CA PRO Y 70 38.77 -45.13 6.22
C PRO Y 70 37.90 -44.06 6.85
N ASP Y 71 37.58 -44.19 8.14
CA ASP Y 71 36.65 -43.29 8.81
C ASP Y 71 37.20 -41.90 9.10
N GLY Y 72 38.52 -41.77 9.17
CA GLY Y 72 39.18 -40.49 9.45
C GLY Y 72 40.49 -40.70 10.16
N GLN Y 73 41.06 -39.62 10.69
CA GLN Y 73 42.32 -39.71 11.46
C GLN Y 73 42.01 -39.65 12.94
N SER Y 74 42.52 -40.59 13.72
CA SER Y 74 42.22 -40.53 15.14
C SER Y 74 43.44 -40.39 16.04
N THR Y 75 43.25 -39.70 17.16
CA THR Y 75 44.34 -39.44 18.10
C THR Y 75 44.07 -40.07 19.48
N ALA Y 76 45.13 -40.45 20.18
CA ALA Y 76 45.01 -40.91 21.58
C ALA Y 76 46.30 -40.68 22.36
N LYS Y 77 46.20 -39.91 23.44
CA LYS Y 77 47.37 -39.56 24.27
C LYS Y 77 47.58 -40.51 25.42
N ALA Y 78 48.84 -40.74 25.77
CA ALA Y 78 49.19 -41.49 26.99
C ALA Y 78 50.08 -40.62 27.82
N PHE Y 79 49.80 -40.52 29.13
CA PHE Y 79 50.67 -39.70 29.99
C PHE Y 79 51.77 -40.46 30.76
N LEU Y 80 53.04 -40.13 30.48
CA LEU Y 80 54.14 -40.71 31.21
C LEU Y 80 54.55 -39.84 32.41
N THR Y 81 54.44 -40.39 33.62
CA THR Y 81 54.82 -39.67 34.82
C THR Y 81 56.09 -40.25 35.38
N VAL Y 82 57.04 -39.38 35.65
CA VAL Y 82 58.36 -39.78 36.03
C VAL Y 82 58.64 -39.18 37.39
N TYR Y 83 59.28 -39.97 38.26
CA TYR Y 83 59.69 -39.48 39.60
C TYR Y 83 61.17 -39.67 39.81
N TRP Y 84 61.75 -38.85 40.67
CA TRP Y 84 63.20 -38.79 40.82
C TRP Y 84 63.71 -39.83 41.80
N THR Y 85 65.00 -40.14 41.73
CA THR Y 85 65.62 -41.08 42.65
C THR Y 85 66.81 -40.44 43.38
N MET Z 1 64.41 -9.99 -10.66
CA MET Z 1 63.33 -11.00 -10.52
C MET Z 1 62.85 -11.12 -9.08
N ASN Z 2 61.56 -10.90 -8.87
CA ASN Z 2 60.95 -11.03 -7.55
C ASN Z 2 60.79 -12.48 -7.15
N VAL Z 3 60.87 -12.74 -5.84
CA VAL Z 3 60.73 -14.09 -5.31
C VAL Z 3 59.76 -14.06 -4.14
N ASP Z 4 58.75 -14.92 -4.23
CA ASP Z 4 57.84 -15.15 -3.12
C ASP Z 4 58.30 -16.42 -2.40
N LEU Z 5 58.82 -16.25 -1.19
CA LEU Z 5 59.29 -17.40 -0.42
C LEU Z 5 58.42 -17.62 0.82
N VAL Z 6 58.01 -18.87 1.02
CA VAL Z 6 57.16 -19.25 2.15
C VAL Z 6 57.87 -20.25 3.04
N PHE Z 7 57.94 -19.94 4.33
CA PHE Z 7 58.40 -20.90 5.33
C PHE Z 7 57.24 -21.77 5.76
N LEU Z 8 57.35 -23.07 5.50
CA LEU Z 8 56.45 -24.05 6.07
C LEU Z 8 57.21 -24.76 7.17
N PHE Z 9 56.81 -24.50 8.43
CA PHE Z 9 57.58 -25.00 9.58
C PHE Z 9 56.81 -25.95 10.51
N ASP Z 10 57.52 -27.00 10.92
CA ASP Z 10 56.96 -28.14 11.66
C ASP Z 10 56.78 -27.78 13.13
N GLY Z 11 55.55 -27.58 13.55
CA GLY Z 11 55.25 -27.36 14.96
C GLY Z 11 54.56 -28.57 15.57
N SER Z 12 54.86 -29.74 15.05
CA SER Z 12 54.27 -30.97 15.55
C SER Z 12 54.90 -31.29 16.89
N MET Z 13 54.31 -32.24 17.61
CA MET Z 13 54.78 -32.61 18.93
C MET Z 13 56.17 -33.24 18.89
N SER Z 14 56.47 -33.94 17.79
CA SER Z 14 57.69 -34.74 17.61
C SER Z 14 59.00 -33.92 17.67
N LEU Z 15 58.86 -32.59 17.63
CA LEU Z 15 59.99 -31.69 17.80
C LEU Z 15 60.00 -31.14 19.21
N GLN Z 16 61.20 -31.12 19.80
CA GLN Z 16 61.38 -30.59 21.14
C GLN Z 16 61.12 -29.10 21.11
N PRO Z 17 60.77 -28.52 22.27
CA PRO Z 17 60.40 -27.11 22.22
C PRO Z 17 61.62 -26.23 21.96
N ASP Z 18 62.77 -26.61 22.48
CA ASP Z 18 63.98 -25.89 22.14
C ASP Z 18 64.31 -26.01 20.65
N GLU Z 19 63.95 -27.16 20.04
CA GLU Z 19 64.14 -27.40 18.61
C GLU Z 19 63.24 -26.48 17.80
N PHE Z 20 62.03 -26.27 18.30
CA PHE Z 20 61.08 -25.38 17.66
C PHE Z 20 61.63 -23.96 17.67
N GLN Z 21 62.11 -23.53 18.83
CA GLN Z 21 62.72 -22.22 18.98
C GLN Z 21 63.85 -22.01 17.95
N LYS Z 22 64.66 -23.04 17.75
CA LYS Z 22 65.72 -23.01 16.75
C LYS Z 22 65.17 -22.76 15.35
N ILE Z 23 63.95 -23.22 15.08
CA ILE Z 23 63.32 -23.05 13.76
C ILE Z 23 62.82 -21.63 13.58
N LEU Z 24 62.28 -21.04 14.63
CA LEU Z 24 61.89 -19.63 14.60
C LEU Z 24 63.12 -18.76 14.41
N ASP Z 25 64.12 -18.96 15.27
CA ASP Z 25 65.37 -18.23 15.19
C ASP Z 25 66.07 -18.38 13.82
N PHE Z 26 65.77 -19.46 13.12
CA PHE Z 26 66.30 -19.72 11.78
C PHE Z 26 65.60 -18.83 10.76
N MET Z 27 64.27 -18.84 10.78
CA MET Z 27 63.48 -18.03 9.86
C MET Z 27 63.79 -16.55 9.99
N LYS Z 28 63.93 -16.08 11.24
CA LYS Z 28 64.30 -14.70 11.53
C LYS Z 28 65.70 -14.35 11.01
N ASP Z 29 66.60 -15.32 11.05
CA ASP Z 29 67.96 -15.18 10.52
C ASP Z 29 67.99 -15.04 8.99
N VAL Z 30 67.08 -15.75 8.31
CA VAL Z 30 67.01 -15.71 6.85
C VAL Z 30 66.38 -14.39 6.39
N MET Z 31 65.29 -13.99 7.04
CA MET Z 31 64.60 -12.75 6.71
C MET Z 31 65.44 -11.49 6.98
N LYS Z 32 66.16 -11.49 8.10
CA LYS Z 32 67.04 -10.38 8.46
C LYS Z 32 68.08 -10.23 7.35
N LYS Z 33 68.69 -11.34 6.98
CA LYS Z 33 69.75 -11.37 5.96
C LYS Z 33 69.19 -11.46 4.54
N LEU Z 34 68.00 -10.88 4.33
CA LEU Z 34 67.43 -10.74 2.99
C LEU Z 34 66.46 -9.56 2.93
N SER Z 35 66.70 -8.56 3.78
CA SER Z 35 65.89 -7.34 3.81
C SER Z 35 66.13 -6.44 2.59
N ASN Z 36 66.00 -7.04 1.41
CA ASN Z 36 65.87 -6.32 0.14
C ASN Z 36 64.49 -6.62 -0.41
N THR Z 37 64.01 -5.79 -1.34
CA THR Z 37 62.65 -5.90 -1.89
C THR Z 37 62.40 -7.23 -2.60
N SER Z 38 63.37 -7.65 -3.41
CA SER Z 38 63.27 -8.86 -4.24
C SER Z 38 62.51 -9.99 -3.53
N TYR Z 39 62.99 -10.37 -2.34
CA TYR Z 39 62.32 -11.38 -1.54
C TYR Z 39 61.15 -10.80 -0.76
N GLN Z 40 59.98 -11.40 -0.96
CA GLN Z 40 58.78 -11.12 -0.16
C GLN Z 40 58.43 -12.42 0.58
N PHE Z 41 58.16 -12.33 1.88
CA PHE Z 41 58.02 -13.52 2.72
C PHE Z 41 56.62 -13.81 3.24
N ALA Z 42 56.42 -15.05 3.67
CA ALA Z 42 55.21 -15.51 4.37
C ALA Z 42 55.51 -16.81 5.08
N ALA Z 43 55.02 -16.96 6.30
CA ALA Z 43 55.27 -18.16 7.08
C ALA Z 43 53.96 -18.85 7.53
N VAL Z 44 53.94 -20.17 7.41
CA VAL Z 44 52.82 -20.99 7.89
C VAL Z 44 53.33 -22.16 8.73
N GLN Z 45 52.79 -22.25 9.95
CA GLN Z 45 53.04 -23.39 10.83
C GLN Z 45 52.07 -24.51 10.55
N PHE Z 46 52.57 -25.73 10.49
CA PHE Z 46 51.72 -26.88 10.28
C PHE Z 46 51.96 -27.86 11.37
N SER Z 47 50.88 -28.48 11.83
CA SER Z 47 50.97 -29.61 12.74
C SER Z 47 49.84 -30.57 12.38
N THR Z 48 48.77 -30.62 13.16
CA THR Z 48 47.62 -31.41 12.74
C THR Z 48 46.96 -30.64 11.64
N SER Z 49 46.77 -29.35 11.87
CA SER Z 49 46.25 -28.45 10.85
C SER Z 49 47.29 -27.36 10.54
N TYR Z 50 46.83 -26.30 9.88
CA TYR Z 50 47.72 -25.29 9.33
C TYR Z 50 47.22 -23.93 9.72
N LYS Z 51 48.14 -23.03 10.03
CA LYS Z 51 47.80 -21.62 10.17
C LYS Z 51 48.93 -20.76 9.59
N THR Z 52 48.57 -19.79 8.75
CA THR Z 52 49.58 -18.87 8.25
C THR Z 52 49.82 -17.83 9.34
N GLU Z 53 51.09 -17.73 9.75
CA GLU Z 53 51.46 -16.85 10.84
C GLU Z 53 51.61 -15.42 10.35
N PHE Z 54 51.93 -15.25 9.06
CA PHE Z 54 51.84 -13.96 8.38
C PHE Z 54 51.79 -14.06 6.85
N ASP Z 55 51.02 -13.16 6.24
CA ASP Z 55 50.89 -13.03 4.79
C ASP Z 55 52.10 -12.39 4.15
N PHE Z 56 52.14 -12.41 2.83
CA PHE Z 56 53.03 -11.53 2.10
C PHE Z 56 52.60 -10.10 2.38
N SER Z 57 51.29 -9.86 2.31
CA SER Z 57 50.67 -8.57 2.67
C SER Z 57 51.22 -8.04 4.00
N ASP Z 58 51.46 -8.95 4.93
CA ASP Z 58 51.90 -8.59 6.27
C ASP Z 58 53.38 -8.25 6.30
N TYR Z 59 54.19 -9.02 5.58
CA TYR Z 59 55.61 -8.73 5.46
C TYR Z 59 55.84 -7.41 4.74
N VAL Z 60 55.11 -7.22 3.64
CA VAL Z 60 55.13 -5.98 2.87
C VAL Z 60 54.73 -4.76 3.74
N LYS Z 61 53.84 -4.97 4.71
CA LYS Z 61 53.40 -3.91 5.63
C LYS Z 61 54.33 -3.66 6.82
N TRP Z 62 54.25 -4.53 7.84
CA TRP Z 62 55.04 -4.43 9.09
C TRP Z 62 56.56 -4.48 8.83
N LYS Z 63 57.01 -5.43 8.00
CA LYS Z 63 58.43 -5.63 7.62
C LYS Z 63 59.42 -5.97 8.74
N ASP Z 64 58.93 -6.08 9.98
CA ASP Z 64 59.77 -6.45 11.12
C ASP Z 64 59.63 -7.95 11.40
N PRO Z 65 60.63 -8.76 10.97
CA PRO Z 65 60.53 -10.21 11.10
C PRO Z 65 60.55 -10.70 12.55
N ASP Z 66 61.15 -9.93 13.44
CA ASP Z 66 61.15 -10.24 14.87
C ASP Z 66 59.75 -10.14 15.44
N ALA Z 67 59.06 -9.03 15.16
CA ALA Z 67 57.72 -8.79 15.65
C ALA Z 67 56.64 -9.45 14.79
N LEU Z 68 57.01 -9.98 13.63
CA LEU Z 68 56.09 -10.72 12.76
C LEU Z 68 55.79 -12.13 13.27
N LEU Z 69 56.82 -12.81 13.77
CA LEU Z 69 56.70 -14.16 14.31
C LEU Z 69 56.65 -14.17 15.83
N LYS Z 70 56.49 -13.01 16.44
CA LYS Z 70 56.61 -12.92 17.90
C LYS Z 70 55.45 -13.60 18.65
N HIS Z 71 54.36 -13.86 17.94
CA HIS Z 71 53.18 -14.43 18.57
C HIS Z 71 52.85 -15.87 18.18
N VAL Z 72 53.84 -16.61 17.72
CA VAL Z 72 53.64 -18.02 17.35
C VAL Z 72 53.39 -18.84 18.62
N LYS Z 73 52.46 -19.79 18.58
CA LYS Z 73 52.37 -20.82 19.62
C LYS Z 73 52.73 -22.16 19.04
N HIS Z 74 53.59 -22.89 19.75
CA HIS Z 74 53.92 -24.23 19.33
C HIS Z 74 52.67 -25.11 19.34
N MET Z 75 52.25 -25.56 18.17
CA MET Z 75 51.00 -26.31 18.02
C MET Z 75 50.97 -27.64 18.78
N LEU Z 76 52.05 -28.43 18.66
CA LEU Z 76 52.27 -29.66 19.44
C LEU Z 76 51.22 -30.75 19.26
N LEU Z 77 50.90 -31.07 18.01
CA LEU Z 77 49.97 -32.14 17.62
C LEU Z 77 50.58 -32.84 16.41
N LEU Z 78 49.83 -33.69 15.72
CA LEU Z 78 50.37 -34.54 14.64
C LEU Z 78 51.11 -33.78 13.54
N THR Z 79 51.81 -34.51 12.68
CA THR Z 79 52.67 -33.93 11.65
C THR Z 79 52.11 -34.21 10.26
N ASN Z 80 51.14 -33.42 9.84
CA ASN Z 80 50.40 -33.65 8.57
C ASN Z 80 50.97 -32.96 7.35
N THR Z 81 52.27 -33.22 7.12
CA THR Z 81 53.05 -32.49 6.13
C THR Z 81 52.44 -32.45 4.72
N PHE Z 82 51.93 -33.58 4.24
CA PHE Z 82 51.39 -33.65 2.88
C PHE Z 82 50.32 -32.60 2.62
N GLY Z 83 49.32 -32.52 3.48
CA GLY Z 83 48.26 -31.53 3.33
C GLY Z 83 48.78 -30.13 3.59
N ALA Z 84 49.85 -30.04 4.37
CA ALA Z 84 50.49 -28.77 4.68
C ALA Z 84 51.02 -28.11 3.43
N ILE Z 85 51.71 -28.89 2.60
CA ILE Z 85 52.19 -28.41 1.30
C ILE Z 85 51.01 -27.95 0.44
N ASN Z 86 50.00 -28.82 0.29
CA ASN Z 86 48.83 -28.48 -0.49
C ASN Z 86 48.17 -27.20 -0.03
N TYR Z 87 48.16 -26.99 1.28
CA TYR Z 87 47.66 -25.75 1.85
C TYR Z 87 48.45 -24.54 1.36
N VAL Z 88 49.78 -24.59 1.44
CA VAL Z 88 50.62 -23.49 0.97
C VAL Z 88 50.29 -23.19 -0.48
N ALA Z 89 50.32 -24.22 -1.32
CA ALA Z 89 50.07 -24.09 -2.76
C ALA Z 89 48.79 -23.34 -3.06
N THR Z 90 47.69 -23.80 -2.46
CA THR Z 90 46.36 -23.28 -2.77
C THR Z 90 45.92 -22.06 -1.95
N GLU Z 91 46.49 -21.89 -0.75
CA GLU Z 91 45.97 -20.92 0.21
C GLU Z 91 46.90 -19.74 0.54
N VAL Z 92 48.19 -19.90 0.26
CA VAL Z 92 49.17 -18.88 0.64
C VAL Z 92 49.64 -18.07 -0.56
N PHE Z 93 50.01 -18.74 -1.65
CA PHE Z 93 50.37 -18.06 -2.91
C PHE Z 93 49.11 -17.54 -3.61
N ARG Z 94 48.72 -16.33 -3.28
CA ARG Z 94 47.49 -15.76 -3.79
C ARG Z 94 47.60 -14.28 -4.08
N GLU Z 95 46.96 -13.85 -5.15
CA GLU Z 95 46.84 -12.44 -5.49
C GLU Z 95 46.39 -11.63 -4.27
N GLU Z 96 45.32 -12.09 -3.63
CA GLU Z 96 44.68 -11.37 -2.52
C GLU Z 96 45.57 -11.29 -1.29
N LEU Z 97 46.39 -12.32 -1.08
CA LEU Z 97 47.23 -12.40 0.12
C LEU Z 97 48.60 -11.77 -0.07
N GLY Z 98 48.78 -11.04 -1.17
CA GLY Z 98 49.98 -10.23 -1.40
C GLY Z 98 51.09 -10.87 -2.22
N ALA Z 99 50.81 -12.01 -2.84
CA ALA Z 99 51.78 -12.68 -3.68
C ALA Z 99 51.93 -11.93 -4.99
N ARG Z 100 53.17 -11.74 -5.43
CA ARG Z 100 53.43 -11.17 -6.74
C ARG Z 100 53.26 -12.26 -7.79
N PRO Z 101 52.43 -12.00 -8.82
CA PRO Z 101 52.11 -13.00 -9.84
C PRO Z 101 53.32 -13.44 -10.66
N ASP Z 102 54.14 -12.46 -11.04
CA ASP Z 102 55.35 -12.67 -11.85
C ASP Z 102 56.47 -13.40 -11.10
N ALA Z 103 56.42 -13.31 -9.77
CA ALA Z 103 57.47 -13.84 -8.90
C ALA Z 103 57.58 -15.36 -8.97
N THR Z 104 58.82 -15.84 -9.09
CA THR Z 104 59.12 -17.26 -9.09
C THR Z 104 59.07 -17.76 -7.65
N LYS Z 105 58.16 -18.70 -7.39
CA LYS Z 105 57.76 -19.04 -6.02
C LYS Z 105 58.57 -20.17 -5.35
N VAL Z 106 59.16 -19.84 -4.20
CA VAL Z 106 60.01 -20.77 -3.43
C VAL Z 106 59.36 -21.16 -2.12
N LEU Z 107 59.76 -22.33 -1.62
CA LEU Z 107 59.22 -22.89 -0.38
C LEU Z 107 60.33 -23.53 0.46
N ILE Z 108 60.47 -23.08 1.71
CA ILE Z 108 61.40 -23.70 2.65
C ILE Z 108 60.64 -24.52 3.68
N ILE Z 109 60.72 -25.84 3.57
CA ILE Z 109 60.06 -26.73 4.51
C ILE Z 109 61.05 -27.17 5.59
N ILE Z 110 60.69 -26.92 6.85
CA ILE Z 110 61.51 -27.31 7.98
C ILE Z 110 60.75 -28.33 8.83
N THR Z 111 61.19 -29.58 8.77
CA THR Z 111 60.51 -30.69 9.42
C THR Z 111 61.50 -31.80 9.70
N ASP Z 112 61.04 -32.83 10.42
CA ASP Z 112 61.79 -34.09 10.54
C ASP Z 112 61.26 -35.16 9.57
N GLY Z 113 60.21 -34.82 8.83
CA GLY Z 113 59.65 -35.71 7.83
C GLY Z 113 59.02 -36.97 8.38
N GLU Z 114 58.88 -37.04 9.70
CA GLU Z 114 58.08 -38.06 10.34
C GLU Z 114 56.66 -37.57 10.16
N ALA Z 115 56.15 -37.77 8.94
CA ALA Z 115 54.88 -37.23 8.55
C ALA Z 115 53.77 -38.21 8.85
N THR Z 116 52.63 -37.66 9.31
CA THR Z 116 51.47 -38.43 9.79
C THR Z 116 50.30 -38.50 8.82
N ASP Z 117 50.48 -38.01 7.61
CA ASP Z 117 49.51 -38.22 6.53
C ASP Z 117 50.16 -38.62 5.22
N SER Z 118 49.34 -38.88 4.21
CA SER Z 118 49.82 -39.33 2.92
C SER Z 118 49.03 -38.66 1.80
N GLY Z 119 49.60 -38.62 0.60
CA GLY Z 119 48.94 -37.99 -0.55
C GLY Z 119 49.91 -37.68 -1.66
N ASN Z 120 49.68 -36.58 -2.36
CA ASN Z 120 50.60 -36.11 -3.39
C ASN Z 120 50.79 -34.61 -3.30
N ILE Z 121 51.89 -34.13 -3.83
CA ILE Z 121 52.16 -32.69 -3.85
C ILE Z 121 52.11 -32.09 -5.26
N ASP Z 122 51.36 -32.75 -6.15
CA ASP Z 122 51.22 -32.30 -7.54
C ASP Z 122 50.80 -30.84 -7.60
N ALA Z 123 50.01 -30.42 -6.62
CA ALA Z 123 49.50 -29.05 -6.55
C ALA Z 123 50.60 -28.00 -6.29
N ALA Z 124 51.80 -28.46 -5.98
CA ALA Z 124 52.92 -27.57 -5.66
C ALA Z 124 54.17 -27.89 -6.48
N LYS Z 125 53.98 -28.51 -7.64
CA LYS Z 125 55.09 -28.84 -8.53
C LYS Z 125 55.90 -27.60 -8.91
N ASP Z 126 55.21 -26.60 -9.47
CA ASP Z 126 55.87 -25.38 -9.94
C ASP Z 126 56.58 -24.58 -8.83
N ILE Z 127 56.19 -24.81 -7.58
CA ILE Z 127 56.89 -24.22 -6.45
C ILE Z 127 58.19 -24.98 -6.19
N ILE Z 128 59.32 -24.31 -6.39
CA ILE Z 128 60.62 -24.86 -6.11
C ILE Z 128 60.81 -24.92 -4.59
N ARG Z 129 60.96 -26.14 -4.07
CA ARG Z 129 61.00 -26.36 -2.61
C ARG Z 129 62.26 -27.02 -2.04
N TYR Z 130 63.08 -26.20 -1.37
CA TYR Z 130 64.16 -26.67 -0.51
C TYR Z 130 63.54 -27.14 0.78
N ILE Z 131 63.86 -28.36 1.20
CA ILE Z 131 63.39 -28.85 2.51
C ILE Z 131 64.59 -29.16 3.42
N ILE Z 132 64.52 -28.72 4.66
CA ILE Z 132 65.65 -28.89 5.60
C ILE Z 132 65.34 -29.70 6.87
N GLY Z 133 66.16 -30.70 7.13
CA GLY Z 133 65.82 -31.74 8.10
C GLY Z 133 66.41 -31.59 9.48
N ILE Z 134 65.56 -31.19 10.42
CA ILE Z 134 65.88 -31.16 11.85
C ILE Z 134 65.10 -32.25 12.62
N GLY Z 135 65.67 -32.77 13.70
CA GLY Z 135 64.90 -33.58 14.62
C GLY Z 135 65.39 -35.00 14.79
N LYS Z 136 65.30 -35.51 16.01
CA LYS Z 136 65.82 -36.84 16.30
C LYS Z 136 65.07 -37.89 15.49
N HIS Z 137 63.89 -37.53 15.02
CA HIS Z 137 63.06 -38.48 14.31
C HIS Z 137 63.20 -38.46 12.79
N SER Z 138 64.09 -37.62 12.29
CA SER Z 138 64.41 -37.61 10.88
C SER Z 138 65.50 -38.62 10.54
N GLN Z 139 65.76 -39.56 11.44
CA GLN Z 139 66.87 -40.47 11.30
C GLN Z 139 66.44 -41.87 10.84
N THR Z 140 65.35 -41.97 10.12
CA THR Z 140 64.86 -43.29 9.69
C THR Z 140 64.63 -43.40 8.20
N LYS Z 141 64.68 -44.65 7.72
CA LYS Z 141 64.38 -44.97 6.33
C LYS Z 141 63.19 -44.17 5.84
N GLU Z 142 62.09 -44.28 6.56
CA GLU Z 142 60.81 -43.65 6.18
C GLU Z 142 61.01 -42.15 6.09
N SER Z 143 61.40 -41.55 7.21
CA SER Z 143 61.56 -40.10 7.33
C SER Z 143 62.43 -39.54 6.22
N GLN Z 144 63.57 -40.17 5.99
CA GLN Z 144 64.46 -39.71 4.94
C GLN Z 144 63.77 -39.72 3.59
N GLU Z 145 63.16 -40.85 3.23
CA GLU Z 145 62.42 -40.97 1.97
C GLU Z 145 61.32 -39.92 1.87
N THR Z 146 60.61 -39.70 2.98
CA THR Z 146 59.55 -38.69 3.04
C THR Z 146 60.12 -37.30 2.81
N LEU Z 147 61.32 -37.04 3.33
CA LEU Z 147 61.98 -35.76 3.08
C LEU Z 147 62.28 -35.56 1.59
N HIS Z 148 62.82 -36.60 0.96
CA HIS Z 148 63.17 -36.53 -0.45
C HIS Z 148 61.94 -36.42 -1.34
N LYS Z 149 60.81 -36.94 -0.88
CA LYS Z 149 59.55 -36.83 -1.61
C LYS Z 149 59.07 -35.39 -1.72
N PHE Z 150 59.30 -34.60 -0.67
CA PHE Z 150 58.87 -33.19 -0.67
C PHE Z 150 59.79 -32.29 -1.49
N ALA Z 151 61.05 -32.71 -1.64
CA ALA Z 151 62.06 -31.90 -2.32
C ALA Z 151 61.86 -31.75 -3.83
N SER Z 152 62.40 -30.67 -4.36
CA SER Z 152 62.59 -30.51 -5.81
C SER Z 152 63.65 -31.53 -6.28
N LYS Z 153 63.71 -31.78 -7.58
CA LYS Z 153 64.63 -32.76 -8.14
C LYS Z 153 65.79 -32.08 -8.87
N PRO Z 154 66.99 -32.72 -8.89
CA PRO Z 154 67.36 -33.97 -8.23
C PRO Z 154 67.48 -33.77 -6.72
N ALA Z 155 66.89 -34.70 -5.98
CA ALA Z 155 66.64 -34.56 -4.54
C ALA Z 155 67.83 -34.05 -3.72
N SER Z 156 68.99 -34.68 -3.86
CA SER Z 156 70.16 -34.32 -3.06
C SER Z 156 70.82 -33.03 -3.57
N GLU Z 157 70.03 -31.96 -3.57
CA GLU Z 157 70.48 -30.61 -3.89
C GLU Z 157 69.54 -29.64 -3.20
N PHE Z 158 68.43 -30.18 -2.69
CA PHE Z 158 67.38 -29.39 -2.07
C PHE Z 158 67.05 -29.91 -0.67
N VAL Z 159 67.86 -30.84 -0.17
CA VAL Z 159 67.69 -31.42 1.16
C VAL Z 159 68.99 -31.26 1.93
N LYS Z 160 68.93 -30.61 3.09
CA LYS Z 160 70.07 -30.62 4.02
C LYS Z 160 69.63 -30.70 5.49
N ILE Z 161 70.56 -31.12 6.35
CA ILE Z 161 70.34 -31.10 7.81
C ILE Z 161 70.77 -29.74 8.42
N LEU Z 162 69.89 -29.18 9.28
CA LEU Z 162 69.94 -27.78 9.77
C LEU Z 162 71.28 -27.28 10.35
N ASP Z 163 72.03 -28.20 10.97
CA ASP Z 163 73.28 -27.91 11.72
C ASP Z 163 73.08 -26.89 12.85
N THR Z 164 74.14 -26.14 13.16
CA THR Z 164 74.00 -24.92 13.95
C THR Z 164 73.97 -23.73 12.98
N PHE Z 165 73.19 -23.88 11.91
CA PHE Z 165 73.09 -22.95 10.76
C PHE Z 165 74.43 -22.69 10.03
N GLU Z 166 74.91 -23.70 9.29
CA GLU Z 166 76.10 -23.55 8.42
C GLU Z 166 75.70 -23.10 7.02
N LYS Z 167 74.46 -23.42 6.65
CA LYS Z 167 73.84 -23.06 5.38
C LYS Z 167 73.75 -21.56 5.14
N LEU Z 168 73.85 -20.79 6.23
CA LEU Z 168 73.79 -19.32 6.15
C LEU Z 168 74.98 -18.72 5.37
N LYS Z 169 75.86 -19.58 4.85
CA LYS Z 169 76.82 -19.24 3.79
C LYS Z 169 76.54 -20.12 2.55
N ASP Z 170 76.04 -21.34 2.79
CA ASP Z 170 75.81 -22.33 1.73
C ASP Z 170 74.56 -22.03 0.91
N LEU Z 171 73.39 -22.35 1.48
CA LEU Z 171 72.09 -22.10 0.88
C LEU Z 171 71.93 -20.64 0.44
N PHE Z 172 72.56 -19.73 1.18
CA PHE Z 172 72.44 -18.29 0.96
C PHE Z 172 73.04 -17.82 -0.35
N THR Z 173 74.24 -18.31 -0.68
CA THR Z 173 74.90 -17.98 -1.95
C THR Z 173 74.22 -18.70 -3.13
N GLU Z 174 73.30 -19.61 -2.80
CA GLU Z 174 72.43 -20.27 -3.80
C GLU Z 174 71.02 -19.65 -3.79
N LEU Z 175 70.68 -18.95 -2.71
CA LEU Z 175 69.46 -18.14 -2.65
C LEU Z 175 69.71 -16.73 -3.19
N GLN Z 176 70.98 -16.40 -3.39
CA GLN Z 176 71.37 -15.17 -4.11
C GLN Z 176 71.38 -15.40 -5.63
N LYS Z 177 71.04 -16.63 -6.04
CA LYS Z 177 70.76 -16.95 -7.43
C LYS Z 177 69.43 -16.35 -7.86
N LYS Z 178 68.38 -16.66 -7.08
CA LYS Z 178 67.00 -16.33 -7.41
C LYS Z 178 66.70 -14.85 -7.66
N ILE Z 179 67.40 -13.96 -6.96
CA ILE Z 179 67.20 -12.51 -7.14
C ILE Z 179 67.64 -12.06 -8.54
N TYR Z 180 68.55 -12.84 -9.14
CA TYR Z 180 69.28 -12.47 -10.35
C TYR Z 180 69.94 -11.11 -10.16
N MET AA 1 41.38 -37.98 35.29
CA MET AA 1 41.06 -38.96 34.20
C MET AA 1 39.58 -39.00 33.82
N VAL AA 2 39.27 -38.75 32.55
CA VAL AA 2 37.89 -38.93 32.05
C VAL AA 2 37.75 -39.96 30.98
N SER AA 3 36.49 -40.25 30.71
CA SER AA 3 36.10 -41.21 29.72
C SER AA 3 34.75 -40.78 29.21
N VAL AA 4 34.54 -40.83 27.90
CA VAL AA 4 33.24 -40.44 27.36
C VAL AA 4 32.62 -41.56 26.54
N SER AA 5 31.32 -41.77 26.65
CA SER AA 5 30.66 -42.72 25.78
C SER AA 5 29.24 -42.34 25.44
N PRO AA 6 28.84 -42.62 24.20
CA PRO AA 6 29.62 -43.33 23.19
C PRO AA 6 30.77 -42.45 22.72
N SER AA 7 31.85 -43.07 22.27
CA SER AA 7 32.98 -42.33 21.73
C SER AA 7 32.67 -41.70 20.35
N LYS AA 8 31.85 -42.38 19.56
CA LYS AA 8 31.42 -41.83 18.30
C LYS AA 8 30.01 -42.30 17.93
N VAL AA 9 29.10 -41.36 17.67
CA VAL AA 9 27.76 -41.74 17.16
C VAL AA 9 27.47 -41.24 15.76
N THR AA 10 26.68 -42.03 15.02
CA THR AA 10 25.98 -41.53 13.84
C THR AA 10 24.49 -41.33 14.17
N LEU AA 11 23.94 -40.21 13.74
CA LEU AA 11 22.53 -40.00 13.96
C LEU AA 11 21.92 -39.05 12.92
N PRO AA 12 20.60 -39.23 12.64
CA PRO AA 12 19.95 -38.47 11.61
C PRO AA 12 19.78 -37.01 12.02
N ARG AA 13 20.01 -36.10 11.09
CA ARG AA 13 19.89 -34.67 11.31
C ARG AA 13 18.66 -34.34 12.14
N GLY AA 14 18.87 -33.66 13.27
CA GLY AA 14 17.76 -33.28 14.14
C GLY AA 14 17.44 -34.30 15.22
N GLY AA 15 18.32 -35.28 15.35
CA GLY AA 15 18.21 -36.34 16.37
C GLY AA 15 18.76 -35.92 17.71
N SER AA 16 19.02 -36.90 18.56
CA SER AA 16 19.54 -36.62 19.90
C SER AA 16 20.37 -37.75 20.45
N VAL AA 17 21.38 -37.40 21.22
CA VAL AA 17 22.16 -38.42 21.87
C VAL AA 17 22.44 -38.05 23.30
N LEU AA 18 22.43 -39.04 24.18
CA LEU AA 18 22.96 -38.81 25.47
C LEU AA 18 24.41 -39.28 25.49
N VAL AA 19 25.27 -38.47 26.11
CA VAL AA 19 26.65 -38.86 26.38
C VAL AA 19 26.97 -38.87 27.87
N THR AA 20 27.91 -39.70 28.26
CA THR AA 20 28.21 -39.88 29.67
C THR AA 20 29.66 -39.51 29.89
N CYS AA 21 29.89 -38.44 30.62
CA CYS AA 21 31.22 -38.11 31.08
C CYS AA 21 31.43 -38.83 32.39
N SER AA 22 32.43 -39.69 32.43
CA SER AA 22 32.76 -40.44 33.63
C SER AA 22 34.18 -40.13 34.05
N ALA AA 23 34.36 -39.84 35.35
CA ALA AA 23 35.67 -39.50 35.91
C ALA AA 23 36.19 -40.64 36.74
N SER AA 24 37.51 -40.74 36.85
CA SER AA 24 38.12 -41.83 37.61
C SER AA 24 38.20 -41.48 39.09
N CYS AA 25 38.64 -40.27 39.40
CA CYS AA 25 38.66 -39.75 40.76
C CYS AA 25 37.21 -39.75 41.22
N ASP AA 26 36.93 -40.32 42.40
CA ASP AA 26 35.53 -40.62 42.73
C ASP AA 26 34.74 -39.48 43.39
N GLN AA 27 35.40 -38.34 43.55
CA GLN AA 27 34.73 -37.10 43.92
C GLN AA 27 35.48 -35.98 43.20
N PRO AA 28 35.14 -35.75 41.93
CA PRO AA 28 35.93 -34.85 41.12
C PRO AA 28 35.67 -33.42 41.51
N LYS AA 29 36.75 -32.64 41.61
CA LYS AA 29 36.68 -31.22 41.98
C LYS AA 29 35.76 -30.46 41.04
N LEU AA 30 35.59 -31.01 39.84
CA LEU AA 30 34.80 -30.39 38.80
C LEU AA 30 34.71 -31.36 37.62
N LEU AA 31 33.50 -31.56 37.10
CA LEU AA 31 33.29 -32.50 36.00
C LEU AA 31 32.14 -32.06 35.14
N GLY AA 32 32.42 -31.87 33.86
CA GLY AA 32 31.38 -31.48 32.93
C GLY AA 32 31.74 -31.72 31.49
N ILE AA 33 30.96 -31.09 30.61
CA ILE AA 33 31.16 -31.19 29.18
C ILE AA 33 31.38 -29.81 28.55
N GLU AA 34 32.18 -29.79 27.48
CA GLU AA 34 32.44 -28.57 26.73
C GLU AA 34 31.97 -28.77 25.29
N THR AA 35 30.90 -28.09 24.94
CA THR AA 35 30.33 -28.18 23.59
C THR AA 35 29.58 -26.90 23.22
N PRO AA 36 29.48 -26.63 21.90
CA PRO AA 36 28.67 -25.53 21.47
C PRO AA 36 27.25 -25.98 21.14
N LEU AA 37 26.96 -27.27 21.31
CA LEU AA 37 25.62 -27.82 21.12
C LEU AA 37 24.75 -27.46 22.31
N VAL AA 38 23.43 -27.57 22.16
CA VAL AA 38 22.50 -27.33 23.30
C VAL AA 38 22.41 -28.59 24.16
N LYS AA 39 22.60 -28.42 25.47
CA LYS AA 39 22.75 -29.57 26.37
C LYS AA 39 21.85 -29.48 27.57
N LYS AA 40 21.47 -30.63 28.11
CA LYS AA 40 20.73 -30.69 29.36
C LYS AA 40 21.17 -31.92 30.16
N GLU AA 41 21.66 -31.73 31.40
CA GLU AA 41 22.17 -32.88 32.18
C GLU AA 41 21.04 -33.54 32.95
N LEU AA 42 21.29 -34.68 33.60
CA LEU AA 42 20.18 -35.48 34.14
C LEU AA 42 20.11 -35.72 35.67
N LEU AA 43 19.54 -36.86 36.07
CA LEU AA 43 19.52 -37.29 37.47
C LEU AA 43 20.91 -37.77 37.83
N LEU AA 44 21.44 -37.21 38.90
CA LEU AA 44 22.86 -37.38 39.24
C LEU AA 44 23.21 -38.60 40.10
N PRO AA 45 22.23 -39.18 40.84
CA PRO AA 45 22.63 -39.85 42.07
C PRO AA 45 24.09 -40.33 42.04
N GLY AA 46 24.99 -39.50 42.56
CA GLY AA 46 26.43 -39.77 42.49
C GLY AA 46 27.16 -38.82 41.57
N ASN AA 47 28.43 -38.55 41.87
CA ASN AA 47 29.18 -37.53 41.14
C ASN AA 47 30.36 -38.05 40.34
N ASN AA 48 30.41 -39.36 40.15
CA ASN AA 48 31.40 -39.97 39.28
C ASN AA 48 31.16 -39.68 37.81
N ARG AA 49 29.88 -39.55 37.45
CA ARG AA 49 29.47 -39.30 36.08
C ARG AA 49 28.25 -38.39 35.97
N LYS AA 50 28.29 -37.51 34.99
CA LYS AA 50 27.10 -36.79 34.55
C LYS AA 50 26.71 -37.35 33.20
N VAL AA 51 25.43 -37.22 32.86
CA VAL AA 51 24.91 -37.67 31.57
C VAL AA 51 24.24 -36.46 30.92
N TYR AA 52 24.80 -36.01 29.80
CA TYR AA 52 24.21 -34.88 29.11
C TYR AA 52 23.47 -35.33 27.89
N GLU AA 53 22.28 -34.77 27.68
CA GLU AA 53 21.48 -35.02 26.49
C GLU AA 53 21.70 -33.89 25.49
N LEU AA 54 22.22 -34.23 24.33
CA LEU AA 54 22.40 -33.27 23.26
C LEU AA 54 21.28 -33.46 22.27
N SER AA 55 20.34 -32.53 22.29
CA SER AA 55 19.11 -32.70 21.55
C SER AA 55 19.20 -31.93 20.25
N ASN AA 56 18.33 -32.31 19.30
CA ASN AA 56 18.21 -31.69 17.96
C ASN AA 56 19.54 -31.26 17.34
N VAL AA 57 20.47 -32.20 17.21
CA VAL AA 57 21.81 -31.88 16.67
C VAL AA 57 21.69 -31.74 15.15
N GLN AA 58 22.18 -30.64 14.61
CA GLN AA 58 21.83 -30.27 13.25
C GLN AA 58 22.92 -30.53 12.22
N GLU AA 59 24.17 -30.38 12.63
CA GLU AA 59 25.30 -30.60 11.73
C GLU AA 59 26.28 -31.50 12.47
N ASP AA 60 27.22 -32.09 11.74
CA ASP AA 60 28.33 -32.82 12.35
C ASP AA 60 28.95 -32.03 13.50
N SER AA 61 29.15 -32.70 14.63
CA SER AA 61 29.60 -32.00 15.82
C SER AA 61 30.54 -32.79 16.71
N GLN AA 62 31.21 -32.06 17.61
CA GLN AA 62 32.03 -32.68 18.64
C GLN AA 62 31.58 -32.29 20.02
N VAL AA 63 32.00 -33.06 21.00
CA VAL AA 63 31.65 -32.81 22.35
C VAL AA 63 32.86 -33.27 23.14
N MET AA 64 33.15 -32.62 24.26
CA MET AA 64 34.39 -32.87 24.99
C MET AA 64 34.16 -32.95 26.51
N CYS AA 65 34.36 -34.14 27.08
CA CYS AA 65 34.24 -34.31 28.53
C CYS AA 65 35.47 -33.79 29.23
N TYR AA 66 35.29 -33.21 30.40
CA TYR AA 66 36.45 -32.89 31.21
C TYR AA 66 36.20 -33.27 32.65
N ALA AA 67 37.29 -33.58 33.37
CA ALA AA 67 37.25 -33.81 34.81
C ALA AA 67 38.51 -33.38 35.48
N ASN AA 68 38.34 -32.44 36.39
CA ASN AA 68 39.39 -31.94 37.21
C ASN AA 68 39.48 -32.83 38.41
N CYS AA 69 40.56 -33.60 38.45
CA CYS AA 69 40.79 -34.58 39.49
C CYS AA 69 41.95 -34.16 40.38
N PRO AA 70 42.20 -34.92 41.46
CA PRO AA 70 43.46 -34.88 42.20
C PRO AA 70 44.67 -34.99 41.27
N ASP AA 71 44.63 -35.96 40.35
CA ASP AA 71 45.76 -36.21 39.43
C ASP AA 71 45.97 -35.13 38.35
N GLY AA 72 44.93 -34.34 38.05
CA GLY AA 72 45.01 -33.29 37.02
C GLY AA 72 43.68 -33.08 36.32
N GLN AA 73 43.68 -32.36 35.20
CA GLN AA 73 42.47 -32.16 34.38
C GLN AA 73 42.49 -33.07 33.18
N SER AA 74 41.45 -33.85 32.96
CA SER AA 74 41.47 -34.70 31.78
C SER AA 74 40.35 -34.42 30.75
N THR AA 75 40.66 -34.70 29.48
CA THR AA 75 39.73 -34.42 28.40
C THR AA 75 39.38 -35.69 27.63
N ALA AA 76 38.19 -35.74 27.06
CA ALA AA 76 37.80 -36.82 26.16
C ALA AA 76 36.69 -36.38 25.19
N LYS AA 77 36.97 -36.50 23.89
CA LYS AA 77 36.05 -36.06 22.83
C LYS AA 77 35.17 -37.17 22.36
N ALA AA 78 33.94 -36.84 21.97
CA ALA AA 78 33.06 -37.77 21.29
C ALA AA 78 32.60 -37.15 20.00
N PHE AA 79 32.66 -37.90 18.90
CA PHE AA 79 32.23 -37.35 17.59
C PHE AA 79 30.78 -37.68 17.15
N LEU AA 80 29.98 -36.64 17.00
CA LEU AA 80 28.62 -36.80 16.53
C LEU AA 80 28.57 -36.65 15.03
N THR AA 81 28.14 -37.71 14.35
CA THR AA 81 28.01 -37.68 12.89
C THR AA 81 26.55 -37.66 12.51
N VAL AA 82 26.16 -36.66 11.71
CA VAL AA 82 24.79 -36.40 11.37
C VAL AA 82 24.63 -36.59 9.89
N TYR AA 83 23.54 -37.23 9.48
CA TYR AA 83 23.20 -37.37 8.04
C TYR AA 83 21.85 -36.83 7.72
N TRP AA 84 21.68 -36.37 6.49
CA TRP AA 84 20.46 -35.67 6.12
C TRP AA 84 19.31 -36.60 5.73
N THR AA 85 18.09 -36.06 5.74
CA THR AA 85 16.92 -36.82 5.37
C THR AA 85 16.14 -36.16 4.23
N MET BA 1 44.91 10.81 32.70
CA MET BA 1 45.22 9.49 33.32
C MET BA 1 45.27 8.38 32.27
N ASN BA 2 46.41 7.70 32.21
CA ASN BA 2 46.60 6.57 31.30
C ASN BA 2 45.85 5.34 31.79
N VAL BA 3 45.41 4.52 30.84
CA VAL BA 3 44.68 3.30 31.14
C VAL BA 3 45.27 2.13 30.36
N ASP BA 4 45.64 1.07 31.07
CA ASP BA 4 46.06 -0.17 30.44
C ASP BA 4 44.87 -1.12 30.45
N LEU BA 5 44.30 -1.37 29.27
CA LEU BA 5 43.14 -2.24 29.16
C LEU BA 5 43.47 -3.52 28.41
N VAL BA 6 43.09 -4.65 29.00
CA VAL BA 6 43.35 -5.96 28.42
C VAL BA 6 42.06 -6.69 28.11
N PHE BA 7 41.95 -7.16 26.86
CA PHE BA 7 40.87 -8.04 26.46
C PHE BA 7 41.25 -9.48 26.78
N LEU BA 8 40.52 -10.09 27.71
CA LEU BA 8 40.62 -11.52 27.93
C LEU BA 8 39.40 -12.15 27.26
N PHE BA 9 39.64 -12.88 26.16
CA PHE BA 9 38.53 -13.40 25.35
C PHE BA 9 38.46 -14.94 25.24
N ASP BA 10 37.22 -15.44 25.37
CA ASP BA 10 36.89 -16.87 25.43
C ASP BA 10 36.97 -17.53 24.06
N GLY BA 11 38.02 -18.33 23.86
CA GLY BA 11 38.18 -19.08 22.62
C GLY BA 11 37.92 -20.55 22.86
N SER BA 12 37.12 -20.85 23.87
CA SER BA 12 36.82 -22.23 24.21
C SER BA 12 35.88 -22.79 23.17
N MET BA 13 35.69 -24.11 23.18
CA MET BA 13 34.85 -24.79 22.21
C MET BA 13 33.35 -24.43 22.33
N SER BA 14 32.94 -24.11 23.56
CA SER BA 14 31.55 -23.86 23.92
C SER BA 14 30.94 -22.66 23.21
N LEU BA 15 31.81 -21.85 22.58
CA LEU BA 15 31.35 -20.74 21.77
C LEU BA 15 31.37 -21.12 20.30
N GLN BA 16 30.30 -20.79 19.58
CA GLN BA 16 30.21 -21.09 18.15
C GLN BA 16 31.28 -20.30 17.41
N PRO BA 17 31.67 -20.72 16.21
CA PRO BA 17 32.76 -20.00 15.56
C PRO BA 17 32.32 -18.63 15.07
N ASP BA 18 31.03 -18.49 14.69
CA ASP BA 18 30.48 -17.18 14.36
C ASP BA 18 30.37 -16.29 15.60
N GLU BA 19 30.12 -16.89 16.76
CA GLU BA 19 30.14 -16.16 18.04
C GLU BA 19 31.54 -15.63 18.36
N PHE BA 20 32.56 -16.42 18.05
CA PHE BA 20 33.95 -16.06 18.26
C PHE BA 20 34.29 -14.86 17.40
N GLN BA 21 33.92 -14.93 16.13
CA GLN BA 21 34.12 -13.83 15.20
C GLN BA 21 33.52 -12.54 15.74
N LYS BA 22 32.30 -12.64 16.28
CA LYS BA 22 31.63 -11.50 16.91
C LYS BA 22 32.48 -10.87 18.04
N ILE BA 23 33.28 -11.70 18.72
CA ILE BA 23 34.11 -11.23 19.83
C ILE BA 23 35.32 -10.48 19.29
N LEU BA 24 35.89 -10.97 18.19
CA LEU BA 24 36.98 -10.29 17.53
C LEU BA 24 36.51 -8.94 17.01
N ASP BA 25 35.43 -8.97 16.24
CA ASP BA 25 34.82 -7.75 15.68
C ASP BA 25 34.42 -6.75 16.77
N PHE BA 26 34.20 -7.24 17.99
CA PHE BA 26 33.89 -6.39 19.11
C PHE BA 26 35.14 -5.66 19.61
N MET BA 27 36.21 -6.42 19.81
CA MET BA 27 37.47 -5.85 20.29
C MET BA 27 38.01 -4.80 19.33
N LYS BA 28 37.92 -5.11 18.04
CA LYS BA 28 38.32 -4.18 16.98
C LYS BA 28 37.48 -2.88 16.99
N ASP BA 29 36.20 -3.02 17.33
CA ASP BA 29 35.29 -1.89 17.44
C ASP BA 29 35.62 -0.99 18.61
N VAL BA 30 36.10 -1.58 19.70
CA VAL BA 30 36.45 -0.83 20.90
C VAL BA 30 37.75 -0.10 20.68
N MET BA 31 38.72 -0.77 20.10
CA MET BA 31 40.04 -0.18 19.84
C MET BA 31 40.01 0.94 18.80
N LYS BA 32 39.22 0.74 17.74
CA LYS BA 32 39.04 1.76 16.70
C LYS BA 32 38.48 3.03 17.33
N LYS BA 33 37.43 2.85 18.13
CA LYS BA 33 36.74 3.96 18.80
C LYS BA 33 37.42 4.36 20.12
N LEU BA 34 38.73 4.19 20.20
CA LEU BA 34 39.53 4.66 21.32
C LEU BA 34 40.98 4.93 20.91
N SER BA 35 41.17 5.25 19.63
CA SER BA 35 42.48 5.59 19.08
C SER BA 35 43.00 6.96 19.56
N ASN BA 36 42.99 7.14 20.87
CA ASN BA 36 43.74 8.19 21.56
C ASN BA 36 44.80 7.52 22.43
N THR BA 37 45.82 8.29 22.82
CA THR BA 37 46.97 7.74 23.58
C THR BA 37 46.57 7.14 24.92
N SER BA 38 45.71 7.84 25.65
CA SER BA 38 45.28 7.47 27.00
C SER BA 38 45.15 5.95 27.17
N TYR BA 39 44.34 5.33 26.31
CA TYR BA 39 44.18 3.88 26.31
C TYR BA 39 45.33 3.19 25.56
N GLN BA 40 45.98 2.25 26.24
CA GLN BA 40 46.96 1.35 25.65
C GLN BA 40 46.40 -0.06 25.80
N PHE BA 41 46.41 -0.85 24.73
CA PHE BA 41 45.71 -2.15 24.71
C PHE BA 41 46.62 -3.38 24.69
N ALA BA 42 46.01 -4.52 25.03
CA ALA BA 42 46.62 -5.85 24.90
C ALA BA 42 45.52 -6.90 24.96
N ALA BA 43 45.63 -7.94 24.14
CA ALA BA 43 44.60 -8.97 24.11
C ALA BA 43 45.19 -10.36 24.33
N VAL BA 44 44.52 -11.15 25.17
CA VAL BA 44 44.88 -12.55 25.41
C VAL BA 44 43.68 -13.48 25.26
N GLN BA 45 43.85 -14.48 24.41
CA GLN BA 45 42.85 -15.53 24.25
C GLN BA 45 43.10 -16.63 25.26
N PHE BA 46 42.02 -17.09 25.87
CA PHE BA 46 42.10 -18.20 26.81
C PHE BA 46 41.16 -19.30 26.38
N SER BA 47 41.60 -20.53 26.57
CA SER BA 47 40.76 -21.70 26.41
C SER BA 47 41.20 -22.73 27.44
N THR BA 48 41.90 -23.77 27.01
CA THR BA 48 42.51 -24.68 27.96
C THR BA 48 43.69 -23.95 28.57
N SER BA 49 44.51 -23.37 27.71
CA SER BA 49 45.62 -22.54 28.15
C SER BA 49 45.43 -21.10 27.65
N TYR BA 50 46.50 -20.31 27.72
CA TYR BA 50 46.42 -18.89 27.45
C TYR BA 50 47.51 -18.49 26.49
N LYS BA 51 47.19 -17.57 25.58
CA LYS BA 51 48.21 -16.94 24.76
C LYS BA 51 47.87 -15.46 24.58
N THR BA 52 48.84 -14.59 24.82
CA THR BA 52 48.63 -13.17 24.54
C THR BA 52 48.80 -12.95 23.05
N GLU BA 53 47.75 -12.43 22.43
CA GLU BA 53 47.74 -12.24 20.99
C GLU BA 53 48.49 -10.98 20.58
N PHE BA 54 48.54 -10.00 21.49
CA PHE BA 54 49.48 -8.86 21.38
C PHE BA 54 49.74 -8.13 22.70
N ASP BA 55 50.98 -7.65 22.84
CA ASP BA 55 51.41 -6.88 24.00
C ASP BA 55 50.89 -5.47 23.97
N PHE BA 56 51.10 -4.74 25.06
CA PHE BA 56 50.99 -3.30 25.04
C PHE BA 56 52.08 -2.76 24.12
N SER BA 57 53.30 -3.29 24.28
CA SER BA 57 54.43 -3.01 23.38
C SER BA 57 54.04 -3.08 21.91
N ASP BA 58 53.17 -4.03 21.58
CA ASP BA 58 52.75 -4.28 20.20
C ASP BA 58 51.73 -3.27 19.72
N TYR BA 59 50.77 -2.93 20.58
CA TYR BA 59 49.80 -1.89 20.28
C TYR BA 59 50.48 -0.53 20.14
N VAL BA 60 51.38 -0.22 21.07
CA VAL BA 60 52.19 0.99 21.03
C VAL BA 60 53.02 1.09 19.73
N LYS BA 61 53.47 -0.06 19.20
CA LYS BA 61 54.24 -0.11 17.95
C LYS BA 61 53.38 -0.11 16.67
N TRP BA 62 52.79 -1.25 16.32
CA TRP BA 62 51.98 -1.43 15.09
C TRP BA 62 50.76 -0.48 15.06
N LYS BA 63 50.03 -0.39 16.17
CA LYS BA 63 48.82 0.46 16.35
C LYS BA 63 47.62 0.21 15.42
N ASP BA 64 47.73 -0.79 14.56
CA ASP BA 64 46.63 -1.17 13.68
C ASP BA 64 45.85 -2.37 14.28
N PRO BA 65 44.67 -2.09 14.89
CA PRO BA 65 43.94 -3.14 15.60
C PRO BA 65 43.41 -4.22 14.66
N ASP BA 66 43.16 -3.87 13.40
CA ASP BA 66 42.74 -4.84 12.39
C ASP BA 66 43.84 -5.86 12.11
N ALA BA 67 45.04 -5.36 11.85
CA ALA BA 67 46.17 -6.22 11.56
C ALA BA 67 46.84 -6.79 12.82
N LEU BA 68 46.44 -6.29 13.99
CA LEU BA 68 46.95 -6.81 15.27
C LEU BA 68 46.33 -8.15 15.67
N LEU BA 69 45.04 -8.27 15.43
CA LEU BA 69 44.30 -9.48 15.77
C LEU BA 69 44.10 -10.35 14.54
N LYS BA 70 44.75 -10.01 13.43
CA LYS BA 70 44.44 -10.67 12.15
C LYS BA 70 44.83 -12.15 12.11
N HIS BA 71 45.71 -12.55 13.02
CA HIS BA 71 46.25 -13.91 13.01
C HIS BA 71 45.80 -14.79 14.16
N VAL BA 72 44.66 -14.48 14.77
CA VAL BA 72 44.11 -15.29 15.85
C VAL BA 72 43.61 -16.62 15.29
N LYS BA 73 43.83 -17.71 16.03
CA LYS BA 73 43.18 -18.99 15.73
C LYS BA 73 42.28 -19.32 16.88
N HIS BA 74 41.06 -19.73 16.54
CA HIS BA 74 40.12 -20.16 17.55
C HIS BA 74 40.66 -21.43 18.21
N MET BA 75 40.96 -21.32 19.50
CA MET BA 75 41.62 -22.40 20.25
C MET BA 75 40.77 -23.67 20.37
N LEU BA 76 39.50 -23.50 20.73
CA LEU BA 76 38.49 -24.58 20.68
C LEU BA 76 38.78 -25.76 21.60
N LEU BA 77 39.08 -25.45 22.86
CA LEU BA 77 39.28 -26.45 23.90
C LEU BA 77 38.60 -25.94 25.16
N LEU BA 78 38.90 -26.53 26.32
CA LEU BA 78 38.19 -26.18 27.57
C LEU BA 78 38.20 -24.69 27.94
N THR BA 79 37.37 -24.32 28.92
CA THR BA 79 37.19 -22.91 29.32
C THR BA 79 37.77 -22.66 30.73
N ASN BA 80 39.08 -22.45 30.81
CA ASN BA 80 39.77 -22.35 32.10
C ASN BA 80 39.91 -20.93 32.64
N THR BA 81 38.76 -20.25 32.71
CA THR BA 81 38.71 -18.82 33.00
C THR BA 81 39.48 -18.37 34.25
N PHE BA 82 39.39 -19.13 35.34
CA PHE BA 82 40.06 -18.74 36.60
C PHE BA 82 41.56 -18.54 36.47
N GLY BA 83 42.25 -19.53 35.92
CA GLY BA 83 43.67 -19.41 35.66
C GLY BA 83 43.96 -18.35 34.61
N ALA BA 84 42.99 -18.12 33.72
CA ALA BA 84 43.09 -17.09 32.67
C ALA BA 84 43.26 -15.68 33.26
N ILE BA 85 42.40 -15.34 34.22
CA ILE BA 85 42.54 -14.09 34.94
C ILE BA 85 43.93 -13.98 35.61
N ASN BA 86 44.30 -15.00 36.39
CA ASN BA 86 45.59 -15.02 37.06
C ASN BA 86 46.75 -14.78 36.11
N TYR BA 87 46.65 -15.36 34.92
CA TYR BA 87 47.65 -15.16 33.87
C TYR BA 87 47.74 -13.71 33.48
N VAL BA 88 46.60 -13.08 33.22
CA VAL BA 88 46.59 -11.66 32.85
C VAL BA 88 47.29 -10.85 33.93
N ALA BA 89 46.85 -11.05 35.18
CA ALA BA 89 47.38 -10.35 36.33
C ALA BA 89 48.90 -10.43 36.40
N THR BA 90 49.43 -11.65 36.35
CA THR BA 90 50.86 -11.88 36.56
C THR BA 90 51.73 -11.81 35.30
N GLU BA 91 51.13 -12.03 34.12
CA GLU BA 91 51.92 -12.18 32.89
C GLU BA 91 51.73 -11.11 31.81
N VAL BA 92 50.67 -10.33 31.90
CA VAL BA 92 50.36 -9.32 30.87
C VAL BA 92 50.67 -7.89 31.34
N PHE BA 93 50.17 -7.52 32.52
CA PHE BA 93 50.49 -6.23 33.14
C PHE BA 93 51.92 -6.23 33.67
N ARG BA 94 52.86 -5.84 32.81
CA ARG BA 94 54.27 -5.88 33.16
C ARG BA 94 55.04 -4.71 32.57
N GLU BA 95 56.02 -4.24 33.34
CA GLU BA 95 56.96 -3.22 32.87
C GLU BA 95 57.54 -3.61 31.52
N GLU BA 96 58.03 -4.85 31.43
CA GLU BA 96 58.73 -5.33 30.22
C GLU BA 96 57.82 -5.46 29.01
N LEU BA 97 56.55 -5.76 29.24
CA LEU BA 97 55.61 -5.99 28.14
C LEU BA 97 54.85 -4.73 27.71
N GLY BA 98 55.31 -3.57 28.19
CA GLY BA 98 54.81 -2.28 27.72
C GLY BA 98 53.73 -1.62 28.56
N ALA BA 99 53.44 -2.18 29.73
CA ALA BA 99 52.45 -1.61 30.63
C ALA BA 99 52.98 -0.35 31.27
N ARG BA 100 52.15 0.69 31.32
CA ARG BA 100 52.49 1.90 32.04
C ARG BA 100 52.22 1.69 33.54
N PRO BA 101 53.24 1.95 34.39
CA PRO BA 101 53.14 1.68 35.82
C PRO BA 101 52.07 2.52 36.52
N ASP BA 102 52.01 3.80 36.16
CA ASP BA 102 51.06 4.76 36.72
C ASP BA 102 49.62 4.50 36.28
N ALA BA 103 49.46 3.80 35.16
CA ALA BA 103 48.15 3.57 34.54
C ALA BA 103 47.23 2.70 35.38
N THR BA 104 45.99 3.15 35.52
CA THR BA 104 44.94 2.41 36.24
C THR BA 104 44.47 1.28 35.34
N LYS BA 105 44.65 0.04 35.79
CA LYS BA 105 44.52 -1.12 34.92
C LYS BA 105 43.13 -1.76 34.84
N VAL BA 106 42.61 -1.84 33.61
CA VAL BA 106 41.26 -2.37 33.34
C VAL BA 106 41.32 -3.70 32.58
N LEU BA 107 40.27 -4.50 32.72
CA LEU BA 107 40.20 -5.82 32.11
C LEU BA 107 38.79 -6.06 31.55
N ILE BA 108 38.69 -6.38 30.27
CA ILE BA 108 37.40 -6.75 29.66
C ILE BA 108 37.36 -8.25 29.37
N ILE BA 109 36.57 -8.97 30.16
CA ILE BA 109 36.43 -10.41 29.98
C ILE BA 109 35.18 -10.72 29.17
N ILE BA 110 35.38 -11.38 28.03
CA ILE BA 110 34.26 -11.80 27.18
C ILE BA 110 34.18 -13.33 27.19
N THR BA 111 33.14 -13.86 27.83
CA THR BA 111 33.01 -15.32 28.01
C THR BA 111 31.54 -15.66 28.22
N ASP BA 112 31.23 -16.95 28.30
CA ASP BA 112 29.91 -17.41 28.73
C ASP BA 112 29.93 -17.85 30.18
N GLY BA 113 31.11 -17.83 30.78
CA GLY BA 113 31.30 -18.16 32.18
C GLY BA 113 31.01 -19.61 32.52
N GLU BA 114 30.80 -20.43 31.48
CA GLU BA 114 30.78 -21.87 31.66
C GLU BA 114 32.24 -22.26 31.83
N ALA BA 115 32.77 -21.97 33.00
CA ALA BA 115 34.19 -22.11 33.24
C ALA BA 115 34.52 -23.53 33.70
N THR BA 116 35.67 -24.03 33.27
CA THR BA 116 36.06 -25.43 33.50
C THR BA 116 37.17 -25.60 34.53
N ASP BA 117 37.50 -24.53 35.23
CA ASP BA 117 38.39 -24.64 36.40
C ASP BA 117 37.88 -23.84 37.59
N SER BA 118 38.59 -23.92 38.70
CA SER BA 118 38.19 -23.25 39.92
C SER BA 118 39.41 -22.65 40.62
N GLY BA 119 39.18 -21.66 41.48
CA GLY BA 119 40.26 -21.01 42.23
C GLY BA 119 39.85 -19.68 42.80
N ASN BA 120 40.78 -18.73 42.81
CA ASN BA 120 40.48 -17.38 43.25
C ASN BA 120 41.14 -16.36 42.32
N ILE BA 121 40.60 -15.16 42.31
CA ILE BA 121 41.17 -14.09 41.50
C ILE BA 121 41.80 -12.97 42.34
N ASP BA 122 42.23 -13.33 43.56
CA ASP BA 122 42.84 -12.38 44.48
C ASP BA 122 43.99 -11.64 43.82
N ALA BA 123 44.68 -12.34 42.93
CA ALA BA 123 45.84 -11.79 42.21
C ALA BA 123 45.47 -10.65 41.25
N ALA BA 124 44.17 -10.45 41.04
CA ALA BA 124 43.72 -9.42 40.10
C ALA BA 124 42.68 -8.51 40.72
N LYS BA 125 42.70 -8.39 42.04
CA LYS BA 125 41.77 -7.51 42.76
C LYS BA 125 41.85 -6.06 42.26
N ASP BA 126 43.06 -5.50 42.29
CA ASP BA 126 43.27 -4.09 41.92
C ASP BA 126 42.95 -3.79 40.45
N ILE BA 127 42.90 -4.83 39.61
CA ILE BA 127 42.44 -4.68 38.22
C ILE BA 127 40.93 -4.57 38.22
N ILE BA 128 40.43 -3.41 37.80
CA ILE BA 128 38.99 -3.21 37.64
C ILE BA 128 38.53 -3.95 36.39
N ARG BA 129 37.64 -4.93 36.58
CA ARG BA 129 37.23 -5.82 35.49
C ARG BA 129 35.73 -5.86 35.16
N TYR BA 130 35.38 -5.25 34.01
CA TYR BA 130 34.09 -5.41 33.36
C TYR BA 130 34.08 -6.76 32.67
N ILE BA 131 33.07 -7.59 32.93
CA ILE BA 131 32.95 -8.86 32.21
C ILE BA 131 31.64 -8.90 31.42
N ILE BA 132 31.70 -9.31 30.15
CA ILE BA 132 30.51 -9.27 29.30
C ILE BA 132 30.14 -10.65 28.75
N GLY BA 133 28.85 -10.99 28.91
CA GLY BA 133 28.35 -12.34 28.71
C GLY BA 133 27.69 -12.68 27.39
N ILE BA 134 28.41 -13.41 26.56
CA ILE BA 134 27.90 -13.95 25.31
C ILE BA 134 27.82 -15.47 25.41
N GLY BA 135 26.85 -16.08 24.73
CA GLY BA 135 26.84 -17.52 24.56
C GLY BA 135 25.59 -18.22 25.06
N LYS BA 136 25.16 -19.24 24.32
CA LYS BA 136 23.98 -19.99 24.71
C LYS BA 136 24.19 -20.65 26.08
N HIS BA 137 25.44 -20.83 26.49
CA HIS BA 137 25.75 -21.51 27.73
C HIS BA 137 25.90 -20.62 28.95
N SER BA 138 25.74 -19.32 28.75
CA SER BA 138 25.77 -18.37 29.85
C SER BA 138 24.38 -18.24 30.49
N GLN BA 139 23.48 -19.18 30.19
CA GLN BA 139 22.09 -19.08 30.62
C GLN BA 139 21.75 -19.94 31.83
N THR BA 140 22.74 -20.23 32.67
CA THR BA 140 22.50 -21.12 33.81
C THR BA 140 22.89 -20.51 35.16
N LYS BA 141 22.24 -21.01 36.20
CA LYS BA 141 22.56 -20.64 37.57
C LYS BA 141 24.08 -20.54 37.76
N GLU BA 142 24.78 -21.61 37.41
CA GLU BA 142 26.25 -21.71 37.59
C GLU BA 142 26.95 -20.60 36.83
N SER BA 143 26.77 -20.61 35.51
CA SER BA 143 27.42 -19.64 34.62
C SER BA 143 27.21 -18.21 35.08
N GLN BA 144 25.98 -17.84 35.41
CA GLN BA 144 25.68 -16.50 35.87
C GLN BA 144 26.49 -16.16 37.12
N GLU BA 145 26.43 -17.03 38.13
CA GLU BA 145 27.20 -16.84 39.37
C GLU BA 145 28.69 -16.73 39.09
N THR BA 146 29.18 -17.57 38.18
CA THR BA 146 30.58 -17.55 37.76
C THR BA 146 30.92 -16.21 37.11
N LEU BA 147 30.00 -15.66 36.33
CA LEU BA 147 30.22 -14.37 35.70
C LEU BA 147 30.37 -13.27 36.75
N HIS BA 148 29.47 -13.29 37.74
CA HIS BA 148 29.48 -12.29 38.82
C HIS BA 148 30.72 -12.43 39.71
N LYS BA 149 31.26 -13.64 39.81
CA LYS BA 149 32.47 -13.87 40.58
C LYS BA 149 33.67 -13.15 39.98
N PHE BA 150 33.72 -13.07 38.65
CA PHE BA 150 34.83 -12.40 37.97
C PHE BA 150 34.71 -10.89 37.99
N ALA BA 151 33.49 -10.38 38.11
CA ALA BA 151 33.25 -8.94 38.05
C ALA BA 151 33.77 -8.14 39.25
N SER BA 152 34.02 -6.86 39.02
CA SER BA 152 34.23 -5.89 40.10
C SER BA 152 32.91 -5.72 40.83
N LYS BA 153 32.96 -5.14 42.03
CA LYS BA 153 31.77 -4.95 42.86
C LYS BA 153 31.33 -3.48 42.88
N PRO BA 154 30.02 -3.22 43.03
CA PRO BA 154 28.90 -4.17 43.09
C PRO BA 154 28.64 -4.79 41.72
N ALA BA 155 28.47 -6.11 41.71
CA ALA BA 155 28.47 -6.93 40.49
C ALA BA 155 27.64 -6.41 39.33
N SER BA 156 26.39 -6.07 39.60
CA SER BA 156 25.46 -5.61 38.56
C SER BA 156 25.73 -4.16 38.15
N GLU BA 157 26.96 -3.91 37.71
CA GLU BA 157 27.39 -2.63 37.17
C GLU BA 157 28.56 -2.89 36.25
N PHE BA 158 29.08 -4.12 36.31
CA PHE BA 158 30.27 -4.54 35.56
C PHE BA 158 30.00 -5.81 34.75
N VAL BA 159 28.73 -6.23 34.70
CA VAL BA 159 28.29 -7.40 33.95
C VAL BA 159 27.19 -7.00 32.97
N LYS BA 160 27.39 -7.24 31.69
CA LYS BA 160 26.29 -7.12 30.73
C LYS BA 160 26.32 -8.19 29.64
N ILE BA 161 25.18 -8.44 29.00
CA ILE BA 161 25.08 -9.31 27.82
C ILE BA 161 25.36 -8.54 26.50
N LEU BA 162 26.23 -9.12 25.66
CA LEU BA 162 26.87 -8.45 24.49
C LEU BA 162 25.93 -7.72 23.51
N ASP BA 163 24.70 -8.25 23.35
CA ASP BA 163 23.70 -7.78 22.37
C ASP BA 163 24.23 -7.84 20.93
N THR BA 164 23.73 -6.94 20.09
CA THR BA 164 24.36 -6.65 18.81
C THR BA 164 25.24 -5.38 18.96
N PHE BA 165 25.99 -5.34 20.08
CA PHE BA 165 26.79 -4.19 20.52
C PHE BA 165 25.96 -2.89 20.75
N GLU BA 166 25.15 -2.86 21.81
CA GLU BA 166 24.42 -1.65 22.23
C GLU BA 166 25.26 -0.82 23.20
N LYS BA 167 26.15 -1.51 23.92
CA LYS BA 167 27.09 -0.93 24.87
C LYS BA 167 28.02 0.12 24.26
N LEU BA 168 28.15 0.09 22.94
CA LEU BA 168 29.03 1.02 22.22
C LEU BA 168 28.54 2.48 22.31
N LYS BA 169 27.46 2.68 23.06
CA LYS BA 169 27.07 3.99 23.59
C LYS BA 169 27.05 3.94 25.13
N ASP BA 170 26.74 2.77 25.68
CA ASP BA 170 26.57 2.58 27.13
C ASP BA 170 27.92 2.53 27.86
N LEU BA 171 28.57 1.36 27.78
CA LEU BA 171 29.90 1.11 28.36
C LEU BA 171 30.91 2.20 27.97
N PHE BA 172 30.75 2.73 26.76
CA PHE BA 172 31.68 3.71 26.18
C PHE BA 172 31.67 5.05 26.90
N THR BA 173 30.49 5.57 27.22
CA THR BA 173 30.37 6.82 27.97
C THR BA 173 30.76 6.61 29.45
N GLU BA 174 30.93 5.35 29.84
CA GLU BA 174 31.47 5.00 31.16
C GLU BA 174 32.96 4.60 31.07
N LEU BA 175 33.42 4.28 29.86
CA LEU BA 175 34.85 4.09 29.60
C LEU BA 175 35.52 5.41 29.24
N GLN BA 176 34.71 6.45 29.01
CA GLN BA 176 35.19 7.83 28.87
C GLN BA 176 35.35 8.51 30.23
N LYS BA 177 35.02 7.77 31.29
CA LYS BA 177 35.32 8.15 32.67
C LYS BA 177 36.82 8.03 32.92
N LYS BA 178 37.36 6.84 32.64
CA LYS BA 178 38.73 6.45 32.97
C LYS BA 178 39.84 7.37 32.43
N ILE BA 179 39.62 7.94 31.25
CA ILE BA 179 40.61 8.85 30.65
C ILE BA 179 40.76 10.14 31.49
N TYR BA 180 39.70 10.47 32.24
CA TYR BA 180 39.54 11.75 32.91
C TYR BA 180 39.72 12.88 31.89
MG MG CA . -24.61 -23.89 10.53
MG MG DA . 1.98 -16.12 0.71
MG MG EA . -36.59 31.36 18.18
MG MG FA . -36.03 33.11 -11.51
MG MG GA . 6.89 20.89 30.59
MG MG HA . 10.68 38.67 54.40
MG MG IA . 39.59 21.26 -18.89
MG MG JA . 44.27 45.11 -36.04
MG MG KA . -73.02 -39.11 -17.90
MG MG LA . -55.42 -14.64 -15.86
MG MG MA . 35.72 -35.38 -39.34
MG MG NA . 20.04 -9.37 -41.88
MG MG OA . 56.64 -34.91 13.58
MG MG PA . 33.15 -22.21 27.53
#